data_4RB4
#
_entry.id   4RB4
#
_cell.length_a   88.292
_cell.length_b   313.196
_cell.length_c   164.695
_cell.angle_alpha   90.00
_cell.angle_beta   101.26
_cell.angle_gamma   90.00
#
_symmetry.space_group_name_H-M   'P 1 21 1'
#
loop_
_entity.id
_entity.type
_entity.pdbx_description
1 polymer 'Glycosyltransferase tibC'
2 non-polymer 'FE (III) ION'
3 non-polymer '[(2R,3S,4R,5R)-5-(6-amino-9H-purin-9-yl)-3,4-dihydroxytetrahydrofuran-2-yl]methyl (2R,3R,4R,5R,6S)-6-[(1R)-1,2-dihydroxyethyl]-3,4,5-trihydroxytetrahydro-2H-pyran-2-yl dihydrogen diphosphate'
4 non-polymer 1,2-ETHANEDIOL
#
_entity_poly.entity_id   1
_entity_poly.type   'polypeptide(L)'
_entity_poly.pdbx_seq_one_letter_code
;MSTLKNTFFITPPDTPTQAGPENIFYDFNDGARVLLPEGKWHVRLLDADSENILFCCDVDKGWVTSSKKYFVRFRIQVFR
QGEETPLLDETLKLKDRPVLISFPTGTLGALLGWFPYAERFQSLHKCRLECTMSQDIIDLLAPQYPQIQFSTPDKPRTVA
PYATYRVGLYFGGDTNNQPVDFRKVGFHRSAGYILGVDPREAPVRLDLSAPRVIQEPYVCIATQSTCQAKYWNNGTGWSE
VIAHLKSLGYRVMCIDRDAHYGQGFVWNHIPWGAEDFTGKLPLQERVNLLRHASFFIGLPSGLSWLAWATRIPVVLISGF
SLPNSEFYTPWRVFNSHGCYGCWDDTSLNFDHHDFLWCPRHKNTDRQFECTRLITGAQVNGVINKLHRSLTEQGVEATLK
KGVSNE
;
_entity_poly.pdbx_strand_id   K,L,C,D,E,H,B,F,G,I,J,A
#
loop_
_chem_comp.id
_chem_comp.type
_chem_comp.name
_chem_comp.formula
AQH non-polymer '[(2R,3S,4R,5R)-5-(6-amino-9H-purin-9-yl)-3,4-dihydroxytetrahydrofuran-2-yl]methyl (2R,3R,4R,5R,6S)-6-[(1R)-1,2-dihydroxyethyl]-3,4,5-trihydroxytetrahydro-2H-pyran-2-yl dihydrogen diphosphate' 'C17 H27 N5 O16 P2'
EDO non-polymer 1,2-ETHANEDIOL 'C2 H6 O2'
FE non-polymer 'FE (III) ION' 'Fe 3'
#
# COMPACT_ATOMS: atom_id res chain seq x y z
N PHE A 9 55.89 -20.40 21.45
CA PHE A 9 57.01 -20.87 22.28
C PHE A 9 57.98 -21.71 21.47
N ILE A 10 57.44 -22.48 20.53
CA ILE A 10 58.27 -23.34 19.68
C ILE A 10 58.15 -22.93 18.22
N THR A 11 59.30 -22.77 17.57
CA THR A 11 59.33 -22.37 16.16
C THR A 11 60.13 -23.35 15.32
N PRO A 12 59.44 -24.14 14.51
CA PRO A 12 60.09 -25.12 13.64
C PRO A 12 61.05 -24.46 12.64
N PRO A 13 62.12 -25.17 12.24
CA PRO A 13 63.07 -24.71 11.22
C PRO A 13 62.37 -24.29 9.95
N ASP A 14 62.76 -23.14 9.42
CA ASP A 14 62.12 -22.59 8.24
C ASP A 14 62.36 -23.49 7.04
N THR A 15 63.45 -24.26 7.08
CA THR A 15 63.74 -25.25 6.04
C THR A 15 63.88 -26.65 6.66
N PRO A 16 63.13 -27.63 6.10
CA PRO A 16 63.13 -29.01 6.59
C PRO A 16 64.54 -29.56 6.78
N THR A 17 64.69 -30.45 7.75
CA THR A 17 66.02 -30.78 8.28
C THR A 17 66.64 -31.94 7.48
N GLN A 18 65.79 -32.75 6.86
CA GLN A 18 66.26 -33.92 6.14
C GLN A 18 66.34 -33.66 4.65
N ALA A 19 67.40 -34.17 4.02
CA ALA A 19 67.61 -33.95 2.60
C ALA A 19 67.06 -35.14 1.79
N GLY A 20 66.24 -34.84 0.81
CA GLY A 20 65.83 -35.83 -0.16
C GLY A 20 66.50 -35.62 -1.49
N PRO A 21 66.46 -36.65 -2.36
CA PRO A 21 67.30 -36.72 -3.56
C PRO A 21 67.25 -35.40 -4.39
N GLU A 22 66.23 -35.27 -5.20
CA GLU A 22 66.18 -34.17 -6.20
C GLU A 22 65.85 -32.82 -5.52
N ASN A 23 66.71 -32.41 -4.57
CA ASN A 23 66.52 -31.12 -3.84
C ASN A 23 65.14 -31.03 -3.21
N ILE A 24 64.67 -32.15 -2.68
CA ILE A 24 63.47 -32.16 -1.88
C ILE A 24 63.81 -32.27 -0.42
N PHE A 25 63.18 -31.45 0.39
CA PHE A 25 63.46 -31.40 1.82
C PHE A 25 62.24 -31.83 2.62
N TYR A 26 62.40 -32.90 3.42
CA TYR A 26 61.31 -33.42 4.23
C TYR A 26 61.66 -33.38 5.71
N ASP A 27 60.66 -33.57 6.57
CA ASP A 27 60.74 -33.12 7.94
C ASP A 27 59.55 -33.65 8.74
N PHE A 28 59.74 -33.77 10.05
CA PHE A 28 58.67 -34.27 10.92
C PHE A 28 58.53 -33.38 12.17
N ASN A 29 59.05 -32.16 12.07
CA ASN A 29 58.67 -31.08 12.99
C ASN A 29 57.37 -30.41 12.55
N ASP A 30 56.49 -30.16 13.50
CA ASP A 30 55.15 -29.63 13.19
C ASP A 30 54.42 -30.55 12.20
N GLY A 31 54.21 -31.78 12.60
CA GLY A 31 53.68 -32.78 11.71
C GLY A 31 54.66 -33.16 10.64
N ALA A 32 54.19 -33.92 9.66
CA ALA A 32 55.03 -34.30 8.54
C ALA A 32 55.05 -33.20 7.49
N ARG A 33 56.21 -32.57 7.31
CA ARG A 33 56.36 -31.50 6.30
C ARG A 33 57.23 -31.96 5.17
N VAL A 34 56.93 -31.48 3.97
CA VAL A 34 57.82 -31.65 2.84
C VAL A 34 57.82 -30.38 1.97
N LEU A 35 59.03 -29.91 1.63
CA LEU A 35 59.18 -28.74 0.79
C LEU A 35 59.72 -29.12 -0.56
N LEU A 36 58.97 -28.80 -1.62
CA LEU A 36 59.37 -29.15 -2.99
C LEU A 36 59.95 -27.92 -3.70
N PRO A 37 61.04 -28.13 -4.50
CA PRO A 37 61.42 -27.18 -5.52
C PRO A 37 60.38 -27.09 -6.62
N GLU A 38 60.70 -26.34 -7.65
CA GLU A 38 59.78 -26.11 -8.74
C GLU A 38 59.67 -27.38 -9.62
N GLY A 39 58.48 -27.63 -10.17
CA GLY A 39 58.23 -28.82 -11.01
C GLY A 39 56.77 -29.24 -11.01
N LYS A 40 56.55 -30.52 -11.26
CA LYS A 40 55.23 -31.12 -11.15
C LYS A 40 55.37 -32.35 -10.27
N TRP A 41 54.58 -32.43 -9.22
CA TRP A 41 54.66 -33.57 -8.32
C TRP A 41 53.31 -33.98 -7.77
N HIS A 42 53.18 -35.27 -7.47
CA HIS A 42 52.04 -35.76 -6.72
C HIS A 42 52.61 -36.23 -5.40
N VAL A 43 52.09 -35.69 -4.30
CA VAL A 43 52.62 -36.03 -2.98
C VAL A 43 51.55 -36.78 -2.14
N ARG A 44 51.99 -37.83 -1.46
CA ARG A 44 51.09 -38.63 -0.62
C ARG A 44 51.63 -38.76 0.78
N LEU A 45 50.77 -38.54 1.77
CA LEU A 45 51.11 -38.85 3.16
C LEU A 45 50.27 -40.02 3.68
N LEU A 46 50.93 -41.04 4.21
CA LEU A 46 50.24 -42.27 4.66
C LEU A 46 50.51 -42.55 6.14
N ASP A 47 49.60 -43.26 6.76
CA ASP A 47 49.84 -43.79 8.10
C ASP A 47 50.43 -45.19 8.03
N ALA A 48 51.71 -45.31 8.35
CA ALA A 48 52.47 -46.53 8.05
C ALA A 48 51.87 -47.73 8.79
N ASP A 49 51.25 -47.46 9.94
CA ASP A 49 50.71 -48.53 10.79
C ASP A 49 49.43 -49.10 10.21
N SER A 50 48.60 -48.22 9.64
CA SER A 50 47.31 -48.63 9.10
C SER A 50 47.34 -48.68 7.56
N GLU A 51 48.38 -48.08 6.98
CA GLU A 51 48.53 -48.05 5.51
C GLU A 51 47.37 -47.27 4.85
N ASN A 52 46.70 -46.44 5.65
CA ASN A 52 45.70 -45.49 5.12
C ASN A 52 46.37 -44.31 4.43
N ILE A 53 45.77 -43.86 3.35
CA ILE A 53 46.22 -42.65 2.67
C ILE A 53 45.63 -41.40 3.35
N LEU A 54 46.43 -40.74 4.17
CA LEU A 54 45.96 -39.61 4.99
C LEU A 54 45.71 -38.39 4.11
N PHE A 55 46.69 -38.06 3.27
CA PHE A 55 46.56 -36.91 2.38
C PHE A 55 46.86 -37.24 0.92
N CYS A 56 45.98 -36.83 0.03
CA CYS A 56 46.23 -36.93 -1.41
C CYS A 56 46.15 -35.55 -2.03
N CYS A 57 47.18 -35.15 -2.75
CA CYS A 57 47.20 -33.83 -3.39
C CYS A 57 48.11 -33.74 -4.60
N ASP A 58 47.84 -32.74 -5.45
CA ASP A 58 48.72 -32.41 -6.56
C ASP A 58 49.18 -30.97 -6.36
N VAL A 59 50.50 -30.77 -6.32
CA VAL A 59 51.06 -29.42 -6.16
C VAL A 59 52.34 -29.23 -6.97
N ASP A 60 52.43 -28.12 -7.69
CA ASP A 60 53.65 -27.78 -8.43
C ASP A 60 54.85 -27.47 -7.54
N LYS A 61 54.63 -26.68 -6.49
CA LYS A 61 55.71 -26.24 -5.61
C LYS A 61 55.20 -25.74 -4.26
N GLY A 62 56.08 -25.59 -3.27
CA GLY A 62 55.71 -25.00 -2.00
C GLY A 62 55.59 -26.03 -0.91
N TRP A 63 54.85 -25.69 0.15
CA TRP A 63 54.80 -26.52 1.35
C TRP A 63 53.66 -27.54 1.24
N VAL A 64 53.94 -28.75 1.75
CA VAL A 64 52.88 -29.72 2.00
C VAL A 64 53.03 -30.31 3.40
N THR A 65 52.06 -30.01 4.27
CA THR A 65 52.11 -30.48 5.63
C THR A 65 50.85 -31.27 5.97
N SER A 66 50.98 -32.21 6.90
CA SER A 66 49.83 -32.93 7.41
C SER A 66 49.03 -32.06 8.35
N SER A 67 47.72 -32.23 8.30
CA SER A 67 46.84 -31.49 9.18
C SER A 67 47.00 -31.95 10.62
N LYS A 68 47.36 -33.23 10.79
CA LYS A 68 47.59 -33.77 12.13
C LYS A 68 49.02 -33.50 12.58
N LYS A 69 49.16 -33.03 13.82
CA LYS A 69 50.47 -32.57 14.33
C LYS A 69 50.99 -33.51 15.44
N TYR A 70 50.08 -34.26 16.06
CA TYR A 70 50.45 -35.24 17.09
C TYR A 70 51.10 -36.45 16.46
N PHE A 71 51.57 -37.38 17.30
CA PHE A 71 52.46 -38.46 16.85
C PHE A 71 51.73 -39.37 15.90
N VAL A 72 52.19 -39.41 14.68
CA VAL A 72 51.78 -40.42 13.76
C VAL A 72 52.96 -40.90 12.96
N ARG A 73 53.12 -42.22 12.90
CA ARG A 73 54.21 -42.82 12.12
C ARG A 73 54.00 -42.57 10.62
N PHE A 74 54.34 -41.35 10.18
CA PHE A 74 53.98 -40.90 8.83
C PHE A 74 54.81 -41.61 7.80
N ARG A 75 54.27 -41.72 6.60
CA ARG A 75 55.04 -42.20 5.47
C ARG A 75 54.87 -41.26 4.28
N ILE A 76 55.96 -40.57 3.92
CA ILE A 76 55.90 -39.55 2.90
C ILE A 76 56.31 -40.11 1.55
N GLN A 77 55.44 -39.92 0.55
CA GLN A 77 55.74 -40.35 -0.81
C GLN A 77 55.65 -39.18 -1.78
N VAL A 78 56.74 -38.95 -2.50
CA VAL A 78 56.79 -37.88 -3.48
C VAL A 78 56.88 -38.51 -4.86
N PHE A 79 55.97 -38.12 -5.74
CA PHE A 79 55.87 -38.74 -7.05
C PHE A 79 55.94 -37.73 -8.18
N ARG A 80 56.77 -38.03 -9.17
CA ARG A 80 56.84 -37.23 -10.37
C ARG A 80 55.53 -37.48 -11.08
N GLN A 81 54.99 -36.48 -11.77
CA GLN A 81 53.70 -36.68 -12.38
C GLN A 81 53.85 -37.83 -13.36
N GLY A 82 52.91 -38.77 -13.29
CA GLY A 82 52.92 -39.91 -14.18
C GLY A 82 53.89 -41.04 -13.87
N GLU A 83 54.55 -41.00 -12.71
CA GLU A 83 55.45 -42.10 -12.41
C GLU A 83 54.71 -43.19 -11.67
N GLU A 84 55.18 -44.42 -11.84
CA GLU A 84 54.63 -45.54 -11.12
C GLU A 84 55.23 -45.62 -9.73
N THR A 85 56.56 -45.52 -9.65
CA THR A 85 57.26 -45.63 -8.37
C THR A 85 57.59 -44.23 -7.80
N PRO A 86 57.82 -44.16 -6.47
CA PRO A 86 58.12 -42.89 -5.81
C PRO A 86 59.56 -42.46 -5.99
N LEU A 87 59.77 -41.16 -6.15
CA LEU A 87 61.09 -40.58 -6.02
C LEU A 87 61.58 -40.65 -4.58
N LEU A 88 60.72 -40.22 -3.66
CA LEU A 88 61.03 -40.29 -2.24
C LEU A 88 59.98 -41.09 -1.50
N ASP A 89 60.43 -42.04 -0.69
CA ASP A 89 59.52 -42.87 0.09
C ASP A 89 60.10 -43.14 1.47
N GLU A 90 59.87 -42.21 2.39
CA GLU A 90 60.53 -42.25 3.70
C GLU A 90 59.52 -42.35 4.82
N THR A 91 59.72 -43.32 5.70
CA THR A 91 58.83 -43.53 6.81
C THR A 91 59.50 -43.09 8.12
N LEU A 92 58.71 -42.49 8.99
CA LEU A 92 59.23 -41.97 10.26
C LEU A 92 59.93 -43.07 11.04
N LYS A 93 61.17 -42.80 11.45
CA LYS A 93 61.95 -43.76 12.26
C LYS A 93 62.87 -43.03 13.21
N LEU A 94 62.61 -43.18 14.51
CA LEU A 94 62.99 -42.18 15.48
C LEU A 94 64.23 -42.65 16.28
N LYS A 95 64.60 -43.92 16.10
CA LYS A 95 65.69 -44.51 16.88
C LYS A 95 66.99 -43.74 16.65
N ASP A 96 67.60 -43.29 17.74
CA ASP A 96 68.91 -42.61 17.67
C ASP A 96 68.81 -41.34 16.82
N ARG A 97 67.66 -40.69 16.87
CA ARG A 97 67.46 -39.44 16.14
C ARG A 97 67.18 -38.31 17.10
N PRO A 98 67.46 -37.08 16.66
CA PRO A 98 67.16 -35.87 17.45
C PRO A 98 65.68 -35.55 17.49
N VAL A 99 65.06 -35.77 18.64
CA VAL A 99 63.64 -35.49 18.80
C VAL A 99 63.43 -34.39 19.87
N LEU A 100 62.58 -33.42 19.54
CA LEU A 100 62.37 -32.27 20.41
C LEU A 100 60.94 -32.22 20.88
N ILE A 101 60.75 -32.42 22.19
CA ILE A 101 59.43 -32.28 22.80
C ILE A 101 59.31 -30.94 23.51
N SER A 102 58.30 -30.15 23.13
CA SER A 102 58.18 -28.78 23.60
C SER A 102 56.94 -28.61 24.45
N PHE A 103 57.14 -28.39 25.75
CA PHE A 103 56.07 -28.02 26.65
C PHE A 103 55.75 -26.53 26.51
N PRO A 104 54.55 -26.16 26.90
CA PRO A 104 54.12 -24.76 26.89
C PRO A 104 54.85 -24.00 27.98
N THR A 105 54.90 -22.67 27.90
CA THR A 105 55.65 -21.92 28.89
C THR A 105 55.08 -22.32 30.23
N GLY A 106 55.97 -22.53 31.19
CA GLY A 106 55.70 -23.38 32.32
C GLY A 106 54.59 -23.06 33.30
N THR A 107 53.87 -24.12 33.65
CA THR A 107 53.09 -24.19 34.79
C THR A 107 53.34 -25.49 35.54
N LEU A 108 52.95 -25.53 36.78
CA LEU A 108 53.51 -26.39 37.70
C LEU A 108 52.88 -27.74 37.59
N GLY A 109 51.58 -27.77 37.55
CA GLY A 109 50.86 -29.00 37.61
C GLY A 109 50.81 -29.69 36.29
N ALA A 110 50.70 -28.91 35.23
CA ALA A 110 50.50 -29.46 33.92
C ALA A 110 51.74 -30.14 33.43
N LEU A 111 52.89 -29.60 33.82
CA LEU A 111 54.15 -30.17 33.42
C LEU A 111 54.44 -31.45 34.18
N LEU A 112 54.14 -31.44 35.50
CA LEU A 112 54.37 -32.63 36.36
C LEU A 112 53.45 -33.77 35.93
N GLY A 113 52.31 -33.42 35.37
CA GLY A 113 51.38 -34.41 34.86
C GLY A 113 51.83 -34.97 33.52
N TRP A 114 52.38 -34.09 32.67
CA TRP A 114 52.64 -34.43 31.27
C TRP A 114 53.94 -35.27 31.14
N PHE A 115 54.93 -34.94 31.98
CA PHE A 115 56.33 -35.18 31.64
C PHE A 115 56.67 -36.68 31.64
N PRO A 116 55.99 -37.46 32.51
CA PRO A 116 56.21 -38.91 32.58
C PRO A 116 55.92 -39.60 31.26
N TYR A 117 55.08 -38.99 30.45
CA TYR A 117 54.77 -39.52 29.13
C TYR A 117 55.92 -39.25 28.16
N ALA A 118 56.66 -38.19 28.42
CA ALA A 118 57.82 -37.84 27.60
C ALA A 118 58.93 -38.87 27.77
N GLU A 119 59.05 -39.42 28.98
CA GLU A 119 60.05 -40.44 29.26
C GLU A 119 59.66 -41.78 28.61
N ARG A 120 58.37 -42.08 28.65
CA ARG A 120 57.86 -43.30 27.99
C ARG A 120 58.09 -43.23 26.49
N PHE A 121 57.95 -42.04 25.93
CA PHE A 121 58.14 -41.84 24.48
C PHE A 121 59.60 -42.08 24.09
N GLN A 122 60.51 -41.76 25.01
CA GLN A 122 61.92 -41.93 24.76
C GLN A 122 62.34 -43.39 24.97
N SER A 123 61.74 -44.04 25.97
CA SER A 123 62.06 -45.44 26.29
C SER A 123 61.50 -46.38 25.23
N LEU A 124 60.43 -45.95 24.57
CA LEU A 124 59.76 -46.78 23.59
C LEU A 124 60.53 -46.75 22.27
N HIS A 125 60.95 -45.56 21.86
CA HIS A 125 61.52 -45.35 20.50
C HIS A 125 63.06 -45.30 20.55
N LYS A 126 63.61 -45.18 21.76
CA LYS A 126 65.09 -45.18 21.96
C LYS A 126 65.74 -44.02 21.20
N CYS A 127 65.14 -42.83 21.30
CA CYS A 127 65.60 -41.67 20.55
C CYS A 127 66.36 -40.69 21.44
N ARG A 128 67.08 -39.76 20.83
CA ARG A 128 67.71 -38.65 21.57
C ARG A 128 66.70 -37.56 21.81
N LEU A 129 66.21 -37.47 23.04
CA LEU A 129 65.12 -36.58 23.36
C LEU A 129 65.63 -35.31 24.04
N GLU A 130 65.18 -34.15 23.55
CA GLU A 130 65.36 -32.89 24.27
C GLU A 130 64.02 -32.23 24.56
N CYS A 131 63.82 -31.81 25.81
CA CYS A 131 62.56 -31.19 26.23
C CYS A 131 62.78 -29.73 26.60
N THR A 132 61.87 -28.86 26.14
CA THR A 132 61.98 -27.42 26.39
C THR A 132 60.92 -26.97 27.40
N MET A 133 61.37 -26.31 28.46
CA MET A 133 60.46 -25.79 29.47
C MET A 133 61.15 -24.68 30.29
N SER A 134 60.43 -24.13 31.26
CA SER A 134 60.97 -23.07 32.12
C SER A 134 62.04 -23.64 33.07
N GLN A 135 62.90 -22.75 33.59
CA GLN A 135 64.15 -23.17 34.22
C GLN A 135 63.88 -23.92 35.54
N ASP A 136 62.91 -23.42 36.31
CA ASP A 136 62.63 -23.95 37.66
C ASP A 136 62.23 -25.42 37.60
N ILE A 137 61.43 -25.77 36.59
CA ILE A 137 61.00 -27.15 36.40
C ILE A 137 62.19 -28.03 35.98
N ILE A 138 63.11 -27.45 35.20
CA ILE A 138 64.36 -28.13 34.84
C ILE A 138 65.19 -28.45 36.09
N ASP A 139 65.26 -27.48 37.00
CA ASP A 139 66.04 -27.64 38.22
C ASP A 139 65.43 -28.70 39.14
N LEU A 140 64.14 -28.96 38.93
CA LEU A 140 63.41 -29.89 39.78
C LEU A 140 63.58 -31.34 39.26
N LEU A 141 63.65 -31.50 37.94
CA LEU A 141 63.44 -32.81 37.30
C LEU A 141 64.77 -33.38 36.76
N ALA A 142 65.65 -32.48 36.33
CA ALA A 142 66.74 -32.84 35.40
C ALA A 142 67.63 -33.95 36.01
N PRO A 143 67.97 -33.83 37.32
CA PRO A 143 68.90 -34.76 37.98
C PRO A 143 68.39 -36.20 37.97
N GLN A 144 67.07 -36.38 37.98
CA GLN A 144 66.46 -37.71 38.07
C GLN A 144 66.26 -38.31 36.66
N TYR A 145 66.31 -37.45 35.64
CA TYR A 145 66.14 -37.90 34.24
C TYR A 145 67.38 -37.57 33.41
N PRO A 146 68.45 -38.34 33.61
CA PRO A 146 69.71 -38.10 32.93
C PRO A 146 69.63 -38.37 31.42
N GLN A 147 68.77 -39.32 31.03
CA GLN A 147 68.70 -39.78 29.64
C GLN A 147 68.08 -38.73 28.74
N ILE A 148 67.37 -37.79 29.35
CA ILE A 148 66.72 -36.72 28.62
C ILE A 148 67.46 -35.40 28.83
N GLN A 149 67.63 -34.65 27.75
CA GLN A 149 68.31 -33.35 27.82
C GLN A 149 67.31 -32.23 28.01
N PHE A 150 67.52 -31.40 29.02
CA PHE A 150 66.60 -30.32 29.34
C PHE A 150 67.15 -28.99 28.82
N SER A 151 66.26 -28.14 28.33
CA SER A 151 66.64 -26.82 27.81
C SER A 151 65.50 -25.84 27.96
N THR A 152 65.82 -24.55 27.85
CA THR A 152 64.79 -23.51 27.82
C THR A 152 64.37 -23.20 26.39
N PRO A 153 63.18 -22.62 26.22
CA PRO A 153 62.60 -22.41 24.88
C PRO A 153 63.51 -21.52 23.98
N ASP A 154 64.20 -20.57 24.58
CA ASP A 154 64.95 -19.57 23.83
C ASP A 154 66.37 -20.12 23.48
N LYS A 155 66.78 -21.20 24.15
CA LYS A 155 68.15 -21.77 23.98
C LYS A 155 68.09 -23.29 23.79
N PRO A 156 67.48 -23.73 22.67
CA PRO A 156 67.47 -25.13 22.30
C PRO A 156 68.80 -25.59 21.70
N ARG A 157 69.26 -26.75 22.14
CA ARG A 157 70.58 -27.22 21.76
C ARG A 157 70.53 -27.95 20.40
N THR A 158 69.37 -28.54 20.08
CA THR A 158 69.19 -29.28 18.81
C THR A 158 68.68 -28.36 17.72
N VAL A 159 69.58 -27.63 17.11
CA VAL A 159 69.22 -26.61 16.12
C VAL A 159 68.43 -27.24 14.91
N ALA A 160 68.78 -28.50 14.57
CA ALA A 160 68.11 -29.21 13.46
C ALA A 160 67.60 -30.59 13.93
N PRO A 161 66.34 -30.63 14.39
CA PRO A 161 65.75 -31.83 14.91
C PRO A 161 65.02 -32.64 13.83
N TYR A 162 64.95 -33.95 14.02
CA TYR A 162 64.32 -34.84 13.05
C TYR A 162 62.79 -34.78 13.18
N ALA A 163 62.30 -34.78 14.41
CA ALA A 163 60.87 -34.69 14.68
C ALA A 163 60.61 -33.84 15.91
N THR A 164 59.51 -33.08 15.88
CA THR A 164 59.14 -32.22 17.00
C THR A 164 57.68 -32.42 17.37
N TYR A 165 57.42 -32.47 18.67
CA TYR A 165 56.06 -32.66 19.15
C TYR A 165 55.74 -31.67 20.25
N ARG A 166 54.57 -31.05 20.17
CA ARG A 166 54.25 -29.91 21.00
C ARG A 166 53.10 -30.25 21.95
N VAL A 167 53.44 -30.75 23.12
CA VAL A 167 52.45 -31.10 24.10
C VAL A 167 51.87 -29.86 24.74
N GLY A 168 50.54 -29.81 24.84
CA GLY A 168 49.85 -28.66 25.46
C GLY A 168 48.35 -28.88 25.58
N LEU A 169 47.67 -27.92 26.16
CA LEU A 169 46.22 -27.90 26.14
C LEU A 169 45.72 -27.13 24.93
N TYR A 170 44.80 -27.74 24.20
CA TYR A 170 44.21 -27.10 23.03
C TYR A 170 42.68 -27.08 23.14
N PHE A 171 42.12 -25.88 23.24
CA PHE A 171 40.72 -25.72 23.56
C PHE A 171 39.89 -25.66 22.28
N GLY A 172 38.58 -25.48 22.45
CA GLY A 172 37.67 -25.35 21.30
C GLY A 172 37.49 -26.67 20.57
N GLY A 173 37.89 -27.76 21.21
CA GLY A 173 37.70 -29.08 20.65
C GLY A 173 38.65 -29.35 19.51
N ASP A 174 39.88 -28.86 19.64
CA ASP A 174 40.91 -29.06 18.62
C ASP A 174 41.23 -30.57 18.47
N THR A 175 41.28 -31.03 17.22
CA THR A 175 41.54 -32.46 16.94
C THR A 175 42.63 -32.62 15.89
N ASN A 176 43.42 -31.56 15.70
CA ASN A 176 44.53 -31.59 14.76
C ASN A 176 45.87 -31.65 15.47
N ASN A 177 45.97 -30.95 16.60
CA ASN A 177 47.18 -30.97 17.41
C ASN A 177 47.06 -31.93 18.59
N GLN A 178 45.86 -32.48 18.77
CA GLN A 178 45.66 -33.56 19.74
C GLN A 178 44.61 -34.53 19.24
N PRO A 179 44.86 -35.83 19.39
CA PRO A 179 43.98 -36.88 18.88
C PRO A 179 42.58 -36.76 19.43
N VAL A 180 42.46 -36.57 20.74
CA VAL A 180 41.15 -36.37 21.37
C VAL A 180 41.11 -35.07 22.13
N ASP A 181 39.93 -34.52 22.28
CA ASP A 181 39.73 -33.41 23.16
C ASP A 181 40.13 -33.77 24.58
N PHE A 182 40.94 -32.92 25.21
CA PHE A 182 41.59 -33.26 26.49
C PHE A 182 40.58 -33.28 27.63
N ARG A 183 39.38 -32.79 27.36
CA ARG A 183 38.34 -32.78 28.34
C ARG A 183 37.71 -34.16 28.45
N LYS A 184 38.01 -35.04 27.50
CA LYS A 184 37.36 -36.36 27.40
C LYS A 184 38.23 -37.43 28.05
N VAL A 185 39.54 -37.18 28.12
CA VAL A 185 40.49 -38.17 28.62
C VAL A 185 41.26 -37.65 29.83
N GLY A 186 41.08 -36.37 30.12
CA GLY A 186 41.85 -35.71 31.17
C GLY A 186 43.04 -34.94 30.63
N PHE A 187 43.25 -33.74 31.15
CA PHE A 187 44.16 -32.79 30.53
C PHE A 187 45.59 -33.37 30.47
N HIS A 188 45.92 -34.22 31.44
CA HIS A 188 47.31 -34.65 31.64
C HIS A 188 47.58 -35.94 30.88
N ARG A 189 46.56 -36.76 30.75
CA ARG A 189 46.67 -37.97 29.97
C ARG A 189 46.72 -37.65 28.48
N SER A 190 46.23 -36.46 28.13
CA SER A 190 46.22 -36.03 26.72
C SER A 190 47.61 -36.07 26.13
N ALA A 191 48.59 -35.73 26.94
CA ALA A 191 49.98 -35.78 26.52
C ALA A 191 50.34 -37.17 26.03
N GLY A 192 49.94 -38.17 26.80
CA GLY A 192 50.15 -39.55 26.40
C GLY A 192 49.51 -39.88 25.07
N TYR A 193 48.31 -39.36 24.86
CA TYR A 193 47.61 -39.56 23.62
C TYR A 193 48.33 -38.87 22.46
N ILE A 194 48.91 -37.71 22.73
CA ILE A 194 49.61 -36.93 21.70
C ILE A 194 50.88 -37.63 21.26
N LEU A 195 51.55 -38.28 22.21
CA LEU A 195 52.83 -38.93 21.93
C LEU A 195 52.62 -40.42 21.59
N GLY A 196 51.36 -40.88 21.68
CA GLY A 196 51.01 -42.24 21.29
C GLY A 196 51.68 -43.28 22.17
N VAL A 197 51.64 -43.05 23.48
CA VAL A 197 52.19 -44.01 24.44
C VAL A 197 51.13 -44.41 25.45
N ASP A 198 51.54 -45.18 26.44
CA ASP A 198 50.64 -45.58 27.52
C ASP A 198 50.08 -44.35 28.23
N PRO A 199 48.75 -44.14 28.14
CA PRO A 199 48.11 -42.89 28.59
C PRO A 199 47.90 -42.86 30.12
N ARG A 200 48.15 -43.98 30.77
CA ARG A 200 47.87 -44.11 32.19
C ARG A 200 48.76 -43.21 33.00
N GLU A 201 48.18 -42.51 33.95
CA GLU A 201 48.87 -41.43 34.65
C GLU A 201 50.05 -41.97 35.43
N ALA A 202 51.01 -41.10 35.71
CA ALA A 202 52.11 -41.45 36.58
C ALA A 202 52.74 -40.19 37.20
N PRO A 203 53.35 -40.33 38.40
CA PRO A 203 54.05 -39.26 39.05
C PRO A 203 55.49 -39.17 38.60
N VAL A 204 56.01 -37.96 38.56
CA VAL A 204 57.42 -37.74 38.23
C VAL A 204 58.32 -38.20 39.38
N ARG A 205 59.59 -38.41 39.07
CA ARG A 205 60.58 -38.84 40.08
C ARG A 205 61.33 -37.63 40.65
N LEU A 206 61.20 -37.43 41.95
CA LEU A 206 61.76 -36.26 42.60
C LEU A 206 62.88 -36.64 43.53
N ASP A 207 63.62 -35.64 44.01
CA ASP A 207 64.64 -35.85 45.02
C ASP A 207 64.02 -35.96 46.42
N LEU A 208 63.85 -37.19 46.90
CA LEU A 208 63.18 -37.43 48.17
C LEU A 208 64.21 -37.82 49.25
N SER A 209 65.40 -37.26 49.16
CA SER A 209 66.51 -37.65 50.05
C SER A 209 66.64 -36.67 51.21
N ALA A 210 65.88 -35.58 51.13
CA ALA A 210 66.00 -34.50 52.11
C ALA A 210 65.57 -34.97 53.50
N PRO A 211 66.39 -34.67 54.53
CA PRO A 211 66.11 -35.07 55.92
C PRO A 211 65.01 -34.24 56.55
N ARG A 212 64.30 -34.82 57.50
CA ARG A 212 63.21 -34.14 58.17
C ARG A 212 63.75 -32.96 58.99
N VAL A 213 63.07 -31.82 58.87
CA VAL A 213 63.46 -30.61 59.61
C VAL A 213 62.53 -30.38 60.81
N ILE A 214 61.22 -30.52 60.56
CA ILE A 214 60.23 -30.27 61.59
C ILE A 214 59.80 -31.57 62.25
N GLN A 215 59.94 -31.64 63.58
CA GLN A 215 59.80 -32.91 64.31
C GLN A 215 58.31 -33.28 64.46
N GLU A 216 57.51 -32.32 64.90
CA GLU A 216 56.07 -32.57 65.15
C GLU A 216 55.33 -32.89 63.84
N PRO A 217 54.35 -33.81 63.91
CA PRO A 217 53.44 -34.08 62.79
C PRO A 217 52.75 -32.81 62.29
N TYR A 218 52.76 -32.61 60.96
CA TYR A 218 52.23 -31.37 60.37
C TYR A 218 51.56 -31.64 59.03
N VAL A 219 50.73 -30.69 58.59
CA VAL A 219 49.98 -30.84 57.34
C VAL A 219 50.24 -29.65 56.44
N CYS A 220 50.39 -29.92 55.14
CA CYS A 220 50.60 -28.86 54.16
C CYS A 220 49.30 -28.58 53.39
N ILE A 221 49.01 -27.30 53.17
CA ILE A 221 47.81 -26.90 52.46
C ILE A 221 48.12 -25.88 51.39
N ALA A 222 47.31 -25.85 50.35
CA ALA A 222 47.45 -24.86 49.28
C ALA A 222 46.10 -24.25 48.92
N THR A 223 45.96 -22.95 49.13
CA THR A 223 44.66 -22.28 49.09
C THR A 223 44.53 -21.43 47.82
N GLN A 224 45.65 -21.26 47.11
CA GLN A 224 45.72 -20.30 45.98
C GLN A 224 45.64 -21.02 44.66
N SER A 225 45.13 -20.35 43.64
CA SER A 225 45.18 -20.84 42.27
C SER A 225 45.14 -19.67 41.26
N THR A 226 44.95 -19.99 39.99
CA THR A 226 45.07 -18.97 38.90
C THR A 226 43.71 -18.36 38.58
N CYS A 227 42.66 -19.14 38.80
CA CYS A 227 41.29 -18.67 38.52
C CYS A 227 40.34 -19.07 39.65
N GLN A 228 39.31 -18.25 39.88
CA GLN A 228 38.60 -18.24 41.16
C GLN A 228 37.75 -19.48 41.29
N ALA A 229 37.44 -20.12 40.17
CA ALA A 229 36.60 -21.29 40.16
C ALA A 229 37.27 -22.44 40.92
N LYS A 230 38.59 -22.46 40.90
CA LYS A 230 39.35 -23.57 41.47
C LYS A 230 39.50 -23.40 42.98
N TYR A 231 39.26 -22.18 43.47
CA TYR A 231 39.34 -21.89 44.90
C TYR A 231 38.20 -22.60 45.64
N TRP A 232 38.41 -22.84 46.93
CA TRP A 232 37.36 -23.34 47.79
C TRP A 232 36.51 -22.19 48.31
N ASN A 233 35.39 -21.92 47.64
CA ASN A 233 34.66 -20.65 47.83
C ASN A 233 33.61 -20.77 48.91
N ASN A 234 33.68 -21.82 49.70
CA ASN A 234 32.91 -21.92 50.94
C ASN A 234 33.40 -20.91 51.97
N GLY A 235 32.46 -20.34 52.70
CA GLY A 235 32.75 -19.20 53.57
C GLY A 235 33.66 -19.58 54.72
N THR A 236 33.35 -20.72 55.35
CA THR A 236 33.99 -21.08 56.61
C THR A 236 34.81 -22.36 56.47
N GLY A 237 35.03 -22.77 55.21
CA GLY A 237 35.65 -24.08 54.93
C GLY A 237 37.04 -24.18 55.52
N TRP A 238 37.96 -23.36 55.05
CA TRP A 238 39.36 -23.50 55.38
C TRP A 238 39.59 -23.26 56.87
N SER A 239 38.75 -22.41 57.46
CA SER A 239 38.86 -22.11 58.90
C SER A 239 38.51 -23.34 59.74
N GLU A 240 37.39 -23.98 59.42
CA GLU A 240 36.95 -25.17 60.14
C GLU A 240 37.95 -26.30 59.97
N VAL A 241 38.49 -26.44 58.76
CA VAL A 241 39.43 -27.51 58.45
C VAL A 241 40.71 -27.34 59.24
N ILE A 242 41.23 -26.12 59.26
CA ILE A 242 42.49 -25.84 59.97
C ILE A 242 42.32 -26.02 61.48
N ALA A 243 41.16 -25.59 61.99
CA ALA A 243 40.85 -25.76 63.42
C ALA A 243 40.75 -27.23 63.78
N HIS A 244 40.16 -28.03 62.88
CA HIS A 244 40.00 -29.46 63.11
C HIS A 244 41.35 -30.17 63.04
N LEU A 245 42.19 -29.74 62.12
CA LEU A 245 43.54 -30.29 61.99
C LEU A 245 44.34 -30.04 63.27
N LYS A 246 44.23 -28.82 63.82
CA LYS A 246 44.95 -28.45 65.03
C LYS A 246 44.43 -29.26 66.22
N SER A 247 43.13 -29.53 66.23
CA SER A 247 42.52 -30.30 67.31
C SER A 247 42.98 -31.76 67.25
N LEU A 248 43.50 -32.17 66.10
CA LEU A 248 43.99 -33.54 65.92
C LEU A 248 45.50 -33.62 66.20
N GLY A 249 46.11 -32.47 66.47
CA GLY A 249 47.52 -32.41 66.89
C GLY A 249 48.46 -32.17 65.71
N TYR A 250 47.93 -31.58 64.65
CA TYR A 250 48.74 -31.24 63.48
C TYR A 250 49.09 -29.74 63.48
N ARG A 251 50.30 -29.43 63.02
CA ARG A 251 50.63 -28.06 62.63
C ARG A 251 50.31 -27.82 61.17
N VAL A 252 49.72 -26.68 60.88
CA VAL A 252 49.19 -26.40 59.55
C VAL A 252 50.00 -25.30 58.87
N MET A 253 50.38 -25.54 57.62
CA MET A 253 51.30 -24.64 56.91
C MET A 253 50.82 -24.40 55.50
N CYS A 254 50.71 -23.12 55.13
CA CYS A 254 50.35 -22.74 53.76
C CYS A 254 51.61 -22.54 52.91
N ILE A 255 51.69 -23.26 51.79
CA ILE A 255 52.92 -23.30 50.96
C ILE A 255 52.65 -22.73 49.58
N ASP A 256 51.61 -21.92 49.47
CA ASP A 256 51.32 -21.21 48.23
C ASP A 256 52.43 -20.23 47.90
N ARG A 257 52.57 -19.91 46.63
CA ARG A 257 53.58 -18.96 46.19
C ARG A 257 53.23 -17.56 46.66
N ASP A 258 51.94 -17.21 46.60
CA ASP A 258 51.48 -15.89 47.03
C ASP A 258 50.64 -15.99 48.31
N ALA A 259 50.83 -15.02 49.20
CA ALA A 259 49.99 -14.92 50.38
C ALA A 259 48.68 -14.24 50.05
N HIS A 260 48.69 -13.39 49.03
CA HIS A 260 47.47 -12.73 48.56
C HIS A 260 47.42 -12.75 47.04
N TYR A 261 46.27 -13.14 46.50
CA TYR A 261 46.10 -13.24 45.07
C TYR A 261 44.65 -13.07 44.70
N GLY A 262 44.40 -12.37 43.59
CA GLY A 262 43.05 -12.16 43.10
C GLY A 262 42.96 -11.00 42.12
N GLN A 263 41.76 -10.67 41.69
CA GLN A 263 41.55 -9.59 40.76
C GLN A 263 40.42 -8.68 41.22
N GLY A 264 40.37 -7.48 40.67
CA GLY A 264 39.29 -6.52 40.99
C GLY A 264 39.11 -6.36 42.48
N PHE A 265 37.94 -6.77 42.99
CA PHE A 265 37.63 -6.65 44.41
C PHE A 265 37.68 -8.03 45.08
N VAL A 266 37.69 -9.07 44.27
CA VAL A 266 37.81 -10.43 44.76
C VAL A 266 39.25 -10.77 45.05
N TRP A 267 39.56 -10.95 46.33
CA TRP A 267 40.95 -11.22 46.75
C TRP A 267 40.98 -12.35 47.77
N ASN A 268 41.89 -13.30 47.56
CA ASN A 268 42.06 -14.42 48.48
C ASN A 268 43.35 -14.30 49.27
N HIS A 269 43.24 -14.51 50.58
CA HIS A 269 44.41 -14.38 51.47
C HIS A 269 44.68 -15.70 52.18
N ILE A 270 45.94 -15.92 52.55
CA ILE A 270 46.30 -17.04 53.39
C ILE A 270 45.47 -17.05 54.68
N PRO A 271 44.78 -18.18 54.94
CA PRO A 271 43.81 -18.27 56.02
C PRO A 271 44.42 -18.06 57.38
N TRP A 272 43.68 -17.40 58.27
CA TRP A 272 44.15 -17.16 59.61
C TRP A 272 44.34 -18.46 60.36
N GLY A 273 45.49 -18.59 61.02
CA GLY A 273 45.78 -19.79 61.80
C GLY A 273 46.82 -20.67 61.15
N ALA A 274 46.93 -20.55 59.84
CA ALA A 274 47.91 -21.31 59.09
C ALA A 274 49.27 -20.64 59.14
N GLU A 275 50.32 -21.43 59.30
CA GLU A 275 51.69 -20.92 59.32
C GLU A 275 52.08 -20.38 57.96
N ASP A 276 52.83 -19.27 57.95
CA ASP A 276 53.23 -18.63 56.71
C ASP A 276 54.49 -19.25 56.15
N PHE A 277 54.32 -20.23 55.28
CA PHE A 277 55.43 -20.74 54.49
C PHE A 277 55.24 -20.38 53.02
N THR A 278 54.70 -19.20 52.77
CA THR A 278 54.47 -18.74 51.40
C THR A 278 55.72 -18.07 50.83
N GLY A 279 55.65 -17.66 49.58
CA GLY A 279 56.75 -16.95 48.93
C GLY A 279 57.23 -17.66 47.69
N LYS A 280 58.05 -16.98 46.90
CA LYS A 280 58.60 -17.56 45.67
C LYS A 280 59.90 -18.31 45.96
N LEU A 281 59.75 -19.55 46.42
CA LEU A 281 60.92 -20.39 46.70
C LEU A 281 61.10 -21.42 45.62
N PRO A 282 62.35 -21.91 45.44
CA PRO A 282 62.65 -23.03 44.52
C PRO A 282 61.89 -24.30 44.88
N LEU A 283 61.41 -25.01 43.86
CA LEU A 283 60.43 -26.06 44.06
C LEU A 283 61.00 -27.17 44.94
N GLN A 284 62.31 -27.36 44.87
CA GLN A 284 62.98 -28.45 45.59
C GLN A 284 62.77 -28.29 47.11
N GLU A 285 62.72 -27.04 47.57
CA GLU A 285 62.49 -26.75 49.00
C GLU A 285 61.06 -27.14 49.40
N ARG A 286 60.11 -26.92 48.49
CA ARG A 286 58.73 -27.29 48.71
C ARG A 286 58.59 -28.81 48.75
N VAL A 287 59.37 -29.49 47.92
CA VAL A 287 59.42 -30.97 47.92
C VAL A 287 59.95 -31.48 49.26
N ASN A 288 61.01 -30.82 49.76
CA ASN A 288 61.63 -31.21 51.01
C ASN A 288 60.68 -31.05 52.19
N LEU A 289 59.90 -29.97 52.17
CA LEU A 289 58.93 -29.70 53.23
C LEU A 289 57.73 -30.67 53.11
N LEU A 290 57.34 -30.98 51.88
CA LEU A 290 56.11 -31.74 51.63
C LEU A 290 56.30 -33.20 51.96
N ARG A 291 57.53 -33.69 51.76
CA ARG A 291 57.80 -35.12 51.88
C ARG A 291 57.44 -35.64 53.29
N HIS A 292 57.89 -34.91 54.31
CA HIS A 292 57.78 -35.38 55.68
C HIS A 292 56.46 -34.91 56.31
N ALA A 293 55.63 -34.27 55.50
CA ALA A 293 54.29 -33.89 55.93
C ALA A 293 53.42 -35.13 56.08
N SER A 294 52.51 -35.10 57.04
CA SER A 294 51.64 -36.22 57.31
C SER A 294 50.67 -36.42 56.15
N PHE A 295 50.14 -35.31 55.62
CA PHE A 295 49.44 -35.34 54.34
C PHE A 295 49.18 -33.91 53.83
N PHE A 296 48.58 -33.80 52.65
CA PHE A 296 48.45 -32.51 51.97
C PHE A 296 46.99 -32.25 51.59
N ILE A 297 46.53 -31.02 51.82
CA ILE A 297 45.18 -30.62 51.42
C ILE A 297 45.24 -29.45 50.47
N GLY A 298 44.73 -29.64 49.26
CA GLY A 298 45.07 -28.77 48.14
C GLY A 298 43.89 -28.54 47.22
N LEU A 299 44.05 -27.63 46.29
CA LEU A 299 43.14 -27.50 45.19
C LEU A 299 43.66 -28.26 43.98
N PRO A 300 42.93 -28.16 42.85
CA PRO A 300 43.37 -28.75 41.59
C PRO A 300 44.55 -27.99 40.98
N SER A 301 45.11 -27.05 41.74
CA SER A 301 46.37 -26.39 41.35
C SER A 301 47.55 -27.38 41.40
N GLY A 302 48.73 -26.91 40.99
CA GLY A 302 49.85 -27.79 40.70
C GLY A 302 50.44 -28.37 41.96
N LEU A 303 50.40 -27.61 43.03
CA LEU A 303 50.99 -28.02 44.27
C LEU A 303 50.41 -29.34 44.73
N SER A 304 49.21 -29.66 44.25
CA SER A 304 48.59 -30.96 44.50
C SER A 304 49.31 -32.06 43.73
N TRP A 305 49.79 -31.72 42.52
CA TRP A 305 50.56 -32.66 41.70
C TRP A 305 51.94 -32.88 42.28
N LEU A 306 52.54 -31.80 42.78
CA LEU A 306 53.85 -31.88 43.43
C LEU A 306 53.76 -32.69 44.72
N ALA A 307 52.66 -32.51 45.44
CA ALA A 307 52.41 -33.27 46.66
C ALA A 307 52.18 -34.74 46.33
N TRP A 308 51.52 -34.99 45.21
CA TRP A 308 51.26 -36.37 44.77
C TRP A 308 52.57 -37.08 44.45
N ALA A 309 53.53 -36.34 43.91
CA ALA A 309 54.78 -36.94 43.46
C ALA A 309 55.70 -37.23 44.65
N THR A 310 55.40 -36.60 45.79
CA THR A 310 56.20 -36.78 47.00
C THR A 310 55.69 -37.96 47.83
N ARG A 311 54.72 -38.69 47.28
CA ARG A 311 54.28 -39.97 47.87
C ARG A 311 53.66 -39.73 49.25
N ILE A 312 52.88 -38.66 49.37
CA ILE A 312 52.08 -38.44 50.55
C ILE A 312 50.61 -38.35 50.18
N PRO A 313 49.73 -38.76 51.10
CA PRO A 313 48.28 -38.68 50.91
C PRO A 313 47.82 -37.28 50.53
N VAL A 314 47.02 -37.19 49.47
CA VAL A 314 46.59 -35.89 48.96
C VAL A 314 45.08 -35.77 49.01
N VAL A 315 44.59 -34.88 49.87
CA VAL A 315 43.19 -34.48 49.85
C VAL A 315 42.97 -33.35 48.85
N LEU A 316 42.28 -33.65 47.78
CA LEU A 316 42.08 -32.69 46.70
C LEU A 316 40.65 -32.15 46.71
N ILE A 317 40.52 -30.86 46.94
CA ILE A 317 39.20 -30.23 47.00
C ILE A 317 38.91 -29.47 45.72
N SER A 318 37.95 -29.95 44.96
CA SER A 318 37.55 -29.30 43.72
C SER A 318 36.17 -29.72 43.31
N GLY A 319 35.41 -28.79 42.77
CA GLY A 319 34.09 -29.09 42.22
C GLY A 319 33.95 -28.63 40.79
N PHE A 320 34.86 -27.79 40.35
CA PHE A 320 34.82 -27.24 39.00
C PHE A 320 35.44 -28.23 38.00
N SER A 321 35.95 -29.33 38.52
CA SER A 321 36.41 -30.41 37.67
C SER A 321 35.94 -31.77 38.23
N LEU A 322 35.69 -32.71 37.33
CA LEU A 322 35.25 -34.04 37.73
C LEU A 322 36.38 -34.81 38.39
N PRO A 323 36.03 -35.80 39.20
CA PRO A 323 37.02 -36.57 39.98
C PRO A 323 38.08 -37.24 39.09
N ASN A 324 37.70 -37.56 37.86
CA ASN A 324 38.58 -38.33 36.95
C ASN A 324 39.42 -37.40 36.07
N SER A 325 39.33 -36.09 36.32
CA SER A 325 40.04 -35.12 35.54
C SER A 325 41.46 -35.00 36.00
N GLU A 326 41.68 -35.25 37.30
CA GLU A 326 43.04 -35.25 37.87
C GLU A 326 43.51 -36.67 38.15
N PHE A 327 44.67 -36.80 38.79
CA PHE A 327 45.14 -38.07 39.29
C PHE A 327 44.17 -38.63 40.31
N TYR A 328 44.15 -39.95 40.45
CA TYR A 328 43.27 -40.61 41.41
C TYR A 328 43.78 -40.41 42.82
N THR A 329 42.86 -40.13 43.74
CA THR A 329 43.17 -40.18 45.16
C THR A 329 41.89 -40.45 45.97
N PRO A 330 41.95 -41.47 46.85
CA PRO A 330 40.79 -41.88 47.63
C PRO A 330 40.25 -40.76 48.51
N TRP A 331 41.05 -39.71 48.68
CA TRP A 331 40.68 -38.61 49.54
C TRP A 331 40.21 -37.43 48.70
N ARG A 332 39.63 -37.73 47.56
CA ARG A 332 39.10 -36.71 46.67
C ARG A 332 37.74 -36.20 47.18
N VAL A 333 37.63 -34.89 47.33
CA VAL A 333 36.39 -34.28 47.83
C VAL A 333 35.61 -33.64 46.68
N PHE A 334 34.34 -33.99 46.58
CA PHE A 334 33.54 -33.62 45.43
C PHE A 334 32.07 -33.64 45.77
N ASN A 335 31.33 -32.65 45.26
CA ASN A 335 29.89 -32.57 45.51
C ASN A 335 29.09 -32.49 44.21
N SER A 336 28.02 -33.31 44.13
CA SER A 336 27.36 -33.59 42.84
C SER A 336 25.89 -33.13 42.86
N HIS A 337 25.55 -32.26 43.83
CA HIS A 337 24.15 -31.86 44.06
C HIS A 337 23.84 -30.55 43.34
N GLY A 338 24.91 -29.84 42.92
CA GLY A 338 24.74 -28.53 42.24
C GLY A 338 25.51 -28.48 40.93
N CYS A 339 25.83 -27.24 40.49
CA CYS A 339 26.80 -27.04 39.37
C CYS A 339 28.13 -27.73 39.68
N TYR A 340 28.69 -28.42 38.67
CA TYR A 340 30.02 -29.05 38.80
C TYR A 340 30.59 -29.39 37.43
N GLY A 341 31.90 -29.59 37.39
CA GLY A 341 32.55 -30.13 36.21
C GLY A 341 32.35 -29.28 34.98
N CYS A 342 32.34 -27.97 35.18
CA CYS A 342 32.28 -27.03 34.07
C CYS A 342 33.53 -27.23 33.23
N TRP A 343 34.65 -27.46 33.90
CA TRP A 343 35.97 -27.53 33.19
C TRP A 343 35.98 -28.66 32.16
N ASP A 344 35.21 -29.70 32.44
CA ASP A 344 35.26 -30.93 31.63
C ASP A 344 34.17 -30.90 30.55
N ASP A 345 33.26 -29.93 30.64
CA ASP A 345 32.13 -29.86 29.73
C ASP A 345 32.56 -29.39 28.35
N THR A 346 32.26 -30.21 27.33
CA THR A 346 32.77 -29.99 25.99
C THR A 346 31.91 -28.96 25.26
N SER A 347 30.77 -28.62 25.85
CA SER A 347 29.87 -27.63 25.25
C SER A 347 30.25 -26.22 25.68
N LEU A 348 31.09 -26.12 26.72
CA LEU A 348 31.56 -24.82 27.23
C LEU A 348 33.01 -24.58 26.83
N ASN A 349 33.49 -23.36 27.06
CA ASN A 349 34.87 -23.00 26.69
C ASN A 349 35.52 -22.14 27.76
N PHE A 350 36.74 -22.49 28.13
CA PHE A 350 37.44 -21.82 29.22
C PHE A 350 37.94 -20.45 28.77
N ASP A 351 37.74 -19.44 29.61
CA ASP A 351 38.19 -18.08 29.31
C ASP A 351 39.48 -17.76 30.09
N HIS A 352 40.56 -17.53 29.35
CA HIS A 352 41.89 -17.33 29.97
C HIS A 352 42.01 -15.93 30.54
N HIS A 353 41.11 -15.03 30.11
CA HIS A 353 41.21 -13.61 30.46
C HIS A 353 40.19 -13.24 31.55
N ASP A 354 39.34 -14.20 31.89
CA ASP A 354 38.32 -14.00 32.90
C ASP A 354 38.66 -14.76 34.18
N PHE A 355 38.99 -14.02 35.22
CA PHE A 355 39.38 -14.62 36.48
C PHE A 355 38.15 -15.14 37.23
N LEU A 356 37.01 -14.45 37.05
CA LEU A 356 35.76 -14.85 37.71
C LEU A 356 34.91 -15.69 36.79
N TRP A 357 35.52 -16.69 36.20
CA TRP A 357 34.85 -17.51 35.21
C TRP A 357 34.01 -18.59 35.89
N CYS A 358 32.67 -18.48 35.77
CA CYS A 358 31.77 -19.69 35.76
C CYS A 358 30.65 -19.51 34.76
N PRO A 359 30.70 -20.28 33.67
CA PRO A 359 29.97 -19.97 32.44
C PRO A 359 28.48 -19.99 32.63
N ARG A 360 28.00 -20.82 33.56
CA ARG A 360 26.57 -21.16 33.63
C ARG A 360 25.83 -20.32 34.73
N HIS A 361 26.62 -19.73 35.63
CA HIS A 361 26.07 -19.11 36.86
C HIS A 361 26.91 -17.93 37.31
N LYS A 362 27.54 -17.25 36.35
CA LYS A 362 28.28 -16.01 36.65
C LYS A 362 27.31 -14.87 36.90
N ASN A 363 27.66 -14.02 37.85
CA ASN A 363 26.81 -12.89 38.21
C ASN A 363 25.40 -13.33 38.55
N THR A 364 25.29 -14.49 39.21
CA THR A 364 24.04 -14.91 39.82
C THR A 364 24.25 -15.33 41.25
N ASP A 365 23.18 -15.66 41.94
CA ASP A 365 23.25 -16.06 43.32
C ASP A 365 24.06 -17.33 43.47
N ARG A 366 24.09 -18.15 42.41
CA ARG A 366 24.63 -19.49 42.50
C ARG A 366 26.03 -19.56 41.90
N GLN A 367 26.68 -18.41 41.79
CA GLN A 367 28.02 -18.34 41.24
C GLN A 367 29.00 -19.11 42.11
N PHE A 368 29.88 -19.85 41.46
CA PHE A 368 30.82 -20.73 42.19
C PHE A 368 30.10 -21.58 43.22
N GLU A 369 28.85 -21.93 42.91
CA GLU A 369 28.00 -22.69 43.82
C GLU A 369 28.52 -24.09 44.11
N CYS A 370 29.04 -24.76 43.08
CA CYS A 370 29.51 -26.13 43.23
C CYS A 370 30.64 -26.24 44.24
N THR A 371 31.56 -25.30 44.18
CA THR A 371 32.66 -25.25 45.14
C THR A 371 32.13 -25.03 46.55
N ARG A 372 31.15 -24.15 46.67
CA ARG A 372 30.57 -23.79 47.95
C ARG A 372 29.89 -24.97 48.65
N LEU A 373 29.18 -25.79 47.89
CA LEU A 373 28.43 -26.90 48.49
C LEU A 373 29.35 -27.84 49.24
N ILE A 374 30.65 -27.71 48.99
CA ILE A 374 31.65 -28.47 49.72
C ILE A 374 31.92 -27.83 51.08
N THR A 375 31.26 -28.34 52.11
CA THR A 375 31.32 -27.75 53.45
C THR A 375 32.54 -28.22 54.19
N GLY A 376 32.86 -27.55 55.27
CA GLY A 376 33.98 -27.93 56.11
C GLY A 376 33.77 -29.30 56.75
N ALA A 377 32.50 -29.65 56.97
CA ALA A 377 32.16 -30.92 57.63
C ALA A 377 32.45 -32.10 56.72
N GLN A 378 32.27 -31.89 55.42
CA GLN A 378 32.55 -32.93 54.42
C GLN A 378 34.05 -33.22 54.37
N VAL A 379 34.85 -32.16 54.22
CA VAL A 379 36.30 -32.29 54.12
C VAL A 379 36.88 -32.84 55.42
N ASN A 380 36.30 -32.43 56.55
CA ASN A 380 36.73 -32.92 57.85
C ASN A 380 36.39 -34.42 58.04
N GLY A 381 35.31 -34.85 57.39
CA GLY A 381 34.94 -36.27 57.39
C GLY A 381 35.95 -37.10 56.61
N VAL A 382 36.37 -36.58 55.46
CA VAL A 382 37.45 -37.21 54.69
C VAL A 382 38.76 -37.22 55.49
N ILE A 383 39.06 -36.09 56.13
CA ILE A 383 40.28 -35.96 56.93
C ILE A 383 40.27 -36.95 58.11
N ASN A 384 39.08 -37.16 58.69
CA ASN A 384 38.91 -38.14 59.79
C ASN A 384 39.22 -39.57 59.34
N LYS A 385 38.73 -39.93 58.16
CA LYS A 385 39.01 -41.23 57.57
C LYS A 385 40.49 -41.39 57.34
N LEU A 386 41.10 -40.38 56.73
CA LEU A 386 42.51 -40.44 56.39
C LEU A 386 43.36 -40.48 57.64
N HIS A 387 42.91 -39.80 58.69
CA HIS A 387 43.66 -39.75 59.96
C HIS A 387 43.64 -41.10 60.65
N ARG A 388 42.48 -41.75 60.64
CA ARG A 388 42.34 -43.05 61.25
C ARG A 388 43.10 -44.11 60.45
N SER A 389 43.12 -43.94 59.14
CA SER A 389 43.87 -44.83 58.27
C SER A 389 45.37 -44.74 58.56
N LEU A 390 45.84 -43.52 58.87
CA LEU A 390 47.26 -43.28 59.08
C LEU A 390 47.71 -43.81 60.45
N THR A 391 46.87 -43.59 61.48
CA THR A 391 47.20 -44.00 62.84
C THR A 391 47.16 -45.51 62.99
N GLU A 392 46.26 -46.14 62.24
CA GLU A 392 45.95 -47.57 62.46
C GLU A 392 46.82 -48.47 61.53
N GLN A 393 46.93 -48.08 60.25
CA GLN A 393 47.76 -48.87 59.25
C GLN A 393 48.79 -47.96 58.56
N GLY A 394 49.35 -47.04 59.32
CA GLY A 394 50.59 -46.34 58.90
C GLY A 394 50.57 -45.93 57.41
N VAL A 395 51.76 -45.73 56.83
CA VAL A 395 51.88 -45.11 55.52
C VAL A 395 51.93 -46.16 54.44
N GLU A 396 51.62 -47.39 54.81
CA GLU A 396 51.59 -48.49 53.87
C GLU A 396 50.16 -48.69 53.32
N ALA A 397 49.26 -47.78 53.68
CA ALA A 397 47.86 -47.88 53.26
C ALA A 397 47.61 -47.06 51.95
N THR A 398 47.07 -47.74 50.93
CA THR A 398 46.93 -47.13 49.59
C THR A 398 45.52 -46.60 49.39
N PHE B 9 -51.85 -15.65 -39.21
CA PHE B 9 -51.09 -16.81 -38.76
C PHE B 9 -51.97 -18.06 -38.70
N ILE B 10 -51.93 -18.75 -37.57
CA ILE B 10 -52.73 -19.96 -37.37
C ILE B 10 -52.26 -20.74 -36.16
N THR B 11 -53.20 -21.42 -35.49
CA THR B 11 -52.87 -22.23 -34.27
C THR B 11 -53.09 -23.76 -34.55
N PRO B 12 -52.17 -24.62 -34.02
CA PRO B 12 -52.35 -26.09 -34.04
C PRO B 12 -53.37 -26.56 -33.03
N PRO B 13 -54.13 -27.62 -33.38
CA PRO B 13 -55.09 -28.26 -32.46
C PRO B 13 -54.47 -28.58 -31.09
N ASP B 14 -55.23 -28.37 -30.01
CA ASP B 14 -54.75 -28.64 -28.64
C ASP B 14 -54.52 -30.13 -28.44
N THR B 15 -55.33 -30.94 -29.10
CA THR B 15 -55.21 -32.40 -29.03
C THR B 15 -54.90 -33.01 -30.41
N PRO B 16 -53.87 -33.90 -30.48
CA PRO B 16 -53.47 -34.55 -31.74
C PRO B 16 -54.65 -35.20 -32.46
N THR B 17 -54.66 -35.09 -33.78
CA THR B 17 -55.86 -35.34 -34.56
C THR B 17 -56.05 -36.83 -34.81
N GLN B 18 -54.95 -37.60 -34.73
CA GLN B 18 -54.99 -39.03 -35.05
C GLN B 18 -54.98 -39.86 -33.77
N ALA B 19 -55.82 -40.90 -33.74
CA ALA B 19 -55.91 -41.77 -32.58
C ALA B 19 -54.96 -42.95 -32.73
N GLY B 20 -54.32 -43.32 -31.64
CA GLY B 20 -53.53 -44.54 -31.59
C GLY B 20 -54.04 -45.51 -30.57
N PRO B 21 -53.53 -46.75 -30.60
CA PRO B 21 -53.92 -47.78 -29.63
C PRO B 21 -53.65 -47.36 -28.18
N GLU B 22 -54.48 -47.83 -27.26
CA GLU B 22 -54.29 -47.53 -25.82
C GLU B 22 -54.28 -46.01 -25.57
N ASN B 23 -55.17 -45.28 -26.26
CA ASN B 23 -55.38 -43.86 -25.98
C ASN B 23 -54.10 -43.03 -26.25
N ILE B 24 -53.36 -43.44 -27.27
CA ILE B 24 -52.21 -42.66 -27.72
C ILE B 24 -52.61 -41.76 -28.86
N PHE B 25 -52.10 -40.53 -28.83
CA PHE B 25 -52.46 -39.51 -29.82
C PHE B 25 -51.23 -38.99 -30.54
N TYR B 26 -51.23 -39.12 -31.87
CA TYR B 26 -50.12 -38.65 -32.67
C TYR B 26 -50.61 -37.69 -33.75
N ASP B 27 -49.69 -36.87 -34.26
CA ASP B 27 -50.06 -35.69 -35.03
C ASP B 27 -48.84 -35.15 -35.80
N PHE B 28 -49.11 -34.54 -36.95
CA PHE B 28 -48.03 -34.00 -37.80
C PHE B 28 -48.27 -32.50 -38.07
N ASN B 29 -49.12 -31.88 -37.26
CA ASN B 29 -49.20 -30.41 -37.20
C ASN B 29 -48.13 -29.85 -36.28
N ASP B 30 -47.42 -28.83 -36.76
CA ASP B 30 -46.28 -28.26 -36.01
C ASP B 30 -45.20 -29.33 -35.75
N GLY B 31 -44.66 -29.89 -36.82
CA GLY B 31 -43.77 -31.05 -36.72
C GLY B 31 -44.53 -32.31 -36.31
N ALA B 32 -43.80 -33.32 -35.88
CA ALA B 32 -44.40 -34.60 -35.49
C ALA B 32 -44.75 -34.60 -33.99
N TRP B 41 -42.78 -44.68 -20.81
CA TRP B 41 -42.75 -44.94 -22.23
C TRP B 41 -41.34 -44.71 -22.79
N HIS B 42 -41.09 -45.25 -23.98
CA HIS B 42 -39.87 -44.94 -24.73
C HIS B 42 -40.20 -44.55 -26.20
N VAL B 43 -40.15 -43.25 -26.50
CA VAL B 43 -40.60 -42.73 -27.79
C VAL B 43 -39.41 -42.43 -28.70
N ARG B 44 -39.53 -42.79 -29.98
CA ARG B 44 -38.49 -42.49 -30.97
C ARG B 44 -39.09 -41.79 -32.19
N LEU B 45 -38.37 -40.80 -32.71
CA LEU B 45 -38.73 -40.19 -33.98
C LEU B 45 -37.63 -40.43 -35.00
N LEU B 46 -38.02 -40.94 -36.18
CA LEU B 46 -37.04 -41.29 -37.22
C LEU B 46 -37.36 -40.55 -38.51
N ASP B 47 -36.36 -40.45 -39.38
CA ASP B 47 -36.60 -40.04 -40.77
C ASP B 47 -36.74 -41.26 -41.66
N ALA B 48 -37.93 -41.46 -42.20
CA ALA B 48 -38.27 -42.69 -42.89
C ALA B 48 -37.41 -42.88 -44.15
N ASP B 49 -36.99 -41.76 -44.74
CA ASP B 49 -36.23 -41.80 -46.01
C ASP B 49 -34.78 -42.23 -45.76
N SER B 50 -34.21 -41.74 -44.67
CA SER B 50 -32.80 -42.01 -44.36
C SER B 50 -32.68 -43.08 -43.24
N GLU B 51 -33.80 -43.29 -42.52
CA GLU B 51 -33.83 -44.31 -41.43
C GLU B 51 -32.96 -43.86 -40.22
N ASN B 52 -32.56 -42.58 -40.24
CA ASN B 52 -31.84 -41.98 -39.10
C ASN B 52 -32.75 -41.81 -37.89
N ILE B 53 -32.18 -41.99 -36.69
CA ILE B 53 -32.91 -41.75 -35.45
C ILE B 53 -32.80 -40.31 -35.02
N LEU B 54 -33.91 -39.57 -35.14
CA LEU B 54 -33.88 -38.12 -34.96
C LEU B 54 -33.97 -37.75 -33.45
N PHE B 55 -34.86 -38.42 -32.73
CA PHE B 55 -35.03 -38.16 -31.31
C PHE B 55 -35.95 -39.20 -30.65
N CYS B 56 -35.54 -39.71 -29.50
CA CYS B 56 -36.32 -40.70 -28.77
C CYS B 56 -36.75 -40.17 -27.41
N CYS B 57 -38.03 -40.30 -27.11
CA CYS B 57 -38.58 -39.82 -25.83
C CYS B 57 -39.13 -40.98 -25.01
N ASP B 58 -38.74 -41.05 -23.75
CA ASP B 58 -39.21 -42.10 -22.85
C ASP B 58 -40.72 -42.19 -22.85
N GLY B 62 -46.65 -36.43 -21.01
CA GLY B 62 -46.57 -35.07 -21.54
C GLY B 62 -46.39 -35.06 -23.07
N TRP B 63 -45.85 -33.95 -23.59
CA TRP B 63 -45.72 -33.77 -25.03
C TRP B 63 -44.33 -34.25 -25.50
N VAL B 64 -44.30 -34.83 -26.70
CA VAL B 64 -43.04 -35.04 -27.40
C VAL B 64 -43.15 -34.56 -28.85
N THR B 65 -42.36 -33.54 -29.18
CA THR B 65 -42.39 -32.95 -30.51
C THR B 65 -41.00 -32.93 -31.13
N SER B 66 -40.93 -33.08 -32.45
CA SER B 66 -39.68 -32.92 -33.18
C SER B 66 -39.27 -31.46 -33.21
N SER B 67 -37.96 -31.21 -33.14
CA SER B 67 -37.42 -29.84 -33.20
C SER B 67 -37.58 -29.26 -34.60
N LYS B 68 -37.54 -30.13 -35.62
CA LYS B 68 -37.75 -29.71 -37.00
C LYS B 68 -39.25 -29.63 -37.32
N LYS B 69 -39.66 -28.53 -37.94
CA LYS B 69 -41.07 -28.26 -38.18
C LYS B 69 -41.40 -28.34 -39.67
N TYR B 70 -40.38 -28.15 -40.50
CA TYR B 70 -40.55 -28.25 -41.96
C TYR B 70 -40.80 -29.72 -42.37
N PHE B 71 -41.04 -29.94 -43.67
CA PHE B 71 -41.48 -31.24 -44.16
C PHE B 71 -40.41 -32.27 -43.94
N VAL B 72 -40.73 -33.26 -43.13
CA VAL B 72 -39.94 -34.47 -43.07
C VAL B 72 -40.84 -35.68 -42.95
N ARG B 73 -40.62 -36.68 -43.79
CA ARG B 73 -41.39 -37.92 -43.74
C ARG B 73 -41.13 -38.66 -42.45
N PHE B 74 -41.75 -38.19 -41.37
CA PHE B 74 -41.42 -38.65 -40.04
C PHE B 74 -41.90 -40.09 -39.84
N ARG B 75 -41.23 -40.81 -38.95
CA ARG B 75 -41.71 -42.09 -38.49
C ARG B 75 -41.73 -42.15 -36.99
N ILE B 76 -42.93 -42.21 -36.43
CA ILE B 76 -43.10 -42.17 -34.98
C ILE B 76 -43.20 -43.58 -34.41
N GLN B 77 -42.39 -43.86 -33.40
CA GLN B 77 -42.43 -45.13 -32.71
C GLN B 77 -42.63 -44.92 -31.23
N VAL B 78 -43.63 -45.59 -30.67
CA VAL B 78 -43.87 -45.56 -29.23
C VAL B 78 -43.60 -46.95 -28.61
N PHE B 79 -42.56 -47.03 -27.78
CA PHE B 79 -42.26 -48.27 -27.07
C PHE B 79 -42.90 -48.27 -25.68
N ARG B 80 -43.12 -49.44 -25.14
CA ARG B 80 -43.03 -49.65 -23.72
C ARG B 80 -41.53 -49.76 -23.26
N GLN B 81 -41.28 -49.45 -22.00
CA GLN B 81 -39.88 -49.25 -21.51
C GLN B 81 -39.17 -50.63 -21.28
N GLY B 82 -38.92 -51.35 -22.35
CA GLY B 82 -38.33 -52.66 -22.26
C GLY B 82 -38.87 -53.58 -23.30
N GLU B 83 -39.78 -53.06 -24.13
CA GLU B 83 -40.41 -53.87 -25.17
C GLU B 83 -39.52 -53.96 -26.40
N GLU B 84 -39.58 -55.10 -27.08
CA GLU B 84 -38.80 -55.30 -28.28
C GLU B 84 -39.45 -54.61 -29.46
N THR B 85 -40.73 -54.86 -29.66
CA THR B 85 -41.46 -54.25 -30.76
C THR B 85 -42.19 -52.95 -30.30
N PRO B 86 -42.53 -52.06 -31.26
CA PRO B 86 -43.26 -50.82 -30.97
C PRO B 86 -44.76 -51.05 -30.70
N LEU B 87 -45.29 -50.40 -29.67
CA LEU B 87 -46.74 -50.30 -29.48
C LEU B 87 -47.38 -49.50 -30.62
N LEU B 88 -46.74 -48.39 -30.98
CA LEU B 88 -47.17 -47.61 -32.13
C LEU B 88 -46.01 -47.42 -33.10
N ASP B 89 -46.31 -47.51 -34.39
CA ASP B 89 -45.30 -47.34 -35.42
C ASP B 89 -45.92 -46.80 -36.70
N GLU B 90 -46.03 -45.47 -36.79
CA GLU B 90 -46.77 -44.82 -37.87
C GLU B 90 -45.83 -43.87 -38.66
N THR B 91 -45.82 -44.05 -39.98
CA THR B 91 -45.01 -43.21 -40.87
C THR B 91 -45.90 -42.23 -41.62
N LEU B 92 -45.41 -41.01 -41.81
CA LEU B 92 -46.19 -39.96 -42.46
C LEU B 92 -46.62 -40.41 -43.88
N LYS B 93 -47.92 -40.30 -44.15
CA LYS B 93 -48.45 -40.66 -45.46
C LYS B 93 -49.65 -39.77 -45.81
N LEU B 94 -49.49 -38.96 -46.86
CA LEU B 94 -50.25 -37.71 -46.98
C LEU B 94 -51.35 -37.84 -48.05
N LYS B 95 -51.38 -39.00 -48.73
CA LYS B 95 -52.29 -39.20 -49.86
C LYS B 95 -53.75 -39.21 -49.37
N ASP B 96 -54.59 -38.34 -49.97
CA ASP B 96 -56.04 -38.30 -49.64
C ASP B 96 -56.26 -37.91 -48.18
N ARG B 97 -55.31 -37.15 -47.63
CA ARG B 97 -55.39 -36.72 -46.24
C ARG B 97 -55.53 -35.20 -46.16
N PRO B 98 -56.12 -34.71 -45.05
CA PRO B 98 -56.26 -33.26 -44.81
C PRO B 98 -54.93 -32.59 -44.45
N VAL B 99 -54.39 -31.79 -45.37
CA VAL B 99 -53.15 -31.09 -45.13
C VAL B 99 -53.38 -29.57 -45.17
N LEU B 100 -52.83 -28.88 -44.19
CA LEU B 100 -53.03 -27.45 -44.06
C LEU B 100 -51.71 -26.70 -44.21
N ILE B 101 -51.63 -25.84 -45.25
CA ILE B 101 -50.47 -24.96 -45.43
C ILE B 101 -50.82 -23.52 -45.04
N SER B 102 -50.10 -22.98 -44.06
CA SER B 102 -50.43 -21.68 -43.48
C SER B 102 -49.41 -20.64 -43.89
N PHE B 103 -49.86 -19.69 -44.71
CA PHE B 103 -49.04 -18.58 -45.16
C PHE B 103 -49.60 -17.29 -44.59
N PRO B 104 -48.71 -16.46 -44.04
CA PRO B 104 -49.10 -15.30 -43.24
C PRO B 104 -49.71 -14.15 -44.03
N THR B 105 -50.76 -13.54 -43.51
CA THR B 105 -51.55 -12.56 -44.27
C THR B 105 -50.84 -11.25 -44.62
N GLY B 106 -51.34 -10.58 -45.67
CA GLY B 106 -50.85 -9.27 -46.07
C GLY B 106 -49.84 -9.06 -47.19
N THR B 107 -49.50 -10.11 -47.94
CA THR B 107 -48.54 -9.96 -49.04
C THR B 107 -49.03 -9.14 -50.25
N LEU B 108 -48.10 -8.36 -50.82
CA LEU B 108 -46.77 -8.33 -50.21
C LEU B 108 -45.78 -9.16 -51.01
N GLY B 109 -46.21 -9.60 -52.19
CA GLY B 109 -45.34 -10.30 -53.12
C GLY B 109 -44.98 -11.72 -52.72
N ALA B 110 -44.40 -11.87 -51.54
CA ALA B 110 -43.88 -13.16 -51.09
C ALA B 110 -44.87 -14.28 -51.35
N LEU B 111 -46.15 -14.02 -51.11
CA LEU B 111 -47.20 -14.99 -51.42
C LEU B 111 -47.15 -15.45 -52.88
N LEU B 112 -46.90 -14.53 -53.79
CA LEU B 112 -46.89 -14.84 -55.22
C LEU B 112 -45.80 -15.83 -55.61
N GLY B 113 -44.63 -15.67 -55.03
CA GLY B 113 -43.49 -16.52 -55.33
C GLY B 113 -43.58 -17.88 -54.67
N TRP B 114 -43.99 -17.87 -53.41
CA TRP B 114 -44.10 -19.08 -52.60
C TRP B 114 -45.14 -20.07 -53.10
N PHE B 115 -46.29 -19.55 -53.52
CA PHE B 115 -47.52 -20.34 -53.60
C PHE B 115 -47.39 -21.48 -54.66
N PRO B 116 -46.58 -21.24 -55.71
CA PRO B 116 -46.35 -22.26 -56.73
C PRO B 116 -45.72 -23.53 -56.16
N TYR B 117 -45.05 -23.40 -55.02
CA TYR B 117 -44.47 -24.56 -54.33
C TYR B 117 -45.56 -25.35 -53.57
N ALA B 118 -46.64 -24.66 -53.20
CA ALA B 118 -47.75 -25.29 -52.51
C ALA B 118 -48.52 -26.21 -53.46
N GLU B 119 -48.58 -25.83 -54.74
CA GLU B 119 -49.27 -26.65 -55.77
C GLU B 119 -48.44 -27.89 -56.11
N ARG B 120 -47.12 -27.72 -56.17
CA ARG B 120 -46.22 -28.84 -56.39
C ARG B 120 -46.31 -29.84 -55.26
N PHE B 121 -46.47 -29.34 -54.03
CA PHE B 121 -46.60 -30.20 -52.86
C PHE B 121 -47.87 -31.06 -52.97
N GLN B 122 -48.91 -30.50 -53.56
CA GLN B 122 -50.20 -31.19 -53.68
C GLN B 122 -50.17 -32.18 -54.85
N SER B 123 -49.50 -31.79 -55.93
CA SER B 123 -49.39 -32.64 -57.13
C SER B 123 -48.46 -33.84 -56.86
N LEU B 124 -47.56 -33.69 -55.89
CA LEU B 124 -46.59 -34.71 -55.58
C LEU B 124 -47.19 -35.77 -54.66
N HIS B 125 -47.91 -35.31 -53.64
CA HIS B 125 -48.35 -36.21 -52.56
C HIS B 125 -49.83 -36.58 -52.74
N LYS B 126 -50.49 -35.93 -53.70
CA LYS B 126 -51.91 -36.21 -53.99
C LYS B 126 -52.76 -36.10 -52.72
N CYS B 127 -52.64 -34.98 -52.02
CA CYS B 127 -53.32 -34.78 -50.75
C CYS B 127 -54.48 -33.80 -50.90
N ARG B 128 -55.33 -33.72 -49.88
CA ARG B 128 -56.34 -32.68 -49.78
C ARG B 128 -55.77 -31.44 -49.11
N LEU B 129 -55.44 -30.43 -49.91
CA LEU B 129 -54.69 -29.30 -49.44
C LEU B 129 -55.61 -28.10 -49.20
N GLU B 130 -55.47 -27.47 -48.03
CA GLU B 130 -56.10 -26.18 -47.76
C GLU B 130 -55.06 -25.15 -47.35
N CYS B 131 -55.10 -23.98 -47.99
CA CYS B 131 -54.15 -22.91 -47.70
C CYS B 131 -54.84 -21.74 -47.01
N THR B 132 -54.14 -21.13 -46.05
CA THR B 132 -54.70 -20.00 -45.29
C THR B 132 -53.92 -18.72 -45.60
N MET B 133 -54.64 -17.70 -46.07
CA MET B 133 -54.03 -16.41 -46.39
C MET B 133 -55.09 -15.30 -46.36
N SER B 134 -54.66 -14.09 -46.69
CA SER B 134 -55.58 -12.94 -46.72
C SER B 134 -56.53 -13.02 -47.90
N GLN B 135 -57.64 -12.28 -47.82
CA GLN B 135 -58.78 -12.50 -48.73
C GLN B 135 -58.43 -12.04 -50.16
N ASP B 136 -57.65 -10.96 -50.26
CA ASP B 136 -57.36 -10.33 -51.58
C ASP B 136 -56.51 -11.26 -52.44
N ILE B 138 -56.59 -14.53 -52.09
CA ILE B 138 -57.52 -15.61 -52.42
C ILE B 138 -58.33 -15.24 -53.65
N ASP B 139 -58.81 -14.00 -53.70
CA ASP B 139 -59.63 -13.52 -54.83
C ASP B 139 -58.80 -13.50 -56.13
N LEU B 140 -57.48 -13.44 -55.97
CA LEU B 140 -56.58 -13.31 -57.11
C LEU B 140 -56.26 -14.70 -57.69
N LEU B 141 -56.17 -15.70 -56.83
CA LEU B 141 -55.51 -16.97 -57.18
C LEU B 141 -56.57 -18.10 -57.32
N ALA B 142 -57.67 -18.00 -56.55
CA ALA B 142 -58.50 -19.18 -56.20
C ALA B 142 -59.12 -19.82 -57.49
N PRO B 143 -59.59 -18.96 -58.42
CA PRO B 143 -60.25 -19.44 -59.65
C PRO B 143 -59.35 -20.35 -60.51
N GLN B 144 -58.04 -20.06 -60.51
CA GLN B 144 -57.08 -20.78 -61.38
C GLN B 144 -56.60 -22.08 -60.70
N TYR B 145 -56.71 -22.13 -59.38
CA TYR B 145 -56.30 -23.33 -58.60
C TYR B 145 -57.50 -23.97 -57.93
N PRO B 146 -58.33 -24.67 -58.72
CA PRO B 146 -59.57 -25.30 -58.22
C PRO B 146 -59.28 -26.50 -57.27
N GLN B 147 -58.12 -27.14 -57.47
CA GLN B 147 -57.78 -28.37 -56.72
C GLN B 147 -57.42 -28.04 -55.26
N ILE B 148 -57.03 -26.80 -55.02
CA ILE B 148 -56.66 -26.36 -53.67
C ILE B 148 -57.76 -25.50 -53.06
N GLN B 149 -58.05 -25.74 -51.78
CA GLN B 149 -59.10 -25.00 -51.09
C GLN B 149 -58.51 -23.81 -50.35
N PHE B 150 -59.06 -22.63 -50.61
CA PHE B 150 -58.55 -21.38 -50.03
C PHE B 150 -59.41 -20.94 -48.86
N SER B 151 -58.76 -20.42 -47.82
CA SER B 151 -59.46 -19.94 -46.63
C SER B 151 -58.68 -18.83 -45.96
N THR B 152 -59.33 -18.15 -45.04
CA THR B 152 -58.65 -17.16 -44.20
C THR B 152 -58.19 -17.81 -42.88
N PRO B 153 -57.16 -17.20 -42.24
CA PRO B 153 -56.57 -17.77 -41.02
C PRO B 153 -57.61 -17.98 -39.88
N ASP B 154 -58.62 -17.10 -39.83
CA ASP B 154 -59.58 -17.09 -38.72
C ASP B 154 -60.74 -18.09 -38.99
N LYS B 155 -60.87 -18.51 -40.25
CA LYS B 155 -61.99 -19.41 -40.66
C LYS B 155 -61.45 -20.60 -41.50
N PRO B 156 -60.68 -21.51 -40.85
CA PRO B 156 -60.19 -22.74 -41.48
C PRO B 156 -61.25 -23.85 -41.50
N ARG B 157 -61.38 -24.53 -42.64
CA ARG B 157 -62.52 -25.39 -42.89
C ARG B 157 -62.23 -26.85 -42.46
N THR B 158 -60.93 -27.17 -42.26
CA THR B 158 -60.50 -28.57 -41.94
C THR B 158 -60.58 -28.84 -40.41
N VAL B 159 -60.62 -27.76 -39.63
CA VAL B 159 -60.69 -27.87 -38.13
C VAL B 159 -59.61 -28.92 -37.57
N ALA B 160 -59.69 -30.16 -38.07
CA ALA B 160 -58.75 -31.24 -37.63
C ALA B 160 -57.95 -31.80 -38.83
N PRO B 161 -56.71 -31.26 -39.03
CA PRO B 161 -55.87 -31.63 -40.14
C PRO B 161 -54.85 -32.76 -39.76
N TYR B 162 -54.43 -33.52 -40.77
CA TYR B 162 -53.47 -34.61 -40.55
C TYR B 162 -52.02 -34.05 -40.40
N ALA B 163 -51.67 -33.10 -41.25
CA ALA B 163 -50.37 -32.46 -41.19
C ALA B 163 -50.48 -30.97 -41.50
N THR B 164 -49.68 -30.17 -40.82
CA THR B 164 -49.67 -28.72 -41.05
C THR B 164 -48.24 -28.21 -41.31
N TYR B 165 -48.10 -27.30 -42.26
CA TYR B 165 -46.79 -26.71 -42.59
C TYR B 165 -46.90 -25.19 -42.71
N ARG B 166 -45.96 -24.48 -42.09
CA ARG B 166 -46.08 -23.03 -41.93
C ARG B 166 -44.96 -22.30 -42.69
N VAL B 167 -45.26 -21.95 -43.94
CA VAL B 167 -44.29 -21.28 -44.79
C VAL B 167 -44.15 -19.83 -44.39
N GLY B 168 -42.91 -19.36 -44.26
CA GLY B 168 -42.64 -17.96 -43.88
C GLY B 168 -41.15 -17.63 -43.91
N LEU B 169 -40.83 -16.36 -43.69
CA LEU B 169 -39.46 -15.95 -43.45
C LEU B 169 -39.11 -16.07 -41.98
N TYR B 170 -38.03 -16.79 -41.68
CA TYR B 170 -37.57 -16.97 -40.31
C TYR B 170 -36.15 -16.46 -40.15
N PHE B 171 -35.99 -15.40 -39.38
CA PHE B 171 -34.73 -14.67 -39.33
C PHE B 171 -33.85 -15.20 -38.22
N GLY B 172 -32.65 -14.64 -38.09
CA GLY B 172 -31.72 -15.01 -37.04
C GLY B 172 -31.03 -16.33 -37.34
N GLY B 173 -31.16 -16.78 -38.59
CA GLY B 173 -30.53 -18.04 -39.02
C GLY B 173 -31.24 -19.27 -38.46
N ASP B 174 -32.58 -19.17 -38.34
CA ASP B 174 -33.39 -20.30 -37.86
C ASP B 174 -33.23 -21.52 -38.77
N THR B 175 -33.06 -22.70 -38.16
CA THR B 175 -32.86 -23.94 -38.92
C THR B 175 -33.78 -25.04 -38.42
N ASN B 176 -34.83 -24.65 -37.68
CA ASN B 176 -35.78 -25.60 -37.11
C ASN B 176 -37.11 -25.56 -37.82
N ASN B 177 -37.49 -24.37 -38.29
CA ASN B 177 -38.72 -24.20 -39.07
C ASN B 177 -38.43 -24.12 -40.56
N GLN B 178 -37.15 -23.96 -40.90
CA GLN B 178 -36.70 -24.03 -42.29
C GLN B 178 -35.36 -24.76 -42.40
N PRO B 179 -35.24 -25.68 -43.38
CA PRO B 179 -34.04 -26.47 -43.57
C PRO B 179 -32.80 -25.61 -43.70
N VAL B 180 -32.88 -24.58 -44.54
CA VAL B 180 -31.78 -23.65 -44.71
C VAL B 180 -32.24 -22.23 -44.45
N ASP B 181 -31.32 -21.39 -43.99
CA ASP B 181 -31.54 -19.94 -43.95
C ASP B 181 -31.91 -19.41 -45.33
N PHE B 182 -33.00 -18.64 -45.39
CA PHE B 182 -33.58 -18.24 -46.66
C PHE B 182 -32.64 -17.27 -47.40
N ARG B 183 -31.67 -16.73 -46.68
CA ARG B 183 -30.74 -15.77 -47.26
C ARG B 183 -29.74 -16.46 -48.15
N LYS B 184 -29.69 -17.78 -48.06
CA LYS B 184 -28.68 -18.57 -48.78
C LYS B 184 -29.26 -19.11 -50.09
N VAL B 185 -30.58 -19.27 -50.14
CA VAL B 185 -31.25 -19.91 -51.27
C VAL B 185 -32.26 -18.95 -51.92
N GLY B 186 -32.52 -17.84 -51.26
CA GLY B 186 -33.55 -16.89 -51.71
C GLY B 186 -34.86 -17.07 -50.95
N PHE B 187 -35.49 -15.95 -50.61
CA PHE B 187 -36.57 -15.95 -49.62
C PHE B 187 -37.75 -16.77 -50.12
N HIS B 188 -37.90 -16.84 -51.44
CA HIS B 188 -39.12 -17.40 -52.03
C HIS B 188 -38.92 -18.88 -52.35
N ARG B 189 -37.69 -19.26 -52.67
CA ARG B 189 -37.35 -20.64 -52.90
C ARG B 189 -37.36 -21.41 -51.58
N SER B 190 -37.16 -20.69 -50.48
CA SER B 190 -37.14 -21.30 -49.14
C SER B 190 -38.41 -22.12 -48.91
N ALA B 191 -39.53 -21.62 -49.41
CA ALA B 191 -40.80 -22.32 -49.31
C ALA B 191 -40.67 -23.73 -49.90
N GLY B 192 -40.10 -23.81 -51.10
CA GLY B 192 -39.85 -25.10 -51.73
C GLY B 192 -39.03 -26.02 -50.84
N TYR B 193 -38.01 -25.46 -50.18
CA TYR B 193 -37.14 -26.23 -49.30
C TYR B 193 -37.90 -26.67 -48.08
N ILE B 194 -38.87 -25.86 -47.65
CA ILE B 194 -39.68 -26.18 -46.47
C ILE B 194 -40.67 -27.32 -46.76
N LEU B 195 -41.17 -27.35 -47.98
CA LEU B 195 -42.16 -28.33 -48.36
C LEU B 195 -41.49 -29.54 -49.02
N GLY B 196 -40.20 -29.44 -49.26
CA GLY B 196 -39.42 -30.54 -49.81
C GLY B 196 -39.83 -30.87 -51.23
N VAL B 197 -39.98 -29.83 -52.04
CA VAL B 197 -40.30 -30.00 -53.44
C VAL B 197 -39.29 -29.30 -54.30
N ASP B 198 -39.49 -29.38 -55.61
CA ASP B 198 -38.63 -28.68 -56.56
C ASP B 198 -38.53 -27.20 -56.19
N PRO B 199 -37.32 -26.73 -55.82
CA PRO B 199 -37.12 -25.39 -55.25
C PRO B 199 -37.06 -24.30 -56.35
N ARG B 200 -37.00 -24.72 -57.60
CA ARG B 200 -36.85 -23.80 -58.71
C ARG B 200 -38.06 -22.87 -58.82
N GLU B 201 -37.81 -21.59 -59.10
CA GLU B 201 -38.85 -20.57 -59.02
C GLU B 201 -39.87 -20.76 -60.12
N ALA B 202 -41.10 -20.31 -59.88
CA ALA B 202 -42.14 -20.31 -60.91
C ALA B 202 -43.18 -19.21 -60.61
N PRO B 203 -43.81 -18.66 -61.68
CA PRO B 203 -44.85 -17.67 -61.55
C PRO B 203 -46.21 -18.31 -61.33
N VAL B 204 -47.04 -17.67 -60.50
CA VAL B 204 -48.41 -18.13 -60.29
C VAL B 204 -49.25 -17.94 -61.55
N ARG B 205 -50.36 -18.65 -61.64
CA ARG B 205 -51.25 -18.53 -62.77
C ARG B 205 -52.39 -17.52 -62.47
N LEU B 206 -52.51 -16.50 -63.33
CA LEU B 206 -53.47 -15.40 -63.10
C LEU B 206 -54.52 -15.39 -64.20
N ASP B 207 -55.56 -14.59 -64.01
CA ASP B 207 -56.55 -14.35 -65.04
C ASP B 207 -56.04 -13.32 -66.03
N LEU B 208 -55.56 -13.79 -67.17
CA LEU B 208 -54.97 -12.91 -68.16
C LEU B 208 -55.91 -12.73 -69.36
N SER B 209 -57.21 -12.79 -69.11
CA SER B 209 -58.21 -12.80 -70.18
C SER B 209 -58.72 -11.38 -70.45
N ALA B 210 -58.40 -10.45 -69.55
CA ALA B 210 -58.93 -9.08 -69.62
C ALA B 210 -58.49 -8.40 -70.93
N PRO B 211 -59.44 -7.70 -71.60
CA PRO B 211 -59.18 -7.00 -72.87
C PRO B 211 -58.43 -5.69 -72.67
N ARG B 212 -57.65 -5.29 -73.67
CA ARG B 212 -56.87 -4.08 -73.58
C ARG B 212 -57.77 -2.85 -73.49
N VAL B 213 -57.46 -1.95 -72.56
CA VAL B 213 -58.25 -0.75 -72.36
C VAL B 213 -57.56 0.46 -73.00
N ILE B 214 -56.28 0.62 -72.70
CA ILE B 214 -55.53 1.75 -73.20
C ILE B 214 -54.79 1.38 -74.50
N GLN B 215 -55.04 2.15 -75.55
CA GLN B 215 -54.59 1.77 -76.90
C GLN B 215 -53.09 2.04 -77.05
N GLU B 216 -52.66 3.25 -76.67
CA GLU B 216 -51.26 3.65 -76.85
C GLU B 216 -50.33 2.77 -75.98
N PRO B 217 -49.12 2.48 -76.50
CA PRO B 217 -48.07 1.79 -75.71
C PRO B 217 -47.73 2.53 -74.43
N TYR B 218 -47.69 1.79 -73.31
CA TYR B 218 -47.53 2.41 -72.00
C TYR B 218 -46.68 1.53 -71.08
N VAL B 219 -46.09 2.14 -70.06
CA VAL B 219 -45.23 1.43 -69.13
C VAL B 219 -45.75 1.57 -67.70
N CYS B 220 -45.68 0.49 -66.94
CA CYS B 220 -46.09 0.52 -65.52
C CYS B 220 -44.87 0.57 -64.61
N ILE B 221 -44.93 1.42 -63.58
CA ILE B 221 -43.81 1.59 -62.64
C ILE B 221 -44.30 1.53 -61.19
N ALA B 222 -43.44 1.06 -60.29
CA ALA B 222 -43.78 1.00 -58.86
C ALA B 222 -42.63 1.55 -58.04
N THR B 223 -42.89 2.66 -57.37
CA THR B 223 -41.83 3.44 -56.76
C THR B 223 -41.83 3.25 -55.23
N GLN B 224 -42.85 2.57 -54.72
CA GLN B 224 -42.98 2.35 -53.28
C GLN B 224 -42.80 0.89 -52.91
N SER B 225 -42.70 0.62 -51.61
CA SER B 225 -42.53 -0.74 -51.11
C SER B 225 -42.92 -0.84 -49.64
N THR B 226 -41.97 -0.57 -48.76
CA THR B 226 -42.22 -0.62 -47.32
C THR B 226 -41.03 -0.10 -46.53
N CYS B 227 -39.84 -0.53 -46.93
CA CYS B 227 -38.60 -0.10 -46.25
C CYS B 227 -37.73 0.73 -47.17
N GLN B 228 -37.01 1.68 -46.60
CA GLN B 228 -36.28 2.71 -47.34
C GLN B 228 -35.19 2.18 -48.27
N ALA B 229 -34.49 1.14 -47.83
CA ALA B 229 -33.35 0.62 -48.58
C ALA B 229 -33.78 0.16 -49.97
N LYS B 230 -34.99 -0.39 -50.11
CA LYS B 230 -35.43 -0.79 -51.44
C LYS B 230 -36.93 -0.77 -51.64
N TYR B 231 -37.49 0.37 -52.07
CA TYR B 231 -36.81 1.66 -52.18
C TYR B 231 -35.48 1.75 -52.95
N TRP B 232 -35.39 2.76 -53.80
CA TRP B 232 -34.21 3.01 -54.62
C TRP B 232 -33.43 4.20 -54.08
N ASN B 233 -33.86 5.40 -54.44
CA ASN B 233 -33.27 6.62 -53.90
C ASN B 233 -32.74 7.60 -54.94
N ASN B 234 -31.58 7.28 -55.51
CA ASN B 234 -30.93 8.24 -56.38
C ASN B 234 -31.76 9.48 -56.56
N GLY B 235 -31.11 10.61 -56.63
CA GLY B 235 -31.78 11.90 -56.54
C GLY B 235 -32.63 12.19 -57.76
N THR B 236 -32.10 11.84 -58.93
CA THR B 236 -32.72 12.23 -60.20
C THR B 236 -33.11 10.98 -61.03
N GLY B 237 -33.08 9.83 -60.38
CA GLY B 237 -33.29 8.56 -61.08
C GLY B 237 -34.64 8.51 -61.78
N TRP B 238 -35.71 8.52 -60.99
CA TRP B 238 -37.04 8.24 -61.51
C TRP B 238 -37.45 9.33 -62.51
N SER B 239 -36.97 10.55 -62.29
CA SER B 239 -37.31 11.68 -63.16
C SER B 239 -36.69 11.48 -64.55
N GLU B 240 -35.41 11.09 -64.58
CA GLU B 240 -34.70 10.86 -65.86
C GLU B 240 -35.31 9.67 -66.59
N VAL B 241 -35.68 8.65 -65.84
CA VAL B 241 -36.23 7.43 -66.41
C VAL B 241 -37.59 7.70 -67.05
N ILE B 242 -38.43 8.46 -66.35
CA ILE B 242 -39.78 8.77 -66.84
C ILE B 242 -39.70 9.68 -68.08
N ALA B 243 -38.82 10.66 -68.03
CA ALA B 243 -38.61 11.56 -69.16
C ALA B 243 -38.13 10.78 -70.40
N HIS B 244 -37.22 9.85 -70.18
CA HIS B 244 -36.67 9.03 -71.25
C HIS B 244 -37.74 8.12 -71.83
N LEU B 245 -38.58 7.57 -70.95
CA LEU B 245 -39.67 6.72 -71.37
C LEU B 245 -40.64 7.50 -72.25
N LYS B 246 -40.89 8.74 -71.88
CA LYS B 246 -41.81 9.59 -72.63
C LYS B 246 -41.23 9.96 -74.00
N SER B 247 -39.90 10.11 -74.04
CA SER B 247 -39.20 10.45 -75.29
C SER B 247 -39.18 9.25 -76.26
N LEU B 248 -39.48 8.07 -75.72
CA LEU B 248 -39.54 6.85 -76.53
C LEU B 248 -40.97 6.57 -76.99
N GLY B 249 -41.91 7.39 -76.52
CA GLY B 249 -43.31 7.29 -76.96
C GLY B 249 -44.13 6.36 -76.06
N TYR B 250 -43.76 6.29 -74.79
CA TYR B 250 -44.48 5.42 -73.86
C TYR B 250 -45.12 6.20 -72.71
N ARG B 251 -46.41 5.96 -72.50
CA ARG B 251 -47.12 6.54 -71.36
C ARG B 251 -46.59 5.91 -70.08
N VAL B 252 -46.51 6.70 -69.02
CA VAL B 252 -45.95 6.19 -67.76
C VAL B 252 -46.98 6.28 -66.64
N MET B 253 -47.15 5.18 -65.90
CA MET B 253 -48.21 5.08 -64.90
C MET B 253 -47.68 4.45 -63.62
N CYS B 254 -47.88 5.13 -62.52
CA CYS B 254 -47.55 4.59 -61.22
C CYS B 254 -48.73 3.82 -60.65
N ILE B 255 -48.49 2.59 -60.22
CA ILE B 255 -49.56 1.69 -59.79
C ILE B 255 -49.33 1.24 -58.35
N ASP B 256 -48.58 2.02 -57.60
CA ASP B 256 -48.44 1.81 -56.17
C ASP B 256 -49.77 1.97 -55.49
N ARG B 257 -49.92 1.29 -54.37
CA ARG B 257 -51.13 1.37 -53.62
C ARG B 257 -51.23 2.76 -52.88
N ASP B 258 -50.08 3.30 -52.49
CA ASP B 258 -50.02 4.63 -51.87
C ASP B 258 -49.29 5.60 -52.78
N ALA B 259 -49.79 6.84 -52.83
CA ALA B 259 -49.10 7.93 -53.55
C ALA B 259 -48.01 8.54 -52.68
N HIS B 260 -48.23 8.54 -51.36
CA HIS B 260 -47.24 9.01 -50.43
C HIS B 260 -47.03 8.00 -49.31
N TYR B 261 -45.77 7.69 -49.02
CA TYR B 261 -45.45 6.72 -47.98
C TYR B 261 -44.07 6.99 -47.40
N GLY B 262 -43.91 6.71 -46.12
CA GLY B 262 -42.69 6.99 -45.41
C GLY B 262 -42.90 7.11 -43.92
N GLN B 263 -41.84 7.43 -43.21
CA GLN B 263 -41.94 7.68 -41.78
C GLN B 263 -41.45 9.07 -41.46
N GLY B 264 -41.36 9.38 -40.18
CA GLY B 264 -40.63 10.53 -39.72
C GLY B 264 -39.71 11.07 -40.80
N PHE B 265 -39.75 12.37 -41.03
CA PHE B 265 -38.65 13.09 -41.75
C PHE B 265 -38.54 12.62 -43.23
N VAL B 266 -38.57 11.30 -43.44
CA VAL B 266 -38.38 10.72 -44.80
C VAL B 266 -39.72 10.37 -45.43
N TRP B 267 -39.95 10.90 -46.62
CA TRP B 267 -41.22 10.71 -47.29
C TRP B 267 -41.02 10.55 -48.78
N HIS B 269 -42.89 10.26 -52.58
CA HIS B 269 -44.13 10.61 -53.29
C HIS B 269 -44.09 10.10 -54.70
N ILE B 270 -45.27 9.88 -55.27
CA ILE B 270 -45.38 9.53 -56.69
C ILE B 270 -44.70 10.60 -57.57
N PRO B 271 -43.72 10.17 -58.39
CA PRO B 271 -42.85 11.09 -59.15
C PRO B 271 -43.63 11.95 -60.11
N TRP B 272 -43.20 13.20 -60.26
CA TRP B 272 -43.83 14.11 -61.19
C TRP B 272 -43.71 13.60 -62.61
N GLY B 273 -44.81 13.65 -63.35
CA GLY B 273 -44.80 13.25 -64.76
C GLY B 273 -45.46 11.90 -64.96
N ALA B 274 -45.55 11.13 -63.90
CA ALA B 274 -46.19 9.81 -63.96
C ALA B 274 -47.70 9.94 -63.70
N GLU B 275 -48.49 9.19 -64.46
CA GLU B 275 -49.94 9.19 -64.30
C GLU B 275 -50.34 8.54 -62.99
N ASP B 276 -51.36 9.09 -62.36
CA ASP B 276 -51.81 8.61 -61.07
C ASP B 276 -52.77 7.47 -61.22
N PHE B 277 -52.26 6.25 -61.16
CA PHE B 277 -53.10 5.08 -61.08
C PHE B 277 -52.95 4.40 -59.71
N THR B 278 -52.70 5.21 -58.70
CA THR B 278 -52.47 4.69 -57.36
C THR B 278 -53.82 4.39 -56.66
N GLY B 279 -53.74 3.85 -55.44
CA GLY B 279 -54.94 3.62 -54.63
C GLY B 279 -55.12 2.15 -54.28
N LYS B 280 -55.95 1.88 -53.28
CA LYS B 280 -56.18 0.52 -52.82
C LYS B 280 -57.23 -0.16 -53.68
N LEU B 281 -56.79 -0.70 -54.81
CA LEU B 281 -57.68 -1.42 -55.70
C LEU B 281 -57.46 -2.91 -55.58
N PRO B 282 -58.49 -3.71 -55.93
CA PRO B 282 -58.36 -5.18 -56.04
C PRO B 282 -57.29 -5.60 -57.04
N LEU B 283 -56.53 -6.62 -56.70
CA LEU B 283 -55.32 -6.95 -57.40
C LEU B 283 -55.61 -7.30 -58.86
N GLN B 284 -56.81 -7.83 -59.10
CA GLN B 284 -57.19 -8.29 -60.43
C GLN B 284 -57.14 -7.12 -61.43
N GLU B 285 -57.53 -5.93 -60.97
CA GLU B 285 -57.50 -4.72 -61.83
C GLU B 285 -56.07 -4.34 -62.17
N ARG B 286 -55.17 -4.52 -61.21
CA ARG B 286 -53.76 -4.26 -61.43
C ARG B 286 -53.19 -5.25 -62.45
N VAL B 287 -53.62 -6.50 -62.35
CA VAL B 287 -53.23 -7.52 -63.33
C VAL B 287 -53.71 -7.14 -64.72
N ASN B 288 -54.95 -6.68 -64.81
CA ASN B 288 -55.55 -6.31 -66.09
C ASN B 288 -54.78 -5.16 -66.75
N LEU B 289 -54.41 -4.17 -65.94
CA LEU B 289 -53.66 -3.02 -66.44
C LEU B 289 -52.25 -3.43 -66.83
N LEU B 290 -51.67 -4.34 -66.06
CA LEU B 290 -50.27 -4.67 -66.22
C LEU B 290 -50.06 -5.53 -67.46
N ARG B 291 -51.01 -6.44 -67.73
CA ARG B 291 -50.86 -7.40 -68.80
C ARG B 291 -50.48 -6.70 -70.11
N HIS B 292 -51.21 -5.64 -70.44
CA HIS B 292 -51.11 -5.03 -71.75
C HIS B 292 -50.10 -3.89 -71.73
N ALA B 293 -49.32 -3.81 -70.67
CA ALA B 293 -48.22 -2.90 -70.61
C ALA B 293 -47.06 -3.41 -71.43
N SER B 294 -46.27 -2.49 -71.98
CA SER B 294 -45.11 -2.85 -72.79
C SER B 294 -44.02 -3.48 -71.94
N PHE B 295 -43.79 -2.88 -70.76
CA PHE B 295 -43.05 -3.56 -69.71
C PHE B 295 -43.22 -2.83 -68.36
N PHE B 296 -42.58 -3.36 -67.33
CA PHE B 296 -42.76 -2.86 -65.97
C PHE B 296 -41.41 -2.52 -65.34
N ILE B 297 -41.43 -1.46 -64.54
CA ILE B 297 -40.28 -1.11 -63.73
C ILE B 297 -40.86 -1.01 -62.34
N GLY B 298 -41.25 -2.19 -61.83
CA GLY B 298 -41.72 -2.34 -60.47
C GLY B 298 -40.56 -2.97 -59.78
N LEU B 299 -40.01 -2.26 -58.80
CA LEU B 299 -38.70 -2.56 -58.23
C LEU B 299 -38.60 -3.82 -57.37
N PRO B 300 -38.22 -3.66 -56.10
CA PRO B 300 -38.11 -4.79 -55.17
C PRO B 300 -39.45 -5.04 -54.50
N SER B 301 -40.41 -4.17 -54.79
CA SER B 301 -41.75 -4.30 -54.27
C SER B 301 -42.39 -5.49 -54.94
N GLY B 302 -43.40 -6.08 -54.29
CA GLY B 302 -44.01 -7.29 -54.79
C GLY B 302 -44.58 -7.02 -56.17
N LEU B 303 -45.17 -5.85 -56.36
CA LEU B 303 -45.73 -5.49 -57.65
C LEU B 303 -44.82 -5.97 -58.79
N SER B 304 -43.55 -6.19 -58.47
CA SER B 304 -42.60 -6.76 -59.43
C SER B 304 -42.88 -8.26 -59.63
N TRP B 305 -43.38 -8.91 -58.59
CA TRP B 305 -43.76 -10.34 -58.66
C TRP B 305 -45.07 -10.51 -59.41
N LEU B 306 -46.00 -9.60 -59.17
CA LEU B 306 -47.26 -9.58 -59.89
C LEU B 306 -47.03 -9.29 -61.37
N ALA B 307 -46.10 -8.37 -61.65
CA ALA B 307 -45.78 -7.99 -63.05
C ALA B 307 -45.03 -9.12 -63.76
N TRP B 308 -44.26 -9.87 -62.99
CA TRP B 308 -43.59 -11.03 -63.52
C TRP B 308 -44.60 -12.14 -63.91
N ALA B 309 -45.69 -12.24 -63.12
CA ALA B 309 -46.68 -13.33 -63.30
C ALA B 309 -47.63 -13.02 -64.49
N THR B 310 -47.56 -11.77 -64.96
CA THR B 310 -48.30 -11.34 -66.14
C THR B 310 -47.49 -11.62 -67.39
N ARG B 311 -46.28 -12.15 -67.20
CA ARG B 311 -45.39 -12.46 -68.32
C ARG B 311 -45.04 -11.23 -69.16
N ILE B 312 -44.81 -10.10 -68.48
CA ILE B 312 -44.39 -8.88 -69.14
C ILE B 312 -43.00 -8.47 -68.66
N PRO B 313 -42.10 -8.16 -69.58
CA PRO B 313 -40.73 -7.81 -69.20
C PRO B 313 -40.67 -6.97 -67.93
N VAL B 314 -39.78 -7.35 -67.01
CA VAL B 314 -39.69 -6.67 -65.73
C VAL B 314 -38.28 -6.13 -65.51
N VAL B 315 -38.15 -4.81 -65.54
CA VAL B 315 -36.94 -4.15 -65.08
C VAL B 315 -36.99 -3.95 -63.56
N LEU B 316 -36.14 -4.69 -62.84
CA LEU B 316 -36.14 -4.67 -61.38
C LEU B 316 -34.93 -3.90 -60.84
N ILE B 317 -35.20 -2.79 -60.15
CA ILE B 317 -34.15 -1.95 -59.61
C ILE B 317 -33.97 -2.19 -58.14
N SER B 318 -32.83 -2.75 -57.76
CA SER B 318 -32.51 -3.00 -56.35
C SER B 318 -31.02 -3.14 -56.14
N GLY B 319 -30.52 -2.59 -55.04
CA GLY B 319 -29.14 -2.76 -54.66
C GLY B 319 -28.99 -3.37 -53.28
N PHE B 320 -30.08 -3.35 -52.51
CA PHE B 320 -30.04 -3.85 -51.14
C PHE B 320 -30.25 -5.38 -51.11
N SER B 321 -30.48 -5.97 -52.29
CA SER B 321 -30.52 -7.42 -52.42
C SER B 321 -29.73 -7.86 -53.64
N LEU B 322 -29.18 -9.07 -53.59
CA LEU B 322 -28.41 -9.61 -54.69
C LEU B 322 -29.32 -10.02 -55.85
N PRO B 323 -28.77 -10.05 -57.07
CA PRO B 323 -29.55 -10.36 -58.28
C PRO B 323 -30.27 -11.71 -58.17
N ASN B 324 -29.70 -12.64 -57.39
CA ASN B 324 -30.25 -14.01 -57.30
C ASN B 324 -31.22 -14.17 -56.10
N SER B 325 -31.53 -13.05 -55.45
CA SER B 325 -32.43 -13.06 -54.30
C SER B 325 -33.89 -13.10 -54.76
N GLU B 326 -34.15 -12.54 -55.96
CA GLU B 326 -35.49 -12.58 -56.55
C GLU B 326 -35.53 -13.47 -57.78
N PHE B 327 -36.65 -13.45 -58.49
CA PHE B 327 -36.75 -14.13 -59.76
C PHE B 327 -35.76 -13.56 -60.75
N TYR B 328 -35.39 -14.37 -61.72
CA TYR B 328 -34.44 -13.95 -62.74
C TYR B 328 -35.10 -13.01 -63.72
N THR B 329 -34.37 -11.99 -64.14
CA THR B 329 -34.76 -11.19 -65.26
C THR B 329 -33.54 -10.51 -65.88
N PRO B 330 -33.40 -10.62 -67.21
CA PRO B 330 -32.26 -10.06 -67.93
C PRO B 330 -32.18 -8.55 -67.81
N TRP B 331 -33.24 -7.94 -67.31
CA TRP B 331 -33.30 -6.50 -67.17
C TRP B 331 -33.12 -6.09 -65.72
N ARG B 332 -32.39 -6.92 -64.97
CA ARG B 332 -32.11 -6.65 -63.57
C ARG B 332 -31.01 -5.57 -63.43
N VAL B 333 -31.32 -4.51 -62.69
CA VAL B 333 -30.36 -3.39 -62.50
C VAL B 333 -29.70 -3.48 -61.15
N PHE B 334 -28.38 -3.42 -61.14
CA PHE B 334 -27.61 -3.69 -59.93
C PHE B 334 -26.22 -3.09 -60.04
N ASN B 335 -25.74 -2.52 -58.93
CA ASN B 335 -24.40 -1.91 -58.89
C ASN B 335 -23.55 -2.49 -57.78
N SER B 336 -22.29 -2.83 -58.12
CA SER B 336 -21.47 -3.70 -57.26
C SER B 336 -20.18 -2.99 -56.84
N HIS B 337 -20.20 -1.66 -56.88
CA HIS B 337 -19.03 -0.86 -56.62
C HIS B 337 -19.06 -0.28 -55.19
N GLY B 338 -20.25 -0.28 -54.57
CA GLY B 338 -20.40 0.20 -53.17
C GLY B 338 -21.08 -0.84 -52.29
N CYS B 339 -21.64 -0.38 -51.15
CA CYS B 339 -22.52 -1.23 -50.31
C CYS B 339 -23.58 -1.92 -51.18
N TYR B 340 -23.83 -3.20 -50.90
CA TYR B 340 -24.91 -3.94 -51.56
C TYR B 340 -25.21 -5.23 -50.83
N GLY B 341 -26.42 -5.73 -50.99
CA GLY B 341 -26.81 -7.00 -50.38
C GLY B 341 -26.87 -6.92 -48.86
N CYS B 342 -27.34 -5.76 -48.34
CA CYS B 342 -27.72 -5.64 -46.92
C CYS B 342 -28.66 -6.84 -46.50
N TRP B 343 -29.41 -7.35 -47.48
CA TRP B 343 -30.56 -8.23 -47.18
C TRP B 343 -30.12 -9.68 -47.12
N ASP B 344 -29.09 -10.02 -47.89
CA ASP B 344 -28.70 -11.43 -48.10
C ASP B 344 -27.58 -11.83 -47.14
N ASP B 345 -26.99 -10.84 -46.48
CA ASP B 345 -25.82 -11.08 -45.60
C ASP B 345 -26.25 -11.78 -44.32
N THR B 346 -25.63 -12.94 -44.04
CA THR B 346 -26.06 -13.78 -42.93
C THR B 346 -25.45 -13.30 -41.61
N SER B 347 -24.54 -12.34 -41.70
CA SER B 347 -23.90 -11.79 -40.52
C SER B 347 -24.69 -10.59 -39.98
N LEU B 348 -25.65 -10.13 -40.77
CA LEU B 348 -26.52 -9.02 -40.35
C LEU B 348 -27.93 -9.52 -40.10
N ASN B 349 -28.77 -8.67 -39.52
CA ASN B 349 -30.15 -9.04 -39.16
C ASN B 349 -31.14 -7.93 -39.47
N PHE B 350 -32.22 -8.28 -40.15
CA PHE B 350 -33.19 -7.31 -40.63
C PHE B 350 -34.03 -6.78 -39.46
N ASP B 351 -34.21 -5.47 -39.41
CA ASP B 351 -35.03 -4.83 -38.37
C ASP B 351 -36.41 -4.48 -38.94
N HIS B 352 -37.45 -5.07 -38.37
CA HIS B 352 -38.82 -4.89 -38.86
C HIS B 352 -39.40 -3.55 -38.36
N HIS B 353 -38.76 -2.98 -37.34
CA HIS B 353 -39.28 -1.77 -36.66
C HIS B 353 -38.49 -0.53 -37.08
N ASP B 354 -37.48 -0.74 -37.90
CA ASP B 354 -36.68 0.37 -38.40
C ASP B 354 -36.91 0.56 -39.90
N PHE B 355 -37.55 1.67 -40.24
CA PHE B 355 -37.85 1.98 -41.62
C PHE B 355 -36.60 2.44 -42.34
N LEU B 356 -35.70 3.09 -41.61
CA LEU B 356 -34.45 3.61 -42.20
C LEU B 356 -33.31 2.65 -41.93
N TRP B 357 -33.52 1.40 -42.24
CA TRP B 357 -32.55 0.38 -41.99
C TRP B 357 -31.52 0.32 -43.12
N CYS B 358 -30.26 0.70 -42.81
CA CYS B 358 -29.04 0.11 -43.52
C CYS B 358 -27.90 -0.14 -42.52
N PRO B 359 -27.68 -1.41 -42.17
CA PRO B 359 -27.00 -1.79 -40.95
C PRO B 359 -25.57 -1.26 -40.90
N ARG B 360 -24.98 -1.06 -42.07
CA ARG B 360 -23.55 -0.86 -42.16
C ARG B 360 -23.19 0.63 -42.30
N HIS B 361 -24.18 1.43 -42.70
CA HIS B 361 -23.91 2.81 -43.18
C HIS B 361 -25.04 3.77 -42.78
N LYS B 362 -25.81 3.38 -41.76
CA LYS B 362 -26.91 4.23 -41.27
C LYS B 362 -26.37 5.49 -40.60
N ASN B 363 -27.06 6.60 -40.80
CA ASN B 363 -26.65 7.86 -40.22
C ASN B 363 -25.21 8.19 -40.57
N THR B 364 -24.81 7.85 -41.80
CA THR B 364 -23.53 8.32 -42.36
C THR B 364 -23.74 8.95 -43.72
N ASP B 365 -22.65 9.36 -44.35
CA ASP B 365 -22.71 10.00 -45.65
C ASP B 365 -23.12 9.00 -46.73
N ARG B 366 -22.87 7.73 -46.46
CA ARG B 366 -22.99 6.70 -47.48
C ARG B 366 -24.23 5.87 -47.25
N GLN B 367 -25.18 6.42 -46.50
CA GLN B 367 -26.43 5.72 -46.20
C GLN B 367 -27.22 5.49 -47.47
N PHE B 368 -27.79 4.29 -47.60
CA PHE B 368 -28.49 3.89 -48.83
C PHE B 368 -27.64 4.20 -50.06
N GLU B 369 -26.33 4.02 -49.92
CA GLU B 369 -25.44 3.93 -51.07
C GLU B 369 -25.80 2.73 -51.93
N CYS B 370 -26.49 1.75 -51.32
CA CYS B 370 -26.86 0.52 -52.02
C CYS B 370 -27.56 0.85 -53.39
N THR B 371 -28.31 1.96 -53.42
CA THR B 371 -29.19 2.27 -54.55
C THR B 371 -28.78 3.60 -55.21
N ARG B 372 -28.01 4.41 -54.48
CA ARG B 372 -27.68 5.77 -54.93
C ARG B 372 -26.71 5.72 -56.10
N LEU B 373 -25.93 4.64 -56.18
CA LEU B 373 -24.97 4.47 -57.26
C LEU B 373 -25.68 4.06 -58.56
N ILE B 374 -26.90 3.57 -58.43
CA ILE B 374 -27.71 3.22 -59.60
C ILE B 374 -28.29 4.47 -60.24
N THR B 375 -27.60 4.99 -61.24
CA THR B 375 -27.98 6.27 -61.86
C THR B 375 -29.08 6.07 -62.86
N GLY B 376 -29.72 7.16 -63.24
CA GLY B 376 -30.74 7.12 -64.27
C GLY B 376 -30.20 6.63 -65.60
N ALA B 377 -28.94 6.98 -65.89
CA ALA B 377 -28.32 6.62 -67.16
C ALA B 377 -28.18 5.10 -67.28
N GLN B 378 -27.87 4.45 -66.17
CA GLN B 378 -27.75 3.01 -66.13
C GLN B 378 -29.08 2.37 -66.46
N VAL B 379 -30.13 2.76 -65.75
CA VAL B 379 -31.44 2.17 -65.92
C VAL B 379 -31.99 2.47 -67.32
N ASN B 380 -31.66 3.64 -67.84
CA ASN B 380 -32.09 4.05 -69.19
C ASN B 380 -31.33 3.26 -70.26
N GLY B 381 -30.12 2.84 -69.95
CA GLY B 381 -29.38 1.92 -70.81
C GLY B 381 -30.06 0.56 -70.91
N VAL B 382 -30.43 0.01 -69.76
CA VAL B 382 -31.20 -1.23 -69.72
C VAL B 382 -32.51 -1.07 -70.49
N ILE B 383 -33.19 0.05 -70.28
CA ILE B 383 -34.47 0.31 -70.94
C ILE B 383 -34.27 0.41 -72.46
N ASN B 384 -33.12 0.96 -72.87
CA ASN B 384 -32.79 1.08 -74.29
C ASN B 384 -32.59 -0.29 -74.95
N LYS B 385 -31.90 -1.17 -74.24
CA LYS B 385 -31.73 -2.56 -74.69
C LYS B 385 -33.07 -3.26 -74.82
N LEU B 386 -33.90 -3.14 -73.79
CA LEU B 386 -35.18 -3.84 -73.73
C LEU B 386 -36.14 -3.30 -74.79
N HIS B 387 -36.05 -2.00 -75.05
CA HIS B 387 -36.90 -1.35 -76.08
C HIS B 387 -36.51 -1.81 -77.46
N ARG B 388 -35.20 -1.80 -77.73
CA ARG B 388 -34.68 -2.24 -79.02
C ARG B 388 -34.98 -3.72 -79.25
N SER B 389 -34.95 -4.50 -78.18
CA SER B 389 -35.27 -5.92 -78.25
C SER B 389 -36.74 -6.13 -78.61
N LEU B 390 -37.60 -5.25 -78.10
CA LEU B 390 -39.07 -5.40 -78.27
C LEU B 390 -39.48 -5.02 -79.68
N THR B 391 -38.85 -3.98 -80.21
CA THR B 391 -39.17 -3.50 -81.54
C THR B 391 -38.69 -4.47 -82.59
N GLU B 392 -37.52 -5.06 -82.35
CA GLU B 392 -36.87 -5.90 -83.35
C GLU B 392 -37.49 -7.31 -83.39
N GLN B 393 -37.67 -7.89 -82.21
CA GLN B 393 -38.37 -9.20 -82.08
C GLN B 393 -39.51 -9.10 -81.10
N GLY B 394 -40.58 -9.84 -81.37
CA GLY B 394 -41.75 -9.79 -80.54
C GLY B 394 -41.48 -10.35 -79.15
N VAL B 395 -42.54 -10.49 -78.37
CA VAL B 395 -42.40 -10.73 -76.94
C VAL B 395 -41.96 -12.19 -76.66
N ILE C 10 37.78 -47.29 -31.05
CA ILE C 10 36.30 -47.08 -31.08
C ILE C 10 35.95 -45.80 -31.81
N THR C 11 36.95 -44.98 -32.03
CA THR C 11 36.78 -43.78 -32.81
C THR C 11 36.67 -44.11 -34.29
N PRO C 12 35.59 -43.64 -34.95
CA PRO C 12 35.48 -43.72 -36.40
C PRO C 12 36.55 -42.88 -37.12
N PRO C 13 36.97 -43.33 -38.31
CA PRO C 13 37.93 -42.58 -39.15
C PRO C 13 37.51 -41.11 -39.35
N ASP C 14 38.48 -40.19 -39.23
CA ASP C 14 38.21 -38.74 -39.42
C ASP C 14 37.77 -38.45 -40.84
N THR C 15 38.18 -39.32 -41.77
CA THR C 15 37.77 -39.21 -43.16
C THR C 15 37.08 -40.49 -43.63
N PRO C 16 35.88 -40.36 -44.24
CA PRO C 16 35.11 -41.50 -44.74
C PRO C 16 35.92 -42.40 -45.66
N THR C 17 35.64 -43.71 -45.61
CA THR C 17 36.57 -44.72 -46.15
C THR C 17 36.32 -44.93 -47.64
N GLN C 18 35.10 -44.65 -48.09
CA GLN C 18 34.70 -44.94 -49.46
C GLN C 18 34.79 -43.70 -50.32
N ALA C 19 35.40 -43.84 -51.49
CA ALA C 19 35.57 -42.72 -52.41
C ALA C 19 34.39 -42.63 -53.36
N GLY C 20 33.79 -41.46 -53.43
CA GLY C 20 32.78 -41.17 -54.44
C GLY C 20 33.27 -40.21 -55.49
N PRO C 21 32.54 -40.11 -56.62
CA PRO C 21 32.92 -39.20 -57.72
C PRO C 21 32.97 -37.72 -57.27
N GLU C 22 33.83 -36.94 -57.91
CA GLU C 22 33.98 -35.49 -57.59
C GLU C 22 34.30 -35.28 -56.10
N ASN C 23 35.27 -36.05 -55.60
CA ASN C 23 35.87 -35.78 -54.29
C ASN C 23 34.80 -35.75 -53.18
N ILE C 24 33.81 -36.63 -53.29
CA ILE C 24 32.88 -36.87 -52.19
C ILE C 24 33.21 -38.18 -51.50
N PHE C 25 33.19 -38.16 -50.17
CA PHE C 25 33.57 -39.32 -49.38
C PHE C 25 32.41 -39.79 -48.51
N TYR C 26 32.00 -41.04 -48.69
CA TYR C 26 30.87 -41.60 -47.96
C TYR C 26 31.32 -42.83 -47.15
N ASP C 27 30.46 -43.25 -46.21
CA ASP C 27 30.91 -44.06 -45.07
C ASP C 27 29.70 -44.59 -44.30
N PHE C 28 29.88 -45.74 -43.66
CA PHE C 28 28.81 -46.36 -42.87
C PHE C 28 29.31 -46.74 -41.48
N ASN C 29 30.41 -46.13 -41.06
CA ASN C 29 30.79 -46.11 -39.66
C ASN C 29 30.08 -45.00 -38.90
N ASP C 30 29.61 -45.34 -37.70
CA ASP C 30 28.77 -44.39 -36.91
C ASP C 30 27.56 -43.90 -37.74
N GLY C 31 26.67 -44.82 -38.05
CA GLY C 31 25.59 -44.54 -38.97
C GLY C 31 26.09 -44.25 -40.36
N ALA C 32 25.19 -43.76 -41.21
CA ALA C 32 25.56 -43.38 -42.58
C ALA C 32 26.12 -41.95 -42.61
N ARG C 33 27.42 -41.83 -42.92
CA ARG C 33 28.07 -40.51 -43.01
C ARG C 33 28.39 -40.18 -44.45
N VAL C 34 28.38 -38.89 -44.78
CA VAL C 34 28.90 -38.43 -46.04
C VAL C 34 29.57 -37.06 -45.88
N LEU C 35 30.73 -36.89 -46.49
CA LEU C 35 31.47 -35.63 -46.43
C LEU C 35 31.63 -35.02 -47.85
N LEU C 36 30.98 -33.87 -48.10
CA LEU C 36 30.96 -33.25 -49.43
C LEU C 36 31.87 -32.01 -49.61
N PRO C 37 32.61 -31.99 -50.71
CA PRO C 37 33.52 -30.89 -51.07
C PRO C 37 32.81 -29.61 -51.52
N GLU C 38 33.51 -28.47 -51.45
CA GLU C 38 32.85 -27.17 -51.68
C GLU C 38 31.82 -27.27 -52.81
N GLY C 39 30.69 -26.61 -52.63
CA GLY C 39 29.69 -26.50 -53.68
C GLY C 39 28.30 -26.27 -53.11
N LYS C 40 27.28 -26.67 -53.87
CA LYS C 40 25.88 -26.54 -53.42
C LYS C 40 25.12 -27.87 -53.64
N TRP C 41 24.83 -28.56 -52.53
CA TRP C 41 24.41 -29.97 -52.59
C TRP C 41 23.04 -30.15 -51.95
N HIS C 42 22.30 -31.16 -52.43
CA HIS C 42 21.06 -31.59 -51.78
C HIS C 42 21.11 -33.09 -51.47
N VAL C 43 21.35 -33.43 -50.21
CA VAL C 43 21.69 -34.81 -49.82
C VAL C 43 20.46 -35.52 -49.22
N ARG C 44 20.24 -36.78 -49.63
CA ARG C 44 19.15 -37.58 -49.11
C ARG C 44 19.66 -38.89 -48.55
N LEU C 45 19.13 -39.27 -47.39
CA LEU C 45 19.34 -40.62 -46.86
C LEU C 45 18.03 -41.39 -46.81
N LEU C 46 18.02 -42.58 -47.40
CA LEU C 46 16.77 -43.38 -47.51
C LEU C 46 16.95 -44.74 -46.85
N ASP C 47 15.83 -45.36 -46.49
CA ASP C 47 15.83 -46.76 -46.06
C ASP C 47 15.51 -47.68 -47.24
N ALA C 48 16.52 -48.39 -47.72
CA ALA C 48 16.42 -49.11 -49.00
C ALA C 48 15.30 -50.18 -48.94
N ASP C 49 15.03 -50.68 -47.74
CA ASP C 49 14.05 -51.75 -47.56
C ASP C 49 12.63 -51.19 -47.68
N SER C 50 12.40 -50.02 -47.10
CA SER C 50 11.05 -49.42 -47.05
C SER C 50 10.93 -48.27 -48.08
N GLU C 51 12.08 -47.81 -48.59
CA GLU C 51 12.11 -46.71 -49.57
C GLU C 51 11.57 -45.40 -48.95
N ASN C 52 11.59 -45.33 -47.61
CA ASN C 52 11.27 -44.08 -46.89
C ASN C 52 12.45 -43.12 -46.92
N ILE C 53 12.15 -41.83 -47.09
CA ILE C 53 13.18 -40.80 -47.02
C ILE C 53 13.47 -40.42 -45.57
N LEU C 54 14.57 -40.95 -45.04
CA LEU C 54 14.90 -40.79 -43.61
C LEU C 54 15.32 -39.36 -43.32
N PHE C 55 16.19 -38.80 -44.18
CA PHE C 55 16.72 -37.45 -43.98
C PHE C 55 16.93 -36.74 -45.33
N CYS C 56 16.76 -35.43 -45.34
CA CYS C 56 16.82 -34.65 -46.57
C CYS C 56 17.04 -33.19 -46.26
N CYS C 57 18.10 -32.62 -46.84
CA CYS C 57 18.51 -31.26 -46.52
C CYS C 57 19.35 -30.67 -47.64
N ASP C 58 19.40 -29.34 -47.70
CA ASP C 58 20.30 -28.65 -48.59
C ASP C 58 21.53 -28.14 -47.82
N VAL C 59 22.70 -28.64 -48.18
CA VAL C 59 23.93 -28.32 -47.46
C VAL C 59 25.05 -27.95 -48.43
N ASP C 60 25.91 -27.03 -48.02
CA ASP C 60 26.99 -26.54 -48.87
C ASP C 60 28.30 -27.28 -48.57
N LYS C 61 28.54 -27.56 -47.30
CA LYS C 61 29.83 -28.02 -46.84
C LYS C 61 29.66 -28.97 -45.67
N GLY C 62 30.68 -29.74 -45.39
CA GLY C 62 30.85 -30.35 -44.09
C GLY C 62 30.23 -31.71 -44.01
N TRP C 63 29.77 -32.09 -42.82
CA TRP C 63 29.33 -33.45 -42.56
C TRP C 63 27.81 -33.57 -42.73
N VAL C 64 27.36 -34.74 -43.19
CA VAL C 64 25.95 -35.13 -43.07
C VAL C 64 25.84 -36.59 -42.58
N THR C 65 25.31 -36.77 -41.38
CA THR C 65 25.19 -38.09 -40.78
C THR C 65 23.72 -38.39 -40.44
N SER C 66 23.37 -39.68 -40.48
CA SER C 66 22.04 -40.11 -40.04
C SER C 66 21.95 -40.11 -38.52
N SER C 67 20.78 -39.75 -37.99
CA SER C 67 20.56 -39.73 -36.55
C SER C 67 20.56 -41.15 -35.99
N LYS C 68 20.14 -42.10 -36.81
CA LYS C 68 20.13 -43.52 -36.42
C LYS C 68 21.51 -44.15 -36.67
N LYS C 69 22.03 -44.86 -35.66
CA LYS C 69 23.40 -45.39 -35.72
C LYS C 69 23.39 -46.92 -35.87
N TYR C 70 22.29 -47.54 -35.43
CA TYR C 70 22.13 -49.00 -35.53
C TYR C 70 21.94 -49.41 -36.99
N PHE C 71 21.85 -50.71 -37.22
CA PHE C 71 21.90 -51.25 -38.57
C PHE C 71 20.68 -50.81 -39.36
N VAL C 72 20.91 -50.06 -40.41
CA VAL C 72 19.87 -49.78 -41.40
C VAL C 72 20.46 -49.79 -42.80
N ARG C 73 19.87 -50.59 -43.68
CA ARG C 73 20.33 -50.70 -45.05
C ARG C 73 20.22 -49.37 -45.76
N PHE C 74 21.12 -48.44 -45.42
CA PHE C 74 21.00 -47.06 -45.84
C PHE C 74 21.15 -46.94 -47.35
N ARG C 75 20.54 -45.90 -47.92
CA ARG C 75 20.80 -45.54 -49.30
C ARG C 75 21.10 -44.06 -49.41
N ILE C 76 22.35 -43.74 -49.75
CA ILE C 76 22.80 -42.37 -49.77
C ILE C 76 22.67 -41.78 -51.19
N GLN C 77 22.02 -40.62 -51.29
CA GLN C 77 21.90 -39.90 -52.57
C GLN C 77 22.42 -38.48 -52.45
N VAL C 78 23.32 -38.10 -53.36
CA VAL C 78 23.85 -36.75 -53.39
C VAL C 78 23.40 -36.02 -54.66
N PHE C 79 22.64 -34.94 -54.48
CA PHE C 79 22.16 -34.14 -55.61
C PHE C 79 23.00 -32.88 -55.79
N ARG C 80 23.14 -32.44 -57.04
CA ARG C 80 23.28 -31.01 -57.33
C ARG C 80 21.95 -30.28 -57.16
N GLN C 81 22.01 -29.03 -56.70
CA GLN C 81 20.84 -28.36 -56.10
C GLN C 81 19.80 -27.98 -57.17
N GLY C 82 19.76 -28.75 -58.23
CA GLY C 82 18.77 -28.55 -59.28
C GLY C 82 18.70 -29.73 -60.21
N GLU C 83 19.50 -30.77 -59.90
CA GLU C 83 19.65 -31.88 -60.81
C GLU C 83 18.50 -32.86 -60.65
N GLU C 84 18.16 -33.54 -61.73
CA GLU C 84 17.12 -34.55 -61.70
C GLU C 84 17.67 -35.87 -61.13
N THR C 85 18.78 -36.34 -61.70
CA THR C 85 19.38 -37.61 -61.27
C THR C 85 20.50 -37.37 -60.20
N PRO C 86 20.82 -38.41 -59.42
CA PRO C 86 21.86 -38.32 -58.37
C PRO C 86 23.26 -38.38 -58.96
N LEU C 87 24.14 -37.50 -58.48
CA LEU C 87 25.59 -37.65 -58.70
C LEU C 87 26.09 -38.96 -58.05
N LEU C 88 25.76 -39.15 -56.77
CA LEU C 88 26.11 -40.38 -56.05
C LEU C 88 24.86 -41.08 -55.55
N ASP C 89 24.78 -42.38 -55.77
CA ASP C 89 23.65 -43.18 -55.32
C ASP C 89 24.11 -44.55 -54.89
N GLU C 90 24.48 -44.67 -53.62
CA GLU C 90 25.11 -45.89 -53.13
C GLU C 90 24.28 -46.48 -51.99
N THR C 91 23.95 -47.77 -52.12
CA THR C 91 23.20 -48.48 -51.09
C THR C 91 24.12 -49.44 -50.31
N LEU C 92 23.89 -49.55 -49.02
CA LEU C 92 24.73 -50.38 -48.15
C LEU C 92 24.75 -51.84 -48.65
N LYS C 93 25.94 -52.39 -48.82
CA LYS C 93 26.10 -53.78 -49.27
C LYS C 93 27.35 -54.39 -48.67
N LEU C 94 27.17 -55.39 -47.80
CA LEU C 94 28.16 -55.69 -46.77
C LEU C 94 28.97 -56.96 -47.13
N LYS C 95 28.57 -57.63 -48.22
CA LYS C 95 29.19 -58.91 -48.60
C LYS C 95 30.66 -58.72 -48.94
N ASP C 96 31.52 -59.49 -48.29
CA ASP C 96 32.96 -59.45 -48.58
C ASP C 96 33.52 -58.06 -48.31
N ARG C 97 32.93 -57.36 -47.32
CA ARG C 97 33.40 -56.02 -46.95
C ARG C 97 33.88 -56.00 -45.49
N PRO C 98 34.82 -55.11 -45.17
CA PRO C 98 35.35 -54.95 -43.80
C PRO C 98 34.33 -54.33 -42.88
N VAL C 99 33.81 -55.13 -41.96
CA VAL C 99 32.81 -54.66 -40.98
C VAL C 99 33.36 -54.76 -39.55
N LEU C 100 33.21 -53.69 -38.78
CA LEU C 100 33.78 -53.63 -37.46
C LEU C 100 32.68 -53.52 -36.41
N ILE C 101 32.56 -54.55 -35.57
CA ILE C 101 31.61 -54.53 -34.43
C ILE C 101 32.34 -54.25 -33.13
N SER C 102 31.96 -53.18 -32.45
CA SER C 102 32.69 -52.72 -31.30
C SER C 102 31.88 -52.93 -30.04
N PHE C 103 32.37 -53.82 -29.17
CA PHE C 103 31.86 -53.90 -27.80
C PHE C 103 32.72 -53.06 -26.85
N PRO C 104 32.12 -52.62 -25.72
CA PRO C 104 32.84 -51.90 -24.69
C PRO C 104 33.79 -52.79 -23.92
N THR C 105 34.80 -52.19 -23.32
CA THR C 105 35.72 -52.93 -22.45
C THR C 105 34.99 -53.54 -21.34
N GLY C 106 34.57 -54.76 -21.53
CA GLY C 106 33.25 -55.13 -21.23
C GLY C 106 33.10 -55.61 -19.82
N THR C 107 31.90 -55.72 -19.38
CA THR C 107 31.57 -56.65 -18.40
C THR C 107 31.32 -58.00 -19.01
N LEU C 108 31.36 -59.02 -18.21
CA LEU C 108 31.41 -60.33 -18.69
C LEU C 108 30.12 -60.71 -19.34
N GLY C 109 29.08 -60.82 -18.54
CA GLY C 109 27.87 -61.43 -18.98
C GLY C 109 27.27 -60.71 -20.15
N ALA C 110 27.53 -59.43 -20.23
CA ALA C 110 27.00 -58.64 -21.27
C ALA C 110 27.57 -59.07 -22.61
N LEU C 111 28.86 -59.40 -22.62
CA LEU C 111 29.51 -59.81 -23.83
C LEU C 111 29.09 -61.20 -24.24
N LEU C 112 28.95 -62.09 -23.25
CA LEU C 112 28.51 -63.49 -23.51
C LEU C 112 27.10 -63.51 -24.04
N GLY C 113 26.29 -62.56 -23.61
CA GLY C 113 24.93 -62.48 -24.04
C GLY C 113 24.81 -61.91 -25.43
N TRP C 114 25.70 -60.97 -25.78
CA TRP C 114 25.57 -60.20 -27.01
C TRP C 114 26.09 -61.00 -28.21
N PHE C 115 27.17 -61.74 -28.01
CA PHE C 115 28.13 -62.01 -29.09
C PHE C 115 27.52 -62.99 -30.13
N PRO C 116 26.58 -63.85 -29.69
CA PRO C 116 25.93 -64.80 -30.60
C PRO C 116 25.13 -64.10 -31.69
N TYR C 117 24.79 -62.83 -31.45
CA TYR C 117 24.12 -62.02 -32.46
C TYR C 117 25.14 -61.51 -33.51
N ALA C 118 26.38 -61.32 -33.07
CA ALA C 118 27.45 -60.88 -33.96
C ALA C 118 27.76 -61.94 -35.00
N GLU C 119 27.69 -63.21 -34.60
CA GLU C 119 27.92 -64.34 -35.52
C GLU C 119 26.78 -64.44 -36.53
N ARG C 120 25.56 -64.23 -36.06
CA ARG C 120 24.38 -64.24 -36.94
C ARG C 120 24.47 -63.13 -37.97
N PHE C 121 25.02 -61.99 -37.55
CA PHE C 121 25.20 -60.85 -38.46
C PHE C 121 26.21 -61.19 -39.55
N GLN C 122 27.15 -62.06 -39.23
CA GLN C 122 28.19 -62.45 -40.17
C GLN C 122 27.64 -63.51 -41.15
N SER C 123 26.89 -64.48 -40.60
CA SER C 123 26.35 -65.58 -41.43
C SER C 123 25.30 -65.05 -42.41
N LEU C 124 24.61 -64.00 -42.01
CA LEU C 124 23.54 -63.46 -42.80
C LEU C 124 24.09 -62.67 -43.98
N HIS C 125 25.09 -61.82 -43.70
CA HIS C 125 25.56 -60.81 -44.70
C HIS C 125 26.85 -61.30 -45.40
N LYS C 126 27.44 -62.37 -44.88
CA LYS C 126 28.65 -62.95 -45.48
C LYS C 126 29.75 -61.91 -45.60
N CYS C 127 29.97 -61.16 -44.53
CA CYS C 127 30.95 -60.08 -44.53
C CYS C 127 32.23 -60.52 -43.85
N ARG C 128 33.26 -59.67 -43.90
CA ARG C 128 34.52 -59.92 -43.19
C ARG C 128 34.53 -59.16 -41.88
N LEU C 129 34.27 -59.87 -40.79
CA LEU C 129 33.87 -59.24 -39.53
C LEU C 129 35.04 -59.22 -38.55
N GLU C 130 35.27 -58.06 -37.92
CA GLU C 130 36.22 -57.95 -36.81
C GLU C 130 35.55 -57.36 -35.58
N CYS C 131 35.72 -58.03 -34.44
CA CYS C 131 35.11 -57.58 -33.19
C CYS C 131 36.17 -57.06 -32.24
N THR C 132 35.83 -56.00 -31.51
CA THR C 132 36.75 -55.41 -30.53
C THR C 132 36.21 -55.60 -29.09
N MET C 133 37.03 -56.19 -28.23
CA MET C 133 36.65 -56.42 -26.84
C MET C 133 37.89 -56.64 -25.98
N SER C 134 37.69 -56.86 -24.69
CA SER C 134 38.82 -57.09 -23.76
C SER C 134 39.47 -58.47 -24.02
N GLN C 135 40.72 -58.61 -23.60
CA GLN C 135 41.59 -59.71 -24.08
C GLN C 135 41.09 -61.06 -23.55
N ASP C 136 40.62 -61.06 -22.29
CA ASP C 136 40.22 -62.31 -21.61
C ASP C 136 39.05 -62.97 -22.34
N ILE C 137 38.10 -62.17 -22.79
CA ILE C 137 36.95 -62.67 -23.55
C ILE C 137 37.40 -63.23 -24.91
N ILE C 138 38.40 -62.57 -25.51
CA ILE C 138 38.98 -63.05 -26.76
C ILE C 138 39.60 -64.41 -26.56
N ASP C 139 40.31 -64.58 -25.45
CA ASP C 139 40.97 -65.86 -25.14
C ASP C 139 39.94 -66.95 -24.91
N LEU C 140 38.73 -66.55 -24.54
CA LEU C 140 37.68 -67.50 -24.20
C LEU C 140 36.93 -67.96 -25.46
N LEU C 141 36.77 -67.06 -26.41
CA LEU C 141 35.78 -67.23 -27.49
C LEU C 141 36.49 -67.57 -28.83
N ALA C 142 37.71 -67.06 -29.00
CA ALA C 142 38.29 -66.88 -30.34
C ALA C 142 38.44 -68.24 -31.07
N PRO C 143 38.96 -69.27 -30.35
CA PRO C 143 39.24 -70.57 -30.94
C PRO C 143 38.00 -71.22 -31.57
N GLN C 144 36.82 -70.94 -31.01
CA GLN C 144 35.58 -71.60 -31.45
C GLN C 144 34.95 -70.84 -32.63
N TYR C 145 35.28 -69.55 -32.74
CA TYR C 145 34.78 -68.71 -33.85
C TYR C 145 35.94 -68.29 -34.76
N PRO C 146 36.39 -69.20 -35.62
CA PRO C 146 37.49 -68.93 -36.53
C PRO C 146 37.13 -67.92 -37.62
N GLN C 147 35.84 -67.84 -37.95
CA GLN C 147 35.37 -67.04 -39.09
C GLN C 147 35.37 -65.56 -38.74
N ILE C 148 35.43 -65.26 -37.45
CA ILE C 148 35.45 -63.88 -36.98
C ILE C 148 36.83 -63.53 -36.41
N GLN C 149 37.32 -62.34 -36.75
CA GLN C 149 38.62 -61.88 -36.29
C GLN C 149 38.49 -61.05 -35.02
N PHE C 150 39.23 -61.44 -33.99
CA PHE C 150 39.12 -60.78 -32.68
C PHE C 150 40.29 -59.81 -32.47
N SER C 151 40.02 -58.70 -31.80
CA SER C 151 41.03 -57.67 -31.57
C SER C 151 40.65 -56.80 -30.41
N THR C 152 41.64 -56.15 -29.81
CA THR C 152 41.38 -55.21 -28.72
C THR C 152 41.08 -53.83 -29.26
N PRO C 153 40.40 -52.99 -28.44
CA PRO C 153 39.96 -51.67 -28.89
C PRO C 153 41.14 -50.77 -29.39
N ASP C 154 42.29 -50.92 -28.74
CA ASP C 154 43.44 -50.01 -29.00
C ASP C 154 44.26 -50.51 -30.23
N LYS C 155 44.02 -51.76 -30.64
CA LYS C 155 44.78 -52.37 -31.76
C LYS C 155 43.83 -53.07 -32.75
N PRO C 156 43.00 -52.29 -33.47
CA PRO C 156 42.16 -52.80 -34.54
C PRO C 156 42.93 -53.01 -35.87
N ARG C 157 42.66 -54.13 -36.55
CA ARG C 157 43.50 -54.57 -37.66
C ARG C 157 42.94 -54.05 -39.02
N THR C 158 41.70 -53.58 -39.01
CA THR C 158 41.03 -53.09 -40.25
C THR C 158 41.35 -51.59 -40.50
N VAL C 159 41.55 -50.85 -39.42
CA VAL C 159 41.88 -49.39 -39.51
C VAL C 159 40.80 -48.62 -40.39
N ALA C 160 40.60 -49.09 -41.64
CA ALA C 160 39.61 -48.43 -42.59
C ALA C 160 38.46 -49.39 -42.94
N PRO C 161 37.35 -49.31 -42.17
CA PRO C 161 36.26 -50.23 -42.28
C PRO C 161 35.11 -49.66 -43.11
N TYR C 162 34.36 -50.55 -43.76
CA TYR C 162 33.24 -50.14 -44.60
C TYR C 162 32.05 -49.73 -43.74
N ALA C 163 31.77 -50.52 -42.71
CA ALA C 163 30.66 -50.25 -41.79
C ALA C 163 31.03 -50.61 -40.35
N THR C 164 30.63 -49.76 -39.41
CA THR C 164 30.88 -50.00 -38.00
C THR C 164 29.57 -49.96 -37.20
N TYR C 165 29.47 -50.84 -36.21
CA TYR C 165 28.30 -50.90 -35.37
C TYR C 165 28.69 -51.11 -33.93
N ARG C 166 28.10 -50.31 -33.05
CA ARG C 166 28.56 -50.22 -31.68
C ARG C 166 27.50 -50.76 -30.72
N VAL C 167 27.62 -52.04 -30.38
CA VAL C 167 26.69 -52.67 -29.48
C VAL C 167 26.99 -52.26 -28.04
N GLY C 168 25.96 -51.85 -27.31
CA GLY C 168 26.10 -51.48 -25.90
C GLY C 168 24.76 -51.20 -25.22
N LEU C 169 24.81 -50.94 -23.92
CA LEU C 169 23.64 -50.43 -23.21
C LEU C 169 23.59 -48.91 -23.30
N TYR C 170 22.43 -48.40 -23.74
CA TYR C 170 22.22 -46.96 -23.83
C TYR C 170 20.99 -46.55 -23.01
N PHE C 171 21.23 -45.80 -21.96
CA PHE C 171 20.20 -45.52 -20.97
C PHE C 171 19.45 -44.25 -21.33
N GLY C 172 18.50 -43.86 -20.48
CA GLY C 172 17.74 -42.64 -20.68
C GLY C 172 16.75 -42.76 -21.82
N GLY C 173 16.53 -44.00 -22.27
CA GLY C 173 15.57 -44.26 -23.33
C GLY C 173 16.09 -43.84 -24.69
N ASP C 174 17.39 -43.97 -24.89
CA ASP C 174 18.01 -43.66 -26.17
C ASP C 174 17.39 -44.50 -27.30
N THR C 175 17.10 -43.85 -28.42
CA THR C 175 16.44 -44.53 -29.56
C THR C 175 17.17 -44.22 -30.88
N ASN C 176 18.40 -43.70 -30.76
CA ASN C 176 19.19 -43.32 -31.93
C ASN C 176 20.33 -44.30 -32.18
N ASN C 177 20.89 -44.83 -31.09
CA ASN C 177 21.95 -45.85 -31.20
C ASN C 177 21.38 -47.26 -31.03
N GLN C 178 20.13 -47.35 -30.55
CA GLN C 178 19.42 -48.64 -30.48
C GLN C 178 17.97 -48.45 -30.86
N PRO C 179 17.43 -49.38 -31.67
CA PRO C 179 16.06 -49.29 -32.19
C PRO C 179 15.04 -49.19 -31.08
N VAL C 180 15.15 -50.06 -30.08
CA VAL C 180 14.25 -50.03 -28.93
C VAL C 180 15.03 -49.89 -27.65
N ASP C 181 14.40 -49.30 -26.65
CA ASP C 181 14.95 -49.27 -25.31
C ASP C 181 15.19 -50.68 -24.80
N PHE C 182 16.40 -50.94 -24.33
CA PHE C 182 16.83 -52.29 -24.03
C PHE C 182 16.07 -52.86 -22.84
N ARG C 183 15.38 -51.99 -22.12
CA ARG C 183 14.63 -52.40 -20.95
C ARG C 183 13.33 -53.07 -21.37
N LYS C 184 12.98 -52.93 -22.64
CA LYS C 184 11.69 -53.40 -23.14
C LYS C 184 11.82 -54.80 -23.77
N VAL C 185 13.03 -55.12 -24.24
CA VAL C 185 13.27 -56.38 -24.97
C VAL C 185 14.30 -57.23 -24.25
N GLY C 186 14.96 -56.65 -23.26
CA GLY C 186 16.06 -57.33 -22.55
C GLY C 186 17.42 -56.89 -23.06
N PHE C 187 18.36 -56.72 -22.13
CA PHE C 187 19.60 -55.99 -22.42
C PHE C 187 20.43 -56.72 -23.47
N HIS C 188 20.29 -58.03 -23.52
CA HIS C 188 21.15 -58.87 -24.35
C HIS C 188 20.54 -59.07 -25.72
N ARG C 189 19.22 -59.14 -25.76
CA ARG C 189 18.51 -59.22 -27.03
C ARG C 189 18.67 -57.92 -27.82
N SER C 190 18.93 -56.83 -27.10
CA SER C 190 19.06 -55.50 -27.73
C SER C 190 20.09 -55.54 -28.83
N ALA C 191 21.16 -56.30 -28.61
CA ALA C 191 22.21 -56.44 -29.62
C ALA C 191 21.64 -56.97 -30.92
N GLY C 192 20.80 -57.99 -30.83
CA GLY C 192 20.12 -58.55 -32.00
C GLY C 192 19.29 -57.50 -32.73
N TYR C 193 18.66 -56.62 -31.97
CA TYR C 193 17.86 -55.55 -32.54
C TYR C 193 18.76 -54.51 -33.22
N ILE C 194 19.92 -54.23 -32.61
CA ILE C 194 20.86 -53.23 -33.14
C ILE C 194 21.44 -53.68 -34.46
N LEU C 195 21.72 -54.98 -34.56
CA LEU C 195 22.33 -55.55 -35.76
C LEU C 195 21.25 -56.04 -36.75
N GLY C 196 19.99 -55.98 -36.32
CA GLY C 196 18.88 -56.35 -37.17
C GLY C 196 18.92 -57.81 -37.58
N VAL C 197 19.14 -58.69 -36.61
CA VAL C 197 19.11 -60.12 -36.84
C VAL C 197 18.10 -60.79 -35.94
N ASP C 198 18.05 -62.11 -35.99
CA ASP C 198 17.18 -62.87 -35.09
C ASP C 198 17.52 -62.55 -33.64
N PRO C 199 16.56 -61.92 -32.93
CA PRO C 199 16.80 -61.37 -31.60
C PRO C 199 16.80 -62.44 -30.51
N ARG C 200 16.39 -63.65 -30.88
CA ARG C 200 16.20 -64.73 -29.89
C ARG C 200 17.51 -65.12 -29.27
N GLU C 201 17.51 -65.31 -27.95
CA GLU C 201 18.75 -65.46 -27.19
C GLU C 201 19.44 -66.75 -27.54
N ALA C 202 20.74 -66.79 -27.34
CA ALA C 202 21.50 -68.00 -27.51
C ALA C 202 22.76 -67.97 -26.65
N PRO C 203 23.33 -69.15 -26.38
CA PRO C 203 24.57 -69.26 -25.65
C PRO C 203 25.78 -69.31 -26.58
N VAL C 204 26.87 -68.70 -26.14
CA VAL C 204 28.13 -68.77 -26.88
C VAL C 204 28.70 -70.17 -26.85
N ARG C 205 29.55 -70.49 -27.81
CA ARG C 205 30.19 -71.80 -27.87
C ARG C 205 31.56 -71.77 -27.21
N LEU C 206 31.76 -72.68 -26.26
CA LEU C 206 32.96 -72.67 -25.44
C LEU C 206 33.78 -73.93 -25.67
N ASP C 207 34.93 -74.02 -25.00
CA ASP C 207 35.72 -75.25 -25.00
C ASP C 207 35.29 -76.16 -23.87
N LEU C 208 34.50 -77.17 -24.20
CA LEU C 208 33.90 -78.04 -23.18
C LEU C 208 34.58 -79.43 -23.20
N SER C 209 35.85 -79.44 -23.56
CA SER C 209 36.58 -80.71 -23.75
C SER C 209 37.34 -81.09 -22.49
N ALA C 210 37.38 -80.18 -21.52
CA ALA C 210 38.20 -80.36 -20.32
C ALA C 210 37.68 -81.52 -19.49
N PRO C 211 38.59 -82.40 -19.05
CA PRO C 211 38.24 -83.60 -18.28
C PRO C 211 37.86 -83.25 -16.85
N ARG C 212 37.06 -84.11 -16.23
CA ARG C 212 36.60 -83.89 -14.87
C ARG C 212 37.77 -84.01 -13.90
N VAL C 213 37.86 -83.06 -12.98
CA VAL C 213 38.93 -83.06 -11.98
C VAL C 213 38.40 -83.57 -10.65
N ILE C 214 37.27 -83.02 -10.20
CA ILE C 214 36.70 -83.36 -8.89
C ILE C 214 35.65 -84.45 -9.03
N GLN C 215 35.86 -85.56 -8.31
CA GLN C 215 35.08 -86.77 -8.54
C GLN C 215 33.69 -86.63 -7.96
N GLU C 216 33.62 -86.15 -6.71
CA GLU C 216 32.34 -86.04 -6.00
C GLU C 216 31.46 -84.98 -6.67
N PRO C 217 30.12 -85.21 -6.66
CA PRO C 217 29.14 -84.21 -7.12
C PRO C 217 29.23 -82.92 -6.35
N TYR C 218 29.24 -81.79 -7.07
CA TYR C 218 29.49 -80.48 -6.44
C TYR C 218 28.67 -79.40 -7.11
N VAL C 219 28.43 -78.30 -6.39
CA VAL C 219 27.67 -77.20 -6.91
C VAL C 219 28.49 -75.92 -6.89
N CYS C 220 28.39 -75.16 -7.97
CA CYS C 220 29.08 -73.86 -8.04
C CYS C 220 28.12 -72.72 -7.73
N ILE C 221 28.61 -71.74 -7.00
CA ILE C 221 27.80 -70.60 -6.61
C ILE C 221 28.56 -69.30 -6.81
N ALA C 222 27.82 -68.23 -7.12
CA ALA C 222 28.40 -66.91 -7.27
C ALA C 222 27.61 -65.87 -6.46
N THR C 223 28.25 -65.27 -5.47
CA THR C 223 27.54 -64.44 -4.48
C THR C 223 27.83 -62.95 -4.72
N GLN C 224 28.77 -62.66 -5.62
CA GLN C 224 29.26 -61.28 -5.82
C GLN C 224 28.65 -60.67 -7.09
N SER C 225 28.49 -59.35 -7.08
CA SER C 225 28.12 -58.61 -8.31
C SER C 225 28.67 -57.18 -8.24
N THR C 226 28.22 -56.34 -9.16
CA THR C 226 28.82 -55.01 -9.35
C THR C 226 28.07 -53.95 -8.52
N CYS C 227 26.79 -54.20 -8.29
CA CYS C 227 25.97 -53.28 -7.48
C CYS C 227 25.09 -54.07 -6.51
N GLN C 228 24.76 -53.44 -5.38
CA GLN C 228 24.27 -54.19 -4.21
C GLN C 228 22.89 -54.75 -4.48
N ALA C 229 22.18 -54.12 -5.40
CA ALA C 229 20.82 -54.52 -5.70
C ALA C 229 20.78 -55.96 -6.22
N LYS C 230 21.85 -56.36 -6.93
CA LYS C 230 21.88 -57.67 -7.59
C LYS C 230 22.24 -58.77 -6.61
N TYR C 231 22.79 -58.37 -5.47
CA TYR C 231 23.13 -59.34 -4.41
C TYR C 231 21.85 -59.95 -3.82
N TRP C 232 22.00 -61.10 -3.20
CA TRP C 232 20.91 -61.70 -2.45
C TRP C 232 20.90 -61.17 -1.00
N ASN C 233 20.07 -60.16 -0.75
CA ASN C 233 20.20 -59.33 0.46
C ASN C 233 19.47 -59.95 1.65
N ASN C 234 18.99 -61.18 1.46
CA ASN C 234 18.40 -61.94 2.56
C ASN C 234 19.44 -62.35 3.58
N GLY C 235 19.07 -62.27 4.85
CA GLY C 235 20.03 -62.41 5.92
C GLY C 235 20.63 -63.80 5.97
N THR C 236 19.78 -64.80 5.91
CA THR C 236 20.19 -66.17 6.18
C THR C 236 20.08 -67.02 4.90
N GLY C 237 19.92 -66.35 3.75
CA GLY C 237 19.72 -67.05 2.49
C GLY C 237 20.85 -68.01 2.19
N TRP C 238 22.02 -67.49 1.92
CA TRP C 238 23.10 -68.28 1.36
C TRP C 238 23.53 -69.35 2.34
N SER C 239 23.38 -69.07 3.63
CA SER C 239 23.77 -70.02 4.67
C SER C 239 22.85 -71.23 4.67
N GLU C 240 21.55 -70.99 4.56
CA GLU C 240 20.55 -72.07 4.53
C GLU C 240 20.70 -72.89 3.26
N VAL C 241 21.00 -72.21 2.16
CA VAL C 241 21.12 -72.88 0.86
C VAL C 241 22.35 -73.79 0.82
N ILE C 242 23.47 -73.28 1.33
CA ILE C 242 24.71 -74.04 1.36
C ILE C 242 24.58 -75.25 2.28
N ALA C 243 23.95 -75.04 3.43
CA ALA C 243 23.70 -76.13 4.38
C ALA C 243 22.83 -77.20 3.75
N HIS C 244 21.78 -76.77 3.07
CA HIS C 244 20.86 -77.70 2.42
C HIS C 244 21.57 -78.49 1.31
N LEU C 245 22.41 -77.80 0.55
CA LEU C 245 23.18 -78.44 -0.52
C LEU C 245 24.09 -79.52 0.06
N LYS C 246 24.69 -79.23 1.20
CA LYS C 246 25.60 -80.18 1.85
C LYS C 246 24.83 -81.37 2.38
N SER C 247 23.57 -81.13 2.77
CA SER C 247 22.72 -82.19 3.28
C SER C 247 22.23 -83.10 2.14
N LEU C 248 22.39 -82.61 0.91
CA LEU C 248 22.00 -83.39 -0.26
C LEU C 248 23.22 -84.09 -0.87
N GLY C 249 24.36 -83.94 -0.22
CA GLY C 249 25.58 -84.65 -0.63
C GLY C 249 26.33 -83.93 -1.73
N TYR C 250 26.22 -82.60 -1.74
CA TYR C 250 26.96 -81.77 -2.68
C TYR C 250 28.10 -81.06 -1.98
N ARG C 251 29.23 -80.93 -2.67
CA ARG C 251 30.26 -79.97 -2.29
C ARG C 251 29.95 -78.60 -2.90
N VAL C 252 30.17 -77.55 -2.11
CA VAL C 252 29.79 -76.19 -2.52
C VAL C 252 31.02 -75.32 -2.70
N MET C 253 31.09 -74.63 -3.85
CA MET C 253 32.29 -73.87 -4.22
C MET C 253 31.92 -72.51 -4.75
N CYS C 254 32.50 -71.46 -4.17
CA CYS C 254 32.31 -70.11 -4.66
C CYS C 254 33.38 -69.75 -5.69
N ILE C 255 32.94 -69.28 -6.86
CA ILE C 255 33.85 -69.03 -7.99
C ILE C 255 33.82 -67.57 -8.39
N ASP C 256 33.47 -66.70 -7.45
CA ASP C 256 33.53 -65.24 -7.67
C ASP C 256 34.97 -64.80 -7.84
N ARG C 257 35.16 -63.71 -8.55
CA ARG C 257 36.48 -63.15 -8.75
C ARG C 257 37.04 -62.63 -7.46
N ASP C 258 36.18 -61.97 -6.68
CA ASP C 258 36.61 -61.38 -5.40
C ASP C 258 35.95 -62.12 -4.23
N ALA C 259 36.72 -62.34 -3.17
CA ALA C 259 36.19 -62.93 -1.95
C ALA C 259 35.46 -61.89 -1.14
N HIS C 260 35.89 -60.64 -1.25
CA HIS C 260 35.23 -59.53 -0.56
C HIS C 260 35.04 -58.35 -1.51
N TYR C 261 33.82 -57.82 -1.54
CA TYR C 261 33.50 -56.73 -2.44
C TYR C 261 32.37 -55.89 -1.87
N GLY C 262 32.47 -54.58 -2.04
CA GLY C 262 31.46 -53.67 -1.55
C GLY C 262 31.97 -52.25 -1.49
N GLN C 263 31.16 -51.37 -0.92
CA GLN C 263 31.54 -49.98 -0.78
C GLN C 263 31.19 -49.47 0.62
N GLY C 264 31.73 -48.30 0.98
CA GLY C 264 31.48 -47.72 2.29
C GLY C 264 31.55 -48.74 3.41
N PHE C 265 30.41 -48.99 4.05
CA PHE C 265 30.35 -49.94 5.17
C PHE C 265 29.67 -51.23 4.76
N VAL C 266 28.99 -51.18 3.62
CA VAL C 266 28.34 -52.37 3.09
C VAL C 266 29.32 -53.23 2.34
N TRP C 267 29.62 -54.40 2.91
CA TRP C 267 30.64 -55.29 2.35
C TRP C 267 30.15 -56.72 2.31
N ASN C 268 30.33 -57.38 1.17
CA ASN C 268 29.86 -58.75 0.99
C ASN C 268 31.02 -59.73 0.89
N HIS C 269 30.96 -60.79 1.69
CA HIS C 269 32.07 -61.75 1.78
C HIS C 269 31.61 -63.14 1.33
N ILE C 270 32.55 -63.93 0.83
CA ILE C 270 32.28 -65.33 0.51
C ILE C 270 31.71 -66.07 1.72
N PRO C 271 30.52 -66.64 1.56
CA PRO C 271 29.77 -67.22 2.68
C PRO C 271 30.49 -68.35 3.37
N TRP C 272 30.40 -68.40 4.69
CA TRP C 272 31.03 -69.45 5.47
C TRP C 272 30.48 -70.80 5.07
N GLY C 273 31.36 -71.75 4.89
CA GLY C 273 30.96 -73.12 4.53
C GLY C 273 31.22 -73.43 3.07
N ALA C 274 31.34 -72.39 2.26
CA ALA C 274 31.65 -72.55 0.85
C ALA C 274 33.16 -72.63 0.64
N GLU C 275 33.59 -73.54 -0.22
CA GLU C 275 35.00 -73.68 -0.56
C GLU C 275 35.49 -72.47 -1.31
N ASP C 276 36.75 -72.11 -1.10
CA ASP C 276 37.31 -70.90 -1.70
C ASP C 276 37.95 -71.21 -3.04
N PHE C 277 37.17 -71.07 -4.09
CA PHE C 277 37.71 -71.12 -5.44
C PHE C 277 37.66 -69.75 -6.07
N THR C 278 37.85 -68.72 -5.25
CA THR C 278 37.81 -67.33 -5.72
C THR C 278 39.15 -66.92 -6.29
N GLY C 279 39.22 -65.69 -6.79
CA GLY C 279 40.47 -65.15 -7.31
C GLY C 279 40.33 -64.68 -8.74
N LYS C 280 41.36 -64.00 -9.24
CA LYS C 280 41.40 -63.58 -10.64
C LYS C 280 42.06 -64.64 -11.50
N LEU C 281 41.27 -65.59 -11.96
CA LEU C 281 41.76 -66.62 -12.85
C LEU C 281 41.24 -66.41 -14.25
N PRO C 282 41.95 -66.97 -15.26
CA PRO C 282 41.46 -67.00 -16.65
C PRO C 282 40.16 -67.75 -16.78
N LEU C 283 39.25 -67.23 -17.60
CA LEU C 283 37.88 -67.67 -17.61
C LEU C 283 37.79 -69.15 -17.99
N GLN C 284 38.77 -69.62 -18.75
CA GLN C 284 38.73 -70.97 -19.29
C GLN C 284 38.75 -72.00 -18.17
N GLU C 285 39.45 -71.67 -17.09
CA GLU C 285 39.51 -72.55 -15.91
C GLU C 285 38.14 -72.59 -15.20
N ARG C 286 37.46 -71.46 -15.19
CA ARG C 286 36.12 -71.39 -14.61
C ARG C 286 35.14 -72.22 -15.42
N VAL C 287 35.30 -72.19 -16.74
CA VAL C 287 34.50 -73.02 -17.61
C VAL C 287 34.77 -74.49 -17.34
N ASN C 288 36.04 -74.83 -17.13
CA ASN C 288 36.43 -76.20 -16.87
C ASN C 288 35.84 -76.72 -15.58
N LEU C 289 35.81 -75.86 -14.56
CA LEU C 289 35.26 -76.23 -13.26
C LEU C 289 33.74 -76.30 -13.30
N LEU C 290 33.14 -75.42 -14.10
CA LEU C 290 31.70 -75.27 -14.11
C LEU C 290 31.05 -76.42 -14.86
N ARG C 291 31.74 -76.91 -15.90
CA ARG C 291 31.14 -77.91 -16.79
C ARG C 291 30.70 -79.15 -16.00
N HIS C 292 31.58 -79.65 -15.16
CA HIS C 292 31.36 -80.93 -14.48
C HIS C 292 30.65 -80.71 -13.14
N ALA C 293 30.18 -79.49 -12.92
CA ALA C 293 29.34 -79.20 -11.77
C ALA C 293 27.94 -79.73 -11.99
N SER C 294 27.30 -80.16 -10.91
CA SER C 294 25.96 -80.70 -10.99
C SER C 294 24.97 -79.63 -11.37
N PHE C 295 25.13 -78.44 -10.79
CA PHE C 295 24.45 -77.25 -11.29
C PHE C 295 24.99 -76.00 -10.63
N PHE C 296 24.48 -74.85 -11.04
CA PHE C 296 25.05 -73.55 -10.64
C PHE C 296 23.98 -72.66 -10.02
N ILE C 297 24.33 -72.00 -8.93
CA ILE C 297 23.42 -71.06 -8.28
C ILE C 297 24.06 -69.69 -8.21
N GLY C 298 23.42 -68.72 -8.86
CA GLY C 298 24.10 -67.47 -9.22
C GLY C 298 23.17 -66.28 -9.14
N LEU C 299 23.75 -65.09 -9.24
CA LEU C 299 22.97 -63.88 -9.43
C LEU C 299 22.88 -63.53 -10.92
N PRO C 300 22.23 -62.38 -11.24
CA PRO C 300 22.15 -61.89 -12.62
C PRO C 300 23.50 -61.40 -13.16
N SER C 301 24.55 -61.61 -12.37
CA SER C 301 25.92 -61.29 -12.81
C SER C 301 26.35 -62.22 -13.96
N GLY C 302 27.56 -62.02 -14.47
CA GLY C 302 27.99 -62.65 -15.70
C GLY C 302 28.19 -64.15 -15.53
N LEU C 303 28.68 -64.55 -14.38
CA LEU C 303 29.03 -65.92 -14.15
C LEU C 303 27.84 -66.84 -14.40
N SER C 304 26.64 -66.28 -14.28
CA SER C 304 25.42 -67.01 -14.59
C SER C 304 25.32 -67.28 -16.08
N TRP C 305 25.76 -66.31 -16.88
CA TRP C 305 25.78 -66.45 -18.33
C TRP C 305 26.84 -67.47 -18.75
N LEU C 306 27.98 -67.42 -18.08
CA LEU C 306 29.04 -68.37 -18.35
C LEU C 306 28.63 -69.77 -17.97
N ALA C 307 27.87 -69.88 -16.88
CA ALA C 307 27.35 -71.15 -16.44
C ALA C 307 26.30 -71.67 -17.39
N TRP C 308 25.54 -70.75 -17.97
CA TRP C 308 24.51 -71.11 -18.94
C TRP C 308 25.13 -71.69 -20.20
N ALA C 309 26.29 -71.16 -20.57
CA ALA C 309 26.94 -71.54 -21.82
C ALA C 309 27.63 -72.91 -21.68
N THR C 310 27.87 -73.30 -20.43
CA THR C 310 28.51 -74.60 -20.16
C THR C 310 27.48 -75.70 -20.06
N ARG C 311 26.23 -75.36 -20.38
CA ARG C 311 25.17 -76.37 -20.55
C ARG C 311 24.90 -77.11 -19.22
N ILE C 312 24.91 -76.37 -18.12
CA ILE C 312 24.49 -76.90 -16.83
C ILE C 312 23.34 -76.11 -16.28
N PRO C 313 22.44 -76.78 -15.57
CA PRO C 313 21.29 -76.14 -14.93
C PRO C 313 21.69 -74.91 -14.12
N VAL C 314 20.99 -73.81 -14.32
CA VAL C 314 21.32 -72.55 -13.67
C VAL C 314 20.15 -72.06 -12.82
N VAL C 315 20.34 -72.08 -11.50
CA VAL C 315 19.43 -71.39 -10.61
C VAL C 315 19.83 -69.93 -10.48
N LEU C 316 18.98 -69.04 -10.97
CA LEU C 316 19.29 -67.62 -11.00
C LEU C 316 18.42 -66.86 -9.98
N ILE C 317 19.07 -66.25 -8.99
CA ILE C 317 18.36 -65.53 -7.92
C ILE C 317 18.44 -64.03 -8.12
N SER C 318 17.32 -63.42 -8.43
CA SER C 318 17.27 -61.99 -8.65
C SER C 318 15.89 -61.48 -8.47
N GLY C 319 15.76 -60.31 -7.86
CA GLY C 319 14.49 -59.65 -7.74
C GLY C 319 14.50 -58.29 -8.36
N PHE C 320 15.69 -57.75 -8.58
CA PHE C 320 15.83 -56.41 -9.11
C PHE C 320 15.66 -56.40 -10.63
N SER C 321 15.46 -57.57 -11.20
CA SER C 321 15.13 -57.68 -12.62
C SER C 321 14.03 -58.68 -12.83
N LEU C 322 13.27 -58.50 -13.90
CA LEU C 322 12.19 -59.39 -14.22
C LEU C 322 12.72 -60.70 -14.80
N PRO C 323 11.94 -61.78 -14.71
CA PRO C 323 12.36 -63.12 -15.15
C PRO C 323 12.77 -63.14 -16.66
N ASN C 324 12.18 -62.25 -17.45
CA ASN C 324 12.39 -62.24 -18.91
C ASN C 324 13.56 -61.30 -19.31
N SER C 325 14.21 -60.72 -18.30
CA SER C 325 15.30 -59.77 -18.53
C SER C 325 16.59 -60.51 -18.89
N GLU C 326 16.75 -61.73 -18.35
CA GLU C 326 17.89 -62.57 -18.69
C GLU C 326 17.45 -63.76 -19.53
N PHE C 327 18.35 -64.72 -19.72
CA PHE C 327 18.01 -65.97 -20.39
C PHE C 327 16.99 -66.73 -19.60
N TYR C 328 16.27 -67.62 -20.28
CA TYR C 328 15.26 -68.44 -19.64
C TYR C 328 15.88 -69.55 -18.87
N THR C 329 15.38 -69.81 -17.68
CA THR C 329 15.71 -71.01 -16.95
C THR C 329 14.60 -71.37 -15.98
N PRO C 330 14.14 -72.64 -16.04
CA PRO C 330 13.02 -73.10 -15.21
C PRO C 330 13.33 -73.00 -13.71
N TRP C 331 14.57 -72.72 -13.39
CA TRP C 331 14.99 -72.64 -12.01
C TRP C 331 15.21 -71.19 -11.62
N ARG C 332 14.47 -70.30 -12.25
CA ARG C 332 14.55 -68.89 -11.95
C ARG C 332 13.79 -68.56 -10.67
N VAL C 333 14.47 -67.92 -9.73
CA VAL C 333 13.85 -67.57 -8.43
C VAL C 333 13.49 -66.10 -8.40
N PHE C 334 12.25 -65.81 -8.03
CA PHE C 334 11.70 -64.45 -8.16
C PHE C 334 10.50 -64.27 -7.25
N ASN C 335 10.42 -63.11 -6.63
CA ASN C 335 9.31 -62.81 -5.72
C ASN C 335 8.60 -61.53 -6.12
N SER C 336 7.26 -61.58 -6.14
CA SER C 336 6.45 -60.56 -6.83
C SER C 336 5.51 -59.87 -5.84
N HIS C 337 5.76 -60.05 -4.55
CA HIS C 337 4.88 -59.54 -3.51
C HIS C 337 5.36 -58.16 -3.03
N GLY C 338 6.60 -57.83 -3.35
CA GLY C 338 7.18 -56.54 -2.95
C GLY C 338 7.79 -55.80 -4.14
N CYS C 339 8.65 -54.81 -3.84
CA CYS C 339 9.46 -54.12 -4.90
C CYS C 339 10.16 -55.15 -5.79
N TYR C 340 10.16 -54.89 -7.10
CA TYR C 340 10.86 -55.75 -8.05
C TYR C 340 10.99 -55.06 -9.39
N GLY C 341 12.01 -55.43 -10.14
CA GLY C 341 12.21 -54.90 -11.47
C GLY C 341 12.58 -53.42 -11.44
N CYS C 342 13.37 -53.02 -10.42
CA CYS C 342 14.05 -51.71 -10.43
C CYS C 342 14.74 -51.47 -11.82
N TRP C 343 15.12 -52.57 -12.48
CA TRP C 343 16.09 -52.51 -13.61
C TRP C 343 15.37 -52.35 -14.92
N ASP C 344 14.16 -52.89 -14.98
CA ASP C 344 13.45 -52.99 -16.25
C ASP C 344 12.51 -51.77 -16.42
N ASP C 345 12.29 -51.02 -15.33
CA ASP C 345 11.32 -49.90 -15.34
C ASP C 345 11.84 -48.75 -16.16
N THR C 346 11.04 -48.30 -17.13
CA THR C 346 11.48 -47.28 -18.09
C THR C 346 11.30 -45.89 -17.50
N SER C 347 10.61 -45.81 -16.35
CA SER C 347 10.37 -44.51 -15.68
C SER C 347 11.50 -44.19 -14.69
N LEU C 348 12.39 -45.16 -14.47
CA LEU C 348 13.55 -44.96 -13.61
C LEU C 348 14.84 -45.00 -14.42
N ASN C 349 15.94 -44.60 -13.80
CA ASN C 349 17.25 -44.56 -14.49
C ASN C 349 18.36 -45.11 -13.61
N PHE C 350 19.15 -46.01 -14.18
CA PHE C 350 20.22 -46.69 -13.43
C PHE C 350 21.37 -45.73 -13.13
N ASP C 351 21.85 -45.75 -11.89
CA ASP C 351 22.98 -44.91 -11.49
C ASP C 351 24.26 -45.73 -11.44
N HIS C 352 25.22 -45.39 -12.28
CA HIS C 352 26.45 -46.15 -12.41
C HIS C 352 27.40 -45.83 -11.26
N HIS C 353 27.16 -44.71 -10.59
CA HIS C 353 28.07 -44.21 -9.55
C HIS C 353 27.55 -44.53 -8.16
N ASP C 354 26.33 -45.05 -8.10
CA ASP C 354 25.71 -45.41 -6.85
C ASP C 354 25.68 -46.92 -6.67
N PHE C 355 26.47 -47.42 -5.73
CA PHE C 355 26.54 -48.84 -5.47
C PHE C 355 25.29 -49.30 -4.72
N LEU C 356 25.00 -48.59 -3.63
CA LEU C 356 23.86 -48.90 -2.81
C LEU C 356 22.77 -48.10 -3.44
N TRP C 357 22.46 -48.44 -4.69
CA TRP C 357 21.51 -47.65 -5.42
C TRP C 357 20.19 -48.36 -5.47
N CYS C 358 19.21 -47.80 -4.78
CA CYS C 358 17.82 -48.23 -4.92
C CYS C 358 16.94 -47.02 -5.24
N PRO C 359 16.25 -47.08 -6.38
CA PRO C 359 15.41 -45.97 -6.83
C PRO C 359 14.17 -45.66 -5.96
N ARG C 360 13.45 -46.70 -5.54
CA ARG C 360 12.14 -46.52 -4.91
C ARG C 360 12.06 -46.79 -3.41
N HIS C 361 13.19 -47.02 -2.75
CA HIS C 361 13.16 -47.45 -1.35
C HIS C 361 14.54 -47.32 -0.70
N LYS C 362 15.40 -46.49 -1.28
CA LYS C 362 16.73 -46.25 -0.72
C LYS C 362 16.63 -45.52 0.63
N ASN C 363 17.48 -45.93 1.57
CA ASN C 363 17.51 -45.29 2.90
C ASN C 363 16.17 -45.36 3.58
N THR C 364 15.43 -46.45 3.33
CA THR C 364 14.19 -46.72 4.06
C THR C 364 14.24 -48.12 4.67
N ASP C 365 13.14 -48.53 5.29
CA ASP C 365 13.05 -49.86 5.94
C ASP C 365 12.97 -50.94 4.89
N ARG C 366 12.56 -50.58 3.69
CA ARG C 366 12.23 -51.55 2.67
C ARG C 366 13.29 -51.55 1.58
N GLN C 367 14.45 -51.02 1.89
CA GLN C 367 15.56 -50.99 0.95
C GLN C 367 15.97 -52.39 0.58
N PHE C 368 16.21 -52.61 -0.70
CA PHE C 368 16.52 -53.94 -1.19
C PHE C 368 15.52 -54.99 -0.66
N GLU C 369 14.25 -54.60 -0.62
CA GLU C 369 13.16 -55.57 -0.47
C GLU C 369 13.09 -56.47 -1.70
N CYS C 370 13.59 -55.96 -2.84
CA CYS C 370 13.56 -56.70 -4.09
C CYS C 370 14.02 -58.20 -3.86
N THR C 371 15.02 -58.38 -2.97
CA THR C 371 15.71 -59.67 -2.86
C THR C 371 15.54 -60.26 -1.46
N ARG C 372 15.12 -59.42 -0.51
CA ARG C 372 15.01 -59.82 0.89
C ARG C 372 13.82 -60.77 1.09
N LEU C 373 12.82 -60.63 0.24
CA LEU C 373 11.62 -61.47 0.32
C LEU C 373 11.92 -62.87 -0.21
N ILE C 374 13.02 -63.00 -0.94
CA ILE C 374 13.46 -64.30 -1.42
C ILE C 374 14.17 -65.07 -0.30
N THR C 375 13.43 -65.95 0.37
CA THR C 375 13.96 -66.67 1.54
C THR C 375 14.71 -67.89 1.11
N GLY C 376 15.51 -68.43 2.01
CA GLY C 376 16.26 -69.64 1.75
C GLY C 376 15.35 -70.80 1.43
N ALA C 377 14.18 -70.82 2.04
CA ALA C 377 13.24 -71.92 1.87
C ALA C 377 12.73 -71.98 0.45
N GLN C 378 12.56 -70.80 -0.16
CA GLN C 378 12.12 -70.72 -1.54
C GLN C 378 13.16 -71.29 -2.46
N VAL C 379 14.40 -70.83 -2.31
CA VAL C 379 15.48 -71.27 -3.17
C VAL C 379 15.77 -72.74 -2.96
N ASN C 380 15.61 -73.21 -1.73
CA ASN C 380 15.80 -74.62 -1.42
C ASN C 380 14.69 -75.50 -2.00
N GLY C 381 13.50 -74.91 -2.15
CA GLY C 381 12.41 -75.57 -2.83
C GLY C 381 12.70 -75.77 -4.30
N VAL C 382 13.21 -74.73 -4.94
CA VAL C 382 13.65 -74.83 -6.33
C VAL C 382 14.79 -75.87 -6.47
N ILE C 383 15.74 -75.82 -5.54
CA ILE C 383 16.87 -76.74 -5.55
C ILE C 383 16.39 -78.19 -5.38
N ASN C 384 15.31 -78.36 -4.60
CA ASN C 384 14.72 -79.73 -4.37
C ASN C 384 14.05 -80.27 -5.63
N LYS C 385 13.38 -79.41 -6.36
CA LYS C 385 12.80 -79.77 -7.64
C LYS C 385 13.89 -80.15 -8.62
N LEU C 386 14.94 -79.34 -8.68
CA LEU C 386 16.00 -79.53 -9.65
C LEU C 386 16.83 -80.77 -9.31
N HIS C 387 16.96 -81.04 -8.02
CA HIS C 387 17.70 -82.21 -7.56
C HIS C 387 16.96 -83.49 -7.90
N ARG C 388 15.65 -83.47 -7.69
CA ARG C 388 14.81 -84.65 -7.98
C ARG C 388 14.72 -84.88 -9.49
N SER C 389 14.78 -83.80 -10.25
CA SER C 389 14.79 -83.89 -11.70
C SER C 389 16.10 -84.51 -12.21
N LEU C 390 17.19 -84.24 -11.50
CA LEU C 390 18.51 -84.70 -11.92
C LEU C 390 18.71 -86.16 -11.58
N THR C 391 18.15 -86.59 -10.45
CA THR C 391 18.28 -87.98 -10.00
C THR C 391 17.33 -88.90 -10.78
N GLU C 392 16.08 -88.45 -10.96
CA GLU C 392 15.03 -89.29 -11.60
C GLU C 392 15.19 -89.31 -13.11
N GLN C 393 15.25 -88.13 -13.71
CA GLN C 393 15.72 -87.99 -15.07
C GLN C 393 17.17 -87.59 -15.09
N GLY C 394 17.72 -87.45 -16.27
CA GLY C 394 19.13 -87.19 -16.43
C GLY C 394 19.41 -85.75 -16.81
N VAL C 395 20.67 -85.47 -17.17
CA VAL C 395 21.06 -84.16 -17.65
C VAL C 395 20.38 -83.85 -18.98
N GLU C 396 19.94 -84.89 -19.67
CA GLU C 396 19.21 -84.73 -20.92
C GLU C 396 17.93 -83.99 -20.69
N ALA C 397 17.32 -84.23 -19.52
CA ALA C 397 15.96 -83.74 -19.27
C ALA C 397 15.97 -82.23 -19.07
N THR C 398 17.13 -81.68 -18.77
CA THR C 398 17.26 -80.28 -18.45
C THR C 398 18.43 -79.66 -19.18
N ILE D 10 0.47 -15.58 -67.33
CA ILE D 10 -0.69 -14.91 -66.65
C ILE D 10 -0.34 -13.50 -66.26
N THR D 11 0.92 -13.15 -66.42
CA THR D 11 1.38 -11.82 -66.15
C THR D 11 0.93 -10.86 -67.25
N PRO D 12 0.32 -9.74 -66.84
CA PRO D 12 0.00 -8.65 -67.78
C PRO D 12 1.27 -7.98 -68.32
N PRO D 13 1.19 -7.43 -69.53
CA PRO D 13 2.31 -6.71 -70.15
C PRO D 13 2.87 -5.62 -69.25
N ASP D 14 4.21 -5.52 -69.19
CA ASP D 14 4.88 -4.51 -68.34
C ASP D 14 4.61 -3.10 -68.86
N THR D 15 4.28 -3.01 -70.15
CA THR D 15 3.88 -1.74 -70.74
C THR D 15 2.49 -1.85 -71.39
N PRO D 16 1.60 -0.89 -71.09
CA PRO D 16 0.22 -0.89 -71.63
C PRO D 16 0.19 -0.95 -73.17
N THR D 17 -0.79 -1.66 -73.70
CA THR D 17 -0.71 -2.16 -75.07
C THR D 17 -1.15 -1.10 -76.06
N GLN D 18 -1.96 -0.16 -75.59
CA GLN D 18 -2.55 0.87 -76.47
C GLN D 18 -1.79 2.17 -76.35
N ALA D 19 -1.63 2.87 -77.48
CA ALA D 19 -0.91 4.13 -77.50
C ALA D 19 -1.87 5.30 -77.41
N GLY D 20 -1.57 6.23 -76.54
CA GLY D 20 -2.27 7.49 -76.49
C GLY D 20 -1.40 8.65 -76.89
N PRO D 21 -2.00 9.85 -77.05
CA PRO D 21 -1.26 11.07 -77.40
C PRO D 21 -0.27 11.49 -76.30
N GLU D 22 0.84 12.08 -76.71
CA GLU D 22 1.85 12.58 -75.76
C GLU D 22 2.38 11.43 -74.85
N ASN D 23 2.63 10.26 -75.46
CA ASN D 23 3.38 9.18 -74.80
C ASN D 23 2.67 8.68 -73.54
N ILE D 24 1.35 8.71 -73.57
CA ILE D 24 0.55 8.08 -72.55
C ILE D 24 0.06 6.72 -73.01
N PHE D 25 0.31 5.70 -72.20
CA PHE D 25 -0.07 4.35 -72.55
C PHE D 25 -1.20 3.84 -71.64
N TYR D 26 -2.31 3.42 -72.26
CA TYR D 26 -3.47 2.92 -71.52
C TYR D 26 -3.79 1.49 -71.92
N ASP D 27 -4.61 0.83 -71.12
CA ASP D 27 -4.68 -0.62 -71.11
C ASP D 27 -5.88 -1.10 -70.27
N PHE D 28 -6.35 -2.32 -70.55
CA PHE D 28 -7.49 -2.88 -69.84
C PHE D 28 -7.20 -4.32 -69.40
N ASN D 29 -5.93 -4.69 -69.41
CA ASN D 29 -5.47 -5.91 -68.72
C ASN D 29 -5.25 -5.65 -67.24
N ASP D 30 -5.75 -6.56 -66.41
CA ASP D 30 -5.72 -6.37 -64.93
C ASP D 30 -6.46 -5.07 -64.54
N GLY D 31 -7.73 -4.99 -64.90
CA GLY D 31 -8.48 -3.77 -64.76
C GLY D 31 -8.00 -2.69 -65.71
N ALA D 32 -8.56 -1.49 -65.55
CA ALA D 32 -8.17 -0.36 -66.39
C ALA D 32 -6.87 0.26 -65.89
N ARG D 33 -5.81 0.13 -66.68
CA ARG D 33 -4.51 0.71 -66.33
C ARG D 33 -4.18 1.89 -67.25
N VAL D 34 -3.43 2.85 -66.71
CA VAL D 34 -2.86 3.90 -67.52
C VAL D 34 -1.49 4.31 -66.98
N LEU D 35 -0.50 4.40 -67.87
CA LEU D 35 0.84 4.76 -67.50
C LEU D 35 1.20 6.13 -68.04
N LEU D 36 1.47 7.08 -67.14
CA LEU D 36 1.79 8.46 -67.55
C LEU D 36 3.30 8.69 -67.50
N PRO D 37 3.82 9.50 -68.45
CA PRO D 37 5.19 9.98 -68.41
C PRO D 37 5.42 11.05 -67.35
N GLU D 38 6.28 12.00 -67.63
CA GLU D 38 6.52 13.08 -66.73
C GLU D 38 5.52 14.22 -66.98
N GLY D 39 5.10 14.87 -65.91
CA GLY D 39 4.25 16.05 -66.01
C GLY D 39 3.35 16.21 -64.82
N LYS D 40 2.24 16.94 -65.01
CA LYS D 40 1.27 17.17 -63.92
C LYS D 40 -0.17 16.84 -64.40
N TRP D 41 -0.68 15.68 -63.97
CA TRP D 41 -1.88 15.08 -64.58
C TRP D 41 -3.03 14.98 -63.57
N HIS D 42 -4.26 15.05 -64.07
CA HIS D 42 -5.43 14.71 -63.27
C HIS D 42 -6.25 13.61 -63.97
N VAL D 43 -6.19 12.39 -63.43
CA VAL D 43 -6.73 11.22 -64.12
C VAL D 43 -8.07 10.80 -63.49
N ARG D 44 -9.03 10.42 -64.34
CA ARG D 44 -10.33 9.93 -63.87
C ARG D 44 -10.66 8.58 -64.52
N LEU D 45 -11.24 7.68 -63.74
CA LEU D 45 -11.82 6.45 -64.28
C LEU D 45 -13.31 6.40 -64.01
N LEU D 46 -14.09 6.25 -65.07
CA LEU D 46 -15.56 6.30 -64.97
C LEU D 46 -16.18 5.00 -65.41
N ASP D 47 -17.36 4.70 -64.88
CA ASP D 47 -18.19 3.65 -65.44
C ASP D 47 -19.09 4.20 -66.53
N ALA D 48 -18.82 3.82 -67.76
CA ALA D 48 -19.46 4.42 -68.92
C ALA D 48 -20.98 4.16 -68.89
N ASP D 49 -21.37 3.04 -68.29
CA ASP D 49 -22.78 2.63 -68.26
C ASP D 49 -23.56 3.49 -67.27
N SER D 50 -22.96 3.74 -66.12
CA SER D 50 -23.64 4.48 -65.04
C SER D 50 -23.13 5.93 -64.97
N GLU D 51 -22.03 6.20 -65.66
CA GLU D 51 -21.45 7.56 -65.70
C GLU D 51 -20.98 8.00 -64.30
N ASN D 52 -20.85 7.02 -63.40
CA ASN D 52 -20.25 7.27 -62.07
C ASN D 52 -18.74 7.44 -62.16
N ILE D 53 -18.21 8.39 -61.39
CA ILE D 53 -16.76 8.57 -61.30
C ILE D 53 -16.15 7.58 -60.30
N LEU D 54 -15.56 6.51 -60.84
CA LEU D 54 -15.08 5.40 -60.00
C LEU D 54 -13.83 5.81 -59.23
N PHE D 55 -12.90 6.47 -59.93
CA PHE D 55 -11.65 6.90 -59.31
C PHE D 55 -11.22 8.26 -59.88
N CYS D 56 -10.51 9.02 -59.07
CA CYS D 56 -10.11 10.38 -59.45
C CYS D 56 -9.01 10.87 -58.53
N CYS D 57 -7.88 11.27 -59.13
CA CYS D 57 -6.70 11.65 -58.36
C CYS D 57 -5.79 12.54 -59.19
N ASP D 58 -4.93 13.30 -58.50
CA ASP D 58 -3.90 14.07 -59.15
C ASP D 58 -2.55 13.36 -59.02
N VAL D 59 -1.96 13.01 -60.16
CA VAL D 59 -0.73 12.23 -60.16
C VAL D 59 0.28 12.84 -61.12
N ASP D 60 1.56 12.78 -60.74
CA ASP D 60 2.62 13.38 -61.53
C ASP D 60 3.16 12.38 -62.54
N LYS D 61 3.50 11.20 -62.06
CA LYS D 61 3.99 10.13 -62.93
C LYS D 61 3.74 8.77 -62.28
N GLY D 62 3.66 7.74 -63.10
CA GLY D 62 3.59 6.37 -62.60
C GLY D 62 2.31 5.68 -63.02
N TRP D 63 1.94 4.64 -62.27
CA TRP D 63 0.81 3.80 -62.63
C TRP D 63 -0.48 4.31 -62.00
N VAL D 64 -1.56 4.23 -62.75
CA VAL D 64 -2.89 4.39 -62.19
C VAL D 64 -3.82 3.26 -62.64
N THR D 65 -4.22 2.42 -61.71
CA THR D 65 -5.08 1.28 -62.00
C THR D 65 -6.37 1.34 -61.18
N SER D 66 -7.44 0.80 -61.74
CA SER D 66 -8.68 0.66 -61.02
C SER D 66 -8.56 -0.44 -59.99
N SER D 67 -9.24 -0.27 -58.86
CA SER D 67 -9.27 -1.28 -57.81
C SER D 67 -10.08 -2.51 -58.26
N LYS D 68 -11.09 -2.27 -59.10
CA LYS D 68 -11.92 -3.35 -59.65
C LYS D 68 -11.26 -3.98 -60.87
N LYS D 69 -11.19 -5.30 -60.88
CA LYS D 69 -10.44 -6.02 -61.93
C LYS D 69 -11.40 -6.77 -62.88
N TYR D 70 -12.59 -7.08 -62.38
CA TYR D 70 -13.62 -7.74 -63.19
C TYR D 70 -14.16 -6.79 -64.25
N PHE D 71 -15.07 -7.30 -65.10
CA PHE D 71 -15.49 -6.57 -66.30
C PHE D 71 -16.26 -5.31 -65.91
N VAL D 72 -15.72 -4.16 -66.28
CA VAL D 72 -16.46 -2.92 -66.22
C VAL D 72 -16.14 -2.07 -67.42
N ARG D 73 -17.18 -1.63 -68.12
CA ARG D 73 -17.00 -0.81 -69.32
C ARG D 73 -16.36 0.51 -68.95
N PHE D 74 -15.05 0.48 -68.71
CA PHE D 74 -14.35 1.62 -68.12
C PHE D 74 -14.32 2.77 -69.09
N ARG D 75 -14.18 3.97 -68.55
CA ARG D 75 -13.89 5.12 -69.36
C ARG D 75 -12.75 5.92 -68.75
N ILE D 76 -11.62 5.94 -69.44
CA ILE D 76 -10.42 6.57 -68.92
C ILE D 76 -10.31 8.01 -69.43
N GLN D 77 -10.11 8.94 -68.50
CA GLN D 77 -9.92 10.35 -68.85
C GLN D 77 -8.63 10.89 -68.24
N VAL D 78 -7.74 11.40 -69.09
CA VAL D 78 -6.51 12.03 -68.63
C VAL D 78 -6.57 13.52 -68.83
N PHE D 79 -6.54 14.28 -67.72
CA PHE D 79 -6.56 15.73 -67.77
C PHE D 79 -5.13 16.30 -67.64
N ARG D 80 -4.92 17.49 -68.21
CA ARG D 80 -3.96 18.45 -67.65
C ARG D 80 -4.53 19.10 -66.38
N GLN D 81 -3.63 19.47 -65.47
CA GLN D 81 -4.03 19.80 -64.09
C GLN D 81 -4.63 21.22 -64.02
N GLY D 82 -5.30 21.61 -65.06
CA GLY D 82 -6.02 22.86 -65.08
C GLY D 82 -6.88 22.97 -66.28
N GLU D 83 -6.90 21.92 -67.08
CA GLU D 83 -7.59 21.94 -68.34
C GLU D 83 -9.07 21.76 -68.14
N GLU D 84 -9.84 22.12 -69.14
CA GLU D 84 -11.27 21.87 -69.13
C GLU D 84 -11.59 20.52 -69.81
N THR D 85 -11.11 20.36 -71.04
CA THR D 85 -11.35 19.14 -71.81
C THR D 85 -10.23 18.09 -71.55
N PRO D 86 -10.55 16.81 -71.74
CA PRO D 86 -9.58 15.73 -71.57
C PRO D 86 -8.56 15.68 -72.70
N LEU D 87 -7.30 15.47 -72.35
CA LEU D 87 -6.27 15.13 -73.34
C LEU D 87 -6.50 13.72 -73.90
N LEU D 88 -6.86 12.79 -73.02
CA LEU D 88 -7.26 11.45 -73.44
C LEU D 88 -8.63 11.09 -72.89
N ASP D 89 -9.45 10.47 -73.71
CA ASP D 89 -10.81 10.07 -73.30
C ASP D 89 -11.26 8.83 -74.06
N GLU D 90 -10.90 7.67 -73.54
CA GLU D 90 -11.12 6.43 -74.24
C GLU D 90 -12.01 5.50 -73.43
N THR D 91 -13.07 4.99 -74.08
CA THR D 91 -14.00 4.06 -73.43
C THR D 91 -13.77 2.64 -73.95
N LEU D 92 -13.93 1.66 -73.06
CA LEU D 92 -13.69 0.27 -73.42
C LEU D 92 -14.62 -0.18 -74.57
N LYS D 93 -14.02 -0.74 -75.61
CA LYS D 93 -14.79 -1.23 -76.78
C LYS D 93 -14.11 -2.47 -77.39
N LEU D 94 -14.79 -3.63 -77.29
CA LEU D 94 -14.10 -4.92 -77.32
C LEU D 94 -14.28 -5.60 -78.67
N LYS D 95 -15.11 -5.01 -79.52
CA LYS D 95 -15.45 -5.63 -80.82
C LYS D 95 -14.21 -5.77 -81.69
N ASP D 96 -13.95 -7.00 -82.16
CA ASP D 96 -12.83 -7.25 -83.09
C ASP D 96 -11.48 -6.88 -82.44
N ARG D 97 -11.42 -7.01 -81.12
CA ARG D 97 -10.20 -6.71 -80.37
C ARG D 97 -9.65 -7.97 -79.69
N PRO D 98 -8.33 -8.01 -79.46
CA PRO D 98 -7.67 -9.15 -78.78
C PRO D 98 -7.98 -9.19 -77.28
N VAL D 99 -8.83 -10.14 -76.88
CA VAL D 99 -9.21 -10.27 -75.47
C VAL D 99 -8.73 -11.62 -74.92
N LEU D 100 -8.17 -11.59 -73.72
CA LEU D 100 -7.57 -12.77 -73.13
C LEU D 100 -8.27 -13.12 -71.82
N ILE D 101 -8.89 -14.30 -71.78
CA ILE D 101 -9.51 -14.82 -70.56
C ILE D 101 -8.67 -15.93 -69.95
N SER D 102 -8.21 -15.72 -68.73
CA SER D 102 -7.24 -16.60 -68.11
C SER D 102 -7.89 -17.43 -67.01
N PHE D 103 -7.94 -18.76 -67.23
CA PHE D 103 -8.31 -19.69 -66.16
C PHE D 103 -7.05 -20.30 -65.50
N PRO D 104 -7.16 -20.69 -64.20
CA PRO D 104 -5.96 -20.85 -63.31
C PRO D 104 -5.15 -22.13 -63.61
N THR D 105 -5.86 -23.21 -63.81
CA THR D 105 -5.26 -24.53 -63.94
C THR D 105 -5.03 -25.05 -62.52
N GLY D 106 -4.96 -26.37 -62.38
CA GLY D 106 -5.11 -27.29 -63.49
C GLY D 106 -5.98 -28.47 -63.12
N THR D 107 -6.59 -29.11 -64.12
CA THR D 107 -7.45 -30.26 -63.84
C THR D 107 -8.52 -29.86 -62.84
N LEU D 108 -9.15 -28.72 -63.08
CA LEU D 108 -10.07 -28.13 -62.10
C LEU D 108 -11.25 -29.04 -61.79
N GLY D 109 -11.81 -29.70 -62.80
CA GLY D 109 -11.46 -29.50 -64.20
C GLY D 109 -12.70 -29.78 -65.02
N ALA D 110 -12.77 -29.28 -66.26
CA ALA D 110 -11.69 -28.51 -66.87
C ALA D 110 -12.04 -27.02 -66.90
N LEU D 111 -13.03 -26.64 -66.09
CA LEU D 111 -13.59 -25.29 -66.11
C LEU D 111 -14.81 -25.22 -67.03
N LEU D 112 -15.15 -26.35 -67.65
CA LEU D 112 -16.43 -26.50 -68.32
C LEU D 112 -17.52 -25.76 -67.55
N GLY D 113 -17.47 -25.86 -66.23
CA GLY D 113 -18.47 -25.17 -65.42
C GLY D 113 -18.47 -23.69 -65.66
N TRP D 114 -17.26 -23.13 -65.79
CA TRP D 114 -17.11 -21.69 -65.93
C TRP D 114 -17.16 -21.28 -67.43
N PHE D 115 -16.85 -22.23 -68.32
CA PHE D 115 -16.32 -21.89 -69.66
C PHE D 115 -17.45 -21.34 -70.59
N PRO D 116 -18.69 -21.79 -70.37
CA PRO D 116 -19.84 -21.34 -71.15
C PRO D 116 -20.08 -19.85 -71.00
N TYR D 117 -19.61 -19.28 -69.89
CA TYR D 117 -19.68 -17.85 -69.66
C TYR D 117 -18.65 -17.12 -70.53
N ALA D 118 -17.54 -17.79 -70.82
CA ALA D 118 -16.53 -17.25 -71.71
C ALA D 118 -17.06 -17.14 -73.13
N GLU D 119 -17.84 -18.14 -73.55
CA GLU D 119 -18.44 -18.14 -74.87
C GLU D 119 -19.49 -17.05 -74.98
N ARG D 120 -20.31 -16.91 -73.96
CA ARG D 120 -21.32 -15.85 -73.90
C ARG D 120 -20.66 -14.49 -74.00
N PHE D 121 -19.52 -14.35 -73.34
CA PHE D 121 -18.78 -13.08 -73.34
C PHE D 121 -18.29 -12.75 -74.76
N GLN D 122 -17.96 -13.78 -75.53
CA GLN D 122 -17.49 -13.60 -76.91
C GLN D 122 -18.66 -13.28 -77.85
N SER D 123 -19.79 -13.97 -77.66
CA SER D 123 -20.96 -13.79 -78.52
C SER D 123 -21.58 -12.44 -78.31
N LEU D 124 -21.42 -11.91 -77.11
CA LEU D 124 -22.04 -10.64 -76.75
C LEU D 124 -21.22 -9.45 -77.32
N HIS D 125 -19.89 -9.53 -77.18
CA HIS D 125 -19.02 -8.38 -77.48
C HIS D 125 -18.32 -8.56 -78.84
N LYS D 126 -18.47 -9.76 -79.43
CA LYS D 126 -17.89 -10.06 -80.78
C LYS D 126 -16.39 -9.77 -80.79
N CYS D 127 -15.72 -10.20 -79.74
CA CYS D 127 -14.30 -9.97 -79.61
C CYS D 127 -13.51 -11.19 -80.07
N ARG D 128 -12.23 -10.99 -80.36
CA ARG D 128 -11.34 -12.10 -80.71
C ARG D 128 -10.71 -12.69 -79.48
N LEU D 129 -11.27 -13.80 -79.01
CA LEU D 129 -11.05 -14.25 -77.65
C LEU D 129 -10.05 -15.39 -77.60
N GLU D 130 -9.09 -15.31 -76.67
CA GLU D 130 -8.18 -16.42 -76.39
C GLU D 130 -8.25 -16.81 -74.92
N CYS D 131 -8.40 -18.11 -74.67
CA CYS D 131 -8.49 -18.61 -73.30
C CYS D 131 -7.28 -19.45 -72.96
N THR D 132 -6.74 -19.26 -71.76
CA THR D 132 -5.57 -20.02 -71.29
C THR D 132 -5.97 -21.02 -70.23
N MET D 133 -5.61 -22.28 -70.44
CA MET D 133 -5.88 -23.33 -69.47
C MET D 133 -4.97 -24.53 -69.72
N SER D 134 -5.13 -25.56 -68.91
CA SER D 134 -4.31 -26.76 -69.02
C SER D 134 -4.67 -27.53 -70.30
N GLN D 135 -3.74 -28.36 -70.76
CA GLN D 135 -3.80 -28.92 -72.13
C GLN D 135 -4.98 -29.90 -72.26
N ASP D 136 -5.23 -30.66 -71.20
CA ASP D 136 -6.25 -31.75 -71.24
C ASP D 136 -7.65 -31.17 -71.45
N ILE D 137 -7.93 -30.05 -70.80
CA ILE D 137 -9.20 -29.37 -70.97
C ILE D 137 -9.32 -28.80 -72.38
N ILE D 138 -8.19 -28.33 -72.92
CA ILE D 138 -8.14 -27.83 -74.29
C ILE D 138 -8.49 -28.94 -75.28
N ASP D 139 -7.93 -30.13 -75.05
CA ASP D 139 -8.18 -31.30 -75.93
C ASP D 139 -9.66 -31.73 -75.84
N LEU D 140 -10.31 -31.37 -74.74
CA LEU D 140 -11.67 -31.79 -74.49
C LEU D 140 -12.68 -30.85 -75.18
N LEU D 141 -12.34 -29.57 -75.22
CA LEU D 141 -13.33 -28.52 -75.49
C LEU D 141 -13.10 -27.89 -76.91
N ALA D 142 -11.84 -27.90 -77.36
CA ALA D 142 -11.38 -26.95 -78.43
C ALA D 142 -12.15 -27.21 -79.76
N PRO D 143 -12.37 -28.51 -80.10
CA PRO D 143 -13.03 -28.90 -81.36
C PRO D 143 -14.48 -28.35 -81.47
N GLN D 144 -15.14 -28.19 -80.32
CA GLN D 144 -16.57 -27.78 -80.30
C GLN D 144 -16.69 -26.24 -80.24
N TYR D 145 -15.58 -25.58 -79.91
CA TYR D 145 -15.56 -24.11 -79.81
C TYR D 145 -14.51 -23.51 -80.75
N PRO D 146 -14.82 -23.50 -82.05
CA PRO D 146 -13.89 -23.02 -83.07
C PRO D 146 -13.71 -21.50 -83.02
N GLN D 147 -14.68 -20.80 -82.42
CA GLN D 147 -14.65 -19.33 -82.37
C GLN D 147 -13.59 -18.85 -81.43
N ILE D 148 -13.26 -19.68 -80.44
CA ILE D 148 -12.34 -19.28 -79.39
C ILE D 148 -11.01 -19.99 -79.56
N GLN D 149 -9.93 -19.25 -79.39
CA GLN D 149 -8.58 -19.80 -79.53
C GLN D 149 -8.06 -20.28 -78.18
N PHE D 150 -7.67 -21.54 -78.12
CA PHE D 150 -7.22 -22.13 -76.90
C PHE D 150 -5.71 -22.13 -76.83
N SER D 151 -5.18 -21.90 -75.64
CA SER D 151 -3.73 -21.90 -75.43
C SER D 151 -3.41 -22.28 -73.99
N THR D 152 -2.15 -22.56 -73.74
CA THR D 152 -1.67 -22.79 -72.38
C THR D 152 -1.10 -21.49 -71.79
N PRO D 153 -1.05 -21.42 -70.43
CA PRO D 153 -0.62 -20.19 -69.74
C PRO D 153 0.81 -19.75 -70.14
N ASP D 154 1.67 -20.72 -70.43
CA ASP D 154 3.08 -20.42 -70.69
C ASP D 154 3.31 -20.03 -72.17
N LYS D 155 2.33 -20.36 -73.02
CA LYS D 155 2.44 -20.09 -74.48
C LYS D 155 1.18 -19.40 -75.00
N PRO D 156 0.98 -18.13 -74.62
CA PRO D 156 -0.10 -17.31 -75.15
C PRO D 156 0.26 -16.71 -76.51
N ARG D 157 -0.71 -16.73 -77.44
CA ARG D 157 -0.44 -16.38 -78.84
C ARG D 157 -0.79 -14.92 -79.13
N THR D 158 -1.50 -14.30 -78.18
CA THR D 158 -1.62 -12.83 -78.15
C THR D 158 -0.54 -12.23 -77.26
N ALA D 160 0.29 -8.99 -76.90
CA ALA D 160 -0.27 -7.67 -76.59
C ALA D 160 -1.81 -7.68 -76.76
N PRO D 161 -2.54 -7.97 -75.64
CA PRO D 161 -3.98 -8.02 -75.64
C PRO D 161 -4.62 -6.68 -75.22
N TYR D 162 -5.83 -6.41 -75.71
CA TYR D 162 -6.51 -5.15 -75.42
C TYR D 162 -7.11 -5.18 -74.04
N ALA D 163 -7.69 -6.31 -73.67
CA ALA D 163 -8.29 -6.47 -72.35
C ALA D 163 -8.07 -7.89 -71.85
N THR D 164 -7.79 -8.01 -70.55
CA THR D 164 -7.61 -9.32 -69.93
C THR D 164 -8.53 -9.47 -68.73
N TYR D 165 -9.08 -10.67 -68.57
CA TYR D 165 -9.93 -10.98 -67.44
C TYR D 165 -9.57 -12.32 -66.84
N ARG D 166 -9.47 -12.37 -65.52
CA ARG D 166 -8.92 -13.53 -64.83
C ARG D 166 -9.98 -14.18 -63.97
N VAL D 167 -10.66 -15.17 -64.53
CA VAL D 167 -11.71 -15.87 -63.82
C VAL D 167 -11.10 -16.87 -62.84
N GLY D 168 -11.53 -16.79 -61.58
CA GLY D 168 -10.98 -17.64 -60.52
C GLY D 168 -11.82 -17.59 -59.23
N LEU D 169 -11.53 -18.50 -58.30
CA LEU D 169 -12.08 -18.43 -56.96
C LEU D 169 -11.24 -17.52 -56.09
N TYR D 170 -11.86 -16.50 -55.51
CA TYR D 170 -11.17 -15.58 -54.64
C TYR D 170 -11.81 -15.56 -53.26
N PHE D 171 -11.05 -16.01 -52.27
CA PHE D 171 -11.60 -16.26 -50.93
C PHE D 171 -11.43 -15.04 -50.04
N GLY D 172 -11.89 -15.14 -48.80
CA GLY D 172 -11.76 -14.06 -47.85
C GLY D 172 -12.71 -12.92 -48.14
N GLY D 173 -13.71 -13.20 -48.98
CA GLY D 173 -14.73 -12.20 -49.32
C GLY D 173 -14.17 -11.10 -50.21
N ASP D 174 -13.29 -11.48 -51.13
CA ASP D 174 -12.72 -10.52 -52.08
C ASP D 174 -13.81 -9.92 -52.95
N THR D 175 -13.74 -8.61 -53.15
CA THR D 175 -14.77 -7.88 -53.91
C THR D 175 -14.13 -6.94 -54.91
N ASN D 176 -12.85 -7.16 -55.21
CA ASN D 176 -12.13 -6.35 -56.17
C ASN D 176 -11.88 -7.09 -57.48
N ASN D 177 -11.64 -8.40 -57.37
CA ASN D 177 -11.44 -9.24 -58.56
C ASN D 177 -12.71 -10.00 -58.92
N GLN D 178 -13.72 -9.93 -58.05
CA GLN D 178 -15.05 -10.46 -58.37
C GLN D 178 -16.13 -9.59 -57.75
N PRO D 179 -17.17 -9.28 -58.52
CA PRO D 179 -18.24 -8.38 -58.09
C PRO D 179 -18.87 -8.83 -56.76
N VAL D 180 -19.23 -10.10 -56.69
CA VAL D 180 -19.80 -10.66 -55.46
C VAL D 180 -18.97 -11.81 -54.96
N ASP D 181 -18.99 -12.02 -53.65
CA ASP D 181 -18.43 -13.23 -53.07
C ASP D 181 -19.06 -14.47 -53.68
N PHE D 182 -18.22 -15.40 -54.14
CA PHE D 182 -18.69 -16.51 -54.96
C PHE D 182 -19.52 -17.48 -54.11
N ARG D 183 -19.49 -17.32 -52.81
CA ARG D 183 -20.22 -18.18 -51.91
C ARG D 183 -21.69 -17.80 -51.88
N LYS D 184 -21.99 -16.62 -52.42
CA LYS D 184 -23.34 -16.06 -52.33
C LYS D 184 -24.15 -16.43 -53.59
N VAL D 185 -23.46 -16.63 -54.70
CA VAL D 185 -24.12 -16.84 -55.99
C VAL D 185 -23.78 -18.24 -56.55
N GLY D 186 -22.92 -18.95 -55.84
CA GLY D 186 -22.40 -20.22 -56.33
C GLY D 186 -21.12 -20.05 -57.12
N PHE D 187 -20.17 -20.94 -56.90
CA PHE D 187 -18.82 -20.74 -57.35
C PHE D 187 -18.77 -20.64 -58.87
N HIS D 188 -19.67 -21.37 -59.54
CA HIS D 188 -19.59 -21.56 -60.99
C HIS D 188 -20.30 -20.41 -61.73
N ARG D 189 -21.30 -19.84 -61.09
CA ARG D 189 -22.00 -18.69 -61.64
C ARG D 189 -21.17 -17.42 -61.47
N SER D 190 -20.23 -17.47 -60.54
CA SER D 190 -19.38 -16.31 -60.26
C SER D 190 -18.68 -15.84 -61.52
N ALA D 191 -18.29 -16.79 -62.36
CA ALA D 191 -17.59 -16.47 -63.60
C ALA D 191 -18.43 -15.51 -64.46
N GLY D 192 -19.72 -15.81 -64.56
CA GLY D 192 -20.63 -14.95 -65.29
C GLY D 192 -20.66 -13.53 -64.74
N TYR D 193 -20.69 -13.42 -63.42
CA TYR D 193 -20.71 -12.12 -62.77
C TYR D 193 -19.42 -11.35 -63.06
N ILE D 194 -18.31 -12.07 -63.14
CA ILE D 194 -17.01 -11.45 -63.41
C ILE D 194 -16.96 -10.89 -64.82
N LEU D 195 -17.58 -11.61 -65.76
CA LEU D 195 -17.53 -11.23 -67.18
C LEU D 195 -18.76 -10.37 -67.55
N GLY D 196 -19.67 -10.20 -66.59
CA GLY D 196 -20.86 -9.39 -66.81
C GLY D 196 -21.72 -9.94 -67.93
N VAL D 197 -22.06 -11.22 -67.84
CA VAL D 197 -22.99 -11.85 -68.78
C VAL D 197 -24.08 -12.58 -68.03
N ASP D 198 -24.96 -13.24 -68.78
CA ASP D 198 -26.00 -14.07 -68.19
C ASP D 198 -25.38 -15.10 -67.22
N PRO D 199 -25.74 -15.01 -65.93
CA PRO D 199 -25.08 -15.79 -64.88
C PRO D 199 -25.66 -17.20 -64.76
N ARG D 200 -26.72 -17.47 -65.50
CA ARG D 200 -27.43 -18.75 -65.38
C ARG D 200 -26.58 -19.91 -65.90
N GLU D 201 -26.58 -21.01 -65.17
CA GLU D 201 -25.62 -22.09 -65.41
C GLU D 201 -25.91 -22.78 -66.72
N ALA D 202 -24.87 -23.34 -67.32
CA ALA D 202 -25.02 -24.10 -68.55
C ALA D 202 -23.90 -25.14 -68.68
N PRO D 203 -24.20 -26.27 -69.38
CA PRO D 203 -23.21 -27.28 -69.68
C PRO D 203 -22.46 -26.99 -70.98
N VAL D 204 -21.20 -27.39 -71.04
CA VAL D 204 -20.40 -27.23 -72.25
C VAL D 204 -20.84 -28.21 -73.31
N ARG D 205 -20.33 -28.04 -74.53
CA ARG D 205 -20.61 -28.95 -75.62
C ARG D 205 -19.43 -29.92 -75.86
N LEU D 206 -19.69 -31.21 -75.68
CA LEU D 206 -18.65 -32.22 -75.79
C LEU D 206 -18.85 -33.04 -77.02
N ASP D 207 -17.88 -33.90 -77.33
CA ASP D 207 -18.01 -34.84 -78.42
C ASP D 207 -18.80 -36.06 -77.99
N LEU D 208 -20.09 -36.06 -78.33
CA LEU D 208 -21.00 -37.12 -77.88
C LEU D 208 -21.30 -38.07 -79.02
N SER D 209 -20.34 -38.24 -79.93
CA SER D 209 -20.55 -39.04 -81.14
C SER D 209 -20.09 -40.50 -80.92
N ALA D 210 -19.39 -40.74 -79.81
CA ALA D 210 -18.75 -42.02 -79.57
C ALA D 210 -19.78 -43.13 -79.46
N PRO D 211 -19.55 -44.26 -80.15
CA PRO D 211 -20.46 -45.40 -80.13
C PRO D 211 -20.41 -46.17 -78.81
N ARG D 212 -21.51 -46.82 -78.47
CA ARG D 212 -21.59 -47.60 -77.23
C ARG D 212 -20.65 -48.78 -77.29
N VAL D 213 -19.90 -49.00 -76.22
CA VAL D 213 -18.96 -50.13 -76.15
C VAL D 213 -19.54 -51.24 -75.32
N ILE D 214 -19.99 -50.92 -74.14
CA ILE D 214 -20.53 -51.91 -73.23
C ILE D 214 -22.03 -52.06 -73.44
N GLN D 215 -22.47 -53.28 -73.73
CA GLN D 215 -23.87 -53.53 -74.13
C GLN D 215 -24.81 -53.42 -72.92
N GLU D 216 -24.47 -54.12 -71.83
CA GLU D 216 -25.33 -54.20 -70.65
C GLU D 216 -25.48 -52.80 -70.01
N PRO D 217 -26.66 -52.53 -69.41
CA PRO D 217 -26.89 -51.32 -68.63
C PRO D 217 -25.92 -51.21 -67.45
N TYR D 218 -25.31 -50.02 -67.29
CA TYR D 218 -24.24 -49.83 -66.31
C TYR D 218 -24.30 -48.42 -65.70
N VAL D 219 -23.73 -48.28 -64.51
CA VAL D 219 -23.72 -47.01 -63.80
C VAL D 219 -22.31 -46.58 -63.51
N CYS D 220 -22.03 -45.30 -63.69
CA CYS D 220 -20.71 -44.75 -63.39
C CYS D 220 -20.72 -44.01 -62.06
N ILE D 221 -19.67 -44.22 -61.24
CA ILE D 221 -19.59 -43.59 -59.93
C ILE D 221 -18.22 -42.95 -59.73
N ALA D 222 -18.18 -41.89 -58.92
CA ALA D 222 -16.91 -41.24 -58.55
C ALA D 222 -16.83 -41.02 -57.04
N THR D 223 -15.83 -41.65 -56.41
CA THR D 223 -15.77 -41.71 -54.96
C THR D 223 -14.65 -40.81 -54.42
N GLN D 224 -13.79 -40.32 -55.31
CA GLN D 224 -12.59 -39.57 -54.91
C GLN D 224 -12.80 -38.07 -55.08
N SER D 225 -12.13 -37.29 -54.24
CA SER D 225 -12.14 -35.84 -54.37
C SER D 225 -10.83 -35.26 -53.85
N THR D 226 -10.79 -33.93 -53.70
CA THR D 226 -9.55 -33.21 -53.38
C THR D 226 -9.44 -32.94 -51.85
N CYS D 227 -10.58 -32.96 -51.17
CA CYS D 227 -10.60 -32.76 -49.71
C CYS D 227 -11.70 -33.64 -49.06
N GLN D 228 -11.47 -34.03 -47.80
CA GLN D 228 -12.18 -35.18 -47.20
C GLN D 228 -13.63 -34.82 -46.93
N ALA D 229 -13.92 -33.52 -46.84
CA ALA D 229 -15.26 -33.05 -46.58
C ALA D 229 -16.21 -33.44 -47.74
N LYS D 230 -15.66 -33.48 -48.95
CA LYS D 230 -16.46 -33.72 -50.14
C LYS D 230 -16.74 -35.21 -50.32
N TYR D 231 -15.96 -36.03 -49.63
CA TYR D 231 -16.16 -37.49 -49.66
C TYR D 231 -17.47 -37.87 -48.95
N TRP D 232 -18.04 -39.01 -49.34
CA TRP D 232 -19.18 -39.56 -48.63
C TRP D 232 -18.71 -40.38 -47.43
N ASN D 233 -18.72 -39.75 -46.25
CA ASN D 233 -18.02 -40.29 -45.07
C ASN D 233 -18.94 -41.17 -44.23
N ASN D 234 -20.04 -41.58 -44.82
CA ASN D 234 -20.83 -42.65 -44.26
C ASN D 234 -20.13 -43.99 -44.42
N GLY D 235 -20.30 -44.86 -43.43
CA GLY D 235 -19.49 -46.07 -43.32
C GLY D 235 -19.86 -47.10 -44.37
N THR D 236 -21.14 -47.37 -44.50
CA THR D 236 -21.61 -48.45 -45.32
C THR D 236 -22.30 -47.91 -46.57
N GLY D 237 -22.13 -46.62 -46.82
CA GLY D 237 -22.87 -45.95 -47.90
C GLY D 237 -22.60 -46.56 -49.25
N TRP D 238 -21.36 -46.46 -49.70
CA TRP D 238 -21.02 -46.85 -51.06
C TRP D 238 -21.24 -48.34 -51.26
N SER D 239 -21.06 -49.12 -50.20
CA SER D 239 -21.21 -50.58 -50.27
C SER D 239 -22.70 -50.96 -50.48
N GLU D 240 -23.57 -50.30 -49.73
CA GLU D 240 -25.01 -50.54 -49.86
C GLU D 240 -25.51 -50.08 -51.21
N VAL D 241 -24.99 -48.94 -51.68
CA VAL D 241 -25.44 -48.35 -52.93
C VAL D 241 -25.05 -49.23 -54.11
N ILE D 242 -23.81 -49.70 -54.11
CA ILE D 242 -23.31 -50.57 -55.18
C ILE D 242 -24.07 -51.90 -55.21
N ALA D 243 -24.25 -52.49 -54.03
CA ALA D 243 -25.00 -53.75 -53.91
C ALA D 243 -26.41 -53.59 -54.44
N HIS D 244 -27.05 -52.46 -54.10
CA HIS D 244 -28.42 -52.18 -54.54
C HIS D 244 -28.45 -51.96 -56.06
N LEU D 245 -27.42 -51.32 -56.59
CA LEU D 245 -27.31 -51.10 -58.04
C LEU D 245 -27.20 -52.43 -58.79
N LYS D 246 -26.45 -53.36 -58.20
CA LYS D 246 -26.27 -54.69 -58.81
C LYS D 246 -27.54 -55.49 -58.75
N SER D 247 -28.31 -55.30 -57.68
CA SER D 247 -29.58 -56.00 -57.50
C SER D 247 -30.63 -55.49 -58.50
N LEU D 248 -30.40 -54.30 -59.04
CA LEU D 248 -31.30 -53.70 -60.05
C LEU D 248 -30.84 -54.07 -61.47
N GLY D 249 -29.72 -54.81 -61.56
CA GLY D 249 -29.25 -55.33 -62.84
C GLY D 249 -28.26 -54.39 -63.53
N TYR D 250 -27.62 -53.54 -62.73
CA TYR D 250 -26.64 -52.58 -63.26
C TYR D 250 -25.23 -53.09 -63.02
N ARG D 251 -24.35 -52.83 -63.97
CA ARG D 251 -22.92 -52.92 -63.74
C ARG D 251 -22.37 -51.58 -63.20
N VAL D 252 -21.45 -51.66 -62.24
CA VAL D 252 -20.97 -50.47 -61.54
C VAL D 252 -19.46 -50.26 -61.81
N MET D 253 -19.08 -49.04 -62.20
CA MET D 253 -17.69 -48.74 -62.61
C MET D 253 -17.21 -47.45 -61.97
N CYS D 254 -16.07 -47.53 -61.27
CA CYS D 254 -15.45 -46.35 -60.69
C CYS D 254 -14.49 -45.71 -61.70
N ILE D 255 -14.70 -44.42 -61.96
CA ILE D 255 -13.96 -43.73 -63.03
C ILE D 255 -13.12 -42.59 -62.46
N ASP D 256 -12.80 -42.69 -61.19
CA ASP D 256 -11.89 -41.74 -60.55
C ASP D 256 -10.52 -41.84 -61.15
N ARG D 257 -9.76 -40.74 -61.08
CA ARG D 257 -8.41 -40.72 -61.58
C ARG D 257 -7.50 -41.59 -60.75
N ASP D 258 -7.72 -41.57 -59.44
CA ASP D 258 -6.93 -42.37 -58.52
C ASP D 258 -7.78 -43.46 -57.87
N ALA D 259 -7.20 -44.64 -57.71
CA ALA D 259 -7.85 -45.72 -56.97
C ALA D 259 -7.67 -45.52 -55.48
N HIS D 260 -6.55 -44.90 -55.09
CA HIS D 260 -6.28 -44.59 -53.68
C HIS D 260 -5.83 -43.14 -53.52
N TYR D 261 -6.51 -42.41 -52.64
CA TYR D 261 -6.19 -41.01 -52.40
C TYR D 261 -6.52 -40.60 -50.97
N GLY D 262 -5.77 -39.64 -50.45
CA GLY D 262 -5.90 -39.25 -49.06
C GLY D 262 -4.60 -38.75 -48.49
N GLN D 263 -4.67 -37.79 -47.60
CA GLN D 263 -3.51 -37.08 -47.16
C GLN D 263 -2.78 -37.88 -46.14
N GLY D 264 -2.89 -37.47 -44.91
CA GLY D 264 -2.18 -38.16 -43.79
C GLY D 264 -2.52 -39.65 -43.72
N PHE D 265 -3.07 -40.08 -42.59
CA PHE D 265 -3.34 -41.51 -42.34
C PHE D 265 -4.70 -41.90 -42.89
N VAL D 266 -5.53 -40.91 -43.12
CA VAL D 266 -6.83 -41.12 -43.71
C VAL D 266 -6.71 -41.35 -45.21
N TRP D 267 -7.16 -42.52 -45.68
CA TRP D 267 -7.00 -42.90 -47.08
C TRP D 267 -8.29 -43.51 -47.63
N ASN D 268 -8.69 -43.08 -48.81
CA ASN D 268 -9.89 -43.58 -49.43
C ASN D 268 -9.57 -44.44 -50.64
N HIS D 269 -10.19 -45.61 -50.71
CA HIS D 269 -9.91 -46.58 -51.77
C HIS D 269 -11.15 -46.86 -52.58
N ILE D 270 -10.96 -47.23 -53.85
CA ILE D 270 -12.06 -47.66 -54.70
C ILE D 270 -12.84 -48.80 -54.05
N PRO D 271 -14.15 -48.62 -53.89
CA PRO D 271 -15.00 -49.54 -53.11
C PRO D 271 -15.03 -50.93 -53.70
N TRP D 272 -14.99 -51.94 -52.85
CA TRP D 272 -15.03 -53.32 -53.29
C TRP D 272 -16.33 -53.60 -54.02
N GLY D 273 -16.23 -54.31 -55.14
CA GLY D 273 -17.39 -54.65 -55.94
C GLY D 273 -17.50 -53.80 -57.19
N ALA D 274 -16.93 -52.60 -57.13
CA ALA D 274 -16.95 -51.69 -58.28
C ALA D 274 -15.83 -52.04 -59.25
N GLU D 275 -16.14 -51.99 -60.53
CA GLU D 275 -15.17 -52.30 -61.56
C GLU D 275 -14.12 -51.23 -61.63
N ASP D 276 -12.88 -51.63 -61.90
CA ASP D 276 -11.75 -50.70 -61.90
C ASP D 276 -11.58 -50.07 -63.27
N PHE D 277 -12.20 -48.92 -63.46
CA PHE D 277 -11.93 -48.10 -64.62
C PHE D 277 -11.19 -46.84 -64.24
N THR D 278 -10.38 -46.95 -63.20
CA THR D 278 -9.61 -45.81 -62.71
C THR D 278 -8.37 -45.59 -63.55
N GLY D 279 -7.63 -44.53 -63.24
CA GLY D 279 -6.38 -44.25 -63.91
C GLY D 279 -6.37 -42.88 -64.55
N LYS D 280 -5.19 -42.45 -64.98
CA LYS D 280 -5.02 -41.12 -65.58
C LYS D 280 -5.26 -41.17 -67.08
N LEU D 281 -6.52 -41.19 -67.48
CA LEU D 281 -6.88 -41.25 -68.90
C LEU D 281 -7.32 -39.89 -69.38
N PRO D 282 -7.21 -39.65 -70.71
CA PRO D 282 -7.75 -38.44 -71.35
C PRO D 282 -9.23 -38.32 -71.17
N LEU D 283 -9.71 -37.08 -70.98
CA LEU D 283 -11.06 -36.85 -70.53
C LEU D 283 -12.06 -37.38 -71.56
N GLN D 284 -11.65 -37.38 -72.82
CA GLN D 284 -12.54 -37.77 -73.90
C GLN D 284 -13.05 -39.20 -73.68
N GLU D 285 -12.14 -40.09 -73.25
CA GLU D 285 -12.50 -41.51 -73.01
C GLU D 285 -13.51 -41.62 -71.89
N ARG D 286 -13.38 -40.75 -70.90
CA ARG D 286 -14.32 -40.69 -69.79
C ARG D 286 -15.69 -40.23 -70.29
N VAL D 287 -15.69 -39.25 -71.18
CA VAL D 287 -16.91 -38.79 -71.81
C VAL D 287 -17.58 -39.92 -72.57
N ASN D 288 -16.78 -40.68 -73.31
CA ASN D 288 -17.30 -41.78 -74.14
C ASN D 288 -17.94 -42.86 -73.29
N LEU D 289 -17.34 -43.14 -72.15
CA LEU D 289 -17.86 -44.13 -71.22
C LEU D 289 -19.10 -43.59 -70.49
N LEU D 290 -19.07 -42.29 -70.18
CA LEU D 290 -20.10 -41.68 -69.33
C LEU D 290 -21.40 -41.51 -70.09
N ARG D 291 -21.28 -41.16 -71.36
CA ARG D 291 -22.35 -41.38 -72.29
C ARG D 291 -22.71 -42.87 -72.35
N HIS D 292 -23.94 -43.15 -72.67
CA HIS D 292 -24.42 -44.57 -72.77
C HIS D 292 -24.57 -45.21 -71.36
N ALA D 293 -24.00 -44.57 -70.34
CA ALA D 293 -24.25 -44.94 -68.96
C ALA D 293 -25.64 -44.58 -68.56
N SER D 294 -26.28 -45.46 -67.79
CA SER D 294 -27.68 -45.27 -67.42
C SER D 294 -27.84 -44.06 -66.52
N PHE D 295 -26.90 -43.90 -65.58
CA PHE D 295 -26.77 -42.64 -64.85
C PHE D 295 -25.49 -42.64 -64.02
N PHE D 296 -25.22 -41.51 -63.37
CA PHE D 296 -23.94 -41.29 -62.69
C PHE D 296 -24.17 -40.93 -61.23
N ILE D 297 -23.36 -41.48 -60.36
CA ILE D 297 -23.42 -41.15 -58.94
C ILE D 297 -22.08 -40.65 -58.45
N GLY D 298 -22.04 -39.40 -57.99
CA GLY D 298 -20.79 -38.66 -57.87
C GLY D 298 -20.77 -37.75 -56.67
N LEU D 299 -19.61 -37.21 -56.36
CA LEU D 299 -19.49 -36.13 -55.40
C LEU D 299 -19.49 -34.77 -56.11
N PRO D 300 -19.48 -33.67 -55.31
CA PRO D 300 -19.36 -32.31 -55.86
C PRO D 300 -18.06 -32.11 -56.64
N SER D 301 -17.30 -33.21 -56.83
CA SER D 301 -16.07 -33.16 -57.64
C SER D 301 -16.40 -32.97 -59.13
N GLY D 302 -15.36 -32.80 -59.94
CA GLY D 302 -15.53 -32.33 -61.31
C GLY D 302 -16.21 -33.35 -62.20
N LEU D 303 -15.97 -34.62 -61.91
CA LEU D 303 -16.51 -35.69 -62.70
C LEU D 303 -18.03 -35.62 -62.76
N SER D 304 -18.62 -35.02 -61.72
CA SER D 304 -20.06 -34.80 -61.68
C SER D 304 -20.47 -33.78 -62.72
N TRP D 305 -19.59 -32.81 -62.96
CA TRP D 305 -19.84 -31.77 -63.98
C TRP D 305 -19.66 -32.34 -65.38
N LEU D 306 -18.64 -33.17 -65.54
CA LEU D 306 -18.40 -33.86 -66.81
C LEU D 306 -19.54 -34.80 -67.13
N ALA D 307 -20.07 -35.45 -66.10
CA ALA D 307 -21.22 -36.33 -66.26
C ALA D 307 -22.47 -35.53 -66.61
N TRP D 308 -22.58 -34.34 -66.03
CA TRP D 308 -23.70 -33.46 -66.32
C TRP D 308 -23.69 -33.02 -67.77
N ALA D 309 -22.49 -32.80 -68.32
CA ALA D 309 -22.34 -32.27 -69.68
C ALA D 309 -22.60 -33.37 -70.72
N THR D 310 -22.60 -34.62 -70.27
CA THR D 310 -22.85 -35.75 -71.15
C THR D 310 -24.35 -36.11 -71.16
N ARG D 311 -25.16 -35.23 -70.58
CA ARG D 311 -26.63 -35.31 -70.72
C ARG D 311 -27.15 -36.65 -70.15
N ILE D 312 -26.57 -37.08 -69.04
CA ILE D 312 -27.09 -38.22 -68.29
C ILE D 312 -27.49 -37.80 -66.89
N PRO D 313 -28.45 -38.53 -66.29
CA PRO D 313 -28.92 -38.24 -64.93
C PRO D 313 -27.80 -38.31 -63.91
N VAL D 314 -27.67 -37.28 -63.09
CA VAL D 314 -26.58 -37.19 -62.15
C VAL D 314 -27.11 -37.17 -60.73
N VAL D 315 -26.81 -38.24 -59.99
CA VAL D 315 -27.03 -38.25 -58.53
C VAL D 315 -25.82 -37.68 -57.80
N LEU D 316 -25.99 -36.49 -57.24
CA LEU D 316 -24.88 -35.79 -56.60
C LEU D 316 -25.00 -35.86 -55.08
N ILE D 317 -24.01 -36.48 -54.44
CA ILE D 317 -24.02 -36.66 -52.98
C ILE D 317 -23.06 -35.69 -52.31
N SER D 318 -23.62 -34.73 -51.59
CA SER D 318 -22.81 -33.73 -50.90
C SER D 318 -23.57 -33.13 -49.76
N GLY D 319 -22.89 -32.93 -48.64
CA GLY D 319 -23.47 -32.22 -47.49
C GLY D 319 -22.67 -30.98 -47.12
N PHE D 320 -21.43 -30.92 -47.57
CA PHE D 320 -20.54 -29.83 -47.21
C PHE D 320 -20.80 -28.60 -48.12
N SER D 321 -21.72 -28.76 -49.06
CA SER D 321 -22.17 -27.63 -49.87
C SER D 321 -23.70 -27.65 -50.00
N LEU D 322 -24.28 -26.47 -50.14
CA LEU D 322 -25.73 -26.33 -50.29
C LEU D 322 -26.16 -26.77 -51.67
N PRO D 323 -27.43 -27.22 -51.81
CA PRO D 323 -27.95 -27.77 -53.07
C PRO D 323 -27.81 -26.78 -54.25
N ASN D 324 -27.77 -25.48 -53.94
CA ASN D 324 -27.75 -24.45 -54.97
C ASN D 324 -26.30 -24.00 -55.28
N SER D 325 -25.33 -24.68 -54.69
CA SER D 325 -23.92 -24.34 -54.89
C SER D 325 -23.40 -24.92 -56.21
N GLU D 326 -24.01 -26.04 -56.64
CA GLU D 326 -23.64 -26.66 -57.93
C GLU D 326 -24.78 -26.51 -58.94
N PHE D 327 -24.66 -27.20 -60.07
CA PHE D 327 -25.74 -27.27 -61.04
C PHE D 327 -26.93 -28.00 -60.46
N TYR D 328 -28.11 -27.71 -60.97
CA TYR D 328 -29.32 -28.32 -60.48
C TYR D 328 -29.45 -29.73 -60.96
N THR D 329 -29.93 -30.60 -60.09
CA THR D 329 -30.33 -31.93 -60.48
C THR D 329 -31.33 -32.52 -59.48
N PRO D 330 -32.47 -33.01 -59.97
CA PRO D 330 -33.55 -33.53 -59.12
C PRO D 330 -33.10 -34.71 -58.28
N TRP D 331 -31.92 -35.24 -58.56
CA TRP D 331 -31.39 -36.37 -57.84
C TRP D 331 -30.29 -35.93 -56.91
N ARG D 332 -30.36 -34.69 -56.44
CA ARG D 332 -29.45 -34.18 -55.46
C ARG D 332 -29.75 -34.78 -54.08
N VAL D 333 -28.74 -35.34 -53.45
CA VAL D 333 -28.87 -35.88 -52.11
C VAL D 333 -28.27 -34.93 -51.09
N PHE D 334 -29.01 -34.66 -50.02
CA PHE D 334 -28.63 -33.64 -49.05
C PHE D 334 -29.36 -33.83 -47.75
N ASN D 335 -28.65 -33.69 -46.63
CA ASN D 335 -29.25 -33.82 -45.31
C ASN D 335 -29.10 -32.55 -44.51
N SER D 336 -30.17 -32.15 -43.82
CA SER D 336 -30.29 -30.79 -43.29
C SER D 336 -30.54 -30.83 -41.76
N HIS D 337 -30.15 -31.93 -41.12
CA HIS D 337 -30.46 -32.14 -39.69
C HIS D 337 -29.19 -31.95 -38.83
N GLY D 338 -28.01 -31.96 -39.48
CA GLY D 338 -26.72 -31.72 -38.79
C GLY D 338 -25.94 -30.59 -39.42
N CYS D 339 -24.63 -30.55 -39.13
CA CYS D 339 -23.69 -29.64 -39.87
C CYS D 339 -23.88 -29.79 -41.39
N TYR D 340 -23.89 -28.66 -42.11
CA TYR D 340 -23.95 -28.67 -43.59
C TYR D 340 -23.56 -27.30 -44.15
N GLY D 341 -23.07 -27.29 -45.38
CA GLY D 341 -22.69 -26.05 -46.05
C GLY D 341 -21.49 -25.38 -45.38
N CYS D 342 -20.53 -26.20 -44.92
CA CYS D 342 -19.20 -25.70 -44.54
C CYS D 342 -18.64 -24.73 -45.63
N TRP D 343 -19.07 -24.96 -46.88
CA TRP D 343 -18.37 -24.39 -48.06
C TRP D 343 -18.96 -23.03 -48.44
N ASP D 344 -20.24 -22.85 -48.12
CA ASP D 344 -20.99 -21.71 -48.60
C ASP D 344 -21.04 -20.61 -47.55
N ASP D 345 -20.62 -20.95 -46.33
CA ASP D 345 -20.72 -20.02 -45.19
C ASP D 345 -19.67 -18.90 -45.33
N THR D 346 -20.15 -17.66 -45.30
CA THR D 346 -19.29 -16.52 -45.58
C THR D 346 -18.55 -16.09 -44.31
N SER D 347 -18.91 -16.69 -43.18
CA SER D 347 -18.24 -16.40 -41.91
C SER D 347 -17.04 -17.33 -41.69
N LEU D 348 -16.96 -18.39 -42.51
CA LEU D 348 -15.83 -19.32 -42.45
C LEU D 348 -14.93 -19.15 -43.65
N ASN D 349 -13.76 -19.81 -43.61
CA ASN D 349 -12.77 -19.68 -44.69
C ASN D 349 -12.15 -21.03 -45.03
N PHE D 350 -12.02 -21.31 -46.32
CA PHE D 350 -11.54 -22.62 -46.79
C PHE D 350 -10.01 -22.72 -46.67
N ASP D 351 -9.53 -23.82 -46.09
CA ASP D 351 -8.09 -24.06 -45.95
C ASP D 351 -7.58 -24.96 -47.06
N HIS D 352 -6.72 -24.41 -47.92
CA HIS D 352 -6.24 -25.14 -49.08
C HIS D 352 -5.22 -26.18 -48.68
N HIS D 353 -4.63 -26.00 -47.49
CA HIS D 353 -3.53 -26.84 -47.05
C HIS D 353 -4.02 -27.91 -46.08
N ASP D 354 -5.28 -27.80 -45.66
CA ASP D 354 -5.88 -28.76 -44.76
C ASP D 354 -6.85 -29.67 -45.49
N PHE D 355 -6.53 -30.95 -45.56
CA PHE D 355 -7.37 -31.92 -46.27
C PHE D 355 -8.49 -32.45 -45.35
N LEU D 356 -8.22 -32.50 -44.05
CA LEU D 356 -9.22 -32.89 -43.05
C LEU D 356 -9.95 -31.67 -42.53
N TRP D 357 -10.43 -30.85 -43.44
CA TRP D 357 -11.03 -29.59 -43.09
C TRP D 357 -12.54 -29.75 -42.83
N CYS D 358 -12.94 -29.63 -41.55
CA CYS D 358 -14.31 -29.15 -41.20
C CYS D 358 -14.27 -28.17 -40.06
N PRO D 359 -14.46 -26.87 -40.38
CA PRO D 359 -14.08 -25.77 -39.48
C PRO D 359 -14.83 -25.82 -38.14
N ARG D 360 -16.10 -26.20 -38.19
CA ARG D 360 -16.97 -26.34 -37.02
C ARG D 360 -16.65 -27.46 -36.04
N HIS D 361 -16.30 -28.63 -36.58
CA HIS D 361 -16.41 -29.93 -35.86
C HIS D 361 -15.18 -30.82 -36.12
N LYS D 362 -14.05 -30.19 -36.41
CA LYS D 362 -12.79 -30.92 -36.61
C LYS D 362 -12.28 -31.49 -35.29
N ASN D 363 -11.75 -32.71 -35.33
CA ASN D 363 -11.22 -33.35 -34.15
C ASN D 363 -12.26 -33.45 -33.04
N THR D 364 -13.51 -33.68 -33.43
CA THR D 364 -14.58 -34.00 -32.47
C THR D 364 -15.34 -35.23 -32.91
N ASP D 365 -16.37 -35.57 -32.16
CA ASP D 365 -17.17 -36.75 -32.45
C ASP D 365 -17.98 -36.54 -33.72
N ARG D 366 -18.24 -35.28 -34.04
CA ARG D 366 -19.20 -34.95 -35.08
C ARG D 366 -18.47 -34.45 -36.34
N GLN D 367 -17.22 -34.87 -36.49
CA GLN D 367 -16.41 -34.46 -37.64
C GLN D 367 -16.96 -35.10 -38.92
N PHE D 368 -17.05 -34.30 -39.98
CA PHE D 368 -17.71 -34.72 -41.21
C PHE D 368 -19.04 -35.41 -40.90
N GLU D 369 -19.79 -34.84 -39.96
CA GLU D 369 -21.22 -35.12 -39.83
C GLU D 369 -21.98 -34.65 -41.10
N CYS D 370 -21.39 -33.68 -41.83
CA CYS D 370 -22.02 -33.12 -43.00
C CYS D 370 -22.54 -34.24 -43.96
N THR D 371 -21.77 -35.35 -44.02
CA THR D 371 -22.01 -36.40 -45.03
C THR D 371 -22.38 -37.73 -44.36
N ARG D 372 -22.09 -37.84 -43.06
CA ARG D 372 -22.29 -39.10 -42.33
C ARG D 372 -23.77 -39.38 -42.13
N LEU D 373 -24.56 -38.31 -42.08
CA LEU D 373 -25.99 -38.44 -41.89
C LEU D 373 -26.66 -38.94 -43.17
N ILE D 374 -25.96 -38.78 -44.31
CA ILE D 374 -26.46 -39.27 -45.60
C ILE D 374 -26.28 -40.79 -45.70
N THR D 375 -27.33 -41.53 -45.36
CA THR D 375 -27.25 -42.99 -45.27
C THR D 375 -27.40 -43.61 -46.62
N GLY D 376 -27.03 -44.88 -46.72
CA GLY D 376 -27.18 -45.61 -47.96
C GLY D 376 -28.63 -45.77 -48.37
N ALA D 377 -29.52 -45.80 -47.37
CA ALA D 377 -30.96 -45.96 -47.61
C ALA D 377 -31.54 -44.72 -48.31
N GLN D 378 -31.07 -43.55 -47.90
CA GLN D 378 -31.47 -42.30 -48.52
C GLN D 378 -31.10 -42.28 -49.98
N VAL D 379 -29.82 -42.56 -50.26
CA VAL D 379 -29.32 -42.50 -51.64
C VAL D 379 -29.98 -43.59 -52.49
N ASN D 380 -30.25 -44.74 -51.87
CA ASN D 380 -30.94 -45.83 -52.56
C ASN D 380 -32.39 -45.49 -52.85
N GLY D 381 -32.97 -44.65 -52.01
CA GLY D 381 -34.32 -44.13 -52.25
C GLY D 381 -34.37 -43.22 -53.45
N VAL D 382 -33.41 -42.30 -53.53
CA VAL D 382 -33.25 -41.46 -54.71
C VAL D 382 -33.00 -42.31 -55.95
N ILE D 383 -32.15 -43.33 -55.82
CA ILE D 383 -31.81 -44.20 -56.94
C ILE D 383 -33.05 -44.99 -57.41
N ASN D 384 -33.93 -45.32 -56.47
CA ASN D 384 -35.18 -46.03 -56.79
C ASN D 384 -36.14 -45.15 -57.58
N LYS D 385 -36.23 -43.88 -57.20
CA LYS D 385 -37.04 -42.91 -57.94
C LYS D 385 -36.50 -42.73 -59.36
N LEU D 386 -35.18 -42.59 -59.48
CA LEU D 386 -34.56 -42.32 -60.76
C LEU D 386 -34.61 -43.55 -61.66
N HIS D 387 -34.59 -44.73 -61.04
CA HIS D 387 -34.68 -45.98 -61.79
C HIS D 387 -36.08 -46.18 -62.34
N ARG D 388 -37.09 -45.85 -61.53
CA ARG D 388 -38.48 -45.98 -61.94
C ARG D 388 -38.84 -44.91 -62.98
N SER D 389 -38.16 -43.78 -62.90
CA SER D 389 -38.32 -42.73 -63.91
C SER D 389 -37.69 -43.15 -65.26
N LEU D 390 -36.61 -43.92 -65.18
CA LEU D 390 -35.99 -44.49 -66.37
C LEU D 390 -36.70 -45.76 -66.79
N THR D 391 -37.32 -46.44 -65.82
CA THR D 391 -37.66 -47.88 -65.96
C THR D 391 -36.49 -48.66 -66.51
N ILE E 10 -13.02 42.01 -51.82
CA ILE E 10 -13.60 42.36 -50.47
C ILE E 10 -12.50 42.72 -49.48
N THR E 11 -11.27 42.70 -49.96
CA THR E 11 -10.15 43.10 -49.16
C THR E 11 -10.07 44.62 -49.08
N PRO E 12 -9.88 45.16 -47.86
CA PRO E 12 -9.54 46.56 -47.67
C PRO E 12 -8.16 46.89 -48.21
N PRO E 13 -7.97 48.14 -48.65
CA PRO E 13 -6.65 48.63 -49.09
C PRO E 13 -5.54 48.36 -48.05
N ASP E 14 -4.40 47.87 -48.52
CA ASP E 14 -3.25 47.58 -47.63
C ASP E 14 -2.75 48.86 -46.96
N THR E 15 -2.94 50.00 -47.64
CA THR E 15 -2.57 51.29 -47.09
C THR E 15 -3.80 52.20 -46.96
N PRO E 16 -4.01 52.76 -45.76
CA PRO E 16 -5.12 53.68 -45.51
C PRO E 16 -5.21 54.80 -46.56
N THR E 17 -6.44 55.21 -46.90
CA THR E 17 -6.69 55.96 -48.13
C THR E 17 -6.48 57.46 -47.92
N GLN E 18 -6.57 57.89 -46.65
CA GLN E 18 -6.52 59.32 -46.32
C GLN E 18 -5.13 59.70 -45.81
N ALA E 19 -4.66 60.89 -46.21
CA ALA E 19 -3.27 61.27 -46.00
C ALA E 19 -2.98 61.51 -44.49
N GLY E 20 -3.18 62.73 -44.05
CA GLY E 20 -2.94 63.08 -42.64
C GLY E 20 -1.49 63.48 -42.39
N PRO E 21 -1.26 64.43 -41.45
CA PRO E 21 0.02 65.12 -41.31
C PRO E 21 1.15 64.18 -40.81
N GLU E 22 2.38 64.53 -41.12
CA GLU E 22 3.55 63.76 -40.63
C GLU E 22 3.42 62.27 -40.98
N ASN E 23 2.97 62.00 -42.20
CA ASN E 23 3.05 60.64 -42.78
C ASN E 23 2.23 59.63 -41.95
N ILE E 24 1.15 60.10 -41.33
CA ILE E 24 0.20 59.23 -40.66
C ILE E 24 -1.01 58.99 -41.53
N PHE E 25 -1.33 57.72 -41.76
CA PHE E 25 -2.39 57.35 -42.71
C PHE E 25 -3.59 56.77 -41.97
N TYR E 26 -4.76 57.41 -42.13
CA TYR E 26 -5.97 56.99 -41.44
C TYR E 26 -7.07 56.61 -42.44
N ASP E 27 -8.12 55.94 -41.94
CA ASP E 27 -8.98 55.11 -42.79
C ASP E 27 -10.20 54.63 -41.99
N PHE E 28 -11.29 54.36 -42.71
CA PHE E 28 -12.53 53.91 -42.06
C PHE E 28 -13.09 52.66 -42.79
N ASN E 29 -12.27 52.05 -43.62
CA ASN E 29 -12.54 50.70 -44.10
C ASN E 29 -12.15 49.67 -43.04
N ASP E 30 -13.00 48.66 -42.88
CA ASP E 30 -12.80 47.64 -41.82
C ASP E 30 -12.67 48.30 -40.45
N GLY E 31 -13.69 49.03 -40.04
CA GLY E 31 -13.62 49.84 -38.86
C GLY E 31 -12.67 51.00 -39.04
N ALA E 32 -12.42 51.71 -37.94
CA ALA E 32 -11.49 52.85 -37.97
C ALA E 32 -10.07 52.37 -37.85
N ARG E 33 -9.30 52.53 -38.91
CA ARG E 33 -7.91 52.14 -38.92
C ARG E 33 -7.03 53.35 -38.92
N VAL E 34 -5.85 53.23 -38.32
CA VAL E 34 -4.80 54.22 -38.45
C VAL E 34 -3.42 53.56 -38.48
N LEU E 35 -2.59 53.96 -39.45
CA LEU E 35 -1.25 53.42 -39.58
C LEU E 35 -0.21 54.50 -39.23
N LEU E 36 0.56 54.26 -38.18
CA LEU E 36 1.60 55.18 -37.76
C LEU E 36 2.96 54.75 -38.30
N PRO E 37 3.73 55.71 -38.85
CA PRO E 37 5.12 55.47 -39.19
C PRO E 37 5.97 55.10 -37.96
N GLU E 38 6.95 55.91 -37.66
CA GLU E 38 7.85 55.64 -36.59
C GLU E 38 7.80 56.76 -35.55
N GLY E 39 7.99 56.40 -34.29
CA GLY E 39 8.05 57.38 -33.21
C GLY E 39 7.41 56.87 -31.94
N LYS E 40 6.87 57.80 -31.14
CA LYS E 40 6.21 57.44 -29.88
C LYS E 40 4.82 58.11 -29.76
N TRP E 41 3.76 57.32 -29.95
CA TRP E 41 2.42 57.87 -30.17
C TRP E 41 1.48 57.43 -29.06
N HIS E 42 0.45 58.23 -28.81
CA HIS E 42 -0.66 57.83 -27.93
C HIS E 42 -1.99 58.04 -28.66
N VAL E 43 -2.60 56.93 -29.11
CA VAL E 43 -3.75 56.99 -30.05
C VAL E 43 -5.07 56.71 -29.31
N ARG E 44 -6.07 57.56 -29.56
CA ARG E 44 -7.37 57.39 -28.95
C ARG E 44 -8.48 57.36 -29.99
N LEU E 45 -9.36 56.35 -29.89
CA LEU E 45 -10.56 56.29 -30.70
C LEU E 45 -11.78 56.58 -29.87
N LEU E 46 -12.61 57.51 -30.34
CA LEU E 46 -13.79 57.96 -29.57
C LEU E 46 -15.06 57.76 -30.39
N ASP E 47 -16.20 57.69 -29.68
CA ASP E 47 -17.50 57.78 -30.33
C ASP E 47 -18.00 59.22 -30.31
N ALA E 48 -18.04 59.84 -31.48
CA ALA E 48 -18.27 61.28 -31.58
C ALA E 48 -19.64 61.66 -30.99
N ASP E 49 -20.61 60.76 -31.14
CA ASP E 49 -21.98 61.03 -30.71
C ASP E 49 -22.08 61.02 -29.19
N SER E 50 -21.38 60.07 -28.56
CA SER E 50 -21.47 59.87 -27.11
C SER E 50 -20.25 60.49 -26.41
N GLU E 51 -19.20 60.76 -27.19
CA GLU E 51 -17.95 61.32 -26.63
C GLU E 51 -17.28 60.30 -25.67
N ASN E 52 -17.66 59.04 -25.79
CA ASN E 52 -17.02 57.97 -25.06
C ASN E 52 -15.69 57.59 -25.68
N ILE E 53 -14.70 57.33 -24.83
CA ILE E 53 -13.41 56.86 -25.29
C ILE E 53 -13.43 55.36 -25.52
N LEU E 54 -13.55 54.96 -26.78
CA LEU E 54 -13.73 53.55 -27.14
C LEU E 54 -12.45 52.79 -26.93
N PHE E 55 -11.33 53.36 -27.39
CA PHE E 55 -10.01 52.71 -27.28
C PHE E 55 -8.91 53.74 -27.02
N CYS E 56 -7.85 53.32 -26.35
CA CYS E 56 -6.80 54.23 -25.91
C CYS E 56 -5.54 53.46 -25.50
N CYS E 57 -4.43 53.70 -26.22
CA CYS E 57 -3.20 52.91 -26.03
C CYS E 57 -1.95 53.73 -26.42
N ASP E 58 -0.79 53.32 -25.92
CA ASP E 58 0.47 53.88 -26.35
C ASP E 58 1.18 52.92 -27.31
N VAL E 59 1.39 53.38 -28.53
CA VAL E 59 1.97 52.54 -29.57
C VAL E 59 3.07 53.27 -30.31
N ASP E 60 4.11 52.54 -30.67
CA ASP E 60 5.27 53.12 -31.33
C ASP E 60 5.10 53.09 -32.84
N LYS E 61 4.58 51.99 -33.35
CA LYS E 61 4.52 51.74 -34.76
C LYS E 61 3.47 50.69 -35.08
N GLY E 62 2.89 50.79 -36.26
CA GLY E 62 2.09 49.71 -36.82
C GLY E 62 0.65 50.07 -36.90
N TRP E 63 -0.21 49.06 -36.81
CA TRP E 63 -1.64 49.24 -37.03
C TRP E 63 -2.37 49.49 -35.71
N VAL E 64 -3.36 50.38 -35.74
CA VAL E 64 -4.34 50.48 -34.67
C VAL E 64 -5.76 50.53 -35.23
N THR E 65 -6.54 49.49 -34.95
CA THR E 65 -7.88 49.37 -35.48
C THR E 65 -8.91 49.21 -34.36
N SER E 66 -10.11 49.74 -34.56
CA SER E 66 -11.21 49.55 -33.62
C SER E 66 -11.72 48.13 -33.69
N SER E 67 -12.12 47.60 -32.53
CA SER E 67 -12.66 46.24 -32.46
C SER E 67 -14.03 46.17 -33.09
N LYS E 68 -14.74 47.30 -33.08
CA LYS E 68 -16.06 47.40 -33.72
C LYS E 68 -15.91 47.76 -35.19
N LYS E 69 -16.60 47.01 -36.06
CA LYS E 69 -16.44 47.17 -37.50
C LYS E 69 -17.68 47.80 -38.13
N TYR E 70 -18.82 47.67 -37.45
CA TYR E 70 -20.08 48.26 -37.92
C TYR E 70 -20.03 49.78 -37.79
N PHE E 71 -21.12 50.44 -38.21
CA PHE E 71 -21.12 51.89 -38.37
C PHE E 71 -21.04 52.57 -37.02
N VAL E 72 -19.95 53.26 -36.78
CA VAL E 72 -19.86 54.17 -35.68
C VAL E 72 -19.15 55.44 -36.10
N ARG E 73 -19.76 56.58 -35.79
CA ARG E 73 -19.18 57.88 -36.12
C ARG E 73 -17.88 58.10 -35.35
N PHE E 74 -16.81 57.46 -35.81
CA PHE E 74 -15.59 57.39 -35.06
C PHE E 74 -14.93 58.74 -35.00
N ARG E 75 -14.13 58.95 -33.96
CA ARG E 75 -13.26 60.11 -33.90
C ARG E 75 -11.84 59.70 -33.54
N ILE E 76 -10.92 59.85 -34.49
CA ILE E 76 -9.56 59.38 -34.30
C ILE E 76 -8.66 60.51 -33.80
N GLN E 77 -7.94 60.25 -32.70
CA GLN E 77 -6.99 61.22 -32.16
C GLN E 77 -5.62 60.60 -32.04
N VAL E 78 -4.62 61.26 -32.64
CA VAL E 78 -3.22 60.82 -32.51
C VAL E 78 -2.41 61.83 -31.66
N PHE E 79 -1.87 61.35 -30.54
CA PHE E 79 -1.10 62.20 -29.64
C PHE E 79 0.41 61.94 -29.81
N ARG E 80 1.21 63.01 -29.71
CA ARG E 80 2.59 62.89 -29.20
C ARG E 80 2.59 62.52 -27.72
N GLN E 81 3.48 61.61 -27.34
CA GLN E 81 3.36 60.88 -26.07
C GLN E 81 3.66 61.82 -24.88
N GLY E 82 2.86 62.85 -24.74
CA GLY E 82 3.10 63.88 -23.71
C GLY E 82 2.51 65.19 -24.09
N GLU E 83 1.93 65.24 -25.29
CA GLU E 83 1.39 66.48 -25.81
C GLU E 83 0.02 66.76 -25.20
N GLU E 84 -0.38 68.03 -25.20
CA GLU E 84 -1.69 68.42 -24.73
C GLU E 84 -2.73 68.30 -25.85
N THR E 85 -2.40 68.85 -27.02
CA THR E 85 -3.32 68.83 -28.15
C THR E 85 -2.94 67.66 -29.12
N PRO E 86 -3.93 67.22 -29.91
CA PRO E 86 -3.72 66.14 -30.89
C PRO E 86 -2.95 66.61 -32.11
N LEU E 87 -2.08 65.76 -32.62
CA LEU E 87 -1.48 65.97 -33.95
C LEU E 87 -2.54 65.72 -35.05
N LEU E 88 -3.35 64.67 -34.88
CA LEU E 88 -4.44 64.39 -35.79
C LEU E 88 -5.76 64.20 -35.02
N ASP E 89 -6.82 64.88 -35.48
CA ASP E 89 -8.13 64.80 -34.82
C ASP E 89 -9.25 64.83 -35.85
N GLU E 90 -9.55 63.66 -36.42
CA GLU E 90 -10.45 63.57 -37.58
C GLU E 90 -11.69 62.75 -37.25
N THR E 91 -12.86 63.35 -37.45
CA THR E 91 -14.12 62.68 -37.17
C THR E 91 -14.78 62.23 -38.46
N LEU E 92 -15.36 61.04 -38.45
CA LEU E 92 -15.97 60.46 -39.64
C LEU E 92 -17.01 61.42 -40.23
N LYS E 93 -16.92 61.66 -41.53
CA LYS E 93 -17.87 62.53 -42.22
C LYS E 93 -18.01 62.11 -43.68
N LEU E 94 -19.22 61.66 -44.03
CA LEU E 94 -19.39 60.72 -45.14
C LEU E 94 -19.98 61.44 -46.38
N LYS E 95 -20.38 62.71 -46.20
CA LYS E 95 -21.08 63.45 -47.26
C LYS E 95 -20.17 63.63 -48.46
N ASP E 96 -20.66 63.22 -49.64
CA ASP E 96 -19.89 63.40 -50.91
C ASP E 96 -18.59 62.60 -50.89
N ARG E 97 -18.57 61.54 -50.09
CA ARG E 97 -17.37 60.72 -49.96
C ARG E 97 -17.61 59.33 -50.54
N PRO E 98 -16.54 58.70 -51.06
CA PRO E 98 -16.59 57.32 -51.58
C PRO E 98 -16.82 56.29 -50.47
N VAL E 99 -18.02 55.73 -50.43
CA VAL E 99 -18.35 54.70 -49.45
C VAL E 99 -18.67 53.36 -50.15
N LEU E 100 -18.13 52.28 -49.60
CA LEU E 100 -18.29 50.96 -50.20
C LEU E 100 -19.03 50.02 -49.24
N ILE E 101 -20.19 49.53 -49.67
CA ILE E 101 -20.94 48.53 -48.90
C ILE E 101 -20.83 47.16 -49.56
N SER E 102 -20.28 46.20 -48.84
CA SER E 102 -19.94 44.92 -49.41
C SER E 102 -20.87 43.84 -48.90
N PHE E 103 -21.69 43.30 -49.79
CA PHE E 103 -22.44 42.08 -49.50
C PHE E 103 -21.69 40.85 -50.00
N PRO E 104 -21.89 39.71 -49.34
CA PRO E 104 -21.32 38.44 -49.79
C PRO E 104 -21.90 37.99 -51.11
N THR E 105 -21.37 36.90 -51.65
CA THR E 105 -21.78 36.44 -52.97
C THR E 105 -23.28 36.24 -52.91
N GLY E 106 -23.94 36.59 -54.01
CA GLY E 106 -25.37 36.86 -54.01
C GLY E 106 -26.25 35.71 -53.54
N THR E 107 -27.27 36.09 -52.77
CA THR E 107 -28.20 35.14 -52.17
C THR E 107 -29.62 35.55 -52.54
N LEU E 108 -30.52 34.59 -52.52
CA LEU E 108 -31.89 34.79 -53.00
C LEU E 108 -32.68 35.83 -52.21
N GLY E 109 -32.53 35.86 -50.89
CA GLY E 109 -33.43 36.64 -50.08
C GLY E 109 -32.68 37.54 -49.13
N ALA E 110 -31.47 37.15 -48.78
CA ALA E 110 -30.69 37.88 -47.84
C ALA E 110 -30.33 39.22 -48.40
N LEU E 111 -30.02 39.27 -49.68
CA LEU E 111 -29.70 40.50 -50.34
C LEU E 111 -30.95 41.35 -50.52
N LEU E 112 -32.06 40.71 -50.87
CA LEU E 112 -33.33 41.41 -51.05
C LEU E 112 -33.78 42.04 -49.74
N GLY E 113 -33.48 41.38 -48.64
CA GLY E 113 -33.88 41.85 -47.33
C GLY E 113 -32.99 42.97 -46.84
N TRP E 114 -31.70 42.90 -47.19
CA TRP E 114 -30.70 43.79 -46.62
C TRP E 114 -30.72 45.15 -47.35
N PHE E 115 -30.99 45.13 -48.64
CA PHE E 115 -30.46 46.14 -49.56
C PHE E 115 -31.19 47.50 -49.35
N PRO E 116 -32.48 47.44 -48.93
CA PRO E 116 -33.25 48.66 -48.67
C PRO E 116 -32.62 49.53 -47.57
N TYR E 117 -31.87 48.89 -46.68
CA TYR E 117 -31.14 49.61 -45.65
C TYR E 117 -29.96 50.36 -46.25
N ALA E 118 -29.41 49.81 -47.34
CA ALA E 118 -28.27 50.43 -48.01
C ALA E 118 -28.68 51.74 -48.66
N GLU E 119 -29.91 51.80 -49.15
CA GLU E 119 -30.43 53.02 -49.75
C GLU E 119 -30.69 54.08 -48.68
N ARG E 120 -31.21 53.64 -47.54
CA ARG E 120 -31.44 54.54 -46.40
C ARG E 120 -30.13 55.15 -45.92
N PHE E 121 -29.07 54.34 -45.94
CA PHE E 121 -27.75 54.80 -45.51
C PHE E 121 -27.23 55.90 -46.43
N GLN E 122 -27.56 55.80 -47.71
CA GLN E 122 -27.11 56.79 -48.70
C GLN E 122 -27.94 58.08 -48.59
N SER E 123 -29.25 57.93 -48.37
CA SER E 123 -30.17 59.09 -48.29
C SER E 123 -29.94 59.89 -47.03
N LEU E 124 -29.43 59.23 -46.00
CA LEU E 124 -29.20 59.87 -44.72
C LEU E 124 -27.90 60.68 -44.75
N HIS E 125 -26.84 60.10 -45.31
CA HIS E 125 -25.49 60.66 -45.20
C HIS E 125 -25.10 61.40 -46.48
N LYS E 126 -25.89 61.21 -47.53
CA LYS E 126 -25.67 61.90 -48.82
C LYS E 126 -24.25 61.61 -49.35
N CYS E 127 -23.88 60.33 -49.32
CA CYS E 127 -22.54 59.92 -49.74
C CYS E 127 -22.58 59.36 -51.15
N ARG E 128 -21.39 59.09 -51.71
CA ARG E 128 -21.29 58.37 -52.99
C ARG E 128 -21.08 56.89 -52.75
N LEU E 129 -22.15 56.10 -52.96
CA LEU E 129 -22.21 54.74 -52.45
C LEU E 129 -22.02 53.74 -53.59
N GLU E 130 -21.15 52.76 -53.38
CA GLU E 130 -21.01 51.66 -54.30
C GLU E 130 -21.19 50.33 -53.58
N CYS E 131 -22.08 49.48 -54.12
CA CYS E 131 -22.40 48.19 -53.48
C CYS E 131 -21.86 47.04 -54.31
N THR E 132 -21.30 46.03 -53.63
CA THR E 132 -20.73 44.88 -54.31
C THR E 132 -21.57 43.63 -54.04
N MET E 133 -21.99 42.97 -55.10
CA MET E 133 -22.77 41.76 -54.99
C MET E 133 -22.71 40.96 -56.28
N SER E 134 -23.40 39.82 -56.31
CA SER E 134 -23.42 38.97 -57.49
C SER E 134 -24.20 39.63 -58.64
N GLN E 135 -23.93 39.19 -59.88
CA GLN E 135 -24.32 39.95 -61.08
C GLN E 135 -25.83 39.92 -61.26
N ASP E 136 -26.44 38.77 -60.98
CA ASP E 136 -27.89 38.58 -61.21
C ASP E 136 -28.71 39.54 -60.35
N ILE E 137 -28.27 39.75 -59.11
CA ILE E 137 -28.95 40.67 -58.20
C ILE E 137 -28.77 42.12 -58.68
N ILE E 138 -27.61 42.41 -59.27
CA ILE E 138 -27.36 43.71 -59.88
C ILE E 138 -28.32 43.95 -61.04
N ASP E 139 -28.51 42.92 -61.88
CA ASP E 139 -29.40 43.02 -63.03
C ASP E 139 -30.83 43.23 -62.57
N LEU E 140 -31.14 42.78 -61.36
CA LEU E 140 -32.51 42.81 -60.85
C LEU E 140 -32.84 44.22 -60.27
N LEU E 141 -31.83 44.86 -59.69
CA LEU E 141 -32.05 45.99 -58.76
C LEU E 141 -31.59 47.31 -59.40
N ALA E 142 -30.60 47.23 -60.29
CA ALA E 142 -29.74 48.40 -60.61
C ALA E 142 -30.56 49.52 -61.31
N PRO E 143 -31.47 49.13 -62.24
CA PRO E 143 -32.27 50.10 -63.03
C PRO E 143 -33.15 50.98 -62.15
N GLN E 144 -33.59 50.44 -61.01
CA GLN E 144 -34.54 51.15 -60.11
C GLN E 144 -33.79 52.08 -59.13
N TYR E 145 -32.53 51.73 -58.84
CA TYR E 145 -31.70 52.53 -57.92
C TYR E 145 -30.52 53.18 -58.68
N PRO E 146 -30.81 54.29 -59.38
CA PRO E 146 -29.80 54.99 -60.18
C PRO E 146 -28.75 55.72 -59.32
N GLN E 147 -29.12 56.04 -58.08
CA GLN E 147 -28.28 56.86 -57.22
C GLN E 147 -27.14 56.03 -56.64
N ILE E 148 -27.31 54.71 -56.65
CA ILE E 148 -26.30 53.80 -56.13
C ILE E 148 -25.60 53.08 -57.28
N GLN E 149 -24.27 53.00 -57.19
CA GLN E 149 -23.47 52.31 -58.21
C GLN E 149 -23.26 50.85 -57.84
N PHE E 150 -23.54 49.97 -58.78
CA PHE E 150 -23.47 48.53 -58.53
C PHE E 150 -22.23 47.93 -59.19
N SER E 151 -21.64 46.95 -58.53
CA SER E 151 -20.43 46.31 -59.03
C SER E 151 -20.30 44.91 -58.47
N THR E 152 -19.41 44.13 -59.04
CA THR E 152 -19.10 42.82 -58.50
C THR E 152 -17.89 42.89 -57.58
N PRO E 153 -17.76 41.90 -56.68
CA PRO E 153 -16.69 41.90 -55.69
C PRO E 153 -15.29 42.00 -56.32
N ASP E 154 -15.13 41.38 -57.49
CA ASP E 154 -13.80 41.22 -58.10
C ASP E 154 -13.45 42.45 -58.98
N LYS E 155 -14.45 43.30 -59.24
CA LYS E 155 -14.24 44.50 -60.06
C LYS E 155 -14.92 45.72 -59.41
N PRO E 156 -14.37 46.20 -58.27
CA PRO E 156 -14.80 47.43 -57.63
C PRO E 156 -14.21 48.69 -58.29
N ARG E 157 -15.02 49.73 -58.40
CA ARG E 157 -14.68 50.85 -59.25
C ARG E 157 -14.01 51.99 -58.42
N THR E 158 -14.21 51.96 -57.10
CA THR E 158 -13.75 53.07 -56.21
C THR E 158 -12.29 52.87 -55.80
N VAL E 159 -11.82 51.63 -55.91
CA VAL E 159 -10.41 51.28 -55.56
C VAL E 159 -10.00 51.86 -54.14
N ALA E 160 -10.09 53.20 -53.99
CA ALA E 160 -9.68 53.89 -52.71
C ALA E 160 -10.90 54.55 -52.05
N PRO E 161 -11.58 53.80 -51.15
CA PRO E 161 -12.79 54.26 -50.53
C PRO E 161 -12.52 54.91 -49.16
N TYR E 162 -13.39 55.82 -48.77
CA TYR E 162 -13.23 56.55 -47.51
C TYR E 162 -13.70 55.69 -46.34
N ALA E 163 -14.81 54.97 -46.53
CA ALA E 163 -15.35 54.08 -45.48
C ALA E 163 -15.98 52.83 -46.12
N THR E 164 -15.74 51.68 -45.51
CA THR E 164 -16.30 50.43 -45.99
C THR E 164 -17.08 49.73 -44.90
N TYR E 165 -18.22 49.16 -45.27
CA TYR E 165 -19.05 48.43 -44.32
C TYR E 165 -19.48 47.11 -44.91
N ARG E 166 -19.39 46.05 -44.13
CA ARG E 166 -19.54 44.70 -44.64
C ARG E 166 -20.77 44.03 -44.02
N VAL E 167 -21.88 44.09 -44.74
CA VAL E 167 -23.12 43.53 -44.25
C VAL E 167 -23.15 42.02 -44.47
N GLY E 168 -23.49 41.28 -43.41
CA GLY E 168 -23.56 39.81 -43.50
C GLY E 168 -24.08 39.19 -42.19
N LEU E 169 -24.35 37.89 -42.23
CA LEU E 169 -24.64 37.14 -41.04
C LEU E 169 -23.36 36.72 -40.33
N TYR E 170 -23.29 36.99 -39.03
CA TYR E 170 -22.14 36.60 -38.24
C TYR E 170 -22.57 35.76 -37.06
N PHE E 171 -22.16 34.49 -37.07
CA PHE E 171 -22.69 33.51 -36.13
C PHE E 171 -21.84 33.46 -34.86
N GLY E 172 -22.23 32.62 -33.91
CA GLY E 172 -21.48 32.44 -32.67
C GLY E 172 -21.68 33.59 -31.72
N GLY E 173 -22.62 34.47 -32.04
CA GLY E 173 -22.94 35.62 -31.20
C GLY E 173 -21.92 36.73 -31.34
N ASP E 174 -21.40 36.89 -32.55
CA ASP E 174 -20.44 37.96 -32.83
C ASP E 174 -21.05 39.33 -32.52
N THR E 175 -20.27 40.20 -31.89
CA THR E 175 -20.76 41.53 -31.48
C THR E 175 -19.76 42.62 -31.90
N ASN E 176 -18.79 42.25 -32.74
CA ASN E 176 -17.76 43.19 -33.18
C ASN E 176 -18.00 43.67 -34.59
N ASN E 177 -18.54 42.79 -35.43
CA ASN E 177 -18.91 43.15 -36.80
C ASN E 177 -20.39 43.50 -36.92
N GLN E 178 -21.16 43.15 -35.88
CA GLN E 178 -22.56 43.55 -35.80
C GLN E 178 -22.91 43.95 -34.36
N PRO E 179 -23.68 45.05 -34.21
CA PRO E 179 -24.04 45.57 -32.90
C PRO E 179 -24.75 44.56 -32.05
N VAL E 180 -25.73 43.89 -32.63
CA VAL E 180 -26.45 42.83 -31.93
C VAL E 180 -26.40 41.54 -32.73
N ASP E 181 -26.45 40.42 -32.02
CA ASP E 181 -26.70 39.13 -32.66
C ASP E 181 -27.98 39.17 -33.48
N PHE E 182 -27.89 38.73 -34.73
CA PHE E 182 -28.98 38.87 -35.68
C PHE E 182 -30.17 37.99 -35.28
N ARG E 183 -29.93 37.06 -34.35
CA ARG E 183 -30.97 36.14 -33.91
C ARG E 183 -31.95 36.84 -32.95
N LYS E 184 -31.59 38.06 -32.55
CA LYS E 184 -32.37 38.78 -31.55
C LYS E 184 -33.25 39.84 -32.21
N VAL E 185 -32.89 40.23 -33.44
CA VAL E 185 -33.57 41.33 -34.13
C VAL E 185 -34.09 40.88 -35.49
N GLY E 186 -33.65 39.71 -35.93
CA GLY E 186 -33.98 39.21 -37.28
C GLY E 186 -32.85 39.46 -38.28
N PHE E 187 -32.55 38.44 -39.07
CA PHE E 187 -31.29 38.40 -39.82
C PHE E 187 -31.19 39.60 -40.78
N HIS E 188 -32.35 40.06 -41.27
CA HIS E 188 -32.38 41.05 -42.34
C HIS E 188 -32.40 42.47 -41.78
N ARG E 189 -33.00 42.63 -40.60
CA ARG E 189 -32.97 43.91 -39.89
C ARG E 189 -31.58 44.20 -39.33
N SER E 190 -30.79 43.14 -39.14
CA SER E 190 -29.42 43.28 -38.62
C SER E 190 -28.62 44.23 -39.50
N ALA E 191 -28.90 44.22 -40.81
CA ALA E 191 -28.22 45.13 -41.73
C ALA E 191 -28.48 46.57 -41.37
N GLY E 192 -29.73 46.87 -41.03
CA GLY E 192 -30.11 48.21 -40.57
C GLY E 192 -29.34 48.62 -39.32
N TYR E 193 -29.17 47.68 -38.41
CA TYR E 193 -28.42 47.92 -37.17
C TYR E 193 -26.92 48.18 -37.49
N ILE E 194 -26.40 47.45 -38.47
CA ILE E 194 -24.97 47.55 -38.83
C ILE E 194 -24.67 48.91 -39.44
N LEU E 195 -25.60 49.41 -40.24
CA LEU E 195 -25.41 50.68 -40.93
C LEU E 195 -25.98 51.83 -40.10
N GLY E 196 -26.62 51.49 -38.99
CA GLY E 196 -27.10 52.49 -38.04
C GLY E 196 -28.20 53.35 -38.61
N VAL E 197 -29.14 52.71 -39.29
CA VAL E 197 -30.29 53.41 -39.86
C VAL E 197 -31.58 52.85 -39.32
N ASP E 198 -32.70 53.32 -39.86
CA ASP E 198 -34.01 52.77 -39.49
C ASP E 198 -34.08 51.25 -39.78
N PRO E 199 -34.21 50.43 -38.70
CA PRO E 199 -34.07 48.98 -38.79
C PRO E 199 -35.33 48.32 -39.34
N ARG E 200 -36.40 49.10 -39.47
CA ARG E 200 -37.71 48.55 -39.86
C ARG E 200 -37.68 48.02 -41.29
N GLU E 201 -38.29 46.85 -41.50
CA GLU E 201 -38.12 46.11 -42.75
C GLU E 201 -38.78 46.84 -43.90
N ALA E 202 -38.26 46.64 -45.10
CA ALA E 202 -38.86 47.19 -46.29
C ALA E 202 -38.52 46.33 -47.51
N PRO E 203 -39.42 46.34 -48.53
CA PRO E 203 -39.20 45.60 -49.77
C PRO E 203 -38.42 46.42 -50.79
N VAL E 204 -37.60 45.75 -51.58
CA VAL E 204 -36.88 46.40 -52.66
C VAL E 204 -37.83 46.80 -53.78
N ARG E 205 -37.39 47.74 -54.62
CA ARG E 205 -38.21 48.21 -55.75
C ARG E 205 -37.82 47.48 -57.03
N LEU E 206 -38.78 46.78 -57.62
CA LEU E 206 -38.52 45.95 -58.78
C LEU E 206 -39.19 46.54 -60.01
N ASP E 207 -38.90 45.95 -61.18
CA ASP E 207 -39.62 46.29 -62.40
C ASP E 207 -40.94 45.53 -62.49
N LEU E 208 -42.03 46.22 -62.16
CA LEU E 208 -43.33 45.60 -62.16
C LEU E 208 -44.17 46.08 -63.35
N SER E 209 -43.51 46.30 -64.48
CA SER E 209 -44.17 46.86 -65.66
C SER E 209 -44.56 45.76 -66.65
N ALA E 210 -44.10 44.54 -66.38
CA ALA E 210 -44.31 43.43 -67.28
C ALA E 210 -45.81 43.11 -67.39
N PRO E 211 -46.29 42.90 -68.62
CA PRO E 211 -47.70 42.56 -68.88
C PRO E 211 -48.02 41.13 -68.51
N ARG E 212 -49.29 40.86 -68.23
CA ARG E 212 -49.75 39.52 -67.85
C ARG E 212 -49.68 38.57 -69.04
N VAL E 213 -49.13 37.39 -68.81
CA VAL E 213 -49.00 36.41 -69.87
C VAL E 213 -50.08 35.34 -69.74
N ILE E 214 -50.26 34.82 -68.53
CA ILE E 214 -51.21 33.74 -68.28
C ILE E 214 -52.55 34.29 -67.80
N GLN E 215 -53.63 33.92 -68.48
CA GLN E 215 -54.93 34.60 -68.31
C GLN E 215 -55.63 34.09 -67.06
N GLU E 216 -55.67 32.76 -66.92
CA GLU E 216 -56.35 32.13 -65.78
C GLU E 216 -55.62 32.46 -64.46
N PRO E 217 -56.39 32.67 -63.38
CA PRO E 217 -55.83 32.81 -62.04
C PRO E 217 -54.95 31.65 -61.66
N TYR E 218 -53.77 31.97 -61.09
CA TYR E 218 -52.76 30.92 -60.79
C TYR E 218 -51.98 31.26 -59.51
N VAL E 219 -51.37 30.23 -58.92
CA VAL E 219 -50.60 30.40 -57.69
C VAL E 219 -49.18 29.91 -57.89
N CYS E 220 -48.23 30.66 -57.35
CA CYS E 220 -46.82 30.28 -57.42
C CYS E 220 -46.37 29.69 -56.11
N ILE E 221 -45.58 28.62 -56.19
CA ILE E 221 -45.10 27.93 -55.00
C ILE E 221 -43.60 27.68 -55.10
N ALA E 222 -42.94 27.64 -53.96
CA ALA E 222 -41.53 27.30 -53.90
C ALA E 222 -41.28 26.25 -52.82
N THR E 223 -40.81 25.08 -53.24
CA THR E 223 -40.72 23.92 -52.34
C THR E 223 -39.28 23.66 -51.93
N GLN E 224 -38.33 24.36 -52.59
CA GLN E 224 -36.88 24.08 -52.40
C GLN E 224 -36.30 24.99 -51.37
N SER E 225 -35.30 24.49 -50.67
CA SER E 225 -34.55 25.31 -49.75
C SER E 225 -33.14 24.78 -49.61
N THR E 226 -32.32 25.48 -48.84
CA THR E 226 -30.89 25.23 -48.81
C THR E 226 -30.55 24.21 -47.75
N CYS E 227 -31.37 24.14 -46.71
CA CYS E 227 -31.20 23.13 -45.66
C CYS E 227 -32.55 22.46 -45.33
N GLN E 228 -32.49 21.19 -44.95
CA GLN E 228 -33.67 20.35 -44.92
C GLN E 228 -34.64 20.83 -43.83
N ALA E 229 -34.15 21.66 -42.92
CA ALA E 229 -34.96 22.17 -41.82
C ALA E 229 -36.02 23.14 -42.35
N LYS E 230 -35.69 23.87 -43.41
CA LYS E 230 -36.57 24.90 -43.96
C LYS E 230 -37.65 24.26 -44.86
N TYR E 231 -37.40 23.03 -45.30
CA TYR E 231 -38.36 22.28 -46.08
C TYR E 231 -39.63 22.01 -45.27
N TRP E 232 -40.76 21.92 -45.96
CA TRP E 232 -41.99 21.43 -45.35
C TRP E 232 -41.99 19.91 -45.31
N ASN E 233 -41.67 19.36 -44.15
CA ASN E 233 -41.35 17.92 -44.04
C ASN E 233 -42.56 17.11 -43.60
N ASN E 234 -43.74 17.70 -43.72
CA ASN E 234 -44.97 16.95 -43.65
C ASN E 234 -45.15 16.08 -44.89
N GLY E 235 -45.69 14.88 -44.68
CA GLY E 235 -45.69 13.86 -45.73
C GLY E 235 -46.63 14.22 -46.87
N THR E 236 -47.81 14.69 -46.52
CA THR E 236 -48.87 14.86 -47.49
C THR E 236 -49.20 16.35 -47.67
N GLY E 237 -48.33 17.21 -47.14
CA GLY E 237 -48.61 18.65 -47.09
C GLY E 237 -48.82 19.24 -48.47
N TRP E 238 -47.77 19.21 -49.28
CA TRP E 238 -47.78 19.91 -50.55
C TRP E 238 -48.83 19.31 -51.50
N SER E 239 -49.06 18.01 -51.35
CA SER E 239 -50.02 17.31 -52.20
C SER E 239 -51.45 17.78 -51.90
N GLU E 240 -51.79 17.87 -50.60
CA GLU E 240 -53.12 18.33 -50.18
C GLU E 240 -53.32 19.80 -50.54
N VAL E 241 -52.26 20.59 -50.41
CA VAL E 241 -52.33 22.01 -50.67
C VAL E 241 -52.56 22.27 -52.16
N ILE E 242 -51.82 21.56 -53.01
CA ILE E 242 -51.94 21.72 -54.46
C ILE E 242 -53.32 21.25 -54.94
N ALA E 243 -53.79 20.14 -54.39
CA ALA E 243 -55.11 19.61 -54.74
C ALA E 243 -56.21 20.60 -54.33
N HIS E 244 -56.05 21.20 -53.15
CA HIS E 244 -57.02 22.18 -52.65
C HIS E 244 -56.99 23.45 -53.49
N LEU E 245 -55.79 23.85 -53.91
CA LEU E 245 -55.64 25.03 -54.78
C LEU E 245 -56.35 24.80 -56.13
N LYS E 246 -56.21 23.59 -56.67
CA LYS E 246 -56.81 23.25 -57.94
C LYS E 246 -58.33 23.22 -57.81
N SER E 247 -58.82 22.77 -56.66
CA SER E 247 -60.26 22.70 -56.41
C SER E 247 -60.86 24.11 -56.27
N LEU E 248 -59.99 25.10 -56.03
CA LEU E 248 -60.43 26.50 -55.90
C LEU E 248 -60.29 27.23 -57.22
N GLY E 249 -59.89 26.50 -58.26
CA GLY E 249 -59.84 27.06 -59.62
C GLY E 249 -58.53 27.77 -59.90
N TYR E 250 -57.48 27.37 -59.18
CA TYR E 250 -56.15 27.94 -59.40
C TYR E 250 -55.28 26.96 -60.19
N ARG E 251 -54.34 27.52 -60.95
CA ARG E 251 -53.31 26.77 -61.63
C ARG E 251 -52.00 26.93 -60.85
N VAL E 252 -51.35 25.82 -60.56
CA VAL E 252 -50.26 25.78 -59.58
C VAL E 252 -48.91 25.59 -60.29
N MET E 253 -47.94 26.43 -59.94
CA MET E 253 -46.65 26.45 -60.64
C MET E 253 -45.51 26.50 -59.66
N CYS E 254 -44.58 25.57 -59.80
CA CYS E 254 -43.35 25.57 -59.00
C CYS E 254 -42.23 26.35 -59.73
N ILE E 255 -41.67 27.35 -59.04
CA ILE E 255 -40.73 28.29 -59.67
C ILE E 255 -39.35 28.18 -59.01
N ASP E 256 -39.09 27.05 -58.36
CA ASP E 256 -37.78 26.79 -57.78
C ASP E 256 -36.72 26.73 -58.85
N ARG E 257 -35.48 27.00 -58.47
CA ARG E 257 -34.38 26.92 -59.39
C ARG E 257 -34.12 25.49 -59.82
N ASP E 258 -34.15 24.57 -58.85
CA ASP E 258 -33.93 23.17 -59.12
C ASP E 258 -35.22 22.39 -58.98
N ALA E 259 -35.40 21.39 -59.84
CA ALA E 259 -36.54 20.47 -59.74
C ALA E 259 -36.24 19.38 -58.71
N HIS E 260 -34.96 19.06 -58.54
CA HIS E 260 -34.54 18.09 -57.53
C HIS E 260 -33.33 18.62 -56.77
N TYR E 261 -33.40 18.53 -55.44
CA TYR E 261 -32.34 19.02 -54.58
C TYR E 261 -32.32 18.27 -53.26
N GLY E 262 -31.11 18.02 -52.76
CA GLY E 262 -30.96 17.27 -51.52
C GLY E 262 -29.58 16.65 -51.41
N GLN E 263 -29.34 15.92 -50.31
CA GLN E 263 -28.05 15.31 -50.07
C GLN E 263 -28.21 13.84 -49.67
N GLY E 264 -27.11 13.11 -49.65
CA GLY E 264 -27.14 11.70 -49.32
C GLY E 264 -28.31 10.99 -49.94
N PHE E 265 -29.22 10.49 -49.10
CA PHE E 265 -30.40 9.75 -49.57
C PHE E 265 -31.65 10.62 -49.47
N VAL E 266 -31.56 11.70 -48.71
CA VAL E 266 -32.65 12.65 -48.59
C VAL E 266 -32.70 13.55 -49.78
N TRP E 267 -33.75 13.42 -50.58
CA TRP E 267 -33.87 14.18 -51.81
C TRP E 267 -35.28 14.73 -51.96
N ASN E 268 -35.39 15.98 -52.38
CA ASN E 268 -36.69 16.63 -52.53
C ASN E 268 -36.98 16.96 -53.98
N HIS E 269 -38.16 16.56 -54.45
CA HIS E 269 -38.53 16.74 -55.86
C HIS E 269 -39.73 17.67 -55.98
N ILE E 270 -39.84 18.33 -57.13
CA ILE E 270 -41.02 19.13 -57.45
C ILE E 270 -42.29 18.26 -57.36
N PRO E 271 -43.27 18.70 -56.53
CA PRO E 271 -44.44 17.88 -56.18
C PRO E 271 -45.31 17.55 -57.39
N TRP E 272 -45.85 16.34 -57.41
CA TRP E 272 -46.71 15.91 -58.51
C TRP E 272 -47.95 16.77 -58.59
N GLY E 273 -48.26 17.24 -59.79
CA GLY E 273 -49.46 18.03 -60.01
C GLY E 273 -49.13 19.49 -60.22
N ALA E 274 -47.96 19.91 -59.77
CA ALA E 274 -47.50 21.27 -59.98
C ALA E 274 -46.85 21.40 -61.34
N GLU E 275 -47.12 22.52 -62.01
CA GLU E 275 -46.54 22.78 -63.32
C GLU E 275 -45.06 23.11 -63.20
N ASP E 276 -44.28 22.64 -64.16
CA ASP E 276 -42.83 22.78 -64.10
C ASP E 276 -42.40 24.12 -64.69
N PHE E 277 -42.18 25.08 -63.82
CA PHE E 277 -41.57 26.34 -64.22
C PHE E 277 -40.21 26.51 -63.58
N THR E 278 -39.52 25.40 -63.38
CA THR E 278 -38.23 25.41 -62.70
C THR E 278 -37.11 25.76 -63.67
N GLY E 279 -35.87 25.83 -63.15
CA GLY E 279 -34.70 26.07 -63.99
C GLY E 279 -33.98 27.34 -63.62
N LYS E 280 -32.73 27.47 -64.06
CA LYS E 280 -31.91 28.65 -63.76
C LYS E 280 -32.22 29.79 -64.72
N LEU E 281 -33.29 30.51 -64.44
CA LEU E 281 -33.66 31.66 -65.24
C LEU E 281 -33.26 32.95 -64.54
N PRO E 282 -33.10 34.04 -65.32
CA PRO E 282 -32.89 35.39 -64.76
C PRO E 282 -34.05 35.84 -63.88
N LEU E 283 -33.73 36.49 -62.77
CA LEU E 283 -34.70 36.76 -61.73
C LEU E 283 -35.86 37.58 -62.26
N GLN E 284 -35.58 38.40 -63.27
CA GLN E 284 -36.57 39.33 -63.79
C GLN E 284 -37.78 38.58 -64.36
N GLU E 285 -37.52 37.39 -64.92
CA GLU E 285 -38.60 36.53 -65.47
C GLU E 285 -39.47 35.97 -64.35
N ARG E 286 -38.84 35.65 -63.22
CA ARG E 286 -39.57 35.17 -62.07
C ARG E 286 -40.43 36.28 -61.48
N VAL E 287 -39.92 37.49 -61.48
CA VAL E 287 -40.68 38.66 -61.04
C VAL E 287 -41.89 38.87 -61.95
N ASN E 288 -41.70 38.74 -63.26
CA ASN E 288 -42.78 38.93 -64.24
C ASN E 288 -43.89 37.91 -64.06
N LEU E 289 -43.50 36.67 -63.74
CA LEU E 289 -44.45 35.60 -63.52
C LEU E 289 -45.16 35.78 -62.19
N LEU E 290 -44.43 36.25 -61.19
CA LEU E 290 -44.92 36.31 -59.83
C LEU E 290 -45.93 37.44 -59.65
N ARG E 291 -45.69 38.54 -60.39
CA ARG E 291 -46.50 39.74 -60.21
C ARG E 291 -47.98 39.43 -60.40
N HIS E 292 -48.30 38.76 -61.48
CA HIS E 292 -49.69 38.58 -61.89
C HIS E 292 -50.26 37.31 -61.27
N ALA E 293 -49.52 36.72 -60.35
CA ALA E 293 -50.00 35.58 -59.59
C ALA E 293 -50.99 36.04 -58.54
N SER E 294 -51.97 35.21 -58.26
CA SER E 294 -52.97 35.51 -57.26
C SER E 294 -52.33 35.61 -55.89
N PHE E 295 -51.51 34.62 -55.55
CA PHE E 295 -50.65 34.70 -54.37
C PHE E 295 -49.57 33.64 -54.41
N PHE E 296 -48.68 33.66 -53.43
CA PHE E 296 -47.49 32.80 -53.43
C PHE E 296 -47.41 31.98 -52.15
N ILE E 297 -47.02 30.73 -52.29
CA ILE E 297 -46.83 29.85 -51.13
C ILE E 297 -45.43 29.28 -51.11
N GLY E 298 -44.67 29.62 -50.08
CA GLY E 298 -43.21 29.51 -50.13
C GLY E 298 -42.63 29.06 -48.80
N LEU E 299 -41.34 28.76 -48.80
CA LEU E 299 -40.61 28.58 -47.58
C LEU E 299 -39.85 29.86 -47.22
N PRO E 300 -39.11 29.84 -46.09
CA PRO E 300 -38.30 30.98 -45.67
C PRO E 300 -37.11 31.23 -46.61
N SER E 301 -37.08 30.50 -47.74
CA SER E 301 -36.08 30.74 -48.80
C SER E 301 -36.35 32.07 -49.50
N GLY E 302 -35.44 32.45 -50.39
CA GLY E 302 -35.40 33.80 -50.91
C GLY E 302 -36.64 34.13 -51.74
N LEU E 303 -37.11 33.15 -52.48
CA LEU E 303 -38.21 33.36 -53.41
C LEU E 303 -39.40 33.97 -52.68
N SER E 304 -39.48 33.74 -51.37
CA SER E 304 -40.53 34.35 -50.55
C SER E 304 -40.30 35.84 -50.39
N TRP E 305 -39.04 36.24 -50.38
CA TRP E 305 -38.69 37.65 -50.31
C TRP E 305 -38.92 38.33 -51.64
N LEU E 306 -38.65 37.61 -52.73
CA LEU E 306 -38.88 38.14 -54.08
C LEU E 306 -40.39 38.27 -54.34
N ALA E 307 -41.15 37.32 -53.85
CA ALA E 307 -42.60 37.35 -53.96
C ALA E 307 -43.18 38.51 -53.12
N TRP E 308 -42.58 38.74 -51.96
CA TRP E 308 -43.00 39.83 -51.09
C TRP E 308 -42.80 41.19 -51.78
N ALA E 309 -41.73 41.29 -52.57
CA ALA E 309 -41.36 42.54 -53.18
C ALA E 309 -42.25 42.83 -54.38
N THR E 310 -42.85 41.79 -54.93
CA THR E 310 -43.73 41.93 -56.10
C THR E 310 -45.15 42.31 -55.66
N ARG E 311 -45.33 42.54 -54.36
CA ARG E 311 -46.59 43.09 -53.83
C ARG E 311 -47.75 42.11 -54.05
N ILE E 312 -47.48 40.84 -53.80
CA ILE E 312 -48.52 39.85 -53.78
C ILE E 312 -48.55 39.15 -52.43
N PRO E 313 -49.72 38.66 -52.03
CA PRO E 313 -49.89 37.92 -50.78
C PRO E 313 -48.94 36.73 -50.68
N VAL E 314 -48.28 36.60 -49.54
CA VAL E 314 -47.29 35.55 -49.35
C VAL E 314 -47.67 34.66 -48.17
N VAL E 315 -48.04 33.43 -48.46
CA VAL E 315 -48.15 32.40 -47.44
C VAL E 315 -46.82 31.75 -47.18
N LEU E 316 -46.26 32.02 -46.01
CA LEU E 316 -44.90 31.54 -45.67
C LEU E 316 -44.97 30.38 -44.66
N ILE E 317 -44.47 29.21 -45.08
CA ILE E 317 -44.53 28.00 -44.23
C ILE E 317 -43.18 27.69 -43.64
N SER E 318 -43.05 27.88 -42.34
CA SER E 318 -41.79 27.61 -41.65
C SER E 318 -42.03 27.37 -40.19
N GLY E 319 -41.33 26.40 -39.63
CA GLY E 319 -41.35 26.17 -38.18
C GLY E 319 -39.97 26.32 -37.56
N PHE E 320 -38.94 26.22 -38.40
CA PHE E 320 -37.57 26.24 -37.92
C PHE E 320 -37.12 27.69 -37.62
N SER E 321 -37.99 28.64 -37.90
CA SER E 321 -37.76 30.02 -37.54
C SER E 321 -39.02 30.63 -36.98
N LEU E 322 -38.85 31.62 -36.10
CA LEU E 322 -39.97 32.28 -35.48
C LEU E 322 -40.64 33.23 -36.45
N PRO E 323 -41.94 33.52 -36.23
CA PRO E 323 -42.72 34.36 -37.13
C PRO E 323 -42.08 35.73 -37.38
N ASN E 324 -41.36 36.24 -36.38
CA ASN E 324 -40.79 37.61 -36.43
C ASN E 324 -39.35 37.61 -36.98
N SER E 325 -38.91 36.45 -37.48
CA SER E 325 -37.56 36.31 -38.02
C SER E 325 -37.49 36.81 -39.46
N GLU E 326 -38.62 36.70 -40.17
CA GLU E 326 -38.72 37.22 -41.56
C GLU E 326 -39.60 38.47 -41.61
N PHE E 327 -39.99 38.88 -42.81
CA PHE E 327 -40.97 39.97 -42.99
C PHE E 327 -42.34 39.53 -42.49
N TYR E 328 -43.15 40.50 -42.08
CA TYR E 328 -44.47 40.22 -41.59
C TYR E 328 -45.38 39.83 -42.72
N THR E 329 -46.24 38.86 -42.47
CA THR E 329 -47.33 38.56 -43.35
C THR E 329 -48.45 37.82 -42.61
N PRO E 330 -49.68 38.31 -42.73
CA PRO E 330 -50.82 37.76 -41.99
C PRO E 330 -51.10 36.29 -42.32
N TRP E 331 -50.46 35.81 -43.39
CA TRP E 331 -50.68 34.45 -43.85
C TRP E 331 -49.55 33.56 -43.45
N ARG E 332 -48.88 33.91 -42.37
CA ARG E 332 -47.75 33.15 -41.87
C ARG E 332 -48.23 31.87 -41.16
N VAL E 333 -47.69 30.74 -41.57
CA VAL E 333 -48.06 29.46 -41.00
C VAL E 333 -47.00 28.98 -40.04
N PHE E 334 -47.40 28.61 -38.84
CA PHE E 334 -46.46 28.30 -37.77
C PHE E 334 -47.13 27.47 -36.69
N ASN E 335 -46.40 26.48 -36.17
CA ASN E 335 -46.92 25.61 -35.13
C ASN E 335 -46.02 25.61 -33.91
N SER E 336 -46.64 25.69 -32.72
CA SER E 336 -45.90 26.05 -31.49
C SER E 336 -46.05 24.94 -30.43
N HIS E 337 -46.60 23.81 -30.85
CA HIS E 337 -46.80 22.66 -29.98
C HIS E 337 -45.70 21.63 -30.22
N GLY E 338 -44.80 21.98 -31.13
CA GLY E 338 -43.71 21.12 -31.54
C GLY E 338 -42.45 21.97 -31.49
N CYS E 339 -41.28 21.34 -31.50
CA CYS E 339 -40.06 22.11 -31.37
C CYS E 339 -39.97 23.07 -32.54
N TYR E 340 -39.66 24.32 -32.25
CA TYR E 340 -39.62 25.36 -33.26
C TYR E 340 -38.55 26.40 -32.95
N GLY E 341 -38.09 27.09 -33.98
CA GLY E 341 -37.12 28.15 -33.81
C GLY E 341 -35.74 27.61 -33.52
N CYS E 342 -35.39 26.48 -34.16
CA CYS E 342 -33.99 26.02 -34.20
C CYS E 342 -33.02 27.20 -34.60
N TRP E 343 -33.56 28.16 -35.36
CA TRP E 343 -32.72 29.14 -36.08
C TRP E 343 -32.45 30.38 -35.22
N ASP E 344 -33.41 30.71 -34.35
CA ASP E 344 -33.38 31.98 -33.61
C ASP E 344 -32.72 31.78 -32.23
N ASP E 345 -32.55 30.51 -31.83
CA ASP E 345 -32.06 30.19 -30.47
C ASP E 345 -30.58 30.52 -30.34
N THR E 346 -30.27 31.36 -29.36
CA THR E 346 -28.93 31.93 -29.23
C THR E 346 -28.00 30.95 -28.52
N SER E 347 -28.58 29.90 -27.94
CA SER E 347 -27.80 28.88 -27.24
C SER E 347 -27.33 27.79 -28.23
N LEU E 348 -27.92 27.79 -29.43
CA LEU E 348 -27.54 26.83 -30.49
C LEU E 348 -26.74 27.52 -31.56
N ASN E 349 -26.20 26.73 -32.48
CA ASN E 349 -25.38 27.27 -33.57
C ASN E 349 -25.64 26.55 -34.88
N PHE E 350 -25.78 27.32 -35.96
CA PHE E 350 -26.13 26.76 -37.25
C PHE E 350 -24.91 26.12 -37.90
N ASP E 351 -25.12 24.93 -38.48
CA ASP E 351 -24.06 24.23 -39.17
C ASP E 351 -24.21 24.37 -40.68
N HIS E 352 -23.21 24.98 -41.32
CA HIS E 352 -23.29 25.30 -42.74
C HIS E 352 -22.99 24.07 -43.58
N HIS E 353 -22.35 23.08 -42.97
CA HIS E 353 -21.87 21.91 -43.69
C HIS E 353 -22.83 20.73 -43.51
N ASP E 354 -23.81 20.90 -42.62
CA ASP E 354 -24.78 19.83 -42.34
C ASP E 354 -26.14 20.17 -42.97
N PHE E 355 -26.53 19.38 -43.95
CA PHE E 355 -27.77 19.61 -44.66
C PHE E 355 -28.96 19.11 -43.82
N LEU E 356 -28.72 18.07 -43.03
CA LEU E 356 -29.78 17.48 -42.18
C LEU E 356 -29.70 18.02 -40.78
N TRP E 357 -29.61 19.33 -40.66
CA TRP E 357 -29.40 19.97 -39.39
C TRP E 357 -30.73 20.17 -38.66
N CYS E 358 -30.93 19.42 -37.56
CA CYS E 358 -31.77 19.91 -36.41
C CYS E 358 -31.11 19.54 -35.08
N PRO E 359 -30.63 20.55 -34.34
CA PRO E 359 -29.64 20.36 -33.28
C PRO E 359 -30.19 19.54 -32.13
N ARG E 360 -31.50 19.61 -31.92
CA ARG E 360 -32.10 19.14 -30.67
C ARG E 360 -32.70 17.72 -30.84
N HIS E 361 -32.91 17.31 -32.10
CA HIS E 361 -33.72 16.11 -32.40
C HIS E 361 -33.23 15.42 -33.66
N LYS E 362 -31.94 15.59 -33.97
CA LYS E 362 -31.34 14.91 -35.13
C LYS E 362 -31.21 13.42 -34.86
N ASN E 363 -31.47 12.61 -35.89
CA ASN E 363 -31.37 11.18 -35.77
C ASN E 363 -32.24 10.64 -34.63
N THR E 364 -33.40 11.26 -34.44
CA THR E 364 -34.42 10.74 -33.53
C THR E 364 -35.77 10.66 -34.23
N ASP E 365 -36.78 10.22 -33.49
CA ASP E 365 -38.13 10.05 -34.05
C ASP E 365 -38.75 11.40 -34.35
N ARG E 366 -38.26 12.44 -33.68
CA ARG E 366 -38.91 13.73 -33.71
C ARG E 366 -38.12 14.70 -34.57
N GLN E 367 -37.26 14.17 -35.44
CA GLN E 367 -36.41 14.99 -36.28
C GLN E 367 -37.25 15.84 -37.22
N PHE E 368 -36.91 17.13 -37.30
CA PHE E 368 -37.70 18.09 -38.10
C PHE E 368 -39.18 18.00 -37.74
N GLU E 369 -39.46 17.77 -36.46
CA GLU E 369 -40.82 17.59 -35.97
C GLU E 369 -41.72 18.81 -36.14
N CYS E 370 -41.17 20.00 -35.91
CA CYS E 370 -41.98 21.21 -35.91
C CYS E 370 -42.62 21.49 -37.27
N THR E 371 -41.86 21.30 -38.34
CA THR E 371 -42.38 21.44 -39.69
C THR E 371 -43.45 20.38 -39.94
N ARG E 372 -43.19 19.18 -39.44
CA ARG E 372 -44.06 18.02 -39.61
C ARG E 372 -45.45 18.31 -39.06
N LEU E 373 -45.47 18.99 -37.92
CA LEU E 373 -46.72 19.31 -37.21
C LEU E 373 -47.60 20.25 -38.05
N ILE E 374 -46.98 20.93 -38.99
CA ILE E 374 -47.72 21.81 -39.90
C ILE E 374 -48.42 20.97 -40.98
N THR E 375 -49.69 20.66 -40.74
CA THR E 375 -50.43 19.76 -41.63
C THR E 375 -50.99 20.52 -42.81
N GLY E 376 -51.40 19.77 -43.84
CA GLY E 376 -52.01 20.37 -45.01
C GLY E 376 -53.30 21.10 -44.67
N ALA E 377 -54.02 20.61 -43.67
CA ALA E 377 -55.30 21.19 -43.27
C ALA E 377 -55.10 22.59 -42.70
N GLN E 378 -54.00 22.78 -41.98
CA GLN E 378 -53.67 24.07 -41.42
C GLN E 378 -53.40 25.07 -42.53
N VAL E 379 -52.52 24.71 -43.46
CA VAL E 379 -52.14 25.60 -44.55
C VAL E 379 -53.33 25.88 -45.45
N ASN E 380 -54.18 24.88 -45.64
CA ASN E 380 -55.39 25.04 -46.44
C ASN E 380 -56.40 25.96 -45.76
N GLY E 381 -56.37 25.98 -44.42
CA GLY E 381 -57.19 26.90 -43.64
C GLY E 381 -56.76 28.35 -43.84
N VAL E 382 -55.45 28.58 -43.81
CA VAL E 382 -54.91 29.90 -44.13
C VAL E 382 -55.22 30.29 -45.59
N ILE E 383 -55.10 29.32 -46.49
CA ILE E 383 -55.37 29.57 -47.91
C ILE E 383 -56.85 29.91 -48.13
N ASN E 384 -57.73 29.31 -47.31
CA ASN E 384 -59.18 29.59 -47.38
C ASN E 384 -59.49 31.03 -46.92
N LYS E 385 -58.83 31.46 -45.86
CA LYS E 385 -58.97 32.83 -45.36
C LYS E 385 -58.49 33.82 -46.40
N LEU E 386 -57.37 33.51 -47.05
CA LEU E 386 -56.74 34.43 -48.01
C LEU E 386 -57.51 34.44 -49.33
N HIS E 387 -58.12 33.32 -49.65
CA HIS E 387 -58.96 33.22 -50.84
C HIS E 387 -60.25 34.00 -50.65
N ARG E 388 -60.85 33.86 -49.48
CA ARG E 388 -62.08 34.58 -49.16
C ARG E 388 -61.80 36.08 -49.17
N SER E 389 -60.65 36.46 -48.66
CA SER E 389 -60.27 37.88 -48.58
C SER E 389 -60.07 38.47 -49.96
N LEU E 390 -59.58 37.65 -50.89
CA LEU E 390 -59.24 38.11 -52.23
C LEU E 390 -60.50 38.27 -53.07
N THR E 391 -61.43 37.33 -52.92
CA THR E 391 -62.67 37.35 -53.68
C THR E 391 -63.58 38.49 -53.23
N GLU E 392 -63.61 38.73 -51.91
CA GLU E 392 -64.58 39.67 -51.32
C GLU E 392 -64.03 41.12 -51.37
N GLN E 393 -62.74 41.27 -51.15
CA GLN E 393 -62.08 42.59 -51.25
C GLN E 393 -60.70 42.45 -51.92
N GLY E 394 -60.64 42.72 -53.21
CA GLY E 394 -59.50 42.32 -54.04
C GLY E 394 -58.20 43.05 -53.64
N VAL E 395 -57.07 42.35 -53.78
CA VAL E 395 -55.72 43.03 -53.83
C VAL E 395 -55.58 44.09 -52.69
N GLU E 396 -56.53 45.01 -52.64
CA GLU E 396 -56.51 46.08 -51.59
C GLU E 396 -56.50 45.44 -50.19
N ALA E 397 -56.88 44.18 -50.12
CA ALA E 397 -57.10 43.52 -48.84
C ALA E 397 -55.76 43.28 -48.13
N THR E 398 -54.72 43.04 -48.91
CA THR E 398 -53.36 42.99 -48.37
C THR E 398 -53.05 44.27 -47.58
N LEU E 399 -53.06 44.16 -46.25
CA LEU E 399 -53.08 45.35 -45.38
C LEU E 399 -51.95 46.29 -45.71
N ILE F 10 -18.78 -65.96 -12.83
CA ILE F 10 -17.49 -65.27 -12.52
C ILE F 10 -17.47 -64.80 -11.08
N THR F 11 -18.64 -64.74 -10.48
CA THR F 11 -18.74 -64.39 -9.09
C THR F 11 -18.34 -65.57 -8.20
N PRO F 12 -17.44 -65.34 -7.25
CA PRO F 12 -17.11 -66.32 -6.23
C PRO F 12 -18.29 -66.60 -5.30
N PRO F 13 -18.39 -67.86 -4.81
CA PRO F 13 -19.43 -68.25 -3.84
C PRO F 13 -19.51 -67.29 -2.64
N ASP F 14 -20.73 -66.93 -2.25
CA ASP F 14 -20.93 -65.99 -1.14
C ASP F 14 -20.42 -66.60 0.18
N THR F 15 -20.41 -67.92 0.25
CA THR F 15 -19.85 -68.63 1.40
C THR F 15 -18.70 -69.56 0.96
N PRO F 16 -17.56 -69.48 1.67
CA PRO F 16 -16.39 -70.32 1.38
C PRO F 16 -16.74 -71.82 1.33
N THR F 17 -16.08 -72.55 0.44
CA THR F 17 -16.56 -73.86 0.01
C THR F 17 -16.06 -74.96 0.94
N GLN F 18 -15.01 -74.65 1.71
CA GLN F 18 -14.37 -75.64 2.58
C GLN F 18 -14.76 -75.40 4.04
N ALA F 19 -15.01 -76.50 4.77
CA ALA F 19 -15.42 -76.42 6.15
C ALA F 19 -14.25 -76.62 7.07
N GLY F 20 -14.02 -75.67 7.97
CA GLY F 20 -13.03 -75.83 9.02
C GLY F 20 -13.67 -76.11 10.36
N PRO F 21 -12.85 -76.49 11.36
CA PRO F 21 -13.33 -76.69 12.73
C PRO F 21 -13.93 -75.39 13.36
N GLU F 22 -14.84 -75.57 14.30
CA GLU F 22 -15.52 -74.42 14.96
C GLU F 22 -16.14 -73.47 13.91
N ASN F 23 -16.74 -74.05 12.87
CA ASN F 23 -17.60 -73.28 11.93
C ASN F 23 -16.82 -72.13 11.27
N ILE F 24 -15.54 -72.36 10.99
CA ILE F 24 -14.76 -71.46 10.16
C ILE F 24 -14.70 -71.95 8.71
N PHE F 25 -14.91 -71.04 7.77
CA PHE F 25 -15.01 -71.40 6.38
C PHE F 25 -13.90 -70.74 5.56
N TYR F 26 -13.06 -71.57 4.94
CA TYR F 26 -11.93 -71.07 4.17
C TYR F 26 -12.03 -71.49 2.72
N ASP F 27 -11.26 -70.84 1.87
CA ASP F 27 -11.57 -70.77 0.44
C ASP F 27 -10.39 -70.20 -0.34
N PHE F 28 -10.27 -70.58 -1.62
CA PHE F 28 -9.17 -70.11 -2.46
C PHE F 28 -9.70 -69.60 -3.82
N ASN F 29 -10.98 -69.26 -3.86
CA ASN F 29 -11.53 -68.46 -4.95
C ASN F 29 -11.34 -66.97 -4.70
N ASP F 30 -10.90 -66.26 -5.74
CA ASP F 30 -10.53 -64.83 -5.59
C ASP F 30 -9.49 -64.65 -4.47
N GLY F 31 -8.34 -65.29 -4.63
CA GLY F 31 -7.33 -65.31 -3.60
C GLY F 31 -7.71 -66.21 -2.44
N ALA F 32 -6.91 -66.21 -1.39
CA ALA F 32 -7.20 -66.95 -0.20
C ALA F 32 -8.23 -66.20 0.66
N ARG F 33 -9.40 -66.80 0.84
CA ARG F 33 -10.46 -66.16 1.61
C ARG F 33 -10.90 -67.00 2.80
N VAL F 34 -10.99 -66.38 3.97
CA VAL F 34 -11.45 -67.06 5.15
C VAL F 34 -12.55 -66.25 5.84
N LEU F 35 -13.65 -66.93 6.19
CA LEU F 35 -14.77 -66.28 6.87
C LEU F 35 -14.91 -66.80 8.30
N LEU F 36 -14.75 -65.90 9.27
CA LEU F 36 -14.83 -66.28 10.68
C LEU F 36 -16.23 -65.94 11.25
N PRO F 37 -16.71 -66.78 12.20
CA PRO F 37 -17.87 -66.46 12.99
C PRO F 37 -17.58 -65.38 14.07
N GLU F 38 -18.27 -65.49 15.21
CA GLU F 38 -18.06 -64.55 16.30
C GLU F 38 -16.91 -65.01 17.19
N GLY F 39 -16.13 -64.06 17.69
CA GLY F 39 -15.10 -64.35 18.68
C GLY F 39 -13.94 -63.37 18.61
N LYS F 40 -12.78 -63.82 19.07
CA LYS F 40 -11.56 -63.02 18.95
C LYS F 40 -10.43 -63.85 18.30
N TRP F 41 -10.04 -63.48 17.08
CA TRP F 41 -9.17 -64.31 16.27
C TRP F 41 -7.90 -63.56 15.90
N HIS F 42 -6.82 -64.32 15.67
CA HIS F 42 -5.62 -63.77 15.02
C HIS F 42 -5.26 -64.60 13.78
N VAL F 43 -5.48 -64.01 12.60
CA VAL F 43 -5.39 -64.75 11.34
C VAL F 43 -4.08 -64.40 10.59
N ARG F 44 -3.41 -65.43 10.04
CA ARG F 44 -2.20 -65.23 9.25
C ARG F 44 -2.33 -65.90 7.89
N LEU F 45 -1.85 -65.22 6.85
CA LEU F 45 -1.67 -65.84 5.54
C LEU F 45 -0.21 -65.89 5.18
N LEU F 46 0.26 -67.08 4.78
CA LEU F 46 1.68 -67.29 4.50
C LEU F 46 1.88 -67.82 3.07
N ASP F 47 3.06 -67.57 2.51
CA ASP F 47 3.49 -68.23 1.28
C ASP F 47 4.24 -69.53 1.60
N ALA F 48 3.60 -70.66 1.36
CA ALA F 48 4.11 -71.95 1.82
C ALA F 48 5.48 -72.23 1.21
N ASP F 49 5.73 -71.72 0.00
CA ASP F 49 6.98 -71.95 -0.70
C ASP F 49 8.11 -71.20 -0.03
N SER F 50 7.85 -69.94 0.32
CA SER F 50 8.91 -69.05 0.86
C SER F 50 8.80 -68.93 2.38
N GLU F 51 7.66 -69.36 2.92
CA GLU F 51 7.41 -69.29 4.40
C GLU F 51 7.38 -67.83 4.88
N ASN F 52 7.21 -66.90 3.95
CA ASN F 52 6.98 -65.49 4.29
C ASN F 52 5.57 -65.26 4.83
N ILE F 53 5.46 -64.38 5.82
CA ILE F 53 4.16 -64.01 6.36
C ILE F 53 3.54 -62.89 5.52
N LEU F 54 2.67 -63.27 4.59
CA LEU F 54 2.11 -62.32 3.63
C LEU F 54 1.22 -61.31 4.33
N PHE F 55 0.32 -61.81 5.17
CA PHE F 55 -0.64 -60.95 5.88
C PHE F 55 -0.88 -61.46 7.31
N CYS F 56 -1.18 -60.53 8.22
CA CYS F 56 -1.32 -60.86 9.62
C CYS F 56 -2.06 -59.74 10.36
N CYS F 57 -3.13 -60.11 11.08
CA CYS F 57 -3.99 -59.12 11.72
C CYS F 57 -4.83 -59.79 12.83
N ASP F 58 -5.37 -58.96 13.72
CA ASP F 58 -6.35 -59.43 14.72
C ASP F 58 -7.75 -58.99 14.33
N VAL F 59 -8.61 -59.96 14.07
CA VAL F 59 -9.96 -59.69 13.61
C VAL F 59 -10.98 -60.45 14.46
N ASP F 60 -12.12 -59.81 14.71
CA ASP F 60 -13.15 -60.38 15.59
C ASP F 60 -14.18 -61.15 14.76
N LYS F 61 -14.51 -60.64 13.60
CA LYS F 61 -15.51 -61.23 12.76
C LYS F 61 -15.43 -60.66 11.36
N GLY F 62 -15.74 -61.49 10.38
CA GLY F 62 -15.95 -61.00 9.03
C GLY F 62 -15.04 -61.67 8.03
N TRP F 63 -14.73 -60.97 6.95
CA TRP F 63 -13.93 -61.52 5.88
C TRP F 63 -12.46 -61.19 6.08
N VAL F 64 -11.59 -62.16 5.75
CA VAL F 64 -10.17 -61.87 5.57
C VAL F 64 -9.66 -62.49 4.26
N THR F 65 -9.26 -61.64 3.33
CA THR F 65 -8.79 -62.09 2.03
C THR F 65 -7.38 -61.57 1.75
N SER F 66 -6.61 -62.34 1.00
CA SER F 66 -5.32 -61.89 0.54
C SER F 66 -5.48 -60.83 -0.54
N SER F 67 -4.59 -59.84 -0.52
CA SER F 67 -4.59 -58.79 -1.53
C SER F 67 -4.20 -59.36 -2.92
N LYS F 68 -3.36 -60.41 -2.91
CA LYS F 68 -2.95 -61.09 -4.15
C LYS F 68 -3.99 -62.13 -4.57
N LYS F 69 -4.32 -62.15 -5.85
CA LYS F 69 -5.42 -62.98 -6.35
C LYS F 69 -4.89 -64.06 -7.29
N TYR F 70 -3.71 -63.82 -7.87
CA TYR F 70 -3.06 -64.82 -8.75
C TYR F 70 -2.55 -66.00 -7.93
N PHE F 71 -1.97 -66.99 -8.62
CA PHE F 71 -1.65 -68.27 -7.99
C PHE F 71 -0.57 -68.09 -6.96
N VAL F 72 -0.91 -68.37 -5.71
CA VAL F 72 0.08 -68.52 -4.67
C VAL F 72 -0.29 -69.64 -3.75
N ARG F 73 0.66 -70.55 -3.53
CA ARG F 73 0.44 -71.67 -2.62
C ARG F 73 0.24 -71.16 -1.20
N PHE F 74 -0.96 -70.68 -0.92
CA PHE F 74 -1.24 -70.00 0.32
C PHE F 74 -1.24 -70.97 1.48
N ARG F 75 -0.91 -70.47 2.65
CA ARG F 75 -1.08 -71.22 3.87
C ARG F 75 -1.86 -70.41 4.88
N ILE F 76 -3.08 -70.87 5.19
CA ILE F 76 -3.97 -70.12 6.07
C ILE F 76 -3.88 -70.62 7.49
N GLN F 77 -3.61 -69.71 8.42
CA GLN F 77 -3.56 -70.04 9.84
C GLN F 77 -4.53 -69.19 10.63
N VAL F 78 -5.40 -69.85 11.39
CA VAL F 78 -6.33 -69.15 12.27
C VAL F 78 -5.97 -69.42 13.74
N PHE F 79 -5.60 -68.35 14.46
CA PHE F 79 -5.24 -68.46 15.87
C PHE F 79 -6.43 -68.05 16.76
N ARG F 80 -6.46 -68.59 17.98
CA ARG F 80 -7.03 -67.86 19.14
C ARG F 80 -6.02 -66.82 19.68
N GLN F 81 -6.52 -65.83 20.43
CA GLN F 81 -5.78 -64.56 20.68
C GLN F 81 -4.66 -64.77 21.72
N GLY F 82 -4.49 -65.98 22.15
CA GLY F 82 -3.49 -66.30 23.12
C GLY F 82 -2.96 -67.66 22.92
N GLU F 83 -3.36 -68.28 21.82
CA GLU F 83 -3.03 -69.64 21.57
C GLU F 83 -1.66 -69.73 20.95
N GLU F 84 -0.88 -70.69 21.40
CA GLU F 84 0.38 -70.99 20.79
C GLU F 84 0.18 -71.64 19.41
N THR F 85 -0.57 -72.74 19.39
CA THR F 85 -0.79 -73.50 18.13
C THR F 85 -2.03 -72.97 17.40
N PRO F 86 -2.08 -73.18 16.08
CA PRO F 86 -3.23 -72.77 15.25
C PRO F 86 -4.45 -73.64 15.48
N LEU F 87 -5.61 -73.01 15.58
CA LEU F 87 -6.87 -73.72 15.46
C LEU F 87 -7.01 -74.31 14.05
N LEU F 88 -6.74 -73.51 13.04
CA LEU F 88 -6.76 -73.96 11.67
C LEU F 88 -5.43 -73.71 11.00
N ASP F 89 -4.96 -74.69 10.23
CA ASP F 89 -3.70 -74.56 9.51
C ASP F 89 -3.73 -75.38 8.22
N GLU F 90 -4.23 -74.75 7.15
CA GLU F 90 -4.47 -75.46 5.90
C GLU F 90 -3.67 -74.83 4.76
N THR F 91 -2.92 -75.65 4.03
CA THR F 91 -2.12 -75.19 2.91
C THR F 91 -2.76 -75.62 1.58
N LEU F 92 -2.69 -74.74 0.58
CA LEU F 92 -3.31 -75.01 -0.71
C LEU F 92 -2.78 -76.31 -1.31
N LYS F 93 -3.70 -77.20 -1.70
CA LYS F 93 -3.33 -78.47 -2.32
C LYS F 93 -4.39 -78.89 -3.33
N LEU F 94 -4.00 -78.91 -4.61
CA LEU F 94 -4.96 -78.75 -5.68
C LEU F 94 -5.25 -80.09 -6.36
N LYS F 95 -4.53 -81.15 -5.94
CA LYS F 95 -4.62 -82.46 -6.60
C LYS F 95 -6.01 -83.07 -6.42
N ASP F 96 -6.64 -83.45 -7.53
CA ASP F 96 -7.97 -84.07 -7.49
C ASP F 96 -8.97 -83.16 -6.82
N ARG F 97 -8.81 -81.86 -7.03
CA ARG F 97 -9.73 -80.88 -6.47
C ARG F 97 -10.39 -80.07 -7.57
N PRO F 98 -11.58 -79.53 -7.29
CA PRO F 98 -12.31 -78.69 -8.25
C PRO F 98 -11.71 -77.32 -8.41
N VAL F 99 -11.08 -77.08 -9.54
CA VAL F 99 -10.47 -75.81 -9.82
C VAL F 99 -11.16 -75.12 -11.01
N LEU F 100 -11.45 -73.83 -10.85
CA LEU F 100 -12.15 -73.09 -11.88
C LEU F 100 -11.28 -71.94 -12.42
N ILE F 101 -10.97 -72.01 -13.72
CA ILE F 101 -10.25 -70.91 -14.39
C ILE F 101 -11.20 -70.08 -15.23
N SER F 102 -11.35 -68.81 -14.88
CA SER F 102 -12.34 -67.96 -15.50
C SER F 102 -11.69 -67.02 -16.50
N PHE F 103 -12.01 -67.20 -17.77
CA PHE F 103 -11.65 -66.22 -18.79
C PHE F 103 -12.77 -65.25 -19.04
N PRO F 104 -12.41 -64.07 -19.53
CA PRO F 104 -13.31 -62.92 -19.65
C PRO F 104 -14.29 -63.07 -20.81
N THR F 105 -15.32 -62.21 -20.82
CA THR F 105 -16.28 -62.22 -21.91
C THR F 105 -16.01 -61.09 -22.91
N GLY F 106 -15.83 -61.48 -24.16
CA GLY F 106 -15.65 -60.56 -25.27
C GLY F 106 -15.31 -59.10 -25.07
N THR F 107 -14.08 -58.74 -24.66
CA THR F 107 -12.98 -59.65 -24.34
C THR F 107 -12.53 -60.48 -25.56
N LEU F 108 -12.89 -60.00 -26.74
CA LEU F 108 -12.80 -60.81 -27.93
C LEU F 108 -11.40 -61.25 -28.36
N GLY F 109 -11.29 -62.53 -28.68
CA GLY F 109 -10.32 -63.07 -29.60
C GLY F 109 -8.84 -63.35 -29.36
N ALA F 110 -8.26 -63.19 -28.18
CA ALA F 110 -6.88 -63.67 -28.14
C ALA F 110 -6.68 -64.67 -27.02
N LEU F 111 -7.75 -65.39 -26.68
CA LEU F 111 -7.68 -66.37 -25.63
C LEU F 111 -6.81 -67.54 -26.04
N LEU F 112 -6.59 -67.67 -27.33
CA LEU F 112 -5.72 -68.73 -27.86
C LEU F 112 -4.34 -68.63 -27.26
N GLY F 113 -3.88 -67.40 -27.06
CA GLY F 113 -2.59 -67.16 -26.49
C GLY F 113 -2.50 -67.63 -25.06
N TRP F 114 -3.64 -67.51 -24.34
CA TRP F 114 -3.64 -67.70 -22.89
C TRP F 114 -3.76 -69.21 -22.54
N PHE F 115 -4.49 -69.95 -23.36
CA PHE F 115 -5.19 -71.14 -22.89
C PHE F 115 -4.19 -72.31 -22.62
N PRO F 116 -3.11 -72.40 -23.44
CA PRO F 116 -2.09 -73.44 -23.26
C PRO F 116 -1.44 -73.40 -21.89
N TYR F 117 -1.57 -72.26 -21.21
CA TYR F 117 -1.11 -72.12 -19.84
C TYR F 117 -2.10 -72.78 -18.86
N ALA F 118 -3.36 -72.83 -19.25
CA ALA F 118 -4.39 -73.50 -18.46
C ALA F 118 -4.17 -75.00 -18.44
N GLU F 119 -3.78 -75.55 -19.60
CA GLU F 119 -3.50 -76.98 -19.71
C GLU F 119 -2.26 -77.34 -18.89
N ARG F 120 -1.25 -76.48 -18.94
CA ARG F 120 -0.02 -76.68 -18.15
C ARG F 120 -0.33 -76.66 -16.65
N PHE F 121 -1.26 -75.80 -16.27
CA PHE F 121 -1.66 -75.69 -14.88
C PHE F 121 -2.31 -76.99 -14.39
N GLN F 122 -2.99 -77.67 -15.30
CA GLN F 122 -3.71 -78.91 -14.95
C GLN F 122 -2.77 -80.11 -14.94
N SER F 123 -1.81 -80.11 -15.87
CA SER F 123 -0.84 -81.20 -15.96
C SER F 123 0.14 -81.15 -14.80
N LEU F 124 0.34 -79.95 -14.25
CA LEU F 124 1.32 -79.74 -13.18
C LEU F 124 0.73 -80.14 -11.82
N HIS F 125 -0.54 -79.81 -11.62
CA HIS F 125 -1.16 -79.95 -10.30
C HIS F 125 -2.11 -81.15 -10.26
N LYS F 126 -2.34 -81.75 -11.43
CA LYS F 126 -3.20 -82.94 -11.52
C LYS F 126 -4.56 -82.67 -10.88
N CYS F 127 -5.15 -81.53 -11.21
CA CYS F 127 -6.42 -81.13 -10.62
C CYS F 127 -7.57 -81.39 -11.61
N ARG F 128 -8.81 -81.24 -11.13
CA ARG F 128 -9.98 -81.34 -11.98
C ARG F 128 -10.43 -79.96 -12.42
N LEU F 129 -10.10 -79.60 -13.66
CA LEU F 129 -10.12 -78.22 -14.09
C LEU F 129 -11.36 -77.94 -14.94
N GLU F 130 -12.03 -76.81 -14.66
CA GLU F 130 -13.09 -76.33 -15.53
C GLU F 130 -12.82 -74.88 -15.97
N CYS F 131 -12.97 -74.62 -17.27
CA CYS F 131 -12.67 -73.30 -17.84
C CYS F 131 -13.92 -72.66 -18.40
N THR F 132 -14.13 -71.38 -18.07
CA THR F 132 -15.33 -70.64 -18.50
C THR F 132 -14.98 -69.62 -19.59
N MET F 133 -15.67 -69.72 -20.73
CA MET F 133 -15.45 -68.79 -21.82
C MET F 133 -16.65 -68.80 -22.76
N SER F 134 -16.56 -68.04 -23.84
CA SER F 134 -17.64 -67.96 -24.83
C SER F 134 -17.76 -69.30 -25.61
N GLN F 135 -18.94 -69.53 -26.20
CA GLN F 135 -19.30 -70.87 -26.71
C GLN F 135 -18.43 -71.23 -27.94
N ASP F 136 -18.21 -70.26 -28.82
CA ASP F 136 -17.51 -70.51 -30.12
C ASP F 136 -16.08 -71.02 -29.87
N ILE F 137 -15.45 -70.51 -28.82
CA ILE F 137 -14.10 -70.92 -28.46
C ILE F 137 -14.11 -72.33 -27.85
N ILE F 138 -15.19 -72.65 -27.15
CA ILE F 138 -15.40 -74.00 -26.63
C ILE F 138 -15.55 -74.99 -27.79
N ASP F 139 -16.28 -74.59 -28.82
CA ASP F 139 -16.50 -75.45 -29.99
C ASP F 139 -15.19 -75.66 -30.76
N LEU F 140 -14.28 -74.70 -30.64
CA LEU F 140 -13.03 -74.73 -31.37
C LEU F 140 -12.00 -75.65 -30.69
N LEU F 141 -12.05 -75.68 -29.35
CA LEU F 141 -10.91 -76.20 -28.56
C LEU F 141 -11.29 -77.56 -27.88
N ALA F 142 -12.57 -77.72 -27.54
CA ALA F 142 -12.98 -78.69 -26.49
C ALA F 142 -12.59 -80.14 -26.90
N PRO F 143 -12.78 -80.48 -28.20
CA PRO F 143 -12.54 -81.86 -28.69
C PRO F 143 -11.06 -82.31 -28.50
N GLN F 144 -10.13 -81.35 -28.59
CA GLN F 144 -8.69 -81.66 -28.52
C GLN F 144 -8.24 -81.76 -27.06
N TYR F 145 -8.96 -81.07 -26.17
CA TYR F 145 -8.60 -81.06 -24.74
C TYR F 145 -9.69 -81.77 -23.91
N PRO F 146 -9.67 -83.11 -23.92
CA PRO F 146 -10.69 -83.90 -23.22
C PRO F 146 -10.52 -83.86 -21.71
N GLN F 147 -9.30 -83.59 -21.25
CA GLN F 147 -9.00 -83.63 -19.82
C GLN F 147 -9.59 -82.43 -19.10
N ILE F 148 -9.86 -81.37 -19.85
CA ILE F 148 -10.41 -80.14 -19.28
C ILE F 148 -11.88 -79.99 -19.63
N GLN F 149 -12.69 -79.61 -18.65
CA GLN F 149 -14.11 -79.41 -18.85
C GLN F 149 -14.40 -77.97 -19.23
N PHE F 150 -15.13 -77.78 -20.32
CA PHE F 150 -15.43 -76.44 -20.80
C PHE F 150 -16.88 -76.05 -20.47
N SER F 151 -17.08 -74.78 -20.14
CA SER F 151 -18.42 -74.26 -19.80
C SER F 151 -18.51 -72.78 -20.11
N THR F 152 -19.73 -72.27 -20.14
CA THR F 152 -19.95 -70.84 -20.28
C THR F 152 -20.06 -70.16 -18.90
N PRO F 153 -19.76 -68.85 -18.84
CA PRO F 153 -19.74 -68.10 -17.57
C PRO F 153 -21.07 -68.21 -16.79
N ASP F 154 -22.18 -68.30 -17.52
CA ASP F 154 -23.50 -68.25 -16.91
C ASP F 154 -23.97 -69.66 -16.46
N LYS F 155 -23.28 -70.69 -16.94
CA LYS F 155 -23.63 -72.10 -16.61
C LYS F 155 -22.39 -72.90 -16.22
N PRO F 156 -21.82 -72.60 -15.03
CA PRO F 156 -20.73 -73.36 -14.47
C PRO F 156 -21.21 -74.63 -13.76
N ARG F 157 -20.46 -75.73 -13.93
CA ARG F 157 -20.95 -77.08 -13.56
C ARG F 157 -20.35 -77.55 -12.20
N THR F 158 -19.38 -76.78 -11.68
CA THR F 158 -18.73 -77.11 -10.38
C THR F 158 -19.47 -76.43 -9.20
N VAL F 159 -20.16 -75.32 -9.48
CA VAL F 159 -20.94 -74.57 -8.42
C VAL F 159 -20.02 -74.23 -7.17
N ALA F 160 -19.44 -75.28 -6.55
CA ALA F 160 -18.61 -75.10 -5.29
C ALA F 160 -17.14 -75.55 -5.54
N PRO F 161 -16.28 -74.63 -6.04
CA PRO F 161 -14.94 -74.94 -6.40
C PRO F 161 -13.96 -74.70 -5.26
N TYR F 162 -12.83 -75.41 -5.30
CA TYR F 162 -11.82 -75.31 -4.23
C TYR F 162 -10.96 -74.06 -4.42
N ALA F 163 -10.57 -73.79 -5.67
CA ALA F 163 -9.80 -72.62 -5.98
C ALA F 163 -10.24 -72.03 -7.32
N THR F 164 -10.21 -70.70 -7.41
CA THR F 164 -10.56 -70.02 -8.65
C THR F 164 -9.45 -69.03 -9.06
N TYR F 165 -9.18 -68.95 -10.37
CA TYR F 165 -8.19 -68.03 -10.90
C TYR F 165 -8.70 -67.35 -12.14
N ARG F 166 -8.53 -66.03 -12.21
CA ARG F 166 -9.20 -65.22 -13.20
C ARG F 166 -8.18 -64.57 -14.16
N VAL F 167 -7.89 -65.26 -15.25
CA VAL F 167 -6.93 -64.77 -16.22
C VAL F 167 -7.54 -63.65 -17.05
N GLY F 168 -6.80 -62.56 -17.19
CA GLY F 168 -7.26 -61.42 -17.97
C GLY F 168 -6.19 -60.36 -18.15
N LEU F 169 -6.50 -59.31 -18.90
CA LEU F 169 -5.67 -58.13 -18.96
C LEU F 169 -6.10 -57.12 -17.89
N TYR F 170 -5.13 -56.71 -17.06
CA TYR F 170 -5.40 -55.75 -15.99
C TYR F 170 -4.51 -54.53 -16.15
N PHE F 171 -5.13 -53.40 -16.49
CA PHE F 171 -4.38 -52.22 -16.88
C PHE F 171 -4.05 -51.36 -15.66
N GLY F 172 -3.44 -50.21 -15.90
CA GLY F 172 -3.12 -49.27 -14.83
C GLY F 172 -2.00 -49.78 -13.93
N GLY F 173 -1.29 -50.81 -14.40
CA GLY F 173 -0.16 -51.36 -13.66
C GLY F 173 -0.61 -52.14 -12.44
N ASP F 174 -1.74 -52.82 -12.56
CA ASP F 174 -2.25 -53.66 -11.50
C ASP F 174 -1.22 -54.75 -11.13
N THR F 175 -1.00 -54.94 -9.83
CA THR F 175 -0.02 -55.93 -9.35
C THR F 175 -0.62 -56.81 -8.25
N ASN F 176 -1.96 -56.84 -8.20
CA ASN F 176 -2.67 -57.65 -7.19
C ASN F 176 -3.37 -58.85 -7.83
N ASN F 177 -3.83 -58.67 -9.05
CA ASN F 177 -4.46 -59.75 -9.80
C ASN F 177 -3.50 -60.37 -10.78
N GLN F 178 -2.35 -59.73 -10.97
CA GLN F 178 -1.29 -60.28 -11.79
C GLN F 178 0.07 -59.92 -11.21
N PRO F 179 0.98 -60.90 -11.15
CA PRO F 179 2.31 -60.72 -10.57
C PRO F 179 3.04 -59.58 -11.20
N VAL F 180 3.05 -59.55 -12.53
CA VAL F 180 3.71 -58.47 -13.27
C VAL F 180 2.75 -57.82 -14.24
N ASP F 181 2.89 -56.52 -14.43
CA ASP F 181 2.21 -55.81 -15.51
C ASP F 181 2.47 -56.50 -16.84
N PHE F 182 1.41 -56.74 -17.60
CA PHE F 182 1.48 -57.59 -18.78
C PHE F 182 2.23 -56.89 -19.90
N ARG F 183 2.49 -55.60 -19.71
CA ARG F 183 3.20 -54.81 -20.71
C ARG F 183 4.69 -55.08 -20.65
N LYS F 184 5.11 -55.80 -19.60
CA LYS F 184 6.52 -56.03 -19.35
C LYS F 184 6.93 -57.42 -19.83
N VAL F 185 5.95 -58.34 -19.92
CA VAL F 185 6.23 -59.75 -20.23
C VAL F 185 5.45 -60.18 -21.48
N GLY F 186 4.56 -59.32 -21.95
CA GLY F 186 3.65 -59.67 -23.05
C GLY F 186 2.28 -60.14 -22.55
N PHE F 187 1.24 -59.74 -23.26
CA PHE F 187 -0.13 -59.83 -22.73
C PHE F 187 -0.53 -61.29 -22.52
N HIS F 188 0.06 -62.19 -23.30
CA HIS F 188 -0.40 -63.59 -23.35
C HIS F 188 0.41 -64.46 -22.40
N ARG F 189 1.67 -64.13 -22.24
CA ARG F 189 2.51 -64.81 -21.29
C ARG F 189 2.09 -64.48 -19.86
N SER F 190 1.42 -63.34 -19.70
CA SER F 190 0.92 -62.92 -18.39
C SER F 190 0.11 -64.01 -17.76
N ALA F 191 -0.68 -64.68 -18.57
CA ALA F 191 -1.50 -65.79 -18.09
C ALA F 191 -0.64 -66.82 -17.38
N GLY F 192 0.46 -67.20 -18.02
CA GLY F 192 1.41 -68.12 -17.42
C GLY F 192 1.91 -67.62 -16.06
N TYR F 193 2.17 -66.32 -15.97
CA TYR F 193 2.66 -65.72 -14.74
C TYR F 193 1.60 -65.76 -13.66
N ILE F 194 0.35 -65.59 -14.06
CA ILE F 194 -0.78 -65.60 -13.12
C ILE F 194 -0.99 -67.00 -12.53
N LEU F 195 -0.81 -68.03 -13.37
CA LEU F 195 -1.05 -69.41 -12.96
C LEU F 195 0.23 -70.04 -12.41
N GLY F 196 1.34 -69.31 -12.52
CA GLY F 196 2.61 -69.76 -11.96
C GLY F 196 3.14 -70.99 -12.67
N VAL F 197 3.07 -70.99 -14.00
CA VAL F 197 3.59 -72.10 -14.80
C VAL F 197 4.63 -71.60 -15.79
N ASP F 198 5.13 -72.50 -16.62
CA ASP F 198 6.06 -72.14 -17.68
C ASP F 198 5.46 -71.04 -18.58
N PRO F 199 6.08 -69.83 -18.57
CA PRO F 199 5.50 -68.63 -19.19
C PRO F 199 5.73 -68.59 -20.71
N ARG F 200 6.54 -69.51 -21.21
CA ARG F 200 6.92 -69.52 -22.61
C ARG F 200 5.71 -69.81 -23.49
N GLU F 201 5.62 -69.10 -24.61
CA GLU F 201 4.39 -69.12 -25.43
C GLU F 201 4.21 -70.48 -26.08
N ALA F 202 2.97 -70.81 -26.40
CA ALA F 202 2.68 -72.01 -27.15
C ALA F 202 1.35 -71.86 -27.89
N PRO F 203 1.22 -72.53 -29.05
CA PRO F 203 0.00 -72.55 -29.81
C PRO F 203 -0.98 -73.61 -29.32
N VAL F 204 -2.26 -73.29 -29.37
CA VAL F 204 -3.28 -74.25 -29.03
C VAL F 204 -3.35 -75.36 -30.06
N ARG F 205 -3.94 -76.49 -29.69
CA ARG F 205 -4.08 -77.63 -30.60
C ARG F 205 -5.49 -77.63 -31.28
N LEU F 206 -5.50 -77.59 -32.61
CA LEU F 206 -6.76 -77.45 -33.37
C LEU F 206 -7.01 -78.70 -34.19
N ASP F 207 -8.19 -78.76 -34.79
CA ASP F 207 -8.53 -79.83 -35.72
C ASP F 207 -7.98 -79.52 -37.09
N LEU F 208 -6.86 -80.15 -37.42
CA LEU F 208 -6.17 -79.87 -38.65
C LEU F 208 -6.36 -81.01 -39.65
N SER F 209 -7.50 -81.68 -39.56
CA SER F 209 -7.75 -82.90 -40.35
C SER F 209 -8.51 -82.56 -41.65
N ALA F 210 -8.98 -81.32 -41.75
CA ALA F 210 -9.84 -80.90 -42.86
C ALA F 210 -9.07 -80.99 -44.18
N PRO F 211 -9.71 -81.60 -45.20
CA PRO F 211 -9.10 -81.76 -46.53
C PRO F 211 -9.06 -80.46 -47.31
N ARG F 212 -8.07 -80.33 -48.20
CA ARG F 212 -7.92 -79.13 -49.01
C ARG F 212 -9.10 -78.96 -49.95
N VAL F 213 -9.64 -77.75 -50.00
CA VAL F 213 -10.76 -77.45 -50.88
C VAL F 213 -10.28 -76.72 -52.13
N ILE F 214 -9.47 -75.70 -51.94
CA ILE F 214 -9.01 -74.88 -53.05
C ILE F 214 -7.65 -75.37 -53.54
N GLN F 215 -7.59 -75.73 -54.82
CA GLN F 215 -6.41 -76.43 -55.37
C GLN F 215 -5.22 -75.44 -55.52
N GLU F 216 -5.49 -74.27 -56.11
CA GLU F 216 -4.44 -73.29 -56.40
C GLU F 216 -3.83 -72.76 -55.09
N PRO F 217 -2.52 -72.45 -55.12
CA PRO F 217 -1.84 -71.75 -54.00
C PRO F 217 -2.47 -70.39 -53.70
N TYR F 218 -2.79 -70.15 -52.42
CA TYR F 218 -3.55 -68.94 -52.03
C TYR F 218 -3.05 -68.39 -50.68
N VAL F 219 -3.30 -67.11 -50.45
CA VAL F 219 -2.87 -66.45 -49.23
C VAL F 219 -4.05 -65.86 -48.48
N CYS F 220 -4.06 -66.02 -47.17
CA CYS F 220 -5.11 -65.45 -46.32
C CYS F 220 -4.64 -64.17 -45.67
N ILE F 221 -5.50 -63.16 -45.64
CA ILE F 221 -5.16 -61.87 -45.05
C ILE F 221 -6.27 -61.39 -44.12
N ALA F 222 -5.88 -60.61 -43.10
CA ALA F 222 -6.85 -60.03 -42.18
C ALA F 222 -6.56 -58.54 -41.97
N THR F 223 -7.53 -57.70 -42.33
CA THR F 223 -7.27 -56.26 -42.44
C THR F 223 -8.01 -55.49 -41.31
N GLN F 224 -8.86 -56.20 -40.57
CA GLN F 224 -9.75 -55.56 -39.56
C GLN F 224 -9.21 -55.78 -38.14
N SER F 225 -9.48 -54.83 -37.26
CA SER F 225 -9.16 -54.98 -35.84
C SER F 225 -10.13 -54.17 -34.99
N THR F 226 -9.89 -54.12 -33.68
CA THR F 226 -10.83 -53.52 -32.72
C THR F 226 -10.59 -52.01 -32.56
N CYS F 227 -9.33 -51.60 -32.74
CA CYS F 227 -8.96 -50.17 -32.64
C CYS F 227 -8.01 -49.77 -33.78
N GLN F 228 -8.05 -48.49 -34.15
CA GLN F 228 -7.53 -48.06 -35.45
C GLN F 228 -6.02 -48.08 -35.47
N ALA F 229 -5.42 -48.07 -34.29
CA ALA F 229 -3.98 -48.09 -34.16
C ALA F 229 -3.40 -49.41 -34.75
N LYS F 230 -4.14 -50.50 -34.60
CA LYS F 230 -3.65 -51.82 -34.98
C LYS F 230 -3.74 -52.01 -36.49
N TYR F 231 -4.58 -51.19 -37.15
CA TYR F 231 -4.72 -51.25 -38.61
C TYR F 231 -3.44 -50.84 -39.29
N TRP F 232 -3.26 -51.30 -40.51
CA TRP F 232 -2.14 -50.86 -41.34
C TRP F 232 -2.49 -49.58 -42.05
N ASN F 233 -2.09 -48.45 -41.47
CA ASN F 233 -2.65 -47.15 -41.85
C ASN F 233 -1.83 -46.50 -42.95
N ASN F 234 -1.00 -47.29 -43.61
CA ASN F 234 -0.37 -46.86 -44.83
C ASN F 234 -1.36 -46.81 -45.98
N GLY F 235 -1.19 -45.82 -46.85
CA GLY F 235 -2.23 -45.47 -47.81
C GLY F 235 -2.37 -46.50 -48.91
N THR F 236 -1.24 -47.00 -49.39
CA THR F 236 -1.22 -47.89 -50.54
C THR F 236 -0.66 -49.27 -50.15
N GLY F 237 -0.57 -49.54 -48.85
CA GLY F 237 0.06 -50.75 -48.36
C GLY F 237 -0.62 -51.99 -48.88
N TRP F 238 -1.89 -52.17 -48.53
CA TRP F 238 -2.60 -53.45 -48.79
C TRP F 238 -2.81 -53.65 -50.30
N SER F 239 -2.93 -52.55 -51.03
CA SER F 239 -3.09 -52.61 -52.48
C SER F 239 -1.83 -53.15 -53.15
N GLU F 240 -0.68 -52.58 -52.79
CA GLU F 240 0.59 -53.02 -53.35
C GLU F 240 0.90 -54.46 -52.97
N VAL F 241 0.54 -54.83 -51.75
CA VAL F 241 0.81 -56.16 -51.25
C VAL F 241 -0.03 -57.19 -52.00
N ILE F 242 -1.32 -56.91 -52.16
CA ILE F 242 -2.25 -57.83 -52.84
C ILE F 242 -1.86 -57.99 -54.32
N ALA F 243 -1.49 -56.87 -54.94
CA ALA F 243 -1.06 -56.88 -56.32
C ALA F 243 0.22 -57.73 -56.49
N HIS F 244 1.16 -57.56 -55.56
CA HIS F 244 2.41 -58.31 -55.60
C HIS F 244 2.16 -59.80 -55.36
N LEU F 245 1.22 -60.11 -54.47
CA LEU F 245 0.84 -61.52 -54.20
C LEU F 245 0.24 -62.17 -55.44
N LYS F 246 -0.55 -61.41 -56.18
CA LYS F 246 -1.16 -61.91 -57.42
C LYS F 246 -0.11 -62.12 -58.51
N SER F 247 0.91 -61.25 -58.51
CA SER F 247 1.99 -61.35 -59.48
C SER F 247 2.87 -62.57 -59.21
N LEU F 248 2.79 -63.09 -57.99
CA LEU F 248 3.58 -64.26 -57.60
C LEU F 248 2.77 -65.56 -57.81
N GLY F 249 1.52 -65.40 -58.22
CA GLY F 249 0.67 -66.56 -58.53
C GLY F 249 -0.08 -67.05 -57.31
N TYR F 250 -0.44 -66.12 -56.42
CA TYR F 250 -1.27 -66.44 -55.25
C TYR F 250 -2.67 -65.88 -55.43
N ARG F 251 -3.67 -66.64 -55.00
CA ARG F 251 -5.01 -66.09 -54.77
C ARG F 251 -5.11 -65.48 -53.37
N VAL F 252 -5.71 -64.29 -53.30
CA VAL F 252 -5.76 -63.53 -52.04
C VAL F 252 -7.18 -63.48 -51.49
N MET F 253 -7.32 -63.77 -50.20
CA MET F 253 -8.65 -63.89 -49.57
C MET F 253 -8.67 -63.19 -48.23
N CYS F 254 -9.67 -62.35 -48.03
CA CYS F 254 -9.87 -61.68 -46.74
C CYS F 254 -10.85 -62.46 -45.88
N ILE F 255 -10.43 -62.79 -44.66
CA ILE F 255 -11.20 -63.70 -43.79
C ILE F 255 -11.60 -63.01 -42.51
N ASP F 256 -11.60 -61.68 -42.53
CA ASP F 256 -12.11 -60.88 -41.40
C ASP F 256 -13.57 -61.18 -41.18
N ARG F 257 -14.03 -60.94 -39.97
CA ARG F 257 -15.43 -61.14 -39.63
C ARG F 257 -16.30 -60.09 -40.31
N ASP F 258 -15.84 -58.84 -40.31
CA ASP F 258 -16.58 -57.74 -40.91
C ASP F 258 -15.89 -57.27 -42.19
N ALA F 259 -16.69 -56.96 -43.21
CA ALA F 259 -16.17 -56.36 -44.43
C ALA F 259 -15.96 -54.87 -44.25
N HIS F 260 -16.78 -54.26 -43.38
CA HIS F 260 -16.65 -52.82 -43.07
C HIS F 260 -16.70 -52.60 -41.56
N TYR F 261 -15.71 -51.87 -41.03
CA TYR F 261 -15.62 -51.64 -39.60
C TYR F 261 -14.88 -50.35 -39.31
N GLY F 262 -15.32 -49.61 -38.29
CA GLY F 262 -14.68 -48.37 -37.90
C GLY F 262 -15.57 -47.51 -37.02
N GLN F 263 -15.10 -46.30 -36.69
CA GLN F 263 -15.84 -45.39 -35.84
C GLN F 263 -16.66 -44.51 -36.63
N GLY F 264 -17.57 -43.83 -35.96
CA GLY F 264 -18.21 -42.64 -36.53
C GLY F 264 -17.58 -42.23 -37.79
N PHE F 265 -16.47 -41.55 -37.69
CA PHE F 265 -15.80 -41.05 -38.81
C PHE F 265 -14.55 -41.89 -39.08
N VAL F 266 -14.26 -42.07 -40.34
CA VAL F 266 -13.23 -43.06 -40.74
C VAL F 266 -13.80 -44.46 -40.74
N TRP F 267 -13.64 -45.16 -41.85
CA TRP F 267 -14.08 -46.52 -41.95
C TRP F 267 -13.10 -47.34 -42.74
N ASN F 268 -12.94 -48.60 -42.36
CA ASN F 268 -12.04 -49.51 -43.05
C ASN F 268 -12.81 -50.61 -43.77
N HIS F 269 -12.48 -50.82 -45.05
CA HIS F 269 -13.21 -51.77 -45.90
C HIS F 269 -12.29 -52.85 -46.41
N ILE F 270 -12.85 -54.01 -46.71
CA ILE F 270 -12.12 -55.08 -47.35
C ILE F 270 -11.49 -54.58 -48.67
N PRO F 271 -10.16 -54.62 -48.75
CA PRO F 271 -9.41 -54.02 -49.87
C PRO F 271 -9.86 -54.56 -51.22
N TRP F 272 -9.87 -53.71 -52.23
CA TRP F 272 -10.24 -54.13 -53.58
C TRP F 272 -9.22 -55.10 -54.13
N GLY F 273 -9.72 -56.17 -54.76
CA GLY F 273 -8.85 -57.17 -55.35
C GLY F 273 -8.76 -58.43 -54.49
N ALA F 274 -9.13 -58.30 -53.22
CA ALA F 274 -9.16 -59.45 -52.31
C ALA F 274 -10.52 -60.15 -52.35
N GLU F 275 -10.50 -61.47 -52.37
CA GLU F 275 -11.71 -62.24 -52.41
C GLU F 275 -12.48 -62.11 -51.12
N ASP F 276 -13.81 -62.13 -51.22
CA ASP F 276 -14.67 -61.93 -50.06
C ASP F 276 -14.97 -63.26 -49.38
N PHE F 277 -14.18 -63.58 -48.36
CA PHE F 277 -14.47 -64.72 -47.50
C PHE F 277 -14.83 -64.25 -46.10
N THR F 278 -15.40 -63.05 -46.01
CA THR F 278 -15.73 -62.45 -44.72
C THR F 278 -17.01 -63.04 -44.17
N GLY F 279 -17.39 -62.60 -42.98
CA GLY F 279 -18.68 -62.98 -42.40
C GLY F 279 -18.52 -63.73 -41.08
N LYS F 280 -19.58 -63.76 -40.30
CA LYS F 280 -19.55 -64.40 -38.98
C LYS F 280 -19.68 -65.88 -39.12
N LEU F 281 -18.58 -66.55 -39.43
CA LEU F 281 -18.57 -68.00 -39.56
C LEU F 281 -17.93 -68.64 -38.33
N PRO F 282 -18.31 -69.91 -38.04
CA PRO F 282 -17.67 -70.72 -37.00
C PRO F 282 -16.19 -70.87 -37.22
N LEU F 283 -15.41 -70.77 -36.15
CA LEU F 283 -13.97 -70.61 -36.26
C LEU F 283 -13.35 -71.81 -36.96
N GLN F 284 -13.99 -72.97 -36.82
CA GLN F 284 -13.46 -74.21 -37.37
C GLN F 284 -13.29 -74.11 -38.89
N GLU F 285 -14.25 -73.45 -39.55
CA GLU F 285 -14.19 -73.23 -41.00
C GLU F 285 -13.01 -72.33 -41.37
N ARG F 286 -12.73 -71.35 -40.51
CA ARG F 286 -11.60 -70.46 -40.70
C ARG F 286 -10.30 -71.22 -40.55
N VAL F 287 -10.27 -72.16 -39.61
CA VAL F 287 -9.13 -73.03 -39.43
C VAL F 287 -8.92 -73.91 -40.67
N ASN F 288 -10.03 -74.45 -41.19
CA ASN F 288 -9.97 -75.33 -42.36
C ASN F 288 -9.41 -74.61 -43.58
N LEU F 289 -9.86 -73.37 -43.78
CA LEU F 289 -9.40 -72.58 -44.91
C LEU F 289 -7.93 -72.16 -44.73
N LEU F 290 -7.57 -71.85 -43.48
CA LEU F 290 -6.28 -71.27 -43.19
C LEU F 290 -5.18 -72.32 -43.31
N ARG F 291 -5.51 -73.56 -42.97
CA ARG F 291 -4.51 -74.63 -42.89
C ARG F 291 -3.79 -74.81 -44.24
N HIS F 292 -4.55 -74.86 -45.31
CA HIS F 292 -4.01 -75.21 -46.62
C HIS F 292 -3.55 -73.95 -47.36
N ALA F 293 -3.59 -72.82 -46.67
CA ALA F 293 -3.05 -71.59 -47.19
C ALA F 293 -1.53 -71.63 -47.21
N SER F 294 -0.94 -71.01 -48.22
CA SER F 294 0.51 -70.96 -48.33
C SER F 294 1.10 -70.19 -47.17
N PHE F 295 0.51 -69.04 -46.87
CA PHE F 295 0.83 -68.31 -45.64
C PHE F 295 -0.19 -67.21 -45.37
N PHE F 296 -0.04 -66.53 -44.23
CA PHE F 296 -1.06 -65.59 -43.76
C PHE F 296 -0.43 -64.24 -43.48
N ILE F 297 -1.12 -63.19 -43.89
CA ILE F 297 -0.69 -61.82 -43.61
C ILE F 297 -1.73 -61.08 -42.82
N GLY F 298 -1.37 -60.66 -41.62
CA GLY F 298 -2.36 -60.29 -40.61
C GLY F 298 -1.93 -59.10 -39.80
N LEU F 299 -2.83 -58.58 -39.01
CA LEU F 299 -2.49 -57.65 -37.98
C LEU F 299 -2.27 -58.38 -36.64
N PRO F 300 -2.00 -57.60 -35.56
CA PRO F 300 -1.89 -58.17 -34.21
C PRO F 300 -3.23 -58.66 -33.65
N SER F 301 -4.28 -58.60 -34.48
CA SER F 301 -5.61 -59.13 -34.10
C SER F 301 -5.56 -60.66 -33.96
N GLY F 302 -6.67 -61.26 -33.53
CA GLY F 302 -6.67 -62.65 -33.06
C GLY F 302 -6.50 -63.64 -34.21
N LEU F 303 -6.88 -63.23 -35.41
CA LEU F 303 -6.81 -64.09 -36.56
C LEU F 303 -5.37 -64.47 -36.86
N SER F 304 -4.44 -63.65 -36.41
CA SER F 304 -3.02 -63.95 -36.51
C SER F 304 -2.65 -65.10 -35.58
N TRP F 305 -3.29 -65.15 -34.41
CA TRP F 305 -3.06 -66.21 -33.43
C TRP F 305 -3.66 -67.52 -33.91
N LEU F 306 -4.84 -67.44 -34.49
CA LEU F 306 -5.48 -68.60 -35.07
C LEU F 306 -4.67 -69.14 -36.23
N ALA F 307 -4.13 -68.24 -37.05
CA ALA F 307 -3.28 -68.62 -38.18
C ALA F 307 -1.98 -69.24 -37.67
N TRP F 308 -1.47 -68.73 -36.56
CA TRP F 308 -0.25 -69.27 -35.95
C TRP F 308 -0.47 -70.71 -35.49
N ALA F 309 -1.67 -70.99 -34.99
CA ALA F 309 -1.98 -72.31 -34.40
C ALA F 309 -2.19 -73.35 -35.50
N THR F 310 -2.43 -72.87 -36.73
CA THR F 310 -2.66 -73.75 -37.86
C THR F 310 -1.36 -74.13 -38.55
N ARG F 311 -0.24 -73.72 -37.94
CA ARG F 311 1.09 -74.17 -38.38
C ARG F 311 1.37 -73.69 -39.82
N ILE F 312 1.01 -72.45 -40.11
CA ILE F 312 1.39 -71.81 -41.36
C ILE F 312 2.16 -70.51 -41.08
N PRO F 313 3.08 -70.15 -42.00
CA PRO F 313 3.88 -68.94 -41.88
C PRO F 313 3.01 -67.70 -41.70
N VAL F 314 3.33 -66.88 -40.70
CA VAL F 314 2.52 -65.70 -40.38
C VAL F 314 3.34 -64.43 -40.53
N VAL F 315 3.00 -63.62 -41.52
CA VAL F 315 3.51 -62.25 -41.62
C VAL F 315 2.64 -61.30 -40.81
N LEU F 316 3.18 -60.81 -39.69
CA LEU F 316 2.41 -59.98 -38.77
C LEU F 316 2.83 -58.53 -38.89
N ILE F 317 1.91 -57.68 -39.33
CA ILE F 317 2.19 -56.25 -39.51
C ILE F 317 1.65 -55.46 -38.34
N SER F 318 2.55 -54.85 -37.58
CA SER F 318 2.14 -54.00 -36.46
C SER F 318 3.26 -53.07 -36.07
N GLY F 319 2.92 -51.82 -35.77
CA GLY F 319 3.87 -50.87 -35.27
C GLY F 319 3.49 -50.34 -33.92
N PHE F 320 2.23 -50.58 -33.53
CA PHE F 320 1.71 -50.06 -32.26
C PHE F 320 2.07 -51.00 -31.10
N SER F 321 2.67 -52.13 -31.42
CA SER F 321 3.20 -53.04 -30.42
C SER F 321 4.59 -53.51 -30.78
N LEU F 322 5.42 -53.77 -29.77
CA LEU F 322 6.79 -54.23 -29.99
C LEU F 322 6.79 -55.67 -30.51
N PRO F 323 7.89 -56.05 -31.20
CA PRO F 323 7.99 -57.38 -31.81
C PRO F 323 7.79 -58.52 -30.79
N ASN F 324 8.16 -58.27 -29.53
CA ASN F 324 8.15 -59.32 -28.50
C ASN F 324 6.82 -59.37 -27.76
N SER F 325 5.89 -58.51 -28.16
CA SER F 325 4.59 -58.41 -27.49
C SER F 325 3.71 -59.58 -27.88
N GLU F 326 3.86 -60.06 -29.12
CA GLU F 326 3.10 -61.22 -29.62
C GLU F 326 4.01 -62.44 -29.71
N PHE F 327 3.47 -63.52 -30.29
CA PHE F 327 4.29 -64.72 -30.59
C PHE F 327 5.39 -64.38 -31.59
N TYR F 328 6.48 -65.13 -31.54
CA TYR F 328 7.59 -64.92 -32.44
C TYR F 328 7.23 -65.35 -33.82
N THR F 329 7.66 -64.57 -34.81
CA THR F 329 7.66 -65.02 -36.20
C THR F 329 8.70 -64.26 -37.00
N PRO F 330 9.54 -65.01 -37.73
CA PRO F 330 10.62 -64.41 -38.51
C PRO F 330 10.11 -63.45 -39.60
N TRP F 331 8.80 -63.45 -39.80
CA TRP F 331 8.18 -62.60 -40.81
C TRP F 331 7.44 -61.44 -40.16
N ARG F 332 7.92 -61.02 -39.00
CA ARG F 332 7.38 -59.86 -38.34
C ARG F 332 7.81 -58.57 -39.06
N VAL F 333 6.84 -57.70 -39.31
CA VAL F 333 7.12 -56.42 -39.94
C VAL F 333 6.99 -55.27 -38.93
N PHE F 334 8.03 -54.45 -38.83
CA PHE F 334 8.12 -53.46 -37.76
C PHE F 334 9.07 -52.33 -38.15
N ASN F 335 8.67 -51.10 -37.85
CA ASN F 335 9.48 -49.92 -38.19
C ASN F 335 9.78 -49.10 -36.97
N SER F 336 11.06 -48.72 -36.81
CA SER F 336 11.57 -48.23 -35.52
C SER F 336 12.07 -46.79 -35.65
N HIS F 337 11.65 -46.11 -36.72
CA HIS F 337 12.17 -44.78 -37.05
C HIS F 337 11.20 -43.69 -36.58
N GLY F 338 9.96 -44.09 -36.28
CA GLY F 338 8.94 -43.15 -35.77
C GLY F 338 8.27 -43.67 -34.51
N CYS F 339 7.16 -43.02 -34.12
CA CYS F 339 6.29 -43.53 -33.01
C CYS F 339 6.08 -45.05 -33.14
N TYR F 340 6.25 -45.77 -32.02
CA TYR F 340 5.99 -47.22 -31.98
C TYR F 340 5.81 -47.71 -30.54
N GLY F 341 5.09 -48.81 -30.37
CA GLY F 341 4.87 -49.39 -29.06
C GLY F 341 4.04 -48.48 -28.16
N CYS F 342 3.04 -47.83 -28.75
CA CYS F 342 2.00 -47.16 -27.97
C CYS F 342 1.43 -48.15 -26.86
N TRP F 343 1.53 -49.45 -27.14
CA TRP F 343 0.75 -50.47 -26.38
C TRP F 343 1.56 -50.98 -25.19
N ASP F 344 2.88 -51.04 -25.37
CA ASP F 344 3.74 -51.71 -24.40
C ASP F 344 4.30 -50.72 -23.38
N ASP F 345 4.07 -49.42 -23.62
CA ASP F 345 4.62 -48.36 -22.76
C ASP F 345 3.86 -48.29 -21.45
N THR F 346 4.58 -48.37 -20.34
CA THR F 346 3.96 -48.47 -19.01
C THR F 346 3.59 -47.08 -18.48
N SER F 347 4.09 -46.05 -19.15
CA SER F 347 3.80 -44.68 -18.76
C SER F 347 2.48 -44.20 -19.39
N LEU F 348 1.98 -44.97 -20.36
CA LEU F 348 0.70 -44.66 -21.00
C LEU F 348 -0.39 -45.64 -20.58
N ASN F 349 -1.64 -45.36 -20.97
CA ASN F 349 -2.77 -46.22 -20.60
C ASN F 349 -3.75 -46.37 -21.76
N PHE F 350 -4.12 -47.61 -22.05
CA PHE F 350 -5.00 -47.90 -23.20
C PHE F 350 -6.42 -47.45 -22.91
N ASP F 351 -7.03 -46.77 -23.88
CA ASP F 351 -8.41 -46.34 -23.76
C ASP F 351 -9.33 -47.30 -24.52
N HIS F 352 -10.25 -47.94 -23.78
CA HIS F 352 -11.15 -48.94 -24.37
C HIS F 352 -12.32 -48.27 -25.08
N HIS F 353 -12.52 -46.98 -24.79
CA HIS F 353 -13.68 -46.25 -25.31
C HIS F 353 -13.27 -45.31 -26.43
N ASP F 354 -11.97 -45.29 -26.73
CA ASP F 354 -11.44 -44.46 -27.81
C ASP F 354 -10.91 -45.34 -28.95
N PHE F 355 -11.61 -45.33 -30.07
CA PHE F 355 -11.24 -46.15 -31.21
C PHE F 355 -10.06 -45.53 -31.96
N LEU F 356 -9.99 -44.20 -31.95
CA LEU F 356 -8.90 -43.47 -32.62
C LEU F 356 -7.78 -43.15 -31.64
N TRP F 357 -7.36 -44.16 -30.90
CA TRP F 357 -6.42 -43.96 -29.83
C TRP F 357 -4.98 -44.02 -30.37
N CYS F 358 -4.30 -42.86 -30.36
CA CYS F 358 -2.78 -42.82 -30.23
C CYS F 358 -2.36 -41.73 -29.28
N PRO F 359 -1.94 -42.12 -28.06
CA PRO F 359 -1.86 -41.22 -26.90
C PRO F 359 -0.89 -40.08 -27.12
N ARG F 360 0.10 -40.31 -27.97
CA ARG F 360 1.23 -39.39 -28.09
C ARG F 360 1.27 -38.61 -29.39
N HIS F 361 0.24 -38.76 -30.21
CA HIS F 361 0.24 -38.09 -31.54
C HIS F 361 -1.21 -38.01 -32.12
N LYS F 362 -2.20 -38.09 -31.25
CA LYS F 362 -3.61 -38.01 -31.68
C LYS F 362 -3.94 -36.60 -32.16
N ASN F 363 -4.73 -36.52 -33.22
CA ASN F 363 -5.14 -35.24 -33.78
C ASN F 363 -3.95 -34.37 -34.12
N THR F 364 -2.88 -34.99 -34.61
CA THR F 364 -1.76 -34.27 -35.19
C THR F 364 -1.43 -34.79 -36.57
N ASP F 365 -0.34 -34.28 -37.15
CA ASP F 365 0.07 -34.69 -38.50
C ASP F 365 0.64 -36.10 -38.49
N ARG F 366 1.06 -36.56 -37.31
CA ARG F 366 1.84 -37.79 -37.20
C ARG F 366 0.99 -38.89 -36.54
N GLN F 367 -0.32 -38.71 -36.56
CA GLN F 367 -1.23 -39.69 -35.98
C GLN F 367 -1.13 -41.01 -36.71
N PHE F 368 -1.09 -42.10 -35.96
CA PHE F 368 -0.89 -43.43 -36.54
C PHE F 368 0.30 -43.43 -37.49
N GLU F 369 1.34 -42.68 -37.12
CA GLU F 369 2.67 -42.87 -37.71
C GLU F 369 3.21 -44.27 -37.39
N CYS F 370 2.69 -44.88 -36.31
CA CYS F 370 3.16 -46.17 -35.86
C CYS F 370 3.20 -47.19 -37.06
N THR F 371 2.25 -47.05 -37.98
CA THR F 371 2.04 -48.08 -39.03
C THR F 371 2.22 -47.47 -40.44
N ARG F 372 2.25 -46.14 -40.51
CA ARG F 372 2.32 -45.43 -41.81
C ARG F 372 3.70 -45.58 -42.41
N LEU F 373 4.71 -45.71 -41.56
CA LEU F 373 6.08 -45.84 -42.01
C LEU F 373 6.34 -47.24 -42.57
N ILE F 374 5.45 -48.17 -42.24
CA ILE F 374 5.51 -49.52 -42.81
C ILE F 374 4.96 -49.54 -44.22
N THR F 375 5.84 -49.38 -45.20
CA THR F 375 5.42 -49.23 -46.60
C THR F 375 5.11 -50.57 -47.20
N GLY F 376 4.49 -50.56 -48.38
CA GLY F 376 4.21 -51.78 -49.10
C GLY F 376 5.48 -52.49 -49.50
N ALA F 377 6.49 -51.72 -49.90
CA ALA F 377 7.74 -52.28 -50.37
C ALA F 377 8.40 -53.12 -49.27
N GLN F 378 8.32 -52.63 -48.03
CA GLN F 378 8.89 -53.35 -46.89
C GLN F 378 8.23 -54.70 -46.71
N VAL F 379 6.90 -54.70 -46.65
CA VAL F 379 6.14 -55.91 -46.45
C VAL F 379 6.34 -56.86 -47.63
N ASN F 380 6.45 -56.30 -48.83
CA ASN F 380 6.68 -57.10 -50.04
C ASN F 380 8.10 -57.71 -50.06
N GLY F 381 9.03 -57.03 -49.40
CA GLY F 381 10.38 -57.58 -49.22
C GLY F 381 10.40 -58.77 -48.28
N VAL F 382 9.62 -58.69 -47.21
CA VAL F 382 9.42 -59.82 -46.31
C VAL F 382 8.72 -60.96 -47.04
N ILE F 383 7.70 -60.62 -47.83
CA ILE F 383 6.93 -61.61 -48.58
C ILE F 383 7.82 -62.31 -49.62
N ASN F 384 8.78 -61.57 -50.18
CA ASN F 384 9.74 -62.14 -51.16
C ASN F 384 10.70 -63.15 -50.50
N LYS F 385 11.17 -62.81 -49.30
CA LYS F 385 12.02 -63.72 -48.51
C LYS F 385 11.24 -65.00 -48.17
N LEU F 386 10.01 -64.84 -47.72
CA LEU F 386 9.20 -65.98 -47.29
C LEU F 386 8.79 -66.83 -48.49
N HIS F 387 8.58 -66.19 -49.63
CA HIS F 387 8.23 -66.90 -50.86
C HIS F 387 9.41 -67.75 -51.35
N ARG F 388 10.60 -67.16 -51.32
CA ARG F 388 11.82 -67.86 -51.76
C ARG F 388 12.16 -68.98 -50.78
N SER F 389 11.82 -68.79 -49.52
CA SER F 389 12.06 -69.80 -48.50
C SER F 389 11.10 -70.97 -48.68
N LEU F 390 9.91 -70.70 -49.21
CA LEU F 390 8.87 -71.72 -49.38
C LEU F 390 9.13 -72.55 -50.65
N THR F 391 9.57 -71.88 -51.71
CA THR F 391 9.80 -72.55 -53.02
C THR F 391 11.08 -73.41 -52.97
N GLU F 392 12.12 -72.88 -52.36
CA GLU F 392 13.43 -73.52 -52.38
C GLU F 392 13.48 -74.68 -51.36
N GLN F 393 13.11 -74.38 -50.12
CA GLN F 393 12.96 -75.44 -49.07
C GLN F 393 11.52 -75.48 -48.56
N GLY F 394 10.84 -76.60 -48.82
CA GLY F 394 9.44 -76.77 -48.40
C GLY F 394 9.31 -76.96 -46.90
N PHE G 9 6.38 66.44 -2.45
CA PHE G 9 6.50 66.54 -1.04
C PHE G 9 6.90 65.23 -0.47
N ILE G 10 7.48 65.27 0.70
CA ILE G 10 8.24 66.43 1.13
C ILE G 10 9.71 66.03 1.49
N THR G 11 10.68 66.66 0.80
CA THR G 11 12.09 66.18 0.82
C THR G 11 12.94 67.05 1.77
N PRO G 12 13.67 66.38 2.70
CA PRO G 12 14.73 67.02 3.50
C PRO G 12 16.01 67.27 2.68
N PRO G 13 16.84 68.23 3.13
CA PRO G 13 18.18 68.46 2.55
C PRO G 13 19.01 67.16 2.47
N ASP G 14 19.71 66.98 1.35
CA ASP G 14 20.57 65.78 1.16
C ASP G 14 21.74 65.79 2.13
N THR G 15 22.13 67.00 2.56
CA THR G 15 23.20 67.15 3.54
C THR G 15 22.67 67.89 4.81
N PRO G 16 22.94 67.31 6.00
CA PRO G 16 22.52 67.91 7.29
C PRO G 16 22.96 69.36 7.43
N THR G 17 22.13 70.18 8.10
CA THR G 17 22.19 71.64 7.98
C THR G 17 23.18 72.23 9.02
N GLN G 18 23.50 71.44 10.04
CA GLN G 18 24.38 71.90 11.12
C GLN G 18 25.76 71.28 11.00
N ALA G 19 26.80 72.09 11.27
CA ALA G 19 28.15 71.75 10.88
C ALA G 19 28.74 70.70 11.83
N GLY G 20 29.14 71.12 12.99
CA GLY G 20 29.74 70.20 13.99
C GLY G 20 31.21 69.92 13.69
N PRO G 21 31.99 69.68 14.76
CA PRO G 21 33.46 69.58 14.65
C PRO G 21 33.91 68.35 13.81
N GLU G 22 35.11 68.44 13.23
CA GLU G 22 35.69 67.31 12.46
C GLU G 22 34.68 66.78 11.40
N ASN G 23 34.04 67.71 10.69
CA ASN G 23 33.30 67.38 9.42
C ASN G 23 32.16 66.41 9.67
N ILE G 24 31.55 66.50 10.85
CA ILE G 24 30.39 65.72 11.16
C ILE G 24 29.16 66.58 11.10
N PHE G 25 28.22 66.19 10.23
CA PHE G 25 27.03 67.00 9.96
C PHE G 25 25.79 66.39 10.64
N TYR G 26 25.12 67.18 11.49
CA TYR G 26 23.95 66.71 12.23
C TYR G 26 22.73 67.58 11.92
N ASP G 27 21.54 67.08 12.27
CA ASP G 27 20.30 67.53 11.64
C ASP G 27 19.07 66.93 12.37
N PHE G 28 17.92 67.60 12.24
CA PHE G 28 16.69 67.17 12.95
C PHE G 28 15.44 67.25 11.99
N ASN G 29 15.66 66.99 10.69
CA ASN G 29 14.65 67.37 9.63
C ASN G 29 13.64 66.24 9.36
N ASP G 30 13.99 65.05 9.74
CA ASP G 30 13.07 63.90 9.64
C ASP G 30 12.99 63.15 10.97
N GLY G 31 14.04 62.47 11.29
CA GLY G 31 14.40 62.27 12.66
C GLY G 31 15.61 63.04 13.03
N ALA G 32 16.24 62.64 14.11
CA ALA G 32 17.58 63.10 14.42
C ALA G 32 18.61 62.40 13.51
N ARG G 33 19.10 63.14 12.52
CA ARG G 33 20.06 62.60 11.56
C ARG G 33 21.45 63.06 11.89
N VAL G 34 22.43 62.20 11.64
CA VAL G 34 23.83 62.59 11.71
C VAL G 34 24.66 61.87 10.62
N LEU G 35 25.45 62.64 9.88
CA LEU G 35 26.26 62.09 8.80
C LEU G 35 27.74 62.16 9.16
N LEU G 36 28.37 60.99 9.26
CA LEU G 36 29.79 60.91 9.61
C LEU G 36 30.65 60.73 8.35
N PRO G 37 31.81 61.43 8.31
CA PRO G 37 32.80 61.22 7.25
C PRO G 37 33.41 59.79 7.29
N GLU G 38 34.71 59.71 7.52
CA GLU G 38 35.40 58.43 7.57
C GLU G 38 35.99 58.17 8.97
N GLY G 39 36.07 56.91 9.35
CA GLY G 39 36.78 56.52 10.55
C GLY G 39 36.04 55.47 11.33
N LYS G 40 36.15 55.55 12.66
CA LYS G 40 35.50 54.58 13.54
C LYS G 40 34.74 55.29 14.67
N TRP G 41 33.41 55.22 14.63
CA TRP G 41 32.56 56.04 15.48
C TRP G 41 31.65 55.16 16.34
N HIS G 42 31.27 55.67 17.51
CA HIS G 42 30.21 55.07 18.31
C HIS G 42 29.13 56.12 18.66
N VAL G 43 28.00 56.05 17.98
CA VAL G 43 27.01 57.13 18.02
C VAL G 43 25.83 56.75 18.93
N ARG G 44 25.39 57.70 19.76
CA ARG G 44 24.25 57.48 20.66
C ARG G 44 23.20 58.58 20.54
N LEU G 45 21.93 58.18 20.47
CA LEU G 45 20.83 59.14 20.49
C LEU G 45 20.01 58.96 21.76
N LEU G 46 19.82 60.06 22.48
CA LEU G 46 19.15 60.01 23.79
C LEU G 46 17.91 60.90 23.78
N ASP G 47 16.97 60.59 24.65
CA ASP G 47 15.88 61.50 24.98
C ASP G 47 16.27 62.40 26.15
N ALA G 48 16.44 63.68 25.86
CA ALA G 48 17.04 64.60 26.83
C ALA G 48 16.14 64.74 28.07
N ASP G 49 14.83 64.54 27.88
CA ASP G 49 13.85 64.75 28.97
C ASP G 49 13.88 63.56 29.95
N SER G 50 14.01 62.35 29.41
CA SER G 50 13.99 61.15 30.23
C SER G 50 15.43 60.60 30.42
N GLU G 51 16.35 61.06 29.59
CA GLU G 51 17.77 60.64 29.68
C GLU G 51 17.92 59.15 29.26
N ASN G 52 16.87 58.60 28.64
CA ASN G 52 16.94 57.24 28.09
C ASN G 52 17.80 57.18 26.85
N ILE G 53 18.55 56.09 26.72
CA ILE G 53 19.33 55.85 25.51
C ILE G 53 18.46 55.22 24.43
N LEU G 54 18.00 56.05 23.47
CA LEU G 54 17.04 55.60 22.44
C LEU G 54 17.72 54.68 21.44
N PHE G 55 18.90 55.07 20.98
CA PHE G 55 19.66 54.27 20.02
C PHE G 55 21.15 54.33 20.31
N CYS G 56 21.87 53.30 19.90
CA CYS G 56 23.28 53.20 20.19
C CYS G 56 23.91 52.10 19.33
N CYS G 57 24.94 52.47 18.58
CA CYS G 57 25.56 51.56 17.62
C CYS G 57 26.99 51.97 17.32
N ASP G 58 27.77 51.05 16.75
CA ASP G 58 29.08 51.37 16.23
C ASP G 58 29.05 51.42 14.71
N VAL G 59 29.35 52.59 14.17
CA VAL G 59 29.24 52.81 12.74
C VAL G 59 30.48 53.50 12.22
N ASP G 60 30.83 53.20 10.97
CA ASP G 60 32.09 53.64 10.43
C ASP G 60 31.93 54.97 9.67
N LYS G 61 30.92 55.05 8.78
CA LYS G 61 30.87 56.10 7.75
C LYS G 61 29.38 56.59 7.51
N GLY G 62 28.46 55.67 7.45
CA GLY G 62 27.15 55.90 6.73
C GLY G 62 26.21 56.89 7.50
N TRP G 63 24.92 56.85 7.16
CA TRP G 63 23.91 57.68 7.87
C TRP G 63 23.53 57.04 9.20
N VAL G 64 23.15 57.87 10.16
CA VAL G 64 22.49 57.38 11.37
C VAL G 64 21.27 58.26 11.70
N THR G 65 20.08 57.67 11.62
CA THR G 65 18.84 58.39 11.92
C THR G 65 18.04 57.67 12.98
N SER G 66 17.26 58.44 13.75
CA SER G 66 16.32 57.86 14.71
C SER G 66 15.12 57.27 14.01
N SER G 67 14.64 56.15 14.51
CA SER G 67 13.47 55.52 13.97
C SER G 67 12.23 56.39 14.19
N LYS G 68 12.23 57.12 15.32
CA LYS G 68 11.13 58.04 15.63
C LYS G 68 11.30 59.36 14.90
N LYS G 69 10.24 59.83 14.27
CA LYS G 69 10.31 61.00 13.40
C LYS G 69 9.55 62.20 14.01
N TYR G 70 8.60 61.90 14.90
CA TYR G 70 7.83 62.95 15.59
C TYR G 70 8.71 63.67 16.61
N PHE G 71 8.15 64.70 17.23
CA PHE G 71 8.93 65.60 18.08
C PHE G 71 9.50 64.86 19.27
N VAL G 72 10.81 64.79 19.34
CA VAL G 72 11.49 64.34 20.55
C VAL G 72 12.73 65.16 20.79
N ARG G 73 12.83 65.75 21.98
CA ARG G 73 13.99 66.55 22.34
C ARG G 73 15.26 65.70 22.31
N PHE G 74 15.77 65.45 21.11
CA PHE G 74 16.85 64.50 20.92
C PHE G 74 18.14 65.03 21.49
N ARG G 75 19.01 64.13 21.92
CA ARG G 75 20.37 64.50 22.28
C ARG G 75 21.36 63.60 21.57
N ILE G 76 22.13 64.19 20.64
CA ILE G 76 23.02 63.40 19.78
C ILE G 76 24.45 63.40 20.35
N GLN G 77 25.01 62.19 20.52
CA GLN G 77 26.37 62.03 21.02
C GLN G 77 27.21 61.21 20.05
N VAL G 78 28.34 61.78 19.63
CA VAL G 78 29.27 61.06 18.74
C VAL G 78 30.58 60.73 19.47
N PHE G 79 30.84 59.43 19.63
CA PHE G 79 32.05 58.99 20.32
C PHE G 79 33.12 58.57 19.30
N ARG G 80 34.40 58.76 19.68
CA ARG G 80 35.46 57.85 19.23
C ARG G 80 35.30 56.48 19.88
N GLN G 81 35.67 55.45 19.14
CA GLN G 81 35.32 54.08 19.53
C GLN G 81 36.18 53.60 20.73
N GLY G 82 36.36 54.48 21.69
CA GLY G 82 37.16 54.17 22.87
C GLY G 82 37.29 55.34 23.78
N GLU G 83 36.67 56.45 23.41
CA GLU G 83 36.77 57.68 24.16
C GLU G 83 35.79 57.67 25.33
N GLU G 84 36.14 58.39 26.39
CA GLU G 84 35.26 58.55 27.53
C GLU G 84 34.22 59.63 27.24
N THR G 85 34.69 60.81 26.84
CA THR G 85 33.80 61.95 26.58
C THR G 85 33.36 61.96 25.08
N PRO G 86 32.29 62.67 24.78
CA PRO G 86 31.79 62.82 23.40
C PRO G 86 32.60 63.86 22.60
N LEU G 87 32.88 63.54 21.33
CA LEU G 87 33.36 64.55 20.36
C LEU G 87 32.27 65.58 20.06
N LEU G 88 31.05 65.09 19.83
CA LEU G 88 29.91 65.96 19.61
C LEU G 88 28.77 65.61 20.59
N ASP G 89 28.20 66.63 21.23
CA ASP G 89 27.11 66.42 22.21
C ASP G 89 26.10 67.55 22.14
N GLU G 90 25.15 67.44 21.22
CA GLU G 90 24.24 68.53 20.93
C GLU G 90 22.80 68.12 21.22
N THR G 91 22.11 68.93 22.02
CA THR G 91 20.70 68.68 22.35
C THR G 91 19.77 69.64 21.58
N LEU G 92 18.66 69.12 21.09
CA LEU G 92 17.72 69.92 20.30
C LEU G 92 17.29 71.18 21.08
N LYS G 93 17.39 72.33 20.41
CA LYS G 93 17.00 73.60 21.02
C LYS G 93 16.50 74.56 19.96
N LEU G 94 15.21 74.90 20.03
CA LEU G 94 14.46 75.32 18.85
C LEU G 94 14.22 76.83 18.86
N LYS G 95 14.62 77.49 19.96
CA LYS G 95 14.37 78.93 20.12
C LYS G 95 15.12 79.73 19.06
N ASP G 96 14.39 80.58 18.34
CA ASP G 96 14.98 81.46 17.33
C ASP G 96 15.72 80.64 16.25
N ARG G 97 15.19 79.44 15.98
CA ARG G 97 15.75 78.59 14.94
C ARG G 97 14.73 78.36 13.82
N PRO G 98 15.23 78.09 12.60
CA PRO G 98 14.37 77.78 11.43
C PRO G 98 13.72 76.42 11.54
N VAL G 99 12.42 76.41 11.79
CA VAL G 99 11.68 75.17 11.90
C VAL G 99 10.64 75.08 10.78
N LEU G 100 10.53 73.89 10.18
CA LEU G 100 9.62 73.68 9.04
C LEU G 100 8.59 72.60 9.37
N ILE G 101 7.32 72.98 9.31
CA ILE G 101 6.23 72.02 9.48
C ILE G 101 5.53 71.76 8.16
N SER G 102 5.50 70.50 7.74
CA SER G 102 5.03 70.14 6.41
C SER G 102 3.69 69.38 6.50
N PHE G 103 2.62 70.03 6.05
CA PHE G 103 1.32 69.35 5.86
C PHE G 103 1.21 68.81 4.47
N PRO G 104 0.62 67.61 4.33
CA PRO G 104 0.72 66.83 3.10
C PRO G 104 0.41 67.66 1.86
N THR G 105 -0.75 67.46 1.29
CA THR G 105 -1.29 68.38 0.30
C THR G 105 -2.57 68.82 0.66
N GLY G 106 -2.89 70.03 0.31
CA GLY G 106 -3.88 70.74 0.93
C GLY G 106 -5.20 70.08 0.80
N THR G 107 -5.63 69.44 1.86
CA THR G 107 -7.01 69.22 2.06
C THR G 107 -7.53 70.15 3.10
N LEU G 108 -8.81 70.04 3.37
CA LEU G 108 -9.50 71.04 4.08
C LEU G 108 -9.58 70.69 5.54
N GLY G 109 -10.37 69.70 5.86
CA GLY G 109 -10.72 69.43 7.21
C GLY G 109 -9.52 69.03 8.03
N ALA G 110 -8.57 68.38 7.39
CA ALA G 110 -7.38 67.92 8.06
C ALA G 110 -6.45 69.06 8.35
N LEU G 111 -6.35 69.99 7.40
CA LEU G 111 -5.54 71.17 7.55
C LEU G 111 -6.07 72.05 8.72
N LEU G 112 -7.39 72.29 8.72
CA LEU G 112 -8.04 73.14 9.74
C LEU G 112 -7.93 72.50 11.12
N GLY G 113 -8.03 71.18 11.16
CA GLY G 113 -7.99 70.46 12.39
C GLY G 113 -6.61 70.44 13.00
N TRP G 114 -5.60 70.39 12.13
CA TRP G 114 -4.22 70.17 12.57
C TRP G 114 -3.55 71.50 13.00
N PHE G 115 -3.91 72.58 12.31
CA PHE G 115 -3.02 73.75 12.18
C PHE G 115 -2.85 74.47 13.54
N PRO G 116 -3.93 74.52 14.35
CA PRO G 116 -3.88 75.18 15.64
C PRO G 116 -2.79 74.62 16.54
N TYR G 117 -2.42 73.36 16.31
CA TYR G 117 -1.34 72.74 17.05
C TYR G 117 0.02 73.28 16.59
N ALA G 118 0.06 73.75 15.35
CA ALA G 118 1.30 74.33 14.80
C ALA G 118 1.60 75.67 15.43
N GLU G 119 0.55 76.41 15.79
CA GLU G 119 0.70 77.69 16.46
C GLU G 119 1.17 77.50 17.89
N ARG G 120 0.61 76.51 18.56
CA ARG G 120 1.02 76.16 19.93
C ARG G 120 2.48 75.76 19.96
N PHE G 121 2.91 75.03 18.93
CA PHE G 121 4.31 74.58 18.84
C PHE G 121 5.26 75.78 18.73
N GLN G 122 4.80 76.84 18.08
CA GLN G 122 5.61 78.03 17.88
C GLN G 122 5.63 78.90 19.17
N SER G 123 4.46 79.00 19.84
CA SER G 123 4.33 79.82 21.05
C SER G 123 5.08 79.19 22.20
N LEU G 124 5.23 77.88 22.17
CA LEU G 124 5.87 77.14 23.23
C LEU G 124 7.40 77.27 23.11
N HIS G 125 7.91 77.09 21.89
CA HIS G 125 9.36 76.96 21.67
C HIS G 125 9.95 78.28 21.17
N LYS G 126 9.08 79.23 20.85
CA LYS G 126 9.52 80.57 20.38
C LYS G 126 10.47 80.44 19.19
N CYS G 127 10.08 79.61 18.22
CA CYS G 127 10.92 79.35 17.05
C CYS G 127 10.44 80.15 15.85
N ARG G 128 11.24 80.17 14.79
CA ARG G 128 10.86 80.81 13.55
C ARG G 128 10.27 79.79 12.58
N LEU G 129 8.94 79.77 12.49
CA LEU G 129 8.22 78.63 11.97
C LEU G 129 7.74 78.91 10.53
N GLU G 130 7.92 77.94 9.65
CA GLU G 130 7.36 78.01 8.32
C GLU G 130 6.54 76.75 8.02
N CYS G 131 5.32 76.95 7.54
CA CYS G 131 4.41 75.82 7.27
C CYS G 131 4.14 75.70 5.76
N THR G 132 4.13 74.46 5.26
CA THR G 132 3.96 74.20 3.82
C THR G 132 2.60 73.55 3.54
N MET G 133 1.80 74.21 2.70
CA MET G 133 0.51 73.67 2.31
C MET G 133 0.06 74.30 0.99
N SER G 134 -1.12 73.93 0.55
CA SER G 134 -1.67 74.43 -0.72
C SER G 134 -2.08 75.90 -0.58
N GLN G 135 -2.25 76.58 -1.71
CA GLN G 135 -2.33 78.04 -1.74
C GLN G 135 -3.63 78.51 -1.10
N ASP G 136 -4.72 77.77 -1.34
CA ASP G 136 -6.07 78.19 -0.90
C ASP G 136 -6.14 78.29 0.61
N ILE G 137 -5.57 77.31 1.29
CA ILE G 137 -5.55 77.29 2.75
C ILE G 137 -4.67 78.42 3.28
N ILE G 138 -3.60 78.71 2.55
CA ILE G 138 -2.74 79.84 2.89
C ILE G 138 -3.52 81.15 2.80
N ASP G 139 -4.33 81.27 1.76
CA ASP G 139 -5.14 82.48 1.55
C ASP G 139 -6.20 82.61 2.64
N LEU G 140 -6.52 81.50 3.30
CA LEU G 140 -7.60 81.47 4.28
C LEU G 140 -7.08 81.83 5.67
N LEU G 141 -5.82 81.48 5.94
CA LEU G 141 -5.30 81.43 7.31
C LEU G 141 -4.25 82.54 7.55
N ALA G 142 -3.54 82.92 6.48
CA ALA G 142 -2.21 83.58 6.62
C ALA G 142 -2.35 84.98 7.33
N PRO G 143 -3.42 85.74 6.97
CA PRO G 143 -3.62 87.08 7.52
C PRO G 143 -3.81 87.08 9.06
N GLN G 144 -4.38 85.99 9.60
CA GLN G 144 -4.69 85.89 11.05
C GLN G 144 -3.49 85.34 11.84
N TYR G 145 -2.55 84.72 11.12
CA TYR G 145 -1.33 84.15 11.75
C TYR G 145 -0.06 84.80 11.19
N PRO G 146 0.20 86.06 11.58
CA PRO G 146 1.33 86.82 11.06
C PRO G 146 2.67 86.28 11.53
N GLN G 147 2.67 85.62 12.69
CA GLN G 147 3.90 85.15 13.31
C GLN G 147 4.46 83.96 12.56
N ILE G 148 3.60 83.28 11.81
CA ILE G 148 4.00 82.08 11.06
C ILE G 148 4.08 82.38 9.57
N GLN G 149 5.14 81.91 8.92
CA GLN G 149 5.34 82.13 7.50
C GLN G 149 4.77 80.99 6.69
N PHE G 150 3.92 81.31 5.74
CA PHE G 150 3.25 80.29 4.93
C PHE G 150 3.92 80.15 3.59
N SER G 151 3.98 78.92 3.08
CA SER G 151 4.59 78.64 1.78
C SER G 151 3.99 77.41 1.17
N THR G 152 4.23 77.23 -0.11
CA THR G 152 3.83 76.01 -0.79
C THR G 152 4.98 74.98 -0.77
N PRO G 153 4.64 73.69 -0.91
CA PRO G 153 5.63 72.59 -0.82
C PRO G 153 6.78 72.75 -1.84
N ASP G 154 6.47 73.32 -3.02
CA ASP G 154 7.44 73.39 -4.12
C ASP G 154 8.32 74.65 -3.99
N LYS G 155 7.87 75.60 -3.16
CA LYS G 155 8.62 76.87 -2.95
C LYS G 155 8.75 77.18 -1.45
N PRO G 156 9.61 76.42 -0.75
CA PRO G 156 9.95 76.70 0.64
C PRO G 156 11.05 77.77 0.76
N ARG G 157 10.86 78.70 1.68
CA ARG G 157 11.71 79.89 1.76
C ARG G 157 12.87 79.67 2.79
N THR G 158 12.77 78.57 3.56
CA THR G 158 13.89 78.12 4.43
C THR G 158 14.62 76.94 3.77
N VAL G 159 15.56 77.25 2.92
CA VAL G 159 16.28 76.21 2.17
C VAL G 159 17.03 75.22 3.15
N ALA G 160 17.57 75.77 4.24
CA ALA G 160 18.30 74.96 5.24
C ALA G 160 17.68 75.14 6.64
N PRO G 161 16.77 74.22 7.02
CA PRO G 161 16.07 74.29 8.26
C PRO G 161 16.74 73.48 9.38
N TYR G 162 16.57 73.92 10.61
CA TYR G 162 17.19 73.26 11.76
C TYR G 162 16.43 71.96 12.10
N ALA G 163 15.11 72.04 12.09
CA ALA G 163 14.28 70.88 12.38
C ALA G 163 13.02 70.91 11.53
N THR G 164 12.59 69.74 11.09
CA THR G 164 11.37 69.62 10.27
C THR G 164 10.44 68.55 10.84
N TYR G 165 9.14 68.80 10.78
CA TYR G 165 8.17 67.87 11.29
C TYR G 165 7.01 67.71 10.30
N ARG G 166 6.60 66.47 10.07
CA ARG G 166 5.69 66.16 8.98
C ARG G 166 4.36 65.63 9.53
N VAL G 167 3.42 66.55 9.74
CA VAL G 167 2.12 66.18 10.25
C VAL G 167 1.27 65.56 9.17
N GLY G 168 0.64 64.42 9.49
CA GLY G 168 -0.20 63.71 8.52
C GLY G 168 -0.92 62.51 9.15
N LEU G 169 -1.73 61.84 8.35
CA LEU G 169 -2.32 60.58 8.75
C LEU G 169 -1.46 59.42 8.30
N TYR G 170 -1.10 58.55 9.24
CA TYR G 170 -0.24 57.40 8.94
C TYR G 170 -0.94 56.10 9.33
N PHE G 171 -1.32 55.32 8.33
CA PHE G 171 -2.20 54.18 8.55
C PHE G 171 -1.38 52.94 8.86
N GLY G 172 -2.07 51.82 9.07
CA GLY G 172 -1.40 50.54 9.32
C GLY G 172 -0.87 50.44 10.74
N GLY G 173 -1.23 51.42 11.57
CA GLY G 173 -0.79 51.45 12.96
C GLY G 173 0.64 51.90 13.08
N ASP G 174 1.05 52.83 12.24
CA ASP G 174 2.41 53.38 12.28
C ASP G 174 2.67 54.05 13.63
N THR G 175 3.86 53.78 14.20
CA THR G 175 4.23 54.32 15.51
C THR G 175 5.63 54.93 15.48
N ASN G 176 6.12 55.20 14.27
CA ASN G 176 7.45 55.79 14.09
C ASN G 176 7.36 57.26 13.68
N ASN G 177 6.34 57.59 12.89
CA ASN G 177 6.10 58.98 12.47
C ASN G 177 5.02 59.65 13.32
N GLN G 178 4.32 58.84 14.10
CA GLN G 178 3.40 59.34 15.10
C GLN G 178 3.48 58.51 16.37
N PRO G 179 3.45 59.19 17.53
CA PRO G 179 3.57 58.53 18.84
C PRO G 179 2.47 57.49 19.06
N VAL G 180 1.23 57.85 18.74
CA VAL G 180 0.11 56.92 18.84
C VAL G 180 -0.66 56.86 17.53
N ASP G 181 -1.20 55.69 17.22
CA ASP G 181 -2.16 55.55 16.11
C ASP G 181 -3.29 56.56 16.26
N PHE G 182 -3.56 57.28 15.18
CA PHE G 182 -4.46 58.42 15.23
C PHE G 182 -5.91 57.96 15.49
N ARG G 183 -6.15 56.65 15.34
CA ARG G 183 -7.47 56.09 15.52
C ARG G 183 -7.82 56.01 16.98
N LYS G 184 -6.82 56.18 17.84
CA LYS G 184 -6.99 55.99 19.27
C LYS G 184 -7.24 57.34 19.96
N VAL G 185 -6.76 58.41 19.34
CA VAL G 185 -6.82 59.74 19.96
C VAL G 185 -7.61 60.72 19.09
N GLY G 186 -7.94 60.28 17.88
CA GLY G 186 -8.62 61.16 16.90
C GLY G 186 -7.64 61.77 15.92
N PHE G 187 -8.05 61.84 14.66
CA PHE G 187 -7.12 62.08 13.56
C PHE G 187 -6.48 63.45 13.69
N HIS G 188 -7.21 64.39 14.30
CA HIS G 188 -6.80 65.81 14.30
C HIS G 188 -5.98 66.13 15.53
N ARG G 189 -6.28 65.46 16.64
CA ARG G 189 -5.49 65.58 17.85
C ARG G 189 -4.10 64.98 17.66
N SER G 190 -4.01 64.00 16.76
CA SER G 190 -2.74 63.31 16.51
C SER G 190 -1.64 64.32 16.23
N ALA G 191 -1.98 65.39 15.52
CA ALA G 191 -1.01 66.44 15.19
C ALA G 191 -0.40 67.01 16.47
N GLY G 192 -1.24 67.23 17.48
CA GLY G 192 -0.77 67.70 18.78
C GLY G 192 0.18 66.71 19.43
N TYR G 193 -0.10 65.42 19.28
CA TYR G 193 0.76 64.38 19.81
C TYR G 193 2.10 64.35 19.08
N ILE G 194 2.05 64.58 17.77
CA ILE G 194 3.25 64.54 16.95
C ILE G 194 4.20 65.69 17.31
N LEU G 195 3.62 66.84 17.61
CA LEU G 195 4.42 68.04 17.89
C LEU G 195 4.70 68.17 19.40
N GLY G 196 4.09 67.30 20.19
CA GLY G 196 4.30 67.28 21.63
C GLY G 196 3.78 68.53 22.29
N VAL G 197 2.55 68.91 21.94
CA VAL G 197 1.90 70.06 22.57
C VAL G 197 0.53 69.67 23.10
N ASP G 198 -0.16 70.63 23.70
CA ASP G 198 -1.51 70.41 24.20
C ASP G 198 -2.39 69.82 23.11
N PRO G 199 -2.85 68.57 23.30
CA PRO G 199 -3.54 67.82 22.27
C PRO G 199 -5.00 68.22 22.11
N ARG G 200 -5.48 69.05 23.04
CA ARG G 200 -6.92 69.40 23.09
C ARG G 200 -7.31 70.23 21.87
N GLU G 201 -8.45 69.91 21.29
CA GLU G 201 -8.83 70.45 19.98
C GLU G 201 -9.09 71.95 20.07
N ALA G 202 -8.89 72.65 18.96
CA ALA G 202 -9.19 74.07 18.89
C ALA G 202 -9.49 74.48 17.43
N PRO G 203 -10.34 75.52 17.25
CA PRO G 203 -10.67 76.05 15.96
C PRO G 203 -9.68 77.09 15.49
N VAL G 204 -9.39 77.09 14.20
CA VAL G 204 -8.51 78.12 13.60
C VAL G 204 -9.20 79.49 13.64
N ARG G 205 -8.40 80.54 13.46
CA ARG G 205 -8.91 81.90 13.48
C ARG G 205 -9.12 82.41 12.05
N LEU G 206 -10.37 82.78 11.73
CA LEU G 206 -10.72 83.16 10.38
C LEU G 206 -11.12 84.61 10.33
N ASP G 207 -11.31 85.14 9.13
CA ASP G 207 -11.78 86.50 8.94
C ASP G 207 -13.30 86.56 9.04
N LEU G 208 -13.79 86.91 10.23
CA LEU G 208 -15.21 86.92 10.49
C LEU G 208 -15.76 88.35 10.47
N SER G 209 -15.21 89.17 9.58
CA SER G 209 -15.56 90.59 9.52
C SER G 209 -16.59 90.84 8.43
N ALA G 210 -16.80 89.84 7.58
CA ALA G 210 -17.64 90.00 6.42
C ALA G 210 -19.08 90.31 6.83
N PRO G 211 -19.71 91.27 6.12
CA PRO G 211 -21.08 91.70 6.44
C PRO G 211 -22.13 90.76 5.88
N ARG G 212 -23.27 90.67 6.57
CA ARG G 212 -24.35 89.79 6.13
C ARG G 212 -24.88 90.23 4.78
N VAL G 213 -25.09 89.26 3.91
CA VAL G 213 -25.61 89.53 2.58
C VAL G 213 -27.07 89.15 2.50
N ILE G 214 -27.40 87.96 2.99
CA ILE G 214 -28.75 87.46 2.92
C ILE G 214 -29.51 87.76 4.21
N GLN G 215 -30.66 88.42 4.07
CA GLN G 215 -31.38 88.98 5.24
C GLN G 215 -32.12 87.86 6.00
N GLU G 216 -32.92 87.09 5.27
CA GLU G 216 -33.73 86.02 5.87
C GLU G 216 -32.84 84.98 6.55
N PRO G 217 -33.29 84.45 7.70
CA PRO G 217 -32.63 83.30 8.36
C PRO G 217 -32.47 82.10 7.41
N TYR G 218 -31.26 81.53 7.36
CA TYR G 218 -30.95 80.48 6.39
C TYR G 218 -29.98 79.44 7.00
N VAL G 219 -29.98 78.23 6.41
CA VAL G 219 -29.15 77.14 6.89
C VAL G 219 -28.23 76.64 5.79
N CYS G 220 -26.99 76.34 6.16
CA CYS G 220 -26.02 75.81 5.19
C CYS G 220 -25.82 74.31 5.40
N ILE G 221 -25.80 73.56 4.30
CA ILE G 221 -25.65 72.09 4.37
C ILE G 221 -24.54 71.62 3.42
N ALA G 222 -23.92 70.49 3.76
CA ALA G 222 -22.88 69.90 2.93
C ALA G 222 -23.10 68.39 2.77
N THR G 223 -23.44 67.97 1.55
CA THR G 223 -23.95 66.62 1.33
C THR G 223 -22.87 65.75 0.70
N GLN G 224 -21.77 66.37 0.28
CA GLN G 224 -20.74 65.68 -0.51
C GLN G 224 -19.54 65.32 0.35
N SER G 225 -18.89 64.20 0.03
CA SER G 225 -17.59 63.87 0.62
C SER G 225 -16.72 63.08 -0.39
N THR G 226 -15.64 62.48 0.11
CA THR G 226 -14.61 61.87 -0.77
C THR G 226 -14.83 60.37 -0.90
N CYS G 227 -15.49 59.79 0.08
CA CYS G 227 -15.83 58.36 0.05
C CYS G 227 -17.26 58.13 0.53
N GLN G 228 -17.86 57.05 0.07
CA GLN G 228 -19.33 56.90 0.12
C GLN G 228 -19.79 56.60 1.54
N ALA G 229 -18.87 56.12 2.36
CA ALA G 229 -19.20 55.77 3.74
C ALA G 229 -19.58 57.02 4.54
N LYS G 230 -18.99 58.14 4.18
CA LYS G 230 -19.18 59.38 4.93
C LYS G 230 -20.48 60.03 4.56
N TYR G 231 -21.05 59.65 3.42
CA TYR G 231 -22.34 60.19 2.96
C TYR G 231 -23.46 59.71 3.87
N TRP G 232 -24.54 60.49 3.91
CA TRP G 232 -25.75 60.07 4.60
C TRP G 232 -26.61 59.18 3.69
N ASN G 233 -26.46 57.87 3.84
CA ASN G 233 -26.94 56.91 2.84
C ASN G 233 -28.39 56.50 3.10
N ASN G 234 -29.05 57.22 4.00
CA ASN G 234 -30.47 57.08 4.18
C ASN G 234 -31.21 57.63 3.00
N GLY G 235 -32.28 56.94 2.61
CA GLY G 235 -32.92 57.18 1.32
C GLY G 235 -33.64 58.52 1.29
N THR G 236 -34.35 58.83 2.36
CA THR G 236 -35.24 59.99 2.39
C THR G 236 -34.73 61.03 3.40
N GLY G 237 -33.50 60.85 3.87
CA GLY G 237 -32.95 61.69 4.92
C GLY G 237 -32.95 63.15 4.55
N TRP G 238 -32.16 63.50 3.55
CA TRP G 238 -31.88 64.90 3.24
C TRP G 238 -33.17 65.61 2.78
N SER G 239 -34.04 64.87 2.12
CA SER G 239 -35.30 65.43 1.62
C SER G 239 -36.21 65.83 2.79
N GLU G 240 -36.30 64.95 3.80
CA GLU G 240 -37.13 65.23 4.99
C GLU G 240 -36.53 66.37 5.80
N VAL G 241 -35.20 66.42 5.85
CA VAL G 241 -34.52 67.42 6.65
C VAL G 241 -34.69 68.81 6.03
N ILE G 242 -34.54 68.89 4.72
CA ILE G 242 -34.68 70.17 4.00
C ILE G 242 -36.13 70.66 4.06
N ALA G 243 -37.08 69.74 3.89
CA ALA G 243 -38.49 70.07 3.99
C ALA G 243 -38.83 70.60 5.39
N HIS G 244 -38.29 69.94 6.40
CA HIS G 244 -38.53 70.34 7.78
C HIS G 244 -37.90 71.70 8.07
N LEU G 245 -36.72 71.93 7.48
CA LEU G 245 -36.03 73.23 7.64
C LEU G 245 -36.83 74.36 7.02
N LYS G 246 -37.48 74.06 5.89
CA LYS G 246 -38.30 75.06 5.19
C LYS G 246 -39.58 75.35 5.96
N SER G 247 -40.09 74.34 6.66
CA SER G 247 -41.33 74.48 7.45
C SER G 247 -41.07 75.29 8.73
N LEU G 248 -39.80 75.42 9.10
CA LEU G 248 -39.42 76.19 10.29
C LEU G 248 -39.05 77.62 9.91
N GLY G 249 -39.05 77.90 8.60
CA GLY G 249 -38.82 79.26 8.11
C GLY G 249 -37.35 79.53 7.79
N TYR G 250 -36.65 78.48 7.39
CA TYR G 250 -35.26 78.61 6.99
C TYR G 250 -35.12 78.47 5.48
N ARG G 251 -34.19 79.25 4.91
CA ARG G 251 -33.70 78.98 3.56
C ARG G 251 -32.51 77.99 3.61
N VAL G 252 -32.50 77.05 2.67
CA VAL G 252 -31.52 75.96 2.69
C VAL G 252 -30.57 76.07 1.49
N MET G 253 -29.26 75.95 1.75
CA MET G 253 -28.24 76.18 0.71
C MET G 253 -27.17 75.11 0.79
N CYS G 254 -26.89 74.47 -0.34
CA CYS G 254 -25.81 73.51 -0.43
C CYS G 254 -24.52 74.20 -0.89
N ILE G 255 -23.44 74.00 -0.13
CA ILE G 255 -22.19 74.74 -0.34
C ILE G 255 -21.05 73.80 -0.65
N ASP G 256 -21.39 72.60 -1.12
CA ASP G 256 -20.39 71.64 -1.56
C ASP G 256 -19.67 72.15 -2.77
N ARG G 257 -18.45 71.66 -2.99
CA ARG G 257 -17.66 72.07 -4.14
C ARG G 257 -18.27 71.52 -5.44
N ASP G 258 -18.72 70.27 -5.38
CA ASP G 258 -19.31 69.64 -6.54
C ASP G 258 -20.79 69.43 -6.34
N ALA G 259 -21.56 69.63 -7.41
CA ALA G 259 -22.99 69.36 -7.39
C ALA G 259 -23.26 67.87 -7.60
N HIS G 260 -22.35 67.21 -8.32
CA HIS G 260 -22.44 65.78 -8.55
C HIS G 260 -21.10 65.11 -8.34
N TYR G 261 -21.08 64.06 -7.53
CA TYR G 261 -19.85 63.37 -7.20
C TYR G 261 -20.11 61.93 -6.86
N GLY G 262 -19.24 61.04 -7.31
CA GLY G 262 -19.37 59.62 -7.05
C GLY G 262 -18.68 58.79 -8.10
N GLN G 263 -18.87 57.48 -8.01
CA GLN G 263 -18.20 56.55 -8.91
C GLN G 263 -19.15 55.99 -9.89
N GLY G 264 -18.62 55.33 -10.91
CA GLY G 264 -19.43 54.79 -11.98
C GLY G 264 -20.91 54.95 -11.71
N PHE G 265 -21.46 54.04 -10.93
CA PHE G 265 -22.87 53.79 -10.95
C PHE G 265 -23.53 54.32 -9.67
N VAL G 266 -22.71 54.58 -8.66
CA VAL G 266 -23.16 55.33 -7.48
C VAL G 266 -22.81 56.81 -7.60
N TRP G 267 -23.82 57.65 -7.67
CA TRP G 267 -23.61 59.09 -7.83
C TRP G 267 -24.47 59.85 -6.88
N ASN G 268 -23.87 60.86 -6.24
CA ASN G 268 -24.59 61.70 -5.30
C ASN G 268 -24.77 63.13 -5.84
N HIS G 269 -26.00 63.61 -5.83
CA HIS G 269 -26.33 64.91 -6.41
C HIS G 269 -26.87 65.85 -5.34
N ILE G 270 -26.68 67.15 -5.56
CA ILE G 270 -27.27 68.15 -4.69
C ILE G 270 -28.77 67.95 -4.59
N PRO G 271 -29.26 67.72 -3.36
CA PRO G 271 -30.65 67.35 -3.12
C PRO G 271 -31.63 68.38 -3.65
N TRP G 272 -32.76 67.91 -4.18
CA TRP G 272 -33.79 68.80 -4.69
C TRP G 272 -34.37 69.65 -3.57
N GLY G 273 -34.56 70.94 -3.84
CA GLY G 273 -35.12 71.86 -2.87
C GLY G 273 -34.06 72.73 -2.23
N ALA G 274 -32.82 72.26 -2.27
CA ALA G 274 -31.70 73.03 -1.76
C ALA G 274 -31.19 73.99 -2.81
N GLU G 275 -30.87 75.21 -2.38
CA GLU G 275 -30.37 76.23 -3.29
C GLU G 275 -28.95 75.90 -3.74
N ASP G 276 -28.65 76.22 -5.00
CA ASP G 276 -27.36 75.87 -5.59
C ASP G 276 -26.32 76.95 -5.29
N PHE G 277 -25.59 76.76 -4.21
CA PHE G 277 -24.42 77.57 -3.92
C PHE G 277 -23.15 76.74 -4.04
N THR G 278 -23.17 75.77 -4.95
CA THR G 278 -22.03 74.89 -5.14
C THR G 278 -20.99 75.54 -6.03
N GLY G 279 -19.91 74.82 -6.30
CA GLY G 279 -18.86 75.29 -7.22
C GLY G 279 -17.50 75.43 -6.53
N LYS G 280 -16.45 75.61 -7.32
CA LYS G 280 -15.09 75.78 -6.79
C LYS G 280 -14.82 77.23 -6.48
N LEU G 281 -15.28 77.68 -5.33
CA LEU G 281 -15.03 79.06 -4.88
C LEU G 281 -13.93 79.10 -3.83
N PRO G 282 -13.25 80.26 -3.71
CA PRO G 282 -12.29 80.50 -2.62
C PRO G 282 -12.94 80.37 -1.25
N LEU G 283 -12.20 79.80 -0.30
CA LEU G 283 -12.77 79.37 0.96
C LEU G 283 -13.32 80.56 1.74
N GLN G 284 -12.72 81.73 1.54
CA GLN G 284 -13.11 82.92 2.28
C GLN G 284 -14.59 83.25 2.05
N GLU G 285 -15.04 83.09 0.81
CA GLU G 285 -16.46 83.36 0.46
C GLU G 285 -17.39 82.39 1.19
N ARG G 286 -16.93 81.14 1.33
CA ARG G 286 -17.69 80.14 2.06
C ARG G 286 -17.78 80.50 3.53
N VAL G 287 -16.68 81.01 4.07
CA VAL G 287 -16.66 81.51 5.43
C VAL G 287 -17.67 82.65 5.60
N ASN G 288 -17.66 83.58 4.66
CA ASN G 288 -18.54 84.74 4.71
C ASN G 288 -20.00 84.33 4.71
N LEU G 289 -20.33 83.34 3.88
CA LEU G 289 -21.71 82.84 3.78
C LEU G 289 -22.09 82.06 5.03
N LEU G 290 -21.13 81.33 5.59
CA LEU G 290 -21.40 80.43 6.68
C LEU G 290 -21.62 81.19 7.99
N ARG G 291 -20.90 82.31 8.14
CA ARG G 291 -20.90 83.04 9.41
C ARG G 291 -22.32 83.43 9.81
N HIS G 292 -23.06 84.00 8.88
CA HIS G 292 -24.34 84.61 9.18
C HIS G 292 -25.48 83.57 9.04
N ALA G 293 -25.11 82.32 8.83
CA ALA G 293 -26.08 81.22 8.80
C ALA G 293 -26.57 80.91 10.19
N SER G 294 -27.82 80.46 10.29
CA SER G 294 -28.42 80.11 11.58
C SER G 294 -27.73 78.89 12.19
N PHE G 295 -27.52 77.86 11.36
CA PHE G 295 -26.56 76.80 11.69
C PHE G 295 -26.17 75.99 10.44
N PHE G 296 -25.37 74.95 10.64
CA PHE G 296 -24.84 74.17 9.53
C PHE G 296 -25.09 72.68 9.76
N ILE G 297 -25.52 72.00 8.71
CA ILE G 297 -25.72 70.57 8.77
C ILE G 297 -24.86 69.88 7.75
N GLY G 298 -23.98 69.02 8.22
CA GLY G 298 -22.83 68.59 7.43
C GLY G 298 -22.48 67.14 7.68
N LEU G 299 -21.57 66.62 6.88
CA LEU G 299 -20.96 65.34 7.14
C LEU G 299 -19.63 65.52 7.89
N PRO G 300 -18.90 64.42 8.11
CA PRO G 300 -17.57 64.46 8.71
C PRO G 300 -16.51 65.06 7.78
N SER G 301 -16.94 65.49 6.58
CA SER G 301 -16.05 66.19 5.64
C SER G 301 -15.64 67.56 6.22
N GLY G 302 -14.76 68.26 5.48
CA GLY G 302 -14.02 69.38 6.05
C GLY G 302 -14.88 70.59 6.25
N LEU G 303 -15.93 70.69 5.45
CA LEU G 303 -16.82 71.85 5.51
C LEU G 303 -17.47 71.97 6.89
N SER G 304 -17.58 70.85 7.60
CA SER G 304 -18.04 70.84 8.98
C SER G 304 -17.01 71.54 9.89
N TRP G 305 -15.73 71.33 9.60
CA TRP G 305 -14.65 71.96 10.36
C TRP G 305 -14.60 73.46 10.10
N LEU G 306 -14.76 73.83 8.85
CA LEU G 306 -14.84 75.24 8.48
C LEU G 306 -16.03 75.90 9.14
N ALA G 307 -17.16 75.20 9.15
CA ALA G 307 -18.38 75.70 9.79
C ALA G 307 -18.18 75.82 11.29
N TRP G 308 -17.43 74.89 11.86
CA TRP G 308 -17.11 74.92 13.26
C TRP G 308 -16.27 76.17 13.60
N ALA G 309 -15.36 76.53 12.69
CA ALA G 309 -14.42 77.64 12.93
C ALA G 309 -15.11 78.99 12.77
N THR G 310 -16.29 78.97 12.16
CA THR G 310 -17.08 80.20 11.97
C THR G 310 -18.06 80.40 13.15
N ARG G 311 -17.88 79.61 14.21
CA ARG G 311 -18.59 79.85 15.47
C ARG G 311 -20.10 79.80 15.25
N ILE G 312 -20.54 78.85 14.46
CA ILE G 312 -21.96 78.56 14.33
C ILE G 312 -22.26 77.12 14.71
N PRO G 313 -23.49 76.85 15.17
CA PRO G 313 -23.90 75.50 15.56
C PRO G 313 -23.77 74.51 14.43
N VAL G 314 -23.13 73.39 14.70
CA VAL G 314 -22.86 72.40 13.67
C VAL G 314 -23.54 71.09 14.00
N VAL G 315 -24.53 70.73 13.19
CA VAL G 315 -25.08 69.38 13.22
C VAL G 315 -24.28 68.45 12.33
N LEU G 316 -23.56 67.53 12.94
CA LEU G 316 -22.66 66.65 12.21
C LEU G 316 -23.25 65.22 12.12
N ILE G 317 -23.54 64.78 10.89
CA ILE G 317 -24.16 63.46 10.68
C ILE G 317 -23.13 62.46 10.19
N SER G 318 -22.85 61.46 11.01
CA SER G 318 -21.89 60.41 10.63
C SER G 318 -22.09 59.18 11.49
N GLY G 319 -21.98 58.01 10.87
CA GLY G 319 -21.99 56.77 11.59
C GLY G 319 -20.71 56.00 11.41
N PHE G 320 -19.97 56.33 10.36
CA PHE G 320 -18.76 55.59 9.99
C PHE G 320 -17.57 56.03 10.88
N SER G 321 -17.80 57.01 11.72
CA SER G 321 -16.82 57.43 12.72
C SER G 321 -17.48 57.65 14.08
N LEU G 322 -16.71 57.44 15.15
CA LEU G 322 -17.23 57.59 16.52
C LEU G 322 -17.36 59.07 16.88
N PRO G 323 -18.23 59.38 17.86
CA PRO G 323 -18.52 60.77 18.22
C PRO G 323 -17.28 61.55 18.65
N ASN G 324 -16.29 60.84 19.17
CA ASN G 324 -15.10 61.49 19.73
C ASN G 324 -13.96 61.56 18.68
N SER G 325 -14.28 61.20 17.43
CA SER G 325 -13.27 61.18 16.35
C SER G 325 -13.10 62.57 15.76
N GLU G 326 -14.16 63.37 15.81
CA GLU G 326 -14.11 64.77 15.37
C GLU G 326 -14.19 65.72 16.55
N PHE G 327 -14.35 67.01 16.27
CA PHE G 327 -14.60 68.01 17.31
C PHE G 327 -15.93 67.76 18.00
N TYR G 328 -16.06 68.22 19.23
CA TYR G 328 -17.28 68.04 19.98
C TYR G 328 -18.35 68.98 19.48
N THR G 329 -19.57 68.46 19.39
CA THR G 329 -20.73 69.29 19.21
C THR G 329 -21.99 68.59 19.74
N PRO G 330 -22.77 69.30 20.57
CA PRO G 330 -23.96 68.71 21.20
C PRO G 330 -24.99 68.29 20.18
N TRP G 331 -24.82 68.71 18.94
CA TRP G 331 -25.76 68.39 17.87
C TRP G 331 -25.24 67.29 17.00
N ARG G 332 -24.38 66.45 17.56
CA ARG G 332 -23.84 65.33 16.85
C ARG G 332 -24.90 64.23 16.69
N VAL G 333 -25.04 63.73 15.46
CA VAL G 333 -26.00 62.66 15.16
C VAL G 333 -25.27 61.34 14.95
N PHE G 334 -25.73 60.31 15.63
CA PHE G 334 -25.03 59.02 15.65
C PHE G 334 -25.96 57.89 16.08
N ASN G 335 -25.85 56.75 15.40
CA ASN G 335 -26.68 55.58 15.74
C ASN G 335 -25.80 54.37 16.08
N SER G 336 -26.17 53.66 17.17
CA SER G 336 -25.27 52.69 17.81
C SER G 336 -25.92 51.28 17.84
N HIS G 337 -26.86 51.06 16.94
CA HIS G 337 -27.62 49.81 16.91
C HIS G 337 -27.08 48.87 15.80
N GLY G 338 -26.40 49.44 14.81
CA GLY G 338 -25.84 48.66 13.69
C GLY G 338 -24.33 48.84 13.57
N CYS G 339 -23.79 48.47 12.40
CA CYS G 339 -22.36 48.80 12.06
C CYS G 339 -22.08 50.28 12.31
N TYR G 340 -20.92 50.55 12.90
CA TYR G 340 -20.47 51.93 13.10
C TYR G 340 -18.99 51.97 13.43
N GLY G 341 -18.36 53.11 13.17
CA GLY G 341 -16.96 53.29 13.47
C GLY G 341 -16.06 52.39 12.63
N CYS G 342 -16.44 52.21 11.35
CA CYS G 342 -15.54 51.61 10.35
C CYS G 342 -14.13 52.29 10.40
N TRP G 343 -14.11 53.56 10.82
CA TRP G 343 -12.94 54.45 10.58
C TRP G 343 -11.99 54.41 11.76
N ASP G 344 -12.54 54.14 12.95
CA ASP G 344 -11.77 54.23 14.20
C ASP G 344 -11.22 52.85 14.61
N ASP G 345 -11.72 51.80 13.96
CA ASP G 345 -11.35 50.41 14.31
C ASP G 345 -9.90 50.12 13.91
N THR G 346 -9.08 49.72 14.89
CA THR G 346 -7.65 49.56 14.67
C THR G 346 -7.36 48.21 14.01
N SER G 347 -8.36 47.34 13.99
CA SER G 347 -8.21 46.00 13.38
C SER G 347 -8.49 46.07 11.87
N LEU G 348 -9.09 47.18 11.43
CA LEU G 348 -9.37 47.37 10.00
C LEU G 348 -8.44 48.40 9.39
N ASN G 349 -8.47 48.53 8.07
CA ASN G 349 -7.58 49.44 7.36
C ASN G 349 -8.31 50.16 6.24
N PHE G 350 -8.17 51.47 6.19
CA PHE G 350 -8.85 52.28 5.20
C PHE G 350 -8.24 52.09 3.83
N ASP G 351 -9.11 51.94 2.82
CA ASP G 351 -8.66 51.84 1.43
C ASP G 351 -8.84 53.17 0.71
N HIS G 352 -7.74 53.74 0.24
CA HIS G 352 -7.76 55.06 -0.39
C HIS G 352 -8.27 54.97 -1.83
N HIS G 353 -8.22 53.76 -2.40
CA HIS G 353 -8.52 53.56 -3.81
C HIS G 353 -9.95 53.03 -3.99
N ASP G 354 -10.59 52.68 -2.88
CA ASP G 354 -11.95 52.15 -2.91
C ASP G 354 -12.95 53.19 -2.41
N PHE G 355 -13.84 53.62 -3.29
CA PHE G 355 -14.81 54.65 -2.96
C PHE G 355 -15.97 54.05 -2.15
N LEU G 356 -16.27 52.77 -2.40
CA LEU G 356 -17.39 52.10 -1.74
C LEU G 356 -16.90 51.28 -0.57
N TRP G 357 -15.97 51.84 0.18
CA TRP G 357 -15.35 51.13 1.26
C TRP G 357 -16.30 51.03 2.44
N CYS G 358 -16.80 49.81 2.69
CA CYS G 358 -17.19 49.38 4.08
C CYS G 358 -16.75 47.97 4.35
N PRO G 359 -15.74 47.81 5.21
CA PRO G 359 -14.92 46.59 5.24
C PRO G 359 -15.71 45.37 5.69
N ARG G 360 -16.77 45.58 6.48
CA ARG G 360 -17.41 44.50 7.24
C ARG G 360 -18.73 44.04 6.53
N HIS G 361 -19.21 44.84 5.57
CA HIS G 361 -20.57 44.66 4.99
C HIS G 361 -20.65 45.22 3.56
N LYS G 362 -19.53 45.19 2.85
CA LYS G 362 -19.50 45.56 1.43
C LYS G 362 -20.16 44.49 0.59
N ASN G 363 -20.91 44.93 -0.44
CA ASN G 363 -21.60 43.99 -1.35
C ASN G 363 -22.53 43.05 -0.58
N THR G 364 -23.13 43.55 0.51
CA THR G 364 -24.16 42.82 1.22
C THR G 364 -25.41 43.69 1.41
N ASP G 365 -26.42 43.13 2.08
CA ASP G 365 -27.70 43.85 2.28
C ASP G 365 -27.52 44.99 3.26
N ARG G 366 -26.45 44.92 4.05
CA ARG G 366 -26.28 45.84 5.18
C ARG G 366 -25.15 46.85 4.88
N GLN G 367 -24.78 46.98 3.60
CA GLN G 367 -23.74 47.90 3.20
C GLN G 367 -24.14 49.32 3.53
N PHE G 368 -23.21 50.08 4.10
CA PHE G 368 -23.50 51.45 4.57
C PHE G 368 -24.75 51.46 5.45
N GLU G 369 -24.91 50.41 6.26
CA GLU G 369 -25.82 50.46 7.41
C GLU G 369 -25.36 51.54 8.42
N CYS G 370 -24.05 51.86 8.41
CA CYS G 370 -23.47 52.82 9.35
C CYS G 370 -24.35 54.12 9.42
N THR G 371 -24.89 54.53 8.25
CA THR G 371 -25.55 55.84 8.13
C THR G 371 -27.05 55.66 7.78
N ARG G 372 -27.42 54.45 7.35
CA ARG G 372 -28.79 54.18 6.88
C ARG G 372 -29.75 54.16 8.05
N LEU G 373 -29.25 53.80 9.23
CA LEU G 373 -30.07 53.74 10.43
C LEU G 373 -30.36 55.15 10.96
N ILE G 374 -29.60 56.12 10.50
CA ILE G 374 -29.81 57.52 10.86
C ILE G 374 -30.94 58.11 10.03
N THR G 375 -32.14 58.10 10.58
CA THR G 375 -33.35 58.50 9.82
C THR G 375 -33.50 59.99 9.82
N GLY G 376 -34.38 60.48 8.95
CA GLY G 376 -34.66 61.90 8.89
C GLY G 376 -35.35 62.40 10.13
N ALA G 377 -36.07 61.51 10.81
CA ALA G 377 -36.78 61.87 12.04
C ALA G 377 -35.79 62.15 13.17
N GLN G 378 -34.73 61.36 13.24
CA GLN G 378 -33.69 61.54 14.24
C GLN G 378 -33.02 62.89 14.09
N VAL G 379 -32.59 63.19 12.86
CA VAL G 379 -31.87 64.44 12.58
C VAL G 379 -32.80 65.64 12.78
N ASN G 380 -34.06 65.48 12.40
CA ASN G 380 -35.05 66.53 12.60
C ASN G 380 -35.34 66.76 14.09
N GLY G 381 -35.20 65.70 14.87
CA GLY G 381 -35.28 65.82 16.32
C GLY G 381 -34.17 66.67 16.89
N VAL G 382 -32.95 66.39 16.46
CA VAL G 382 -31.79 67.21 16.85
C VAL G 382 -31.97 68.66 16.39
N ILE G 383 -32.48 68.83 15.18
CA ILE G 383 -32.70 70.15 14.62
C ILE G 383 -33.77 70.91 15.43
N ASN G 384 -34.77 70.17 15.94
CA ASN G 384 -35.83 70.77 16.77
C ASN G 384 -35.29 71.28 18.10
N LYS G 385 -34.40 70.50 18.71
CA LYS G 385 -33.73 70.91 19.94
C LYS G 385 -32.89 72.15 19.70
N LEU G 386 -32.13 72.15 18.61
CA LEU G 386 -31.19 73.25 18.31
C LEU G 386 -31.95 74.51 17.92
N HIS G 387 -33.10 74.32 17.27
CA HIS G 387 -33.95 75.46 16.87
C HIS G 387 -34.59 76.10 18.10
N ARG G 388 -35.10 75.27 19.00
CA ARG G 388 -35.71 75.77 20.23
C ARG G 388 -34.68 76.44 21.11
N SER G 389 -33.46 75.94 21.06
CA SER G 389 -32.39 76.50 21.83
C SER G 389 -32.01 77.90 21.30
N LEU G 390 -32.18 78.08 19.99
CA LEU G 390 -31.72 79.31 19.32
C LEU G 390 -32.72 80.47 19.56
N THR G 391 -33.98 80.13 19.80
CA THR G 391 -35.01 81.13 20.20
C THR G 391 -35.03 81.30 21.72
N PHE H 9 -24.97 44.70 39.34
CA PHE H 9 -24.61 43.57 40.08
C PHE H 9 -25.83 42.92 40.70
N ILE H 10 -27.02 43.23 40.13
CA ILE H 10 -28.26 43.22 40.91
C ILE H 10 -29.44 43.07 40.07
N THR H 11 -30.55 42.69 40.70
CA THR H 11 -31.54 41.92 40.06
C THR H 11 -32.73 42.75 39.75
N PRO H 12 -33.21 42.68 38.52
CA PRO H 12 -34.46 43.28 38.13
C PRO H 12 -35.66 42.55 38.73
N PRO H 13 -36.76 43.29 38.98
CA PRO H 13 -38.03 42.68 39.45
C PRO H 13 -38.46 41.48 38.59
N ASP H 14 -38.84 40.40 39.26
CA ASP H 14 -39.26 39.17 38.55
C ASP H 14 -40.52 39.42 37.72
N THR H 15 -41.26 40.47 38.08
CA THR H 15 -42.46 40.86 37.34
C THR H 15 -42.39 42.36 36.95
N PRO H 16 -42.69 42.67 35.66
CA PRO H 16 -42.67 44.06 35.15
C PRO H 16 -43.52 45.01 36.00
N THR H 17 -43.06 46.25 36.13
CA THR H 17 -43.54 47.14 37.20
C THR H 17 -44.83 47.84 36.76
N GLN H 18 -45.00 47.99 35.45
CA GLN H 18 -46.15 48.71 34.91
C GLN H 18 -47.20 47.73 34.41
N ALA H 19 -48.47 48.08 34.61
CA ALA H 19 -49.56 47.14 34.42
C ALA H 19 -49.78 46.84 32.92
N GLY H 20 -50.69 47.58 32.31
CA GLY H 20 -51.02 47.37 30.89
C GLY H 20 -52.32 46.63 30.71
N PRO H 21 -53.14 47.05 29.72
CA PRO H 21 -54.60 46.78 29.71
C PRO H 21 -54.93 45.28 29.90
N GLU H 22 -54.52 44.46 28.97
CA GLU H 22 -54.82 43.04 28.99
C GLU H 22 -53.60 42.24 29.51
N TYR H 26 -45.49 45.72 31.26
CA TYR H 26 -44.27 46.14 30.59
C TYR H 26 -43.34 46.89 31.58
N ASP H 27 -42.11 47.15 31.14
CA ASP H 27 -41.00 47.45 32.07
C ASP H 27 -39.76 47.94 31.29
N PHE H 28 -38.93 48.74 31.95
CA PHE H 28 -37.72 49.29 31.32
C PHE H 28 -36.49 49.07 32.21
N ASN H 29 -36.60 48.13 33.15
CA ASN H 29 -35.43 47.61 33.88
C ASN H 29 -34.68 46.61 33.04
N ASP H 30 -33.37 46.66 33.11
CA ASP H 30 -32.54 46.01 32.15
C ASP H 30 -32.78 46.63 30.72
N GLY H 31 -33.17 45.83 29.80
CA GLY H 31 -33.70 46.32 28.53
C GLY H 31 -35.16 46.70 28.65
N ALA H 32 -35.77 47.04 27.52
CA ALA H 32 -37.23 47.16 27.43
C ALA H 32 -37.87 45.79 27.53
N ARG H 33 -38.57 45.55 28.64
CA ARG H 33 -39.11 44.22 28.92
C ARG H 33 -40.62 44.21 29.00
N VAL H 34 -41.23 43.25 28.30
CA VAL H 34 -42.66 43.12 28.32
C VAL H 34 -43.05 41.64 28.53
N LEU H 35 -43.98 41.41 29.47
CA LEU H 35 -44.46 40.06 29.77
C LEU H 35 -45.88 39.86 29.24
N LEU H 36 -46.02 38.90 28.33
CA LEU H 36 -47.33 38.56 27.78
C LEU H 36 -47.90 37.35 28.50
N PRO H 37 -49.20 37.42 28.86
CA PRO H 37 -49.94 36.24 29.29
C PRO H 37 -50.13 35.21 28.15
N GLU H 38 -51.32 34.62 28.08
CA GLU H 38 -51.62 33.62 27.05
C GLU H 38 -52.29 34.28 25.84
N GLY H 39 -51.96 33.79 24.65
CA GLY H 39 -52.61 34.23 23.41
C GLY H 39 -51.68 34.13 22.20
N LYS H 40 -51.92 34.96 21.21
CA LYS H 40 -51.03 35.08 20.08
C LYS H 40 -50.73 36.57 19.78
N TRP H 41 -49.49 36.99 20.03
CA TRP H 41 -49.14 38.41 20.03
C TRP H 41 -48.06 38.71 18.98
N HIS H 42 -48.10 39.93 18.44
CA HIS H 42 -47.02 40.42 17.59
C HIS H 42 -46.39 41.71 18.18
N VAL H 43 -45.22 41.57 18.80
CA VAL H 43 -44.65 42.64 19.62
C VAL H 43 -43.53 43.37 18.85
N ARG H 44 -43.55 44.71 18.92
CA ARG H 44 -42.53 45.54 18.24
C ARG H 44 -41.86 46.48 19.23
N LEU H 45 -40.52 46.57 19.15
CA LEU H 45 -39.77 47.57 19.89
C LEU H 45 -39.15 48.58 18.95
N LEU H 46 -39.40 49.87 19.22
CA LEU H 46 -38.96 50.96 18.33
C LEU H 46 -38.10 51.97 19.09
N ASP H 47 -37.19 52.60 18.38
CA ASP H 47 -36.51 53.77 18.89
C ASP H 47 -37.30 55.03 18.59
N ALA H 48 -37.91 55.60 19.62
CA ALA H 48 -38.88 56.68 19.43
C ALA H 48 -38.23 57.87 18.71
N ASP H 49 -36.93 58.07 18.95
CA ASP H 49 -36.21 59.22 18.39
C ASP H 49 -36.01 59.07 16.90
N SER H 50 -35.66 57.86 16.48
CA SER H 50 -35.34 57.60 15.06
C SER H 50 -36.49 56.89 14.36
N GLU H 51 -37.41 56.34 15.15
CA GLU H 51 -38.60 55.63 14.60
C GLU H 51 -38.17 54.34 13.85
N ASN H 52 -36.96 53.87 14.14
CA ASN H 52 -36.50 52.56 13.62
C ASN H 52 -37.13 51.40 14.38
N ILE H 53 -37.45 50.34 13.65
CA ILE H 53 -37.98 49.14 14.26
C ILE H 53 -36.84 48.25 14.77
N LEU H 54 -36.57 48.33 16.06
CA LEU H 54 -35.39 47.67 16.64
C LEU H 54 -35.58 46.16 16.66
N PHE H 55 -36.76 45.72 17.11
CA PHE H 55 -37.07 44.28 17.22
C PHE H 55 -38.55 44.01 16.91
N CYS H 56 -38.82 42.85 16.33
CA CYS H 56 -40.14 42.56 15.78
C CYS H 56 -40.32 41.06 15.59
N CYS H 57 -41.28 40.47 16.32
CA CYS H 57 -41.45 39.01 16.34
C CYS H 57 -42.91 38.64 16.67
N ASP H 58 -43.28 37.40 16.37
CA ASP H 58 -44.55 36.86 16.79
C ASP H 58 -44.37 35.85 17.91
N VAL H 59 -44.89 36.17 19.09
CA VAL H 59 -44.68 35.36 20.26
C VAL H 59 -45.99 35.05 20.94
N ASP H 60 -46.08 33.86 21.53
CA ASP H 60 -47.33 33.39 22.09
C ASP H 60 -47.47 33.82 23.58
N LYS H 61 -46.38 33.66 24.34
CA LYS H 61 -46.43 33.84 25.78
C LYS H 61 -45.13 34.49 26.31
N GLY H 62 -44.02 33.87 26.00
CA GLY H 62 -42.79 34.03 26.82
C GLY H 62 -42.39 35.52 26.99
N TRP H 63 -41.19 35.74 27.51
CA TRP H 63 -40.71 37.08 27.77
C TRP H 63 -40.06 37.68 26.50
N VAL H 64 -40.24 38.98 26.30
CA VAL H 64 -39.61 39.70 25.19
C VAL H 64 -38.82 40.89 25.70
N THR H 65 -37.50 40.84 25.53
CA THR H 65 -36.62 41.93 25.96
C THR H 65 -35.79 42.46 24.80
N SER H 66 -35.41 43.73 24.87
CA SER H 66 -34.48 44.32 23.90
C SER H 66 -33.04 43.86 24.18
N SER H 67 -32.31 43.58 23.12
CA SER H 67 -30.93 43.15 23.25
C SER H 67 -30.08 44.28 23.81
N LYS H 68 -30.48 45.52 23.52
CA LYS H 68 -29.78 46.70 24.05
C LYS H 68 -30.27 47.05 25.46
N LYS H 69 -29.33 47.30 26.37
CA LYS H 69 -29.64 47.47 27.79
C LYS H 69 -29.38 48.91 28.24
N TYR H 70 -28.54 49.62 27.49
CA TYR H 70 -28.26 51.04 27.77
C TYR H 70 -29.46 51.92 27.39
N PHE H 71 -29.35 53.23 27.68
CA PHE H 71 -30.50 54.12 27.57
C PHE H 71 -30.94 54.25 26.14
N VAL H 72 -32.16 53.83 25.86
CA VAL H 72 -32.80 54.13 24.60
C VAL H 72 -34.26 54.44 24.82
N ARG H 73 -34.72 55.56 24.27
CA ARG H 73 -36.12 55.96 24.41
C ARG H 73 -37.03 54.97 23.69
N PHE H 74 -37.28 53.83 24.33
CA PHE H 74 -37.94 52.72 23.69
C PHE H 74 -39.39 53.02 23.46
N ARG H 75 -39.96 52.40 22.45
CA ARG H 75 -41.39 52.45 22.24
C ARG H 75 -41.93 51.05 22.04
N ILE H 76 -42.67 50.57 23.03
CA ILE H 76 -43.16 49.21 23.01
C ILE H 76 -44.54 49.15 22.38
N GLN H 77 -44.69 48.25 21.40
CA GLN H 77 -45.99 48.03 20.78
C GLN H 77 -46.38 46.55 20.86
N VAL H 78 -47.59 46.28 21.33
CA VAL H 78 -48.11 44.91 21.39
C VAL H 78 -49.33 44.76 20.45
N PHE H 79 -49.18 43.92 19.42
CA PHE H 79 -50.25 43.71 18.43
C PHE H 79 -51.04 42.42 18.74
N ARG H 80 -52.29 42.37 18.30
CA ARG H 80 -52.96 41.10 18.03
C ARG H 80 -52.67 40.62 16.61
N GLN H 81 -52.63 39.31 16.42
CA GLN H 81 -52.07 38.72 15.19
C GLN H 81 -52.97 39.02 13.98
N GLY H 82 -52.86 40.22 13.47
CA GLY H 82 -53.64 40.64 12.35
C GLY H 82 -54.32 41.95 12.58
N GLU H 83 -54.05 42.55 13.75
CA GLU H 83 -54.68 43.80 14.13
C GLU H 83 -53.98 44.96 13.46
N GLU H 84 -54.75 45.99 13.12
CA GLU H 84 -54.20 47.18 12.55
C GLU H 84 -53.53 48.04 13.64
N THR H 85 -54.32 48.50 14.60
CA THR H 85 -53.82 49.35 15.66
C THR H 85 -53.26 48.50 16.84
N PRO H 86 -52.35 49.09 17.64
CA PRO H 86 -51.75 48.40 18.80
C PRO H 86 -52.71 48.30 19.98
N LEU H 87 -52.66 47.16 20.69
CA LEU H 87 -53.31 47.04 22.00
C LEU H 87 -52.58 47.88 23.05
N LEU H 88 -51.25 47.78 23.07
CA LEU H 88 -50.43 48.61 23.93
C LEU H 88 -49.42 49.38 23.11
N ASP H 89 -49.29 50.68 23.39
CA ASP H 89 -48.33 51.54 22.70
C ASP H 89 -47.76 52.59 23.65
N GLU H 90 -46.72 52.21 24.37
CA GLU H 90 -46.18 53.04 25.41
C GLU H 90 -44.75 53.42 25.11
N THR H 91 -44.47 54.72 25.14
CA THR H 91 -43.10 55.21 24.94
C THR H 91 -42.48 55.64 26.30
N LEU H 92 -41.18 55.40 26.43
CA LEU H 92 -40.48 55.67 27.69
C LEU H 92 -40.59 57.15 28.07
N LYS H 93 -41.05 57.42 29.29
CA LYS H 93 -41.20 58.79 29.78
C LYS H 93 -40.73 58.89 31.23
N LEU H 94 -39.66 59.67 31.45
CA LEU H 94 -38.82 59.49 32.63
C LEU H 94 -39.00 60.65 33.61
N LYS H 95 -39.95 61.53 33.31
CA LYS H 95 -40.26 62.65 34.21
C LYS H 95 -41.04 62.15 35.43
N ASP H 96 -40.55 62.52 36.63
CA ASP H 96 -41.27 62.21 37.89
C ASP H 96 -41.53 60.72 38.01
N ARG H 97 -40.59 59.92 37.53
CA ARG H 97 -40.69 58.48 37.64
C ARG H 97 -39.51 57.92 38.43
N PRO H 98 -39.73 56.78 39.13
CA PRO H 98 -38.65 56.08 39.86
C PRO H 98 -37.61 55.45 38.93
N VAL H 99 -36.42 56.01 38.93
CA VAL H 99 -35.35 55.49 38.10
C VAL H 99 -34.18 55.04 38.97
N LEU H 100 -33.63 53.86 38.67
CA LEU H 100 -32.58 53.27 39.46
C LEU H 100 -31.30 53.10 38.63
N ILE H 101 -30.22 53.75 39.05
CA ILE H 101 -28.92 53.59 38.41
C ILE H 101 -27.99 52.75 39.29
N SER H 102 -27.54 51.61 38.75
CA SER H 102 -26.81 50.63 39.54
C SER H 102 -25.33 50.62 39.18
N PHE H 103 -24.49 51.11 40.10
CA PHE H 103 -23.05 50.89 40.00
C PHE H 103 -22.66 49.64 40.78
N PRO H 104 -21.57 48.97 40.31
CA PRO H 104 -21.02 47.81 41.02
C PRO H 104 -20.41 48.18 42.34
N THR H 105 -20.28 47.20 43.24
CA THR H 105 -19.63 47.41 44.51
C THR H 105 -18.20 47.86 44.31
N GLY H 106 -18.00 49.15 44.31
CA GLY H 106 -17.22 49.75 43.34
C GLY H 106 -15.80 49.83 43.74
N THR H 107 -14.93 49.86 42.78
CA THR H 107 -13.70 50.49 42.92
C THR H 107 -13.87 51.97 43.01
N LEU H 108 -12.88 52.63 43.54
CA LEU H 108 -13.00 53.99 43.86
C LEU H 108 -13.07 54.84 42.62
N GLY H 109 -12.00 54.85 41.86
CA GLY H 109 -11.84 55.80 40.79
C GLY H 109 -12.96 55.70 39.80
N ALA H 110 -13.46 54.50 39.59
CA ALA H 110 -14.43 54.26 38.61
C ALA H 110 -15.71 55.00 38.93
N LEU H 111 -16.04 55.04 40.22
CA LEU H 111 -17.29 55.64 40.65
C LEU H 111 -17.21 57.16 40.59
N LEU H 112 -16.05 57.70 40.96
CA LEU H 112 -15.84 59.14 40.93
C LEU H 112 -15.89 59.67 39.50
N GLY H 113 -15.47 58.85 38.56
CA GLY H 113 -15.46 59.23 37.15
C GLY H 113 -16.84 59.14 36.54
N TRP H 114 -17.63 58.17 37.01
CA TRP H 114 -18.91 57.86 36.38
C TRP H 114 -20.01 58.83 36.83
N PHE H 115 -19.95 59.23 38.12
CA PHE H 115 -21.18 59.59 38.86
C PHE H 115 -21.73 60.97 38.39
N PRO H 116 -20.84 61.87 37.92
CA PRO H 116 -21.25 63.17 37.38
C PRO H 116 -22.18 63.03 36.16
N TYR H 117 -22.11 61.88 35.49
CA TYR H 117 -23.02 61.57 34.38
C TYR H 117 -24.40 61.17 34.90
N ALA H 118 -24.43 60.64 36.13
CA ALA H 118 -25.69 60.25 36.76
C ALA H 118 -26.52 61.49 37.13
N GLU H 119 -25.82 62.55 37.55
CA GLU H 119 -26.50 63.81 37.90
C GLU H 119 -27.05 64.49 36.65
N ARG H 120 -26.28 64.45 35.58
CA ARG H 120 -26.73 65.00 34.28
C ARG H 120 -27.97 64.27 33.79
N PHE H 121 -28.01 62.96 34.02
CA PHE H 121 -29.15 62.15 33.62
C PHE H 121 -30.42 62.58 34.37
N GLN H 122 -30.24 63.06 35.59
CA GLN H 122 -31.37 63.45 36.44
C GLN H 122 -31.79 64.91 36.16
N SER H 123 -30.81 65.75 35.89
CA SER H 123 -31.08 67.16 35.53
C SER H 123 -31.78 67.26 34.17
N LEU H 124 -31.49 66.30 33.29
CA LEU H 124 -31.99 66.34 31.90
C LEU H 124 -33.44 65.85 31.84
N HIS H 125 -33.74 64.76 32.57
CA HIS H 125 -35.02 64.03 32.41
C HIS H 125 -35.97 64.35 33.58
N LYS H 126 -35.46 65.07 34.57
CA LYS H 126 -36.28 65.47 35.75
C LYS H 126 -36.98 64.25 36.35
N CYS H 127 -36.21 63.20 36.62
CA CYS H 127 -36.75 61.99 37.20
C CYS H 127 -36.41 61.92 38.69
N ARG H 128 -36.99 60.93 39.37
CA ARG H 128 -36.65 60.66 40.76
C ARG H 128 -35.63 59.52 40.85
N LEU H 129 -34.36 59.88 41.09
CA LEU H 129 -33.24 58.98 40.81
C LEU H 129 -32.67 58.40 42.10
N GLU H 130 -32.45 57.09 42.10
CA GLU H 130 -31.76 56.44 43.20
C GLU H 130 -30.56 55.66 42.67
N CYS H 131 -29.41 55.83 43.34
CA CYS H 131 -28.17 55.21 42.90
C CYS H 131 -27.65 54.24 43.95
N THR H 132 -27.24 53.04 43.50
CA THR H 132 -26.78 51.98 44.42
C THR H 132 -25.26 51.79 44.33
N MET H 133 -24.59 51.86 45.47
CA MET H 133 -23.13 51.71 45.53
C MET H 133 -22.69 51.38 46.95
N SER H 134 -21.39 51.20 47.13
CA SER H 134 -20.84 50.88 48.43
C SER H 134 -20.98 52.10 49.40
N GLN H 135 -20.95 51.82 50.71
CA GLN H 135 -21.37 52.80 51.72
C GLN H 135 -20.36 53.95 51.79
N ASP H 136 -19.07 53.62 51.67
CA ASP H 136 -17.99 54.61 51.85
C ASP H 136 -18.11 55.73 50.81
N ILE H 137 -18.47 55.36 49.58
CA ILE H 137 -18.67 56.34 48.50
C ILE H 137 -19.91 57.20 48.78
N ILE H 138 -20.94 56.59 49.37
CA ILE H 138 -22.18 57.31 49.74
C ILE H 138 -21.89 58.39 50.77
N ASP H 139 -21.05 58.05 51.75
CA ASP H 139 -20.69 58.99 52.80
C ASP H 139 -19.86 60.16 52.23
N LEU H 140 -19.27 59.95 51.06
CA LEU H 140 -18.38 60.93 50.47
C LEU H 140 -19.18 61.95 49.61
N LEU H 141 -20.25 61.47 48.98
CA LEU H 141 -20.90 62.20 47.88
C LEU H 141 -22.28 62.76 48.30
N ALA H 142 -22.93 62.06 49.25
CA ALA H 142 -24.40 62.16 49.42
C ALA H 142 -24.79 63.60 49.86
N PRO H 143 -24.01 64.19 50.78
CA PRO H 143 -24.32 65.53 51.33
C PRO H 143 -24.36 66.62 50.24
N GLN H 144 -23.57 66.44 49.18
CA GLN H 144 -23.41 67.47 48.12
C GLN H 144 -24.49 67.30 47.03
N TYR H 145 -25.04 66.09 46.94
CA TYR H 145 -26.08 65.78 45.91
C TYR H 145 -27.42 65.40 46.58
N PRO H 146 -28.13 66.40 47.10
CA PRO H 146 -29.37 66.18 47.84
C PRO H 146 -30.52 65.67 46.94
N GLN H 147 -30.42 65.96 45.66
CA GLN H 147 -31.51 65.66 44.72
C GLN H 147 -31.54 64.18 44.37
N ILE H 148 -30.41 63.51 44.58
CA ILE H 148 -30.31 62.08 44.29
C ILE H 148 -30.28 61.28 45.59
N GLN H 149 -31.03 60.18 45.61
CA GLN H 149 -31.09 59.33 46.78
C GLN H 149 -30.05 58.22 46.67
N PHE H 150 -29.28 58.03 47.73
CA PHE H 150 -28.22 57.04 47.74
C PHE H 150 -28.61 55.84 48.57
N SER H 151 -28.21 54.66 48.12
CA SER H 151 -28.54 53.41 48.80
C SER H 151 -27.53 52.33 48.46
N THR H 152 -27.49 51.29 49.27
CA THR H 152 -26.65 50.16 49.01
C THR H 152 -27.40 49.12 48.16
N PRO H 153 -26.64 48.25 47.47
CA PRO H 153 -27.23 47.26 46.55
C PRO H 153 -28.23 46.32 47.25
N ASP H 154 -27.97 46.02 48.52
CA ASP H 154 -28.76 45.01 49.25
C ASP H 154 -30.03 45.64 49.90
N LYS H 155 -30.05 46.98 49.96
CA LYS H 155 -31.19 47.72 50.58
C LYS H 155 -31.63 48.88 49.67
N PRO H 156 -32.22 48.56 48.51
CA PRO H 156 -32.78 49.56 47.61
C PRO H 156 -34.17 50.06 48.08
N ARG H 157 -34.28 51.38 48.29
CA ARG H 157 -35.54 52.00 48.69
C ARG H 157 -36.67 51.90 47.65
N THR H 158 -36.33 52.11 46.38
CA THR H 158 -37.33 51.97 45.29
C THR H 158 -37.36 50.53 44.76
N VAL H 159 -38.13 49.69 45.42
CA VAL H 159 -38.56 48.39 44.83
C VAL H 159 -39.49 48.63 43.62
N ALA H 160 -39.10 48.10 42.49
CA ALA H 160 -39.90 48.25 41.26
C ALA H 160 -39.78 49.68 40.70
N PRO H 161 -38.63 50.02 40.18
CA PRO H 161 -38.43 51.25 39.50
C PRO H 161 -38.93 51.21 38.04
N TYR H 162 -39.34 52.37 37.53
CA TYR H 162 -39.86 52.47 36.17
C TYR H 162 -38.79 52.04 35.15
N ALA H 163 -37.54 52.50 35.37
CA ALA H 163 -36.44 52.16 34.49
C ALA H 163 -35.15 51.94 35.31
N THR H 164 -34.37 50.94 34.92
CA THR H 164 -33.08 50.67 35.58
C THR H 164 -31.94 50.70 34.55
N TYR H 165 -30.80 51.25 34.97
CA TYR H 165 -29.64 51.32 34.12
C TYR H 165 -28.39 50.94 34.88
N ARG H 166 -27.56 50.08 34.28
CA ARG H 166 -26.47 49.45 35.02
C ARG H 166 -25.12 49.88 34.45
N VAL H 167 -24.54 50.92 35.04
CA VAL H 167 -23.27 51.45 34.58
C VAL H 167 -22.12 50.57 35.05
N GLY H 168 -21.23 50.21 34.12
CA GLY H 168 -20.09 49.34 34.44
C GLY H 168 -19.13 49.17 33.24
N LEU H 169 -17.97 48.58 33.51
CA LEU H 169 -17.06 48.17 32.45
C LEU H 169 -17.47 46.81 31.92
N TYR H 170 -17.64 46.73 30.60
CA TYR H 170 -18.01 45.48 29.96
C TYR H 170 -16.99 45.10 28.90
N PHE H 171 -16.28 43.99 29.13
CA PHE H 171 -15.12 43.63 28.32
C PHE H 171 -15.52 42.70 27.18
N GLY H 172 -14.55 42.35 26.33
CA GLY H 172 -14.80 41.43 25.20
C GLY H 172 -15.45 42.14 24.01
N GLY H 173 -15.49 43.47 24.07
CA GLY H 173 -16.15 44.27 23.02
C GLY H 173 -17.67 44.15 23.09
N ASP H 174 -18.21 44.13 24.30
CA ASP H 174 -19.65 44.12 24.49
C ASP H 174 -20.29 45.37 23.91
N THR H 175 -21.40 45.20 23.19
CA THR H 175 -22.07 46.32 22.51
C THR H 175 -23.59 46.30 22.80
N ASN H 176 -23.98 45.48 23.78
CA ASN H 176 -25.40 45.32 24.12
C ASN H 176 -25.74 46.06 25.42
N ASN H 177 -24.81 46.04 26.35
CA ASN H 177 -24.99 46.76 27.62
C ASN H 177 -24.31 48.14 27.59
N GLN H 178 -23.48 48.36 26.57
CA GLN H 178 -22.90 49.68 26.33
C GLN H 178 -22.86 49.98 24.82
N PRO H 179 -23.20 51.22 24.44
CA PRO H 179 -23.25 51.63 23.03
C PRO H 179 -21.94 51.40 22.33
N VAL H 180 -20.85 51.89 22.93
CA VAL H 180 -19.53 51.71 22.37
C VAL H 180 -18.62 51.00 23.35
N ASP H 181 -17.66 50.24 22.83
CA ASP H 181 -16.60 49.69 23.65
C ASP H 181 -15.88 50.80 24.42
N PHE H 182 -15.74 50.60 25.72
CA PHE H 182 -15.30 51.66 26.61
C PHE H 182 -13.82 52.01 26.33
N ARG H 183 -13.14 51.13 25.60
CA ARG H 183 -11.73 51.33 25.30
C ARG H 183 -11.56 52.38 24.21
N LYS H 184 -12.66 52.72 23.55
CA LYS H 184 -12.62 53.61 22.39
C LYS H 184 -12.92 55.04 22.79
N VAL H 185 -13.60 55.21 23.93
CA VAL H 185 -14.06 56.53 24.36
C VAL H 185 -13.54 56.87 25.76
N GLY H 186 -12.90 55.88 26.40
CA GLY H 186 -12.42 56.04 27.79
C GLY H 186 -13.41 55.48 28.80
N PHE H 187 -12.89 54.78 29.80
CA PHE H 187 -13.71 53.90 30.63
C PHE H 187 -14.78 54.71 31.37
N HIS H 188 -14.46 55.97 31.67
CA HIS H 188 -15.31 56.79 32.55
C HIS H 188 -16.32 57.56 31.73
N ARG H 189 -15.95 57.92 30.53
CA ARG H 189 -16.85 58.59 29.61
C ARG H 189 -17.94 57.63 29.17
N SER H 190 -17.65 56.33 29.22
CA SER H 190 -18.60 55.30 28.74
C SER H 190 -19.95 55.41 29.48
N ALA H 191 -19.89 55.80 30.75
CA ALA H 191 -21.11 56.01 31.54
C ALA H 191 -22.03 57.01 30.87
N GLY H 192 -21.45 58.13 30.43
CA GLY H 192 -22.20 59.15 29.71
C GLY H 192 -22.88 58.59 28.45
N TYR H 193 -22.17 57.71 27.74
CA TYR H 193 -22.71 57.09 26.54
C TYR H 193 -23.85 56.15 26.90
N ILE H 194 -23.69 55.43 28.01
CA ILE H 194 -24.70 54.45 28.46
C ILE H 194 -26.00 55.17 28.85
N LEU H 195 -25.86 56.32 29.50
CA LEU H 195 -27.01 57.08 29.97
C LEU H 195 -27.48 58.08 28.91
N GLY H 196 -26.71 58.19 27.82
CA GLY H 196 -27.09 59.05 26.70
C GLY H 196 -27.10 60.52 27.07
N VAL H 197 -26.05 60.94 27.79
CA VAL H 197 -25.90 62.35 28.17
C VAL H 197 -24.59 62.90 27.69
N ASP H 198 -24.33 64.16 28.00
CA ASP H 198 -23.06 64.79 27.67
C ASP H 198 -21.89 63.95 28.19
N PRO H 199 -21.08 63.38 27.26
CA PRO H 199 -20.04 62.39 27.60
C PRO H 199 -18.78 63.04 28.19
N ARG H 200 -18.72 64.37 28.11
CA ARG H 200 -17.51 65.09 28.51
C ARG H 200 -17.25 64.95 30.01
N GLU H 201 -15.98 64.75 30.37
CA GLU H 201 -15.64 64.35 31.72
C GLU H 201 -15.86 65.49 32.68
N ALA H 202 -16.12 65.15 33.93
CA ALA H 202 -16.26 66.16 34.98
C ALA H 202 -15.89 65.58 36.35
N PRO H 203 -15.49 66.45 37.29
CA PRO H 203 -15.21 66.05 38.65
C PRO H 203 -16.43 66.11 39.53
N VAL H 204 -16.54 65.15 40.45
CA VAL H 204 -17.61 65.17 41.46
C VAL H 204 -17.41 66.35 42.43
N ARG H 205 -18.49 66.73 43.12
CA ARG H 205 -18.43 67.81 44.11
C ARG H 205 -18.22 67.24 45.52
N LEU H 206 -17.16 67.68 46.19
CA LEU H 206 -16.79 67.12 47.49
C LEU H 206 -16.90 68.18 48.56
N ASP H 207 -16.74 67.77 49.81
CA ASP H 207 -16.69 68.71 50.92
C ASP H 207 -15.28 69.29 51.06
N LEU H 208 -15.09 70.48 50.53
CA LEU H 208 -13.78 71.12 50.51
C LEU H 208 -13.71 72.24 51.57
N SER H 209 -14.44 72.04 52.68
CA SER H 209 -14.56 73.10 53.71
C SER H 209 -13.55 72.88 54.84
N ALA H 210 -12.87 71.73 54.81
CA ALA H 210 -11.97 71.34 55.89
C ALA H 210 -10.79 72.31 55.97
N PRO H 211 -10.51 72.83 57.18
CA PRO H 211 -9.39 73.76 57.42
C PRO H 211 -8.03 73.07 57.27
N ARG H 212 -7.02 73.84 56.87
CA ARG H 212 -5.69 73.30 56.68
C ARG H 212 -5.16 72.72 57.98
N VAL H 213 -4.56 71.54 57.89
CA VAL H 213 -4.01 70.88 59.04
C VAL H 213 -2.49 71.10 59.13
N ILE H 214 -1.80 70.84 58.03
CA ILE H 214 -0.34 70.88 58.00
C ILE H 214 0.15 72.18 57.39
N GLN H 215 0.97 72.91 58.13
CA GLN H 215 1.33 74.28 57.77
C GLN H 215 2.28 74.29 56.57
N GLU H 216 3.37 73.54 56.67
CA GLU H 216 4.41 73.51 55.62
C GLU H 216 3.82 72.98 54.31
N PRO H 217 4.31 73.50 53.17
CA PRO H 217 3.99 72.95 51.85
C PRO H 217 4.36 71.48 51.73
N TYR H 218 3.42 70.67 51.24
CA TYR H 218 3.59 69.23 51.23
C TYR H 218 2.95 68.61 49.97
N VAL H 219 3.38 67.39 49.64
CA VAL H 219 2.89 66.71 48.46
C VAL H 219 2.34 65.34 48.83
N CYS H 220 1.23 64.97 48.22
CA CYS H 220 0.66 63.64 48.39
C CYS H 220 1.04 62.74 47.22
N ILE H 221 1.29 61.46 47.51
CA ILE H 221 1.62 60.48 46.47
C ILE H 221 0.87 59.16 46.70
N ALA H 222 0.59 58.44 45.62
CA ALA H 222 -0.08 57.16 45.70
C ALA H 222 0.64 56.12 44.85
N THR H 223 1.21 55.12 45.50
CA THR H 223 2.15 54.21 44.85
C THR H 223 1.49 52.85 44.57
N GLN H 224 0.29 52.64 45.13
CA GLN H 224 -0.34 51.32 45.15
C GLN H 224 -1.47 51.24 44.12
N SER H 225 -1.62 50.07 43.50
CA SER H 225 -2.78 49.78 42.68
C SER H 225 -3.14 48.29 42.76
N THR H 226 -4.12 47.87 41.97
CA THR H 226 -4.72 46.51 42.11
C THR H 226 -4.03 45.53 41.17
N CYS H 227 -3.36 46.06 40.17
CA CYS H 227 -2.61 45.23 39.23
C CYS H 227 -1.26 45.88 38.89
N GLN H 228 -0.26 45.03 38.59
CA GLN H 228 1.14 45.45 38.65
C GLN H 228 1.49 46.34 37.46
N ALA H 229 0.69 46.26 36.41
CA ALA H 229 0.94 47.03 35.20
C ALA H 229 0.77 48.53 35.48
N LYS H 230 -0.08 48.86 36.44
CA LYS H 230 -0.41 50.27 36.72
C LYS H 230 0.65 50.90 37.62
N TYR H 231 1.41 50.06 38.32
CA TYR H 231 2.51 50.54 39.18
C TYR H 231 3.58 51.21 38.33
N TRP H 232 4.37 52.06 38.97
CA TRP H 232 5.56 52.62 38.35
C TRP H 232 6.75 51.68 38.53
N ASN H 233 7.04 50.87 37.50
CA ASN H 233 7.94 49.72 37.66
C ASN H 233 9.37 50.06 37.30
N ASN H 234 9.65 51.36 37.23
CA ASN H 234 11.02 51.83 37.20
C ASN H 234 11.70 51.62 38.55
N GLY H 235 12.96 51.21 38.50
CA GLY H 235 13.65 50.74 39.70
C GLY H 235 13.87 51.85 40.72
N THR H 236 14.29 53.01 40.24
CA THR H 236 14.73 54.09 41.11
C THR H 236 13.78 55.29 41.02
N GLY H 237 12.62 55.06 40.41
CA GLY H 237 11.71 56.17 40.06
C GLY H 237 11.25 56.94 41.29
N TRP H 238 10.51 56.25 42.16
CA TRP H 238 9.86 56.92 43.30
C TRP H 238 10.89 57.49 44.24
N SER H 239 12.06 56.85 44.29
CA SER H 239 13.12 57.28 45.19
C SER H 239 13.71 58.63 44.72
N GLU H 240 13.94 58.76 43.41
CA GLU H 240 14.50 59.98 42.84
C GLU H 240 13.49 61.12 42.93
N VAL H 241 12.22 60.79 42.79
CA VAL H 241 11.16 61.80 42.80
C VAL H 241 10.98 62.37 44.22
N ILE H 242 10.94 61.48 45.21
CA ILE H 242 10.74 61.89 46.60
C ILE H 242 11.93 62.73 47.09
N ALA H 243 13.13 62.30 46.71
CA ALA H 243 14.34 63.04 47.06
C ALA H 243 14.32 64.43 46.43
N HIS H 244 13.82 64.50 45.19
CA HIS H 244 13.77 65.78 44.46
C HIS H 244 12.71 66.70 45.04
N LEU H 245 11.60 66.10 45.50
CA LEU H 245 10.52 66.87 46.14
C LEU H 245 11.01 67.50 47.48
N LYS H 246 11.82 66.75 48.21
CA LYS H 246 12.35 67.23 49.49
C LYS H 246 13.37 68.34 49.27
N SER H 247 14.09 68.27 48.14
CA SER H 247 15.10 69.29 47.82
C SER H 247 14.42 70.59 47.35
N LEU H 248 13.13 70.50 47.03
CA LEU H 248 12.36 71.67 46.64
C LEU H 248 11.59 72.24 47.84
N GLY H 249 11.68 71.56 48.97
CA GLY H 249 11.13 72.08 50.24
C GLY H 249 9.72 71.55 50.51
N TYR H 250 9.39 70.40 49.92
CA TYR H 250 8.05 69.85 50.09
C TYR H 250 8.04 68.52 50.83
N ARG H 251 7.22 68.44 51.88
CA ARG H 251 7.02 67.20 52.62
C ARG H 251 6.30 66.20 51.73
N VAL H 252 6.64 64.92 51.87
CA VAL H 252 6.06 63.90 51.00
C VAL H 252 5.31 62.87 51.82
N MET H 253 4.09 62.54 51.38
CA MET H 253 3.19 61.67 52.17
C MET H 253 2.50 60.65 51.27
N CYS H 254 2.63 59.38 51.63
CA CYS H 254 1.94 58.33 50.93
C CYS H 254 0.57 58.09 51.57
N ILE H 255 -0.48 58.13 50.74
CA ILE H 255 -1.87 58.06 51.24
C ILE H 255 -2.60 56.84 50.68
N ASP H 256 -1.83 55.84 50.27
CA ASP H 256 -2.40 54.56 49.82
C ASP H 256 -3.10 53.86 50.96
N ARG H 257 -4.09 53.05 50.63
CA ARG H 257 -4.81 52.28 51.63
C ARG H 257 -3.90 51.26 52.29
N ASP H 258 -3.08 50.61 51.48
CA ASP H 258 -2.17 49.60 51.98
C ASP H 258 -0.72 50.09 51.88
N ALA H 259 0.07 49.76 52.89
CA ALA H 259 1.51 50.03 52.86
C ALA H 259 2.24 48.96 52.06
N HIS H 260 1.73 47.74 52.11
CA HIS H 260 2.30 46.64 51.32
C HIS H 260 1.19 45.93 50.54
N TYR H 261 1.44 45.71 49.26
CA TYR H 261 0.46 45.04 48.40
C TYR H 261 1.15 44.39 47.21
N GLY H 262 0.66 43.22 46.83
CA GLY H 262 1.24 42.48 45.71
C GLY H 262 0.81 41.02 45.71
N GLN H 263 1.35 40.24 44.78
CA GLN H 263 1.02 38.83 44.67
C GLN H 263 2.27 37.99 44.56
N GLY H 264 2.15 36.70 44.81
CA GLY H 264 3.27 35.79 44.74
C GLY H 264 4.52 36.37 45.41
N PHE H 265 5.58 36.57 44.62
CA PHE H 265 6.86 37.10 45.15
C PHE H 265 7.02 38.57 44.81
N VAL H 266 6.18 39.07 43.92
CA VAL H 266 6.17 40.47 43.59
C VAL H 266 5.39 41.26 44.63
N TRP H 267 6.10 42.11 45.37
CA TRP H 267 5.48 42.89 46.44
C TRP H 267 5.94 44.33 46.39
N ASN H 268 4.99 45.26 46.51
CA ASN H 268 5.29 46.68 46.49
C ASN H 268 5.06 47.32 47.86
N HIS H 269 6.05 48.08 48.33
CA HIS H 269 5.98 48.68 49.65
C HIS H 269 6.02 50.19 49.55
N ILE H 270 5.50 50.85 50.58
CA ILE H 270 5.59 52.32 50.67
C ILE H 270 7.04 52.77 50.65
N PRO H 271 7.40 53.60 49.67
CA PRO H 271 8.79 53.97 49.41
C PRO H 271 9.45 54.61 50.62
N TRP H 272 10.74 54.35 50.80
CA TRP H 272 11.48 54.91 51.91
C TRP H 272 11.62 56.41 51.75
N GLY H 273 11.37 57.14 52.83
CA GLY H 273 11.46 58.59 52.81
C GLY H 273 10.09 59.25 52.83
N ALA H 274 9.09 58.53 52.39
CA ALA H 274 7.74 59.04 52.36
C ALA H 274 7.06 58.83 53.71
N GLU H 275 6.35 59.85 54.17
CA GLU H 275 5.63 59.76 55.43
C GLU H 275 4.51 58.75 55.33
N ASP H 276 4.24 58.06 56.42
CA ASP H 276 3.22 57.01 56.44
C ASP H 276 1.86 57.59 56.80
N PHE H 277 1.09 57.94 55.77
CA PHE H 277 -0.32 58.28 55.97
C PHE H 277 -1.22 57.25 55.34
N THR H 278 -0.79 55.99 55.38
CA THR H 278 -1.55 54.90 54.78
C THR H 278 -2.64 54.41 55.76
N GLY H 279 -3.43 53.44 55.31
CA GLY H 279 -4.42 52.81 56.15
C GLY H 279 -5.84 52.94 55.60
N LYS H 280 -6.75 52.15 56.13
CA LYS H 280 -8.14 52.19 55.70
C LYS H 280 -8.90 53.26 56.44
N LEU H 281 -8.75 54.49 55.98
CA LEU H 281 -9.48 55.60 56.57
C LEU H 281 -10.68 55.98 55.71
N PRO H 282 -11.66 56.68 56.31
CA PRO H 282 -12.80 57.25 55.55
C PRO H 282 -12.35 58.29 54.53
N LEU H 283 -12.95 58.24 53.36
CA LEU H 283 -12.43 58.95 52.21
C LEU H 283 -12.37 60.44 52.48
N GLN H 284 -13.28 60.91 53.35
CA GLN H 284 -13.38 62.35 53.64
C GLN H 284 -12.09 62.89 54.24
N GLU H 285 -11.40 62.03 54.99
CA GLU H 285 -10.14 62.43 55.64
C GLU H 285 -9.03 62.57 54.61
N ARG H 286 -9.08 61.74 53.57
CA ARG H 286 -8.13 61.83 52.48
C ARG H 286 -8.36 63.11 51.66
N VAL H 287 -9.62 63.45 51.46
CA VAL H 287 -9.98 64.69 50.80
C VAL H 287 -9.44 65.88 51.57
N ASN H 288 -9.64 65.86 52.88
CA ASN H 288 -9.20 66.97 53.74
C ASN H 288 -7.69 67.17 53.68
N LEU H 289 -6.96 66.06 53.60
CA LEU H 289 -5.50 66.12 53.52
C LEU H 289 -5.05 66.53 52.11
N LEU H 290 -5.79 66.08 51.10
CA LEU H 290 -5.38 66.29 49.72
C LEU H 290 -5.60 67.74 49.30
N ARG H 291 -6.66 68.35 49.83
CA ARG H 291 -7.06 69.69 49.41
C ARG H 291 -5.89 70.68 49.55
N HIS H 292 -5.28 70.69 50.72
CA HIS H 292 -4.31 71.70 51.06
C HIS H 292 -2.91 71.29 50.60
N ALA H 293 -2.84 70.20 49.86
CA ALA H 293 -1.59 69.75 49.28
C ALA H 293 -1.22 70.62 48.09
N SER H 294 0.07 70.82 47.88
CA SER H 294 0.54 71.66 46.78
C SER H 294 0.23 71.01 45.44
N PHE H 295 0.51 69.71 45.32
CA PHE H 295 -0.05 68.89 44.24
C PHE H 295 0.04 67.41 44.57
N PHE H 296 -0.42 66.58 43.65
CA PHE H 296 -0.52 65.14 43.89
C PHE H 296 0.15 64.36 42.79
N ILE H 297 0.92 63.36 43.17
CA ILE H 297 1.57 62.48 42.20
C ILE H 297 1.11 61.05 42.38
N GLY H 298 0.45 60.52 41.35
CA GLY H 298 -0.37 59.33 41.51
C GLY H 298 -0.27 58.39 40.31
N LEU H 299 -0.73 57.17 40.49
CA LEU H 299 -0.97 56.30 39.38
C LEU H 299 -2.39 56.48 38.86
N PRO H 300 -2.73 55.75 37.75
CA PRO H 300 -4.08 55.80 37.17
C PRO H 300 -5.15 55.21 38.11
N SER H 301 -4.72 54.74 39.29
CA SER H 301 -5.66 54.21 40.30
C SER H 301 -6.62 55.33 40.79
N GLY H 302 -7.50 54.98 41.72
CA GLY H 302 -8.62 55.85 42.08
C GLY H 302 -8.15 57.16 42.69
N LEU H 303 -7.15 57.09 43.56
CA LEU H 303 -6.76 58.23 44.39
C LEU H 303 -6.41 59.43 43.50
N SER H 304 -6.09 59.15 42.23
CA SER H 304 -5.80 60.22 41.26
C SER H 304 -7.11 60.95 40.86
N TRP H 305 -8.21 60.22 40.84
CA TRP H 305 -9.52 60.80 40.56
C TRP H 305 -10.01 61.62 41.72
N LEU H 306 -9.73 61.14 42.94
CA LEU H 306 -10.09 61.87 44.16
C LEU H 306 -9.27 63.16 44.28
N ALA H 307 -8.00 63.08 43.91
CA ALA H 307 -7.10 64.25 43.95
C ALA H 307 -7.50 65.27 42.86
N TRP H 308 -8.02 64.77 41.76
CA TRP H 308 -8.53 65.62 40.70
C TRP H 308 -9.73 66.43 41.18
N ALA H 309 -10.57 65.79 41.99
CA ALA H 309 -11.85 66.39 42.40
C ALA H 309 -11.62 67.41 43.52
N THR H 310 -10.45 67.36 44.14
CA THR H 310 -10.10 68.30 45.21
C THR H 310 -9.43 69.54 44.63
N ARG H 311 -9.41 69.64 43.30
CA ARG H 311 -8.98 70.87 42.62
C ARG H 311 -7.52 71.18 42.93
N ILE H 312 -6.68 70.15 42.93
CA ILE H 312 -5.25 70.33 42.99
C ILE H 312 -4.59 69.70 41.78
N PRO H 313 -3.46 70.28 41.35
CA PRO H 313 -2.68 69.75 40.25
C PRO H 313 -2.35 68.29 40.43
N VAL H 314 -2.58 67.50 39.38
CA VAL H 314 -2.36 66.06 39.46
C VAL H 314 -1.33 65.61 38.43
N VAL H 315 -0.20 65.12 38.93
CA VAL H 315 0.78 64.43 38.07
C VAL H 315 0.46 62.94 38.00
N LEU H 316 0.01 62.50 36.84
CA LEU H 316 -0.45 61.11 36.66
C LEU H 316 0.58 60.30 35.88
N ILE H 317 1.15 59.29 36.53
CA ILE H 317 2.18 58.45 35.91
C ILE H 317 1.58 57.13 35.46
N SER H 318 1.54 56.92 34.16
CA SER H 318 1.01 55.69 33.60
C SER H 318 1.51 55.48 32.20
N GLY H 319 1.82 54.23 31.87
CA GLY H 319 2.20 53.87 30.51
C GLY H 319 1.31 52.78 29.94
N PHE H 320 0.61 52.06 30.83
CA PHE H 320 -0.22 50.94 30.42
C PHE H 320 -1.57 51.43 29.89
N SER H 321 -1.81 52.73 30.01
CA SER H 321 -2.98 53.35 29.41
C SER H 321 -2.58 54.61 28.65
N LEU H 322 -3.38 54.96 27.64
CA LEU H 322 -3.11 56.16 26.83
C LEU H 322 -3.52 57.42 27.59
N PRO H 323 -2.92 58.58 27.22
CA PRO H 323 -3.16 59.85 27.91
C PRO H 323 -4.64 60.24 27.95
N ASN H 324 -5.40 59.79 26.95
CA ASN H 324 -6.81 60.20 26.80
C ASN H 324 -7.77 59.17 27.45
N SER H 325 -7.19 58.20 28.15
CA SER H 325 -7.98 57.16 28.80
C SER H 325 -8.53 57.66 30.13
N GLU H 326 -7.80 58.58 30.77
CA GLU H 326 -8.25 59.21 32.01
C GLU H 326 -8.62 60.66 31.79
N PHE H 327 -8.89 61.38 32.87
CA PHE H 327 -9.10 62.81 32.80
C PHE H 327 -7.87 63.52 32.30
N TYR H 328 -8.06 64.68 31.70
CA TYR H 328 -6.96 65.45 31.16
C TYR H 328 -6.19 66.13 32.26
N THR H 329 -4.89 66.13 32.15
CA THR H 329 -4.06 66.95 32.98
C THR H 329 -2.73 67.23 32.29
N PRO H 330 -2.31 68.49 32.30
CA PRO H 330 -1.08 68.91 31.62
C PRO H 330 0.17 68.27 32.21
N TRP H 331 0.02 67.66 33.38
CA TRP H 331 1.15 67.04 34.06
C TRP H 331 1.10 65.53 33.90
N ARG H 332 0.56 65.08 32.78
CA ARG H 332 0.47 63.66 32.48
C ARG H 332 1.82 63.12 31.98
N VAL H 333 2.30 62.06 32.60
CA VAL H 333 3.59 61.48 32.24
C VAL H 333 3.40 60.20 31.46
N PHE H 334 4.05 60.12 30.31
CA PHE H 334 3.79 59.05 29.36
C PHE H 334 4.94 58.88 28.40
N ASN H 335 5.31 57.63 28.12
CA ASN H 335 6.43 57.34 27.23
C ASN H 335 6.00 56.47 26.08
N SER H 336 6.41 56.86 24.87
CA SER H 336 5.80 56.34 23.64
C SER H 336 6.86 55.64 22.78
N HIS H 337 7.93 55.18 23.41
CA HIS H 337 9.06 54.59 22.67
C HIS H 337 9.07 53.06 22.82
N GLY H 338 8.27 52.55 23.77
CA GLY H 338 8.17 51.09 24.00
C GLY H 338 6.73 50.61 24.00
N CYS H 339 6.50 49.43 24.61
CA CYS H 339 5.10 48.94 24.88
C CYS H 339 4.30 50.00 25.67
N TYR H 340 3.06 50.24 25.25
CA TYR H 340 2.18 51.18 25.93
C TYR H 340 0.74 50.97 25.52
N GLY H 341 -0.18 51.30 26.42
CA GLY H 341 -1.61 51.18 26.13
C GLY H 341 -2.05 49.73 26.01
N CYS H 342 -1.46 48.86 26.85
CA CYS H 342 -2.00 47.51 27.05
C CYS H 342 -3.56 47.56 27.27
N TRP H 343 -4.02 48.68 27.85
CA TRP H 343 -5.38 48.74 28.45
C TRP H 343 -6.40 49.17 27.41
N ASP H 344 -5.95 49.95 26.42
CA ASP H 344 -6.85 50.60 25.49
C ASP H 344 -6.96 49.79 24.19
N ASP H 345 -6.10 48.78 24.04
CA ASP H 345 -6.07 47.96 22.82
C ASP H 345 -7.28 47.05 22.75
N THR H 346 -8.05 47.16 21.66
CA THR H 346 -9.31 46.42 21.53
C THR H 346 -9.06 44.99 21.05
N SER H 347 -7.83 44.72 20.63
CA SER H 347 -7.46 43.39 20.16
C SER H 347 -7.04 42.51 21.32
N LEU H 348 -6.79 43.14 22.47
CA LEU H 348 -6.41 42.40 23.68
C LEU H 348 -7.56 42.35 24.68
N ASN H 349 -7.40 41.56 25.75
CA ASN H 349 -8.43 41.43 26.78
C ASN H 349 -7.82 41.43 28.19
N PHE H 350 -8.43 42.21 29.08
CA PHE H 350 -7.89 42.36 30.44
C PHE H 350 -8.21 41.13 31.29
N ASP H 351 -7.21 40.66 32.02
CA ASP H 351 -7.39 39.51 32.91
C ASP H 351 -7.57 39.98 34.37
N HIS H 352 -8.73 39.68 34.94
CA HIS H 352 -9.06 40.14 36.29
C HIS H 352 -8.40 39.26 37.35
N HIS H 353 -7.96 38.07 36.94
CA HIS H 353 -7.43 37.07 37.87
C HIS H 353 -5.90 37.05 37.82
N ASP H 354 -5.34 37.76 36.86
CA ASP H 354 -3.89 37.81 36.68
C ASP H 354 -3.33 39.16 37.16
N PHE H 355 -2.60 39.14 38.28
CA PHE H 355 -2.04 40.36 38.84
C PHE H 355 -0.84 40.84 38.01
N LEU H 356 -0.09 39.89 37.45
CA LEU H 356 1.12 40.21 36.64
C LEU H 356 0.79 40.27 35.17
N TRP H 357 -0.28 40.97 34.84
CA TRP H 357 -0.76 41.01 33.49
C TRP H 357 0.02 42.04 32.67
N CYS H 358 0.83 41.55 31.71
CA CYS H 358 1.12 42.32 30.43
C CYS H 358 1.09 41.39 29.23
N PRO H 359 0.05 41.50 28.39
CA PRO H 359 -0.32 40.46 27.43
C PRO H 359 0.76 40.23 26.38
N ARG H 360 1.50 41.29 26.05
CA ARG H 360 2.42 41.26 24.92
C ARG H 360 3.89 41.11 25.29
N HIS H 361 4.16 40.98 26.58
CA HIS H 361 5.57 40.94 27.04
C HIS H 361 5.67 40.34 28.46
N LYS H 362 4.73 39.46 28.80
CA LYS H 362 4.77 38.75 30.09
C LYS H 362 5.85 37.68 30.08
N ASN H 363 6.55 37.53 31.20
CA ASN H 363 7.61 36.53 31.34
C ASN H 363 8.66 36.69 30.24
N THR H 364 8.98 37.95 29.90
CA THR H 364 10.14 38.25 29.04
C THR H 364 11.00 39.32 29.67
N ASP H 365 12.00 39.78 28.93
CA ASP H 365 12.92 40.81 29.41
C ASP H 365 12.21 42.15 29.47
N ARG H 366 11.17 42.31 28.66
CA ARG H 366 10.57 43.62 28.43
C ARG H 366 9.22 43.73 29.14
N GLN H 367 9.03 42.88 30.14
CA GLN H 367 7.80 42.91 30.92
C GLN H 367 7.68 44.20 31.67
N PHE H 368 6.48 44.78 31.66
CA PHE H 368 6.25 46.09 32.25
C PHE H 368 7.32 47.09 31.79
N GLU H 369 7.69 46.99 30.52
CA GLU H 369 8.36 48.09 29.83
C GLU H 369 7.45 49.32 29.75
N CYS H 370 6.11 49.09 29.81
CA CYS H 370 5.14 50.18 29.68
C CYS H 370 5.52 51.37 30.63
N THR H 371 6.09 51.04 31.80
CA THR H 371 6.28 52.04 32.87
C THR H 371 7.78 52.17 33.23
N ARG H 372 8.58 51.21 32.77
CA ARG H 372 10.00 51.16 33.11
C ARG H 372 10.78 52.24 32.36
N LEU H 373 10.25 52.63 31.20
CA LEU H 373 10.90 53.66 30.37
C LEU H 373 10.65 55.08 30.96
N ILE H 374 9.65 55.17 31.83
CA ILE H 374 9.38 56.42 32.53
C ILE H 374 10.34 56.61 33.68
N THR H 375 11.42 57.34 33.42
CA THR H 375 12.50 57.51 34.40
C THR H 375 12.13 58.57 35.42
N GLY H 376 12.89 58.61 36.51
CA GLY H 376 12.69 59.62 37.53
C GLY H 376 13.01 61.02 37.03
N ALA H 377 13.95 61.09 36.08
CA ALA H 377 14.35 62.38 35.50
C ALA H 377 13.19 62.98 34.69
N GLN H 378 12.44 62.12 34.00
CA GLN H 378 11.29 62.56 33.22
C GLN H 378 10.22 63.16 34.13
N VAL H 379 9.88 62.43 35.19
CA VAL H 379 8.84 62.86 36.12
C VAL H 379 9.27 64.11 36.88
N ASN H 380 10.55 64.18 37.22
CA ASN H 380 11.12 65.34 37.90
C ASN H 380 11.11 66.56 36.99
N GLY H 381 11.24 66.33 35.68
CA GLY H 381 11.13 67.40 34.70
C GLY H 381 9.74 67.99 34.66
N VAL H 382 8.74 67.12 34.72
CA VAL H 382 7.32 67.57 34.80
C VAL H 382 7.07 68.31 36.13
N ILE H 383 7.63 67.78 37.22
CA ILE H 383 7.46 68.39 38.54
C ILE H 383 8.11 69.78 38.59
N ASN H 384 9.22 69.94 37.87
CA ASN H 384 9.93 71.22 37.80
C ASN H 384 9.09 72.29 37.09
N LYS H 385 8.44 71.91 36.01
CA LYS H 385 7.53 72.79 35.29
C LYS H 385 6.35 73.18 36.18
N LEU H 386 5.79 72.20 36.89
CA LEU H 386 4.63 72.43 37.72
C LEU H 386 4.99 73.26 38.96
N HIS H 387 6.19 73.04 39.47
CA HIS H 387 6.70 73.82 40.60
C HIS H 387 6.90 75.28 40.20
N ARG H 388 7.62 75.49 39.10
CA ARG H 388 7.71 76.81 38.46
C ARG H 388 6.33 77.47 38.39
N SER H 389 5.36 76.70 37.91
CA SER H 389 4.06 77.25 37.56
C SER H 389 3.25 77.57 38.80
N LEU H 390 3.71 77.07 39.95
CA LEU H 390 3.02 77.29 41.22
C LEU H 390 3.65 78.48 41.96
N THR H 391 4.98 78.59 41.89
CA THR H 391 5.70 79.72 42.52
C THR H 391 5.42 81.03 41.77
N GLU H 392 5.54 81.01 40.45
CA GLU H 392 4.92 81.99 39.61
C GLU H 392 3.43 81.64 39.37
N GLN H 393 2.69 82.58 38.84
CA GLN H 393 1.19 82.42 38.70
C GLN H 393 0.67 81.31 39.65
N GLY H 394 0.13 81.71 40.80
CA GLY H 394 -0.28 80.75 41.85
C GLY H 394 -1.06 79.58 41.28
N VAL H 395 -2.31 79.83 40.93
CA VAL H 395 -3.25 78.76 40.61
C VAL H 395 -3.43 78.62 39.08
N THR I 11 4.06 0.81 66.36
CA THR I 11 2.64 1.11 65.93
C THR I 11 2.02 2.17 66.84
N PRO I 12 1.43 3.21 66.24
CA PRO I 12 0.66 4.21 66.97
C PRO I 12 -0.69 3.66 67.44
N PRO I 13 -1.19 4.16 68.60
CA PRO I 13 -2.51 3.78 69.13
C PRO I 13 -3.61 3.91 68.09
N ASP I 14 -4.52 2.92 68.05
CA ASP I 14 -5.65 2.94 67.10
C ASP I 14 -6.54 4.14 67.36
N THR I 15 -6.61 4.56 68.62
CA THR I 15 -7.39 5.72 68.99
C THR I 15 -6.50 6.79 69.60
N PRO I 16 -6.63 8.04 69.12
CA PRO I 16 -5.86 9.18 69.63
C PRO I 16 -5.95 9.32 71.14
N THR I 17 -4.85 9.74 71.77
CA THR I 17 -4.67 9.59 73.20
C THR I 17 -5.34 10.75 73.96
N GLN I 18 -5.47 11.89 73.29
CA GLN I 18 -5.98 13.11 73.92
C GLN I 18 -7.47 13.28 73.64
N ALA I 19 -8.23 13.64 74.67
CA ALA I 19 -9.67 13.83 74.54
C ALA I 19 -10.00 15.28 74.28
N GLY I 20 -10.72 15.53 73.21
CA GLY I 20 -11.26 16.87 72.94
C GLY I 20 -12.74 16.94 73.17
N PRO I 21 -13.28 18.18 73.27
CA PRO I 21 -14.73 18.38 73.48
C PRO I 21 -15.59 17.73 72.35
N GLU I 22 -16.81 17.35 72.69
CA GLU I 22 -17.75 16.76 71.70
C GLU I 22 -17.12 15.51 71.03
N ASN I 23 -16.46 14.67 71.84
CA ASN I 23 -16.07 13.31 71.39
C ASN I 23 -15.10 13.36 70.20
N ILE I 24 -14.29 14.41 70.15
CA ILE I 24 -13.20 14.49 69.19
C ILE I 24 -11.89 14.10 69.85
N PHE I 25 -11.12 13.25 69.17
CA PHE I 25 -9.87 12.74 69.72
C PHE I 25 -8.69 13.19 68.86
N TYR I 26 -7.71 13.85 69.50
CA TYR I 26 -6.53 14.34 68.79
C TYR I 26 -5.26 13.74 69.40
N ASP I 27 -4.14 13.89 68.68
CA ASP I 27 -2.95 13.05 68.92
C ASP I 27 -1.78 13.56 68.10
N PHE I 28 -0.56 13.25 68.55
CA PHE I 28 0.65 13.72 67.88
C PHE I 28 1.66 12.55 67.68
N ASN I 29 1.13 11.32 67.56
CA ASN I 29 1.98 10.11 67.57
C ASN I 29 2.58 9.81 66.20
N ASP I 30 1.76 9.90 65.19
CA ASP I 30 2.24 9.78 63.79
C ASP I 30 1.95 11.07 63.02
N GLY I 31 2.78 12.08 63.26
CA GLY I 31 2.40 13.43 62.97
C GLY I 31 1.23 13.88 63.78
N ALA I 32 0.60 14.97 63.36
CA ALA I 32 -0.59 15.46 64.01
C ALA I 32 -1.82 14.74 63.48
N ARG I 33 -2.46 13.95 64.34
CA ARG I 33 -3.67 13.21 63.98
C ARG I 33 -4.88 13.76 64.72
N VAL I 34 -6.05 13.63 64.10
CA VAL I 34 -7.29 13.94 64.76
C VAL I 34 -8.43 13.05 64.23
N LEU I 35 -9.19 12.45 65.14
CA LEU I 35 -10.32 11.60 64.76
C LEU I 35 -11.64 12.28 65.09
N LEU I 36 -12.44 12.52 64.06
CA LEU I 36 -13.74 13.14 64.25
C LEU I 36 -14.83 12.09 64.27
N PRO I 37 -15.83 12.27 65.16
CA PRO I 37 -17.06 11.53 65.09
C PRO I 37 -17.91 11.91 63.85
N GLU I 38 -19.22 12.00 64.03
CA GLU I 38 -20.11 12.29 62.94
C GLU I 38 -20.45 13.78 62.91
N GLY I 39 -20.56 14.34 61.72
CA GLY I 39 -21.06 15.71 61.54
C GLY I 39 -20.51 16.37 60.28
N LYS I 40 -20.33 17.69 60.33
CA LYS I 40 -19.76 18.42 59.21
C LYS I 40 -18.68 19.39 59.70
N TRP I 41 -17.42 19.02 59.48
CA TRP I 41 -16.30 19.68 60.13
C TRP I 41 -15.41 20.38 59.10
N HIS I 42 -14.69 21.41 59.55
CA HIS I 42 -13.62 22.01 58.75
C HIS I 42 -12.32 22.08 59.54
N VAL I 43 -11.38 21.20 59.22
CA VAL I 43 -10.19 21.00 60.05
C VAL I 43 -8.99 21.72 59.45
N ARG I 44 -8.21 22.34 60.33
CA ARG I 44 -7.13 23.18 59.88
C ARG I 44 -5.85 22.88 60.73
N LEU I 45 -4.77 22.50 60.05
CA LEU I 45 -3.46 22.26 60.72
C LEU I 45 -2.49 23.37 60.39
N LEU I 46 -1.91 23.96 61.43
CA LEU I 46 -1.02 25.11 61.25
C LEU I 46 0.35 24.82 61.84
N ASP I 47 1.35 25.57 61.40
CA ASP I 47 2.65 25.60 62.07
C ASP I 47 2.72 26.78 63.04
N ALA I 48 2.74 26.47 64.33
CA ALA I 48 2.55 27.50 65.36
C ALA I 48 3.70 28.52 65.31
N ASP I 49 4.87 28.07 64.87
CA ASP I 49 6.06 28.92 64.83
C ASP I 49 5.95 29.95 63.72
N SER I 50 5.47 29.50 62.56
CA SER I 50 5.43 30.36 61.37
C SER I 50 3.99 30.82 61.07
N GLU I 51 3.03 30.22 61.78
CA GLU I 51 1.58 30.59 61.61
C GLU I 51 1.11 30.32 60.17
N ASN I 52 1.86 29.48 59.47
CA ASN I 52 1.44 29.02 58.14
C ASN I 52 0.36 27.95 58.24
N ILE I 53 -0.60 27.99 57.32
CA ILE I 53 -1.65 26.97 57.25
C ILE I 53 -1.16 25.77 56.47
N LEU I 54 -0.73 24.73 57.19
CA LEU I 54 -0.10 23.57 56.57
C LEU I 54 -1.11 22.76 55.79
N PHE I 55 -2.27 22.51 56.41
CA PHE I 55 -3.34 21.74 55.76
C PHE I 55 -4.70 22.29 56.12
N CYS I 56 -5.66 22.09 55.24
CA CYS I 56 -6.99 22.65 55.42
C CYS I 56 -7.97 21.99 54.47
N CYS I 57 -9.05 21.45 55.03
CA CYS I 57 -10.02 20.68 54.24
C CYS I 57 -11.36 20.60 54.95
N ASP I 58 -12.41 20.29 54.20
CA ASP I 58 -13.72 20.03 54.78
C ASP I 58 -13.99 18.55 54.82
N VAL I 59 -14.16 18.02 56.02
CA VAL I 59 -14.34 16.59 56.21
C VAL I 59 -15.52 16.30 57.13
N ASP I 60 -16.20 15.20 56.87
CA ASP I 60 -17.44 14.91 57.54
C ASP I 60 -17.20 14.04 58.78
N LYS I 61 -16.29 13.09 58.65
CA LYS I 61 -16.08 12.10 59.70
C LYS I 61 -14.58 11.67 59.78
N GLY I 62 -13.99 11.42 58.62
CA GLY I 62 -12.82 10.48 58.53
C GLY I 62 -11.61 10.96 59.34
N TRP I 63 -10.44 10.32 59.11
CA TRP I 63 -9.21 10.72 59.80
C TRP I 63 -8.54 11.80 59.08
N VAL I 64 -7.91 12.70 59.84
CA VAL I 64 -7.10 13.73 59.27
C VAL I 64 -5.71 13.75 59.91
N THR I 65 -4.69 13.43 59.11
CA THR I 65 -3.30 13.45 59.57
C THR I 65 -2.46 14.39 58.72
N SER I 66 -1.47 15.02 59.33
CA SER I 66 -0.49 15.80 58.59
C SER I 66 0.41 14.89 57.79
N SER I 67 0.77 15.34 56.59
CA SER I 67 1.67 14.58 55.72
C SER I 67 3.07 14.52 56.33
N LYS I 68 3.46 15.59 57.02
CA LYS I 68 4.76 15.64 57.70
C LYS I 68 4.69 14.90 59.04
N LYS I 69 5.71 14.09 59.31
CA LYS I 69 5.70 13.21 60.47
C LYS I 69 6.77 13.61 61.48
N TYR I 70 7.78 14.34 61.00
CA TYR I 70 8.86 14.83 61.87
C TYR I 70 8.36 15.96 62.75
N PHE I 71 9.23 16.43 63.64
CA PHE I 71 8.83 17.38 64.68
C PHE I 71 8.38 18.67 64.08
N VAL I 72 7.12 18.99 64.26
CA VAL I 72 6.63 20.31 64.00
C VAL I 72 5.65 20.72 65.08
N ARG I 73 5.86 21.92 65.64
CA ARG I 73 4.99 22.44 66.67
C ARG I 73 3.59 22.69 66.13
N PHE I 74 2.83 21.61 65.94
CA PHE I 74 1.58 21.67 65.21
C PHE I 74 0.56 22.46 65.98
N ARG I 75 -0.38 23.05 65.27
CA ARG I 75 -1.55 23.65 65.88
C ARG I 75 -2.82 23.15 65.21
N ILE I 76 -3.59 22.35 65.93
CA ILE I 76 -4.78 21.72 65.37
C ILE I 76 -6.02 22.56 65.65
N GLN I 77 -6.77 22.86 64.61
CA GLN I 77 -8.05 23.59 64.75
C GLN I 77 -9.19 22.80 64.14
N VAL I 78 -10.24 22.58 64.92
CA VAL I 78 -11.43 21.93 64.41
C VAL I 78 -12.62 22.90 64.38
N PHE I 79 -13.09 23.19 63.17
CA PHE I 79 -14.22 24.10 62.99
C PHE I 79 -15.53 23.32 62.84
N ARG I 80 -16.63 23.94 63.25
CA ARG I 80 -17.95 23.69 62.60
C ARG I 80 -18.03 24.42 61.26
N GLN I 81 -18.74 23.81 60.30
CA GLN I 81 -18.63 24.22 58.89
C GLN I 81 -19.41 25.54 58.64
N GLY I 82 -18.87 26.62 59.14
CA GLY I 82 -19.53 27.91 59.07
C GLY I 82 -19.31 28.72 60.31
N GLU I 83 -18.64 28.12 61.30
CA GLU I 83 -18.37 28.78 62.56
C GLU I 83 -17.23 29.77 62.41
N GLU I 84 -17.27 30.83 63.20
CA GLU I 84 -16.21 31.83 63.20
C GLU I 84 -15.04 31.36 64.07
N THR I 85 -15.34 30.92 65.30
CA THR I 85 -14.32 30.47 66.23
C THR I 85 -14.19 28.92 66.20
N PRO I 86 -13.01 28.40 66.59
CA PRO I 86 -12.76 26.95 66.62
C PRO I 86 -13.48 26.26 67.75
N LEU I 87 -14.03 25.08 67.47
CA LEU I 87 -14.45 24.16 68.52
C LEU I 87 -13.26 23.63 69.29
N LEU I 88 -12.23 23.20 68.56
CA LEU I 88 -10.99 22.75 69.16
C LEU I 88 -9.81 23.55 68.62
N ASP I 89 -8.90 23.93 69.51
CA ASP I 89 -7.73 24.70 69.14
C ASP I 89 -6.56 24.41 70.07
N GLU I 90 -5.80 23.35 69.75
CA GLU I 90 -4.76 22.86 70.65
C GLU I 90 -3.38 22.90 69.97
N THR I 91 -2.41 23.54 70.63
CA THR I 91 -1.06 23.62 70.10
C THR I 91 -0.12 22.64 70.85
N LEU I 92 0.74 21.97 70.10
CA LEU I 92 1.65 20.98 70.68
C LEU I 92 2.43 21.59 71.85
N LYS I 93 2.40 20.92 73.00
CA LYS I 93 3.15 21.36 74.18
C LYS I 93 3.62 20.17 74.99
N LEU I 94 4.93 20.01 75.07
CA LEU I 94 5.51 18.70 75.33
C LEU I 94 6.03 18.60 76.78
N LYS I 95 5.99 19.72 77.49
CA LYS I 95 6.56 19.77 78.85
C LYS I 95 5.80 18.84 79.80
N ASP I 96 6.54 17.94 80.45
CA ASP I 96 5.95 17.03 81.46
C ASP I 96 4.93 16.10 80.81
N ARG I 97 5.12 15.82 79.52
CA ARG I 97 4.22 14.94 78.79
C ARG I 97 4.95 13.65 78.35
N PRO I 98 4.18 12.57 78.16
CA PRO I 98 4.73 11.29 77.68
C PRO I 98 5.11 11.35 76.20
N VAL I 99 6.41 11.33 75.93
CA VAL I 99 6.91 11.36 74.56
C VAL I 99 7.67 10.06 74.23
N LEU I 100 7.39 9.50 73.07
CA LEU I 100 7.99 8.24 72.67
C LEU I 100 8.83 8.42 71.40
N ILE I 101 10.15 8.16 71.53
CA ILE I 101 11.05 8.17 70.36
C ILE I 101 11.43 6.73 69.96
N SER I 102 11.09 6.36 68.72
CA SER I 102 11.23 4.99 68.27
C SER I 102 12.35 4.85 67.27
N PHE I 103 13.46 4.27 67.70
CA PHE I 103 14.47 3.79 66.78
C PHE I 103 14.16 2.38 66.33
N PRO I 104 14.60 2.03 65.13
CA PRO I 104 14.33 0.73 64.52
C PRO I 104 15.14 -0.35 65.22
N THR I 105 14.80 -1.62 65.01
CA THR I 105 15.49 -2.70 65.72
C THR I 105 16.97 -2.53 65.43
N GLY I 106 17.78 -2.65 66.47
CA GLY I 106 19.09 -2.04 66.50
C GLY I 106 20.12 -2.47 65.48
N THR I 107 20.73 -1.46 64.88
CA THR I 107 21.97 -1.56 64.15
C THR I 107 22.85 -0.53 64.82
N LEU I 108 24.05 -0.91 65.23
CA LEU I 108 24.83 -0.06 66.02
C LEU I 108 25.08 1.25 65.29
N GLY I 109 26.08 1.97 65.74
CA GLY I 109 26.62 3.05 64.98
C GLY I 109 25.57 4.05 64.62
N ALA I 110 24.53 3.58 63.95
CA ALA I 110 23.42 4.42 63.62
C ALA I 110 22.72 4.90 64.87
N LEU I 111 22.60 4.02 65.85
CA LEU I 111 21.97 4.35 67.11
C LEU I 111 22.89 5.24 67.93
N LEU I 112 24.19 4.96 67.87
CA LEU I 112 25.19 5.79 68.59
C LEU I 112 25.26 7.19 68.00
N GLY I 113 25.02 7.30 66.71
CA GLY I 113 25.05 8.57 66.03
C GLY I 113 23.81 9.38 66.30
N TRP I 114 22.68 8.69 66.41
CA TRP I 114 21.37 9.35 66.49
C TRP I 114 21.10 9.83 67.94
N PHE I 115 21.50 9.03 68.92
CA PHE I 115 20.84 9.02 70.22
C PHE I 115 21.09 10.34 70.97
N PRO I 116 22.28 10.96 70.75
CA PRO I 116 22.62 12.21 71.42
C PRO I 116 21.66 13.35 71.06
N TYR I 117 20.95 13.19 69.95
CA TYR I 117 19.92 14.15 69.56
C TYR I 117 18.62 13.91 70.36
N ALA I 118 18.46 12.69 70.86
CA ALA I 118 17.28 12.34 71.66
C ALA I 118 17.37 12.97 73.04
N GLU I 119 18.59 13.07 73.56
CA GLU I 119 18.82 13.71 74.85
C GLU I 119 18.61 15.23 74.76
N ARG I 120 19.07 15.81 73.66
CA ARG I 120 18.88 17.24 73.41
C ARG I 120 17.40 17.57 73.31
N PHE I 121 16.64 16.66 72.70
CA PHE I 121 15.20 16.85 72.56
C PHE I 121 14.52 16.88 73.93
N GLN I 122 15.05 16.09 74.86
CA GLN I 122 14.48 15.98 76.20
C GLN I 122 14.89 17.19 77.06
N SER I 123 16.15 17.62 76.90
CA SER I 123 16.67 18.76 77.68
C SER I 123 16.04 20.07 77.21
N LEU I 124 15.59 20.11 75.97
CA LEU I 124 15.02 21.32 75.38
C LEU I 124 13.55 21.49 75.81
N HIS I 125 12.79 20.39 75.75
CA HIS I 125 11.33 20.46 75.91
C HIS I 125 10.91 20.03 77.31
N LYS I 126 11.87 19.53 78.09
CA LYS I 126 11.61 19.10 79.47
C LYS I 126 10.45 18.12 79.54
N CYS I 127 10.48 17.12 78.66
CA CYS I 127 9.39 16.14 78.57
C CYS I 127 9.80 14.85 79.24
N ARG I 128 8.84 13.94 79.39
CA ARG I 128 9.12 12.61 79.93
C ARG I 128 9.29 11.61 78.82
N LEU I 129 10.55 11.26 78.54
CA LEU I 129 10.91 10.64 77.26
C LEU I 129 11.15 9.12 77.45
N GLU I 130 10.59 8.32 76.55
CA GLU I 130 10.89 6.90 76.49
C GLU I 130 11.38 6.51 75.08
N CYS I 131 12.50 5.77 75.02
CA CYS I 131 13.13 5.40 73.74
C CYS I 131 13.11 3.91 73.54
N THR I 132 12.76 3.48 72.34
CA THR I 132 12.60 2.06 72.05
C THR I 132 13.70 1.57 71.11
N MET I 133 14.45 0.57 71.54
CA MET I 133 15.56 0.03 70.75
C MET I 133 15.91 -1.38 71.21
N SER I 134 16.87 -1.99 70.56
CA SER I 134 17.29 -3.34 70.89
C SER I 134 17.98 -3.37 72.28
N GLN I 135 18.01 -4.56 72.90
CA GLN I 135 18.33 -4.67 74.35
C GLN I 135 19.81 -4.33 74.60
N ASP I 136 20.68 -4.75 73.68
CA ASP I 136 22.15 -4.60 73.87
C ASP I 136 22.55 -3.13 73.93
N ILE I 137 21.89 -2.30 73.12
CA ILE I 137 22.14 -0.86 73.12
C ILE I 137 21.61 -0.23 74.40
N ILE I 138 20.51 -0.77 74.90
CA ILE I 138 19.95 -0.34 76.19
C ILE I 138 20.93 -0.61 77.31
N ASP I 139 21.53 -1.79 77.29
CA ASP I 139 22.50 -2.20 78.32
C ASP I 139 23.76 -1.31 78.25
N LEU I 140 24.03 -0.77 77.08
CA LEU I 140 25.22 0.01 76.84
C LEU I 140 25.03 1.45 77.37
N LEU I 141 23.83 1.98 77.19
CA LEU I 141 23.60 3.43 77.27
C LEU I 141 22.85 3.81 78.56
N ALA I 142 22.03 2.88 79.07
CA ALA I 142 20.93 3.23 79.99
C ALA I 142 21.50 3.86 81.29
N PRO I 143 22.60 3.28 81.83
CA PRO I 143 23.17 3.73 83.12
C PRO I 143 23.62 5.20 83.10
N GLN I 144 24.05 5.68 81.92
CA GLN I 144 24.61 7.05 81.79
C GLN I 144 23.50 8.07 81.50
N TYR I 145 22.34 7.58 81.07
CA TYR I 145 21.19 8.44 80.78
C TYR I 145 19.99 8.06 81.67
N PRO I 146 20.04 8.49 82.95
CA PRO I 146 18.99 8.16 83.93
C PRO I 146 17.68 8.94 83.67
N GLN I 147 17.79 10.03 82.92
CA GLN I 147 16.65 10.92 82.72
C GLN I 147 15.71 10.36 81.68
N ILE I 148 16.24 9.47 80.84
CA ILE I 148 15.46 8.86 79.78
C ILE I 148 15.16 7.39 80.10
N GLN I 149 13.93 6.98 79.87
CA GLN I 149 13.52 5.61 80.10
C GLN I 149 13.72 4.78 78.85
N PHE I 150 14.43 3.66 79.00
CA PHE I 150 14.72 2.80 77.87
C PHE I 150 13.78 1.60 77.85
N SER I 151 13.44 1.13 76.66
CA SER I 151 12.54 -0.01 76.51
C SER I 151 12.73 -0.68 75.15
N THR I 152 12.22 -1.90 75.03
CA THR I 152 12.23 -2.59 73.76
C THR I 152 10.94 -2.34 73.00
N PRO I 153 10.98 -2.50 71.66
CA PRO I 153 9.84 -2.18 70.81
C PRO I 153 8.58 -2.96 71.19
N ASP I 154 8.76 -4.20 71.63
CA ASP I 154 7.62 -5.09 71.88
C ASP I 154 7.04 -4.87 73.29
N LYS I 155 7.79 -4.15 74.13
CA LYS I 155 7.36 -3.87 75.51
C LYS I 155 7.55 -2.38 75.87
N PRO I 156 6.68 -1.51 75.32
CA PRO I 156 6.67 -0.08 75.64
C PRO I 156 5.80 0.22 76.88
N ARG I 157 6.30 1.11 77.76
CA ARG I 157 5.76 1.24 79.12
C ARG I 157 4.78 2.45 79.20
N THR I 158 4.71 3.22 78.11
CA THR I 158 3.85 4.46 78.08
C THR I 158 2.44 4.14 77.53
N VAL I 159 2.34 3.02 76.82
CA VAL I 159 1.04 2.60 76.18
C VAL I 159 0.35 3.83 75.44
N ALA I 160 0.04 4.88 76.19
CA ALA I 160 -0.67 6.08 75.63
C ALA I 160 0.22 7.32 75.68
N PRO I 161 0.99 7.57 74.60
CA PRO I 161 1.92 8.66 74.53
C PRO I 161 1.28 9.92 73.90
N TYR I 162 1.74 11.09 74.33
CA TYR I 162 1.23 12.36 73.83
C TYR I 162 1.75 12.62 72.43
N ALA I 163 3.04 12.35 72.21
CA ALA I 163 3.66 12.53 70.91
C ALA I 163 4.68 11.44 70.65
N THR I 164 4.77 10.99 69.40
CA THR I 164 5.74 9.97 69.02
C THR I 164 6.55 10.43 67.79
N TYR I 165 7.82 10.09 67.78
CA TYR I 165 8.69 10.44 66.68
C TYR I 165 9.57 9.27 66.30
N ARG I 166 9.68 9.00 65.01
CA ARG I 166 10.29 7.79 64.52
C ARG I 166 11.56 8.11 63.74
N VAL I 167 12.69 8.14 64.45
CA VAL I 167 13.96 8.41 63.83
C VAL I 167 14.45 7.20 63.04
N GLY I 168 14.93 7.44 61.82
CA GLY I 168 15.43 6.37 60.96
C GLY I 168 15.99 6.88 59.65
N LEU I 169 16.49 5.96 58.82
CA LEU I 169 16.89 6.30 57.46
C LEU I 169 15.73 6.08 56.48
N TYR I 170 15.37 7.11 55.73
CA TYR I 170 14.25 7.04 54.78
C TYR I 170 14.74 7.34 53.38
N PHE I 171 14.79 6.31 52.54
CA PHE I 171 15.45 6.41 51.25
C PHE I 171 14.48 6.94 50.20
N GLY I 172 14.97 7.06 48.96
CA GLY I 172 14.14 7.50 47.85
C GLY I 172 13.82 8.96 47.95
N GLY I 173 14.63 9.70 48.72
CA GLY I 173 14.46 11.14 48.86
C GLY I 173 13.16 11.49 49.56
N ASP I 174 12.82 10.73 50.60
CA ASP I 174 11.60 10.97 51.38
C ASP I 174 11.71 12.28 52.13
N THR I 175 10.64 13.09 52.07
CA THR I 175 10.65 14.43 52.68
C THR I 175 9.45 14.62 53.61
N ASN I 176 8.79 13.51 53.95
CA ASN I 176 7.60 13.55 54.77
C ASN I 176 7.87 13.05 56.19
N ASN I 177 8.80 12.12 56.30
CA ASN I 177 9.23 11.61 57.62
C ASN I 177 10.54 12.21 58.05
N GLN I 178 11.18 12.92 57.14
CA GLN I 178 12.37 13.69 57.45
C GLN I 178 12.39 14.99 56.66
N PRO I 179 12.81 16.08 57.30
CA PRO I 179 12.75 17.40 56.69
C PRO I 179 13.60 17.49 55.42
N VAL I 180 14.79 16.90 55.46
CA VAL I 180 15.68 16.88 54.32
C VAL I 180 16.23 15.48 54.12
N ASP I 181 16.63 15.16 52.89
CA ASP I 181 17.20 13.85 52.61
C ASP I 181 18.47 13.72 53.44
N PHE I 182 18.68 12.55 54.03
CA PHE I 182 19.77 12.38 54.95
C PHE I 182 21.11 12.36 54.21
N ARG I 183 21.04 12.22 52.89
CA ARG I 183 22.23 12.18 52.07
C ARG I 183 22.82 13.57 51.92
N LYS I 184 22.05 14.58 52.31
CA LYS I 184 22.45 15.96 52.10
C LYS I 184 23.11 16.53 53.35
N VAL I 185 22.78 15.96 54.50
CA VAL I 185 23.20 16.52 55.80
C VAL I 185 24.00 15.50 56.60
N GLY I 186 24.02 14.26 56.13
CA GLY I 186 24.65 13.15 56.86
C GLY I 186 23.64 12.32 57.64
N PHE I 187 23.79 11.00 57.59
CA PHE I 187 22.72 10.10 57.98
C PHE I 187 22.39 10.28 59.46
N HIS I 188 23.40 10.68 60.24
CA HIS I 188 23.28 10.70 61.68
C HIS I 188 22.73 12.04 62.17
N ARG I 189 23.13 13.10 61.49
CA ARG I 189 22.61 14.43 61.82
C ARG I 189 21.11 14.40 61.59
N SER I 190 20.71 13.70 60.54
CA SER I 190 19.29 13.70 60.10
C SER I 190 18.37 13.59 61.29
N ALA I 191 18.77 12.82 62.29
CA ALA I 191 18.00 12.69 63.53
C ALA I 191 17.79 14.04 64.17
N GLY I 192 18.86 14.81 64.28
CA GLY I 192 18.78 16.17 64.81
C GLY I 192 17.75 17.01 64.06
N TYR I 193 17.71 16.85 62.75
CA TYR I 193 16.79 17.61 61.91
C TYR I 193 15.35 17.12 62.13
N ILE I 194 15.19 15.81 62.33
CA ILE I 194 13.85 15.21 62.52
C ILE I 194 13.25 15.68 63.84
N LEU I 195 14.08 15.81 64.86
CA LEU I 195 13.61 16.21 66.18
C LEU I 195 13.68 17.72 66.34
N GLY I 196 14.28 18.40 65.37
CA GLY I 196 14.35 19.84 65.36
C GLY I 196 15.20 20.38 66.49
N VAL I 197 16.38 19.81 66.66
CA VAL I 197 17.33 20.27 67.66
C VAL I 197 18.66 20.62 67.01
N ASP I 198 19.64 20.96 67.84
CA ASP I 198 21.00 21.25 67.38
C ASP I 198 21.57 20.03 66.62
N PRO I 199 21.74 20.17 65.28
CA PRO I 199 22.04 19.04 64.39
C PRO I 199 23.50 18.58 64.52
N ARG I 200 24.33 19.38 65.18
CA ARG I 200 25.78 19.14 65.23
C ARG I 200 26.07 17.83 65.96
N GLU I 201 27.00 17.06 65.43
CA GLU I 201 27.21 15.70 65.88
C GLU I 201 27.77 15.69 67.29
N ALA I 202 27.53 14.59 68.00
CA ALA I 202 28.12 14.39 69.31
C ALA I 202 28.22 12.89 69.63
N PRO I 203 29.20 12.52 70.46
CA PRO I 203 29.36 11.17 70.91
C PRO I 203 28.50 10.86 72.12
N VAL I 204 28.01 9.62 72.20
CA VAL I 204 27.28 9.16 73.37
C VAL I 204 28.21 9.03 74.57
N ARG I 205 27.62 9.04 75.77
CA ARG I 205 28.41 8.87 77.00
C ARG I 205 28.40 7.39 77.43
N LEU I 206 29.59 6.83 77.61
CA LEU I 206 29.75 5.41 77.92
C LEU I 206 30.35 5.23 79.31
N ASP I 207 30.41 3.97 79.76
CA ASP I 207 31.12 3.62 80.99
C ASP I 207 32.61 3.44 80.72
N LEU I 208 33.39 4.49 80.98
CA LEU I 208 34.82 4.48 80.68
C LEU I 208 35.63 4.30 81.96
N SER I 209 35.10 3.48 82.89
CA SER I 209 35.72 3.31 84.21
C SER I 209 36.57 2.04 84.25
N ALA I 210 36.44 1.22 83.22
CA ALA I 210 37.06 -0.10 83.21
C ALA I 210 38.58 0.02 83.21
N PRO I 211 39.25 -0.71 84.13
CA PRO I 211 40.71 -0.68 84.26
C PRO I 211 41.41 -1.36 83.08
N ARG I 212 42.63 -0.94 82.79
CA ARG I 212 43.40 -1.52 81.68
C ARG I 212 43.74 -2.98 81.98
N VAL I 213 43.57 -3.84 80.99
CA VAL I 213 43.89 -5.24 81.12
C VAL I 213 45.21 -5.55 80.46
N ILE I 214 45.37 -5.12 79.22
CA ILE I 214 46.56 -5.42 78.44
C ILE I 214 47.60 -4.31 78.57
N GLN I 215 48.81 -4.68 79.02
CA GLN I 215 49.82 -3.71 79.42
C GLN I 215 50.46 -3.06 78.18
N GLU I 216 50.89 -3.90 77.23
CA GLU I 216 51.58 -3.42 76.02
C GLU I 216 50.64 -2.54 75.16
N PRO I 217 51.21 -1.48 74.52
CA PRO I 217 50.47 -0.67 73.53
C PRO I 217 49.90 -1.51 72.40
N TYR I 218 48.62 -1.34 72.10
CA TYR I 218 47.92 -2.19 71.15
C TYR I 218 46.92 -1.38 70.34
N VAL I 219 46.57 -1.91 69.16
CA VAL I 219 45.64 -1.23 68.26
C VAL I 219 44.45 -2.13 67.97
N CYS I 220 43.26 -1.53 67.91
CA CYS I 220 42.05 -2.27 67.55
C CYS I 220 41.64 -1.97 66.11
N ILE I 221 41.19 -3.00 65.40
CA ILE I 221 40.78 -2.85 64.00
C ILE I 221 39.44 -3.56 63.75
N ALA I 222 38.69 -3.07 62.77
CA ALA I 222 37.45 -3.69 62.38
C ALA I 222 37.37 -3.81 60.86
N THR I 223 37.31 -5.05 60.38
CA THR I 223 37.45 -5.32 58.95
C THR I 223 36.11 -5.70 58.32
N GLN I 224 35.12 -5.94 59.18
CA GLN I 224 33.82 -6.47 58.71
C GLN I 224 32.80 -5.36 58.62
N SER I 225 31.83 -5.53 57.73
CA SER I 225 30.68 -4.63 57.67
C SER I 225 29.46 -5.37 57.13
N THR I 226 28.42 -4.63 56.80
CA THR I 226 27.13 -5.21 56.41
C THR I 226 27.02 -5.35 54.88
N CYS I 227 27.69 -4.45 54.16
CA CYS I 227 27.72 -4.49 52.69
C CYS I 227 29.14 -4.33 52.18
N GLN I 228 29.43 -4.99 51.04
CA GLN I 228 30.84 -5.22 50.62
C GLN I 228 31.49 -3.93 50.20
N ALA I 229 30.68 -2.95 49.82
CA ALA I 229 31.19 -1.66 49.37
C ALA I 229 31.98 -0.98 50.49
N LYS I 230 31.55 -1.21 51.74
CA LYS I 230 32.13 -0.52 52.90
C LYS I 230 33.47 -1.16 53.29
N TYR I 231 33.68 -2.40 52.85
CA TYR I 231 34.95 -3.11 53.11
C TYR I 231 36.11 -2.40 52.44
N TRP I 232 37.32 -2.66 52.91
CA TRP I 232 38.52 -2.19 52.26
C TRP I 232 39.01 -3.19 51.25
N ASN I 233 38.67 -2.97 49.99
CA ASN I 233 38.75 -4.01 48.99
C ASN I 233 40.08 -3.98 48.25
N ASN I 234 41.03 -3.27 48.79
CA ASN I 234 42.40 -3.38 48.36
C ASN I 234 42.97 -4.72 48.70
N GLY I 235 43.79 -5.26 47.82
CA GLY I 235 44.24 -6.64 47.93
C GLY I 235 45.18 -6.85 49.09
N THR I 236 46.12 -5.92 49.27
CA THR I 236 47.20 -6.09 50.23
C THR I 236 47.11 -5.06 51.35
N GLY I 237 45.99 -4.34 51.38
CA GLY I 237 45.82 -3.24 52.33
C GLY I 237 46.04 -3.67 53.77
N TRP I 238 45.13 -4.49 54.27
CA TRP I 238 45.10 -4.81 55.70
C TRP I 238 46.39 -5.50 56.13
N SER I 239 46.96 -6.28 55.21
CA SER I 239 48.19 -7.01 55.50
C SER I 239 49.34 -6.04 55.72
N GLU I 240 49.48 -5.07 54.83
CA GLU I 240 50.56 -4.07 54.93
C GLU I 240 50.38 -3.22 56.16
N VAL I 241 49.13 -2.92 56.50
CA VAL I 241 48.82 -2.04 57.63
C VAL I 241 49.13 -2.74 58.95
N ILE I 242 48.73 -3.99 59.06
CA ILE I 242 48.96 -4.76 60.26
C ILE I 242 50.46 -4.99 60.47
N ALA I 243 51.17 -5.29 59.39
CA ALA I 243 52.63 -5.49 59.44
C ALA I 243 53.33 -4.23 59.89
N HIS I 244 52.88 -3.09 59.37
CA HIS I 244 53.47 -1.79 59.70
C HIS I 244 53.18 -1.44 61.17
N LEU I 245 51.97 -1.76 61.63
CA LEU I 245 51.59 -1.54 63.02
C LEU I 245 52.49 -2.34 63.95
N LYS I 246 52.78 -3.58 63.57
CA LYS I 246 53.62 -4.45 64.39
C LYS I 246 55.07 -3.94 64.41
N SER I 247 55.50 -3.38 63.30
CA SER I 247 56.86 -2.85 63.19
C SER I 247 57.04 -1.61 64.06
N LEU I 248 55.92 -0.97 64.42
CA LEU I 248 55.95 0.22 65.26
C LEU I 248 55.84 -0.15 66.73
N GLY I 249 55.60 -1.44 67.00
CA GLY I 249 55.56 -1.94 68.38
C GLY I 249 54.13 -2.01 68.94
N TYR I 250 53.17 -2.14 68.04
CA TYR I 250 51.77 -2.30 68.44
C TYR I 250 51.33 -3.76 68.31
N ARG I 251 50.54 -4.22 69.27
CA ARG I 251 49.75 -5.42 69.08
C ARG I 251 48.44 -5.11 68.38
N VAL I 252 48.07 -5.97 67.43
CA VAL I 252 46.89 -5.72 66.58
C VAL I 252 45.77 -6.74 66.88
N MET I 253 44.54 -6.22 67.06
CA MET I 253 43.40 -7.07 67.50
C MET I 253 42.16 -6.76 66.70
N CYS I 254 41.58 -7.78 66.09
CA CYS I 254 40.32 -7.63 65.40
C CYS I 254 39.16 -7.88 66.36
N ILE I 255 38.19 -6.94 66.37
CA ILE I 255 37.11 -6.97 67.35
C ILE I 255 35.76 -7.04 66.66
N ASP I 256 35.76 -7.48 65.41
CA ASP I 256 34.52 -7.67 64.66
C ASP I 256 33.66 -8.74 65.31
N ARG I 257 32.37 -8.72 65.03
CA ARG I 257 31.46 -9.69 65.57
C ARG I 257 31.68 -11.05 64.91
N ASP I 258 31.89 -11.05 63.61
CA ASP I 258 32.13 -12.28 62.86
C ASP I 258 33.56 -12.34 62.37
N ALA I 259 34.15 -13.53 62.43
CA ALA I 259 35.47 -13.76 61.84
C ALA I 259 35.35 -13.96 60.33
N HIS I 260 34.20 -14.43 59.88
CA HIS I 260 33.94 -14.66 58.47
C HIS I 260 32.56 -14.18 58.09
N TYR I 261 32.48 -13.33 57.09
CA TYR I 261 31.22 -12.75 56.67
C TYR I 261 31.22 -12.45 55.22
N GLY I 262 30.10 -12.69 54.56
CA GLY I 262 29.96 -12.41 53.15
C GLY I 262 28.78 -13.15 52.53
N GLN I 263 28.64 -13.01 51.21
CA GLN I 263 27.58 -13.68 50.50
C GLN I 263 28.12 -14.41 49.27
N GLY I 264 27.30 -15.27 48.69
CA GLY I 264 27.70 -16.03 47.51
C GLY I 264 29.11 -16.57 47.62
N PHE I 265 30.01 -16.06 46.77
CA PHE I 265 31.40 -16.51 46.76
C PHE I 265 32.32 -15.48 47.37
N VAL I 266 31.83 -14.26 47.50
CA VAL I 266 32.59 -13.18 48.11
C VAL I 266 32.55 -13.28 49.60
N TRP I 267 33.67 -13.67 50.19
CA TRP I 267 33.74 -13.89 51.64
C TRP I 267 34.93 -13.18 52.22
N ASN I 268 34.72 -12.48 53.33
CA ASN I 268 35.79 -11.74 54.00
C ASN I 268 36.14 -12.36 55.34
N HIS I 269 37.44 -12.54 55.58
CA HIS I 269 37.91 -13.23 56.79
C HIS I 269 38.80 -12.32 57.61
N ILE I 270 38.86 -12.57 58.91
CA ILE I 270 39.78 -11.86 59.78
C ILE I 270 41.21 -12.03 59.31
N PRO I 271 41.89 -10.92 59.05
CA PRO I 271 43.20 -10.91 58.38
C PRO I 271 44.24 -11.67 59.16
N TRP I 272 45.13 -12.36 58.45
CA TRP I 272 46.21 -13.09 59.08
C TRP I 272 47.14 -12.14 59.82
N GLY I 273 47.49 -12.49 61.06
CA GLY I 273 48.41 -11.70 61.85
C GLY I 273 47.70 -10.92 62.94
N ALA I 274 46.41 -10.70 62.75
CA ALA I 274 45.60 -10.02 63.75
C ALA I 274 45.09 -11.01 64.78
N GLU I 275 45.16 -10.61 66.03
CA GLU I 275 44.69 -11.44 67.11
C GLU I 275 43.20 -11.62 67.03
N ASP I 276 42.72 -12.80 67.42
CA ASP I 276 41.30 -13.12 67.34
C ASP I 276 40.58 -12.69 68.60
N PHE I 277 40.01 -11.48 68.57
CA PHE I 277 39.12 -11.01 69.63
C PHE I 277 37.69 -10.89 69.12
N THR I 278 37.34 -11.73 68.16
CA THR I 278 36.03 -11.67 67.53
C THR I 278 34.98 -12.39 68.37
N GLY I 279 33.74 -12.38 67.90
CA GLY I 279 32.65 -13.09 68.57
C GLY I 279 31.51 -12.16 68.95
N LYS I 280 30.38 -12.74 69.32
CA LYS I 280 29.21 -11.97 69.76
C LYS I 280 29.29 -11.68 71.24
N LEU I 281 30.05 -10.67 71.60
CA LEU I 281 30.17 -10.27 73.01
C LEU I 281 29.31 -9.03 73.27
N PRO I 282 28.93 -8.81 74.56
CA PRO I 282 28.26 -7.58 75.01
C PRO I 282 29.12 -6.34 74.76
N LEU I 283 28.48 -5.23 74.41
CA LEU I 283 29.17 -4.10 73.86
C LEU I 283 30.08 -3.45 74.90
N GLN I 284 29.73 -3.63 76.17
CA GLN I 284 30.48 -3.02 77.24
C GLN I 284 31.93 -3.54 77.25
N GLU I 285 32.11 -4.83 76.93
CA GLU I 285 33.46 -5.45 76.90
C GLU I 285 34.29 -4.85 75.76
N ARG I 286 33.63 -4.54 74.66
CA ARG I 286 34.30 -3.92 73.52
C ARG I 286 34.72 -2.48 73.87
N VAL I 287 33.88 -1.78 74.61
CA VAL I 287 34.21 -0.45 75.10
C VAL I 287 35.43 -0.51 76.03
N ASN I 288 35.45 -1.50 76.91
CA ASN I 288 36.54 -1.66 77.86
C ASN I 288 37.87 -1.91 77.15
N LEU I 289 37.85 -2.77 76.15
CA LEU I 289 39.06 -3.09 75.37
C LEU I 289 39.49 -1.90 74.54
N LEU I 290 38.51 -1.18 73.99
CA LEU I 290 38.79 -0.11 73.04
C LEU I 290 39.39 1.09 73.75
N ARG I 291 38.96 1.32 74.98
CA ARG I 291 39.33 2.55 75.71
C ARG I 291 40.87 2.68 75.82
N HIS I 292 41.52 1.60 76.21
CA HIS I 292 42.95 1.64 76.54
C HIS I 292 43.79 1.34 75.29
N ALA I 293 43.14 1.23 74.14
CA ALA I 293 43.82 1.07 72.87
C ALA I 293 44.49 2.36 72.46
N SER I 294 45.59 2.25 71.74
CA SER I 294 46.35 3.42 71.31
C SER I 294 45.60 4.19 70.23
N PHE I 295 45.00 3.45 69.30
CA PHE I 295 43.95 4.01 68.46
C PHE I 295 43.19 2.90 67.74
N PHE I 296 42.23 3.29 66.90
CA PHE I 296 41.35 2.34 66.24
C PHE I 296 41.33 2.58 64.74
N ILE I 297 41.46 1.50 63.97
CA ILE I 297 41.37 1.58 62.52
C ILE I 297 40.20 0.77 62.02
N GLY I 298 39.26 1.44 61.37
CA GLY I 298 37.93 0.88 61.18
C GLY I 298 37.37 1.20 59.83
N LEU I 299 36.26 0.57 59.49
CA LEU I 299 35.44 1.01 58.39
C LEU I 299 34.32 1.94 58.90
N PRO I 300 33.46 2.41 57.97
CA PRO I 300 32.33 3.26 58.32
C PRO I 300 31.26 2.51 59.13
N SER I 301 31.51 1.23 59.43
CA SER I 301 30.61 0.42 60.27
C SER I 301 30.53 0.99 61.71
N GLY I 302 29.71 0.38 62.55
CA GLY I 302 29.32 0.97 63.82
C GLY I 302 30.50 1.00 64.81
N LEU I 303 31.37 0.02 64.72
CA LEU I 303 32.48 -0.11 65.65
C LEU I 303 33.37 1.15 65.61
N SER I 304 33.31 1.88 64.48
CA SER I 304 34.02 3.14 64.36
C SER I 304 33.37 4.22 65.23
N TRP I 305 32.04 4.17 65.33
CA TRP I 305 31.29 5.12 66.18
C TRP I 305 31.48 4.79 67.65
N LEU I 306 31.52 3.50 67.97
CA LEU I 306 31.80 3.05 69.32
C LEU I 306 33.20 3.45 69.74
N ALA I 307 34.14 3.35 68.81
CA ALA I 307 35.52 3.72 69.07
C ALA I 307 35.66 5.23 69.21
N TRP I 308 34.83 5.95 68.48
CA TRP I 308 34.80 7.40 68.58
C TRP I 308 34.31 7.82 69.96
N ALA I 309 33.35 7.07 70.51
CA ALA I 309 32.70 7.44 71.77
C ALA I 309 33.60 7.10 72.97
N THR I 310 34.61 6.28 72.73
CA THR I 310 35.55 5.87 73.78
C THR I 310 36.74 6.84 73.84
N ARG I 311 36.66 7.92 73.05
CA ARG I 311 37.65 9.03 73.14
C ARG I 311 39.05 8.53 72.78
N ILE I 312 39.13 7.74 71.72
CA ILE I 312 40.42 7.36 71.14
C ILE I 312 40.46 7.74 69.68
N PRO I 313 41.66 8.04 69.17
CA PRO I 313 41.87 8.39 67.76
C PRO I 313 41.31 7.32 66.82
N VAL I 314 40.54 7.76 65.82
CA VAL I 314 39.89 6.84 64.92
C VAL I 314 40.34 7.08 63.50
N VAL I 315 41.08 6.12 62.95
CA VAL I 315 41.36 6.09 61.52
C VAL I 315 40.22 5.39 60.77
N LEU I 316 39.46 6.17 60.00
CA LEU I 316 38.29 5.64 59.32
C LEU I 316 38.55 5.51 57.81
N ILE I 317 38.57 4.27 57.33
CA ILE I 317 38.85 4.00 55.92
C ILE I 317 37.57 3.77 55.15
N SER I 318 37.24 4.71 54.29
CA SER I 318 36.06 4.58 53.44
C SER I 318 36.20 5.41 52.20
N GLY I 319 35.77 4.86 51.08
CA GLY I 319 35.68 5.61 49.86
C GLY I 319 34.28 5.66 49.32
N PHE I 320 33.44 4.74 49.78
CA PHE I 320 32.06 4.66 49.31
C PHE I 320 31.20 5.73 49.97
N SER I 321 31.77 6.44 50.95
CA SER I 321 31.10 7.56 51.58
C SER I 321 32.02 8.77 51.64
N LEU I 322 31.44 9.95 51.51
CA LEU I 322 32.20 11.18 51.59
C LEU I 322 32.69 11.41 53.00
N PRO I 323 33.77 12.20 53.14
CA PRO I 323 34.38 12.46 54.44
C PRO I 323 33.39 13.11 55.44
N ASN I 324 32.47 13.92 54.93
CA ASN I 324 31.58 14.72 55.79
C ASN I 324 30.29 13.95 56.14
N SER I 325 30.25 12.67 55.79
CA SER I 325 29.06 11.85 55.99
C SER I 325 29.06 11.23 57.38
N GLU I 326 30.24 10.95 57.90
CA GLU I 326 30.39 10.44 59.26
C GLU I 326 30.92 11.53 60.17
N PHE I 327 31.19 11.16 61.42
CA PHE I 327 31.84 12.08 62.36
C PHE I 327 33.19 12.50 61.85
N TYR I 328 33.61 13.70 62.21
CA TYR I 328 34.88 14.23 61.78
C TYR I 328 36.01 13.51 62.44
N THR I 329 37.04 13.22 61.68
CA THR I 329 38.30 12.81 62.26
C THR I 329 39.46 13.16 61.30
N PRO I 330 40.54 13.74 61.85
CA PRO I 330 41.69 14.16 61.06
C PRO I 330 42.41 12.97 60.43
N TRP I 331 42.06 11.77 60.86
CA TRP I 331 42.70 10.56 60.36
C TRP I 331 41.79 9.84 59.40
N ARG I 332 40.95 10.60 58.71
CA ARG I 332 40.07 10.04 57.71
C ARG I 332 40.86 9.71 56.44
N VAL I 333 40.73 8.47 55.98
CA VAL I 333 41.39 8.04 54.75
C VAL I 333 40.40 7.98 53.61
N PHE I 334 40.76 8.61 52.50
CA PHE I 334 39.79 8.87 51.43
C PHE I 334 40.53 9.19 50.12
N ASN I 335 40.04 8.62 49.02
CA ASN I 335 40.65 8.84 47.71
C ASN I 335 39.64 9.34 46.70
N SER I 336 40.07 10.34 45.89
CA SER I 336 39.11 11.18 45.15
C SER I 336 39.42 11.16 43.64
N HIS I 337 40.22 10.18 43.22
CA HIS I 337 40.70 10.11 41.81
C HIS I 337 39.82 9.17 40.99
N GLY I 338 39.11 8.29 41.67
CA GLY I 338 38.16 7.39 41.02
C GLY I 338 36.74 7.63 41.48
N CYS I 339 35.84 6.73 41.11
CA CYS I 339 34.48 6.73 41.66
C CYS I 339 34.52 6.75 43.20
N TYR I 340 33.66 7.57 43.80
CA TYR I 340 33.56 7.66 45.27
C TYR I 340 32.26 8.31 45.68
N GLY I 341 31.85 8.08 46.92
CA GLY I 341 30.63 8.63 47.45
C GLY I 341 29.41 8.08 46.74
N CYS I 342 29.45 6.81 46.37
CA CYS I 342 28.33 6.25 45.62
C CYS I 342 27.01 6.31 46.40
N TRP I 343 27.09 5.99 47.70
CA TRP I 343 25.94 6.06 48.59
C TRP I 343 25.41 7.49 48.74
N ASP I 344 26.34 8.43 48.78
CA ASP I 344 26.03 9.84 49.04
C ASP I 344 25.12 10.47 47.99
N ASP I 345 25.32 10.10 46.73
CA ASP I 345 24.60 10.74 45.63
C ASP I 345 23.08 10.54 45.75
N THR I 346 22.35 11.60 45.43
CA THR I 346 20.91 11.63 45.56
C THR I 346 20.23 11.11 44.29
N SER I 347 21.03 10.91 43.24
CA SER I 347 20.52 10.40 41.96
C SER I 347 20.53 8.87 41.95
N LEU I 348 21.16 8.27 42.95
CA LEU I 348 21.21 6.82 43.07
C LEU I 348 20.37 6.36 44.26
N ASN I 349 20.06 5.07 44.30
CA ASN I 349 19.22 4.51 45.35
C ASN I 349 19.77 3.20 45.87
N PHE I 350 19.97 3.12 47.18
CA PHE I 350 20.67 1.99 47.80
C PHE I 350 19.85 0.71 47.68
N ASP I 351 20.51 -0.38 47.24
CA ASP I 351 19.84 -1.69 47.13
C ASP I 351 20.07 -2.53 48.40
N HIS I 352 18.98 -2.89 49.06
CA HIS I 352 19.06 -3.58 50.36
C HIS I 352 19.32 -5.08 50.16
N HIS I 353 19.04 -5.57 48.96
CA HIS I 353 19.07 -7.02 48.69
C HIS I 353 20.31 -7.38 47.90
N ASP I 354 21.08 -6.36 47.54
CA ASP I 354 22.30 -6.59 46.80
C ASP I 354 23.54 -6.26 47.63
N PHE I 355 24.38 -7.27 47.78
CA PHE I 355 25.74 -7.13 48.29
C PHE I 355 26.53 -6.42 47.21
N LEU I 356 26.39 -6.99 46.02
CA LEU I 356 26.85 -6.39 44.79
C LEU I 356 25.85 -5.30 44.47
N TRP I 357 26.30 -4.28 43.76
CA TRP I 357 25.44 -3.20 43.37
C TRP I 357 26.28 -1.95 43.34
N CYS I 358 26.75 -1.63 42.15
CA CYS I 358 27.53 -0.44 41.92
C CYS I 358 26.78 0.36 40.87
N PRO I 359 26.60 1.64 41.14
CA PRO I 359 25.95 2.52 40.19
C PRO I 359 26.79 2.56 38.93
N ARG I 360 28.10 2.51 39.13
CA ARG I 360 29.04 2.83 38.06
C ARG I 360 30.23 1.96 38.13
N HIS I 361 30.03 0.71 37.97
CA HIS I 361 31.14 -0.21 37.72
C HIS I 361 30.82 -1.57 38.22
N LYS I 362 29.56 -1.78 38.59
CA LYS I 362 29.14 -3.05 39.09
C LYS I 362 29.24 -4.14 38.00
N ASN I 363 29.79 -5.28 38.36
CA ASN I 363 30.11 -6.32 37.38
C ASN I 363 30.95 -5.78 36.23
N THR I 364 31.92 -4.92 36.56
CA THR I 364 32.94 -4.49 35.59
C THR I 364 34.33 -4.60 36.18
N ASP I 365 35.32 -4.05 35.48
CA ASP I 365 36.71 -4.13 35.91
C ASP I 365 36.97 -3.19 37.08
N ARG I 366 36.12 -2.17 37.21
CA ARG I 366 36.39 -1.07 38.14
C ARG I 366 35.47 -1.16 39.37
N GLN I 367 34.88 -2.33 39.58
CA GLN I 367 33.96 -2.51 40.70
C GLN I 367 34.68 -2.36 42.01
N PHE I 368 34.08 -1.60 42.91
CA PHE I 368 34.72 -1.27 44.21
C PHE I 368 36.07 -0.62 43.99
N GLU I 369 36.15 0.20 42.95
CA GLU I 369 37.26 1.12 42.80
C GLU I 369 37.26 2.14 43.94
N CYS I 370 36.06 2.42 44.49
CA CYS I 370 35.92 3.42 45.56
C CYS I 370 36.99 3.20 46.65
N THR I 371 37.32 1.93 46.89
CA THR I 371 38.11 1.57 48.05
C THR I 371 39.45 0.94 47.61
N ARG I 372 39.51 0.49 46.35
CA ARG I 372 40.69 -0.22 45.83
C ARG I 372 41.84 0.73 45.62
N LEU I 373 41.52 2.00 45.39
CA LEU I 373 42.54 3.03 45.18
C LEU I 373 43.19 3.43 46.50
N ILE I 374 42.54 3.07 47.61
CA ILE I 374 43.09 3.34 48.94
C ILE I 374 44.15 2.30 49.29
N THR I 375 45.41 2.62 49.03
CA THR I 375 46.51 1.65 49.17
C THR I 375 46.97 1.59 50.59
N GLY I 376 47.71 0.54 50.92
CA GLY I 376 48.26 0.37 52.24
C GLY I 376 49.19 1.50 52.61
N ALA I 377 49.91 2.01 51.61
CA ALA I 377 50.90 3.07 51.85
C ALA I 377 50.22 4.35 52.30
N GLN I 378 49.05 4.62 51.74
CA GLN I 378 48.27 5.79 52.12
C GLN I 378 47.86 5.71 53.56
N VAL I 379 47.25 4.59 53.93
CA VAL I 379 46.78 4.40 55.29
C VAL I 379 47.95 4.38 56.27
N ASN I 380 49.07 3.84 55.83
CA ASN I 380 50.27 3.79 56.65
C ASN I 380 50.89 5.18 56.82
N GLY I 381 50.68 6.05 55.84
CA GLY I 381 51.09 7.44 55.94
C GLY I 381 50.28 8.20 56.97
N VAL I 382 48.98 7.95 57.00
CA VAL I 382 48.10 8.51 58.04
C VAL I 382 48.48 7.96 59.42
N ILE I 383 48.73 6.65 59.48
CA ILE I 383 49.10 6.01 60.72
C ILE I 383 50.43 6.57 61.26
N ASN I 384 51.34 6.92 60.34
CA ASN I 384 52.65 7.51 60.71
C ASN I 384 52.48 8.89 61.32
N LYS I 385 51.61 9.69 60.73
CA LYS I 385 51.29 11.01 61.27
C LYS I 385 50.69 10.88 62.66
N LEU I 386 49.72 9.96 62.81
CA LEU I 386 49.00 9.79 64.05
C LEU I 386 49.91 9.21 65.13
N HIS I 387 50.88 8.40 64.71
CA HIS I 387 51.84 7.82 65.63
C HIS I 387 52.79 8.88 66.18
N ARG I 388 53.29 9.74 65.29
CA ARG I 388 54.20 10.82 65.68
C ARG I 388 53.49 11.84 66.55
N SER I 389 52.20 12.04 66.29
CA SER I 389 51.39 12.94 67.08
C SER I 389 51.19 12.37 68.50
N LEU I 390 51.12 11.05 68.60
CA LEU I 390 50.87 10.39 69.87
C LEU I 390 52.14 10.34 70.71
N THR I 391 53.29 10.19 70.04
CA THR I 391 54.57 10.03 70.73
C THR I 391 55.12 11.41 71.18
N GLU I 392 55.07 12.37 70.28
CA GLU I 392 55.65 13.68 70.54
C GLU I 392 54.78 14.48 71.50
N GLN I 393 53.55 14.74 71.10
CA GLN I 393 52.52 15.17 72.03
C GLN I 393 51.77 14.01 72.60
N GLY I 394 50.81 14.29 73.46
CA GLY I 394 50.11 13.24 74.18
C GLY I 394 48.71 13.02 73.64
N VAL I 395 47.89 12.28 74.41
CA VAL I 395 46.49 12.02 74.03
C VAL I 395 45.64 13.33 74.13
N GLU I 396 46.25 14.40 74.65
CA GLU I 396 45.59 15.71 74.73
C GLU I 396 45.53 16.36 73.35
N ALA I 397 46.57 16.13 72.54
CA ALA I 397 46.77 16.88 71.29
C ALA I 397 45.76 16.42 70.24
N THR I 398 45.58 15.11 70.14
CA THR I 398 44.59 14.54 69.23
C THR I 398 43.16 15.00 69.62
N LEU I 399 42.80 14.78 70.88
CA LEU I 399 41.43 14.97 71.34
C LEU I 399 41.36 16.00 72.47
N ILE J 10 46.43 35.50 36.56
CA ILE J 10 45.84 34.16 36.85
C ILE J 10 46.32 33.13 35.85
N THR J 11 46.93 33.61 34.78
CA THR J 11 47.52 32.75 33.80
C THR J 11 48.84 32.14 34.33
N PRO J 12 48.97 30.81 34.24
CA PRO J 12 50.22 30.13 34.57
C PRO J 12 51.33 30.45 33.57
N PRO J 13 52.59 30.47 34.04
CA PRO J 13 53.76 30.74 33.20
C PRO J 13 53.77 29.87 31.93
N ASP J 14 54.08 30.48 30.79
CA ASP J 14 54.10 29.77 29.50
C ASP J 14 55.18 28.70 29.48
N THR J 15 56.20 28.89 30.32
CA THR J 15 57.25 27.90 30.49
C THR J 15 57.38 27.49 31.96
N PRO J 16 57.41 26.17 32.23
CA PRO J 16 57.51 25.63 33.59
C PRO J 16 58.71 26.21 34.37
N THR J 17 58.55 26.37 35.68
CA THR J 17 59.42 27.26 36.46
C THR J 17 60.67 26.49 36.95
N GLN J 18 60.57 25.17 36.97
CA GLN J 18 61.65 24.33 37.51
C GLN J 18 62.43 23.68 36.38
N ALA J 19 63.75 23.65 36.52
CA ALA J 19 64.62 23.10 35.51
C ALA J 19 64.92 21.64 35.81
N GLY J 20 64.82 20.81 34.79
CA GLY J 20 65.26 19.43 34.90
C GLY J 20 66.47 19.14 34.04
N PRO J 21 67.16 18.03 34.33
CA PRO J 21 68.50 17.79 33.83
C PRO J 21 68.62 18.06 32.30
N GLU J 22 67.96 17.24 31.52
CA GLU J 22 68.17 17.24 30.05
C GLU J 22 67.18 18.20 29.36
N ASN J 23 67.17 19.46 29.80
CA ASN J 23 66.34 20.50 29.17
C ASN J 23 64.84 20.18 29.31
N ILE J 24 64.49 19.45 30.37
CA ILE J 24 63.10 19.19 30.70
C ILE J 24 62.62 20.15 31.78
N PHE J 25 61.44 20.71 31.58
CA PHE J 25 60.92 21.72 32.48
C PHE J 25 59.63 21.23 33.15
N TYR J 26 59.65 21.12 34.48
CA TYR J 26 58.50 20.63 35.24
C TYR J 26 57.99 21.71 36.19
N ASP J 27 56.78 21.52 36.69
CA ASP J 27 56.21 22.51 37.60
C ASP J 27 55.02 21.95 38.34
N PHE J 28 54.25 22.85 38.95
CA PHE J 28 53.07 22.45 39.71
C PHE J 28 52.05 23.59 39.77
N ASN J 29 52.20 24.56 38.86
CA ASN J 29 51.10 25.47 38.53
C ASN J 29 50.14 24.83 37.54
N ASP J 30 48.85 24.99 37.78
CA ASP J 30 47.84 24.34 36.96
C ASP J 30 48.08 22.84 36.96
N GLY J 31 47.93 22.23 38.13
CA GLY J 31 48.27 20.84 38.30
C GLY J 31 49.75 20.58 38.09
N ALA J 32 50.11 19.31 37.98
CA ALA J 32 51.49 18.94 37.66
C ALA J 32 51.72 18.98 36.15
N ARG J 33 52.54 19.93 35.71
CA ARG J 33 52.89 20.04 34.30
C ARG J 33 54.33 19.61 34.09
N VAL J 34 54.61 19.10 32.89
CA VAL J 34 55.99 18.86 32.48
C VAL J 34 56.13 19.06 30.95
N LEU J 35 57.16 19.81 30.53
CA LEU J 35 57.38 20.12 29.12
C LEU J 35 58.65 19.43 28.61
N LEU J 36 58.48 18.54 27.63
CA LEU J 36 59.62 17.74 27.10
C LEU J 36 60.11 18.31 25.78
N PRO J 37 61.46 18.35 25.58
CA PRO J 37 62.05 18.62 24.26
C PRO J 37 61.76 17.49 23.23
N GLU J 38 62.76 17.17 22.40
CA GLU J 38 62.49 16.60 21.08
C GLU J 38 62.37 15.02 21.14
N GLY J 39 62.94 14.43 22.17
CA GLY J 39 63.36 12.99 22.12
C GLY J 39 62.15 12.02 22.17
N LYS J 40 62.38 10.80 22.68
CA LYS J 40 61.28 9.81 22.88
C LYS J 40 61.16 9.45 24.36
N TRP J 41 60.00 9.77 24.95
CA TRP J 41 59.87 9.80 26.42
C TRP J 41 58.70 8.92 26.89
N HIS J 42 58.84 8.33 28.08
CA HIS J 42 57.73 7.68 28.77
C HIS J 42 57.49 8.34 30.15
N VAL J 43 56.43 9.13 30.26
CA VAL J 43 56.21 9.99 31.45
C VAL J 43 55.13 9.39 32.37
N ARG J 44 55.37 9.45 33.68
CA ARG J 44 54.42 8.96 34.65
C ARG J 44 54.13 10.02 35.70
N LEU J 45 52.86 10.16 36.07
CA LEU J 45 52.48 10.95 37.24
C LEU J 45 51.89 10.07 38.32
N LEU J 46 52.43 10.17 39.53
CA LEU J 46 52.01 9.31 40.65
C LEU J 46 51.48 10.15 41.80
N ASP J 47 50.64 9.55 42.63
CA ASP J 47 50.30 10.12 43.93
C ASP J 47 51.25 9.60 45.01
N ALA J 48 52.12 10.49 45.48
CA ALA J 48 53.24 10.08 46.36
C ALA J 48 52.70 9.46 47.67
N ASP J 49 51.52 9.90 48.10
CA ASP J 49 50.94 9.45 49.38
C ASP J 49 50.40 8.03 49.24
N SER J 50 49.78 7.73 48.11
CA SER J 50 49.12 6.44 47.90
C SER J 50 49.97 5.55 46.94
N GLU J 51 50.93 6.16 46.27
CA GLU J 51 51.83 5.42 45.34
C GLU J 51 51.04 4.86 44.14
N ASN J 52 49.84 5.38 43.93
CA ASN J 52 49.05 5.05 42.76
C ASN J 52 49.58 5.76 41.54
N ILE J 53 49.60 5.05 40.41
CA ILE J 53 49.97 5.64 39.14
C ILE J 53 48.78 6.39 38.53
N LEU J 54 48.79 7.71 38.67
CA LEU J 54 47.65 8.53 38.25
C LEU J 54 47.56 8.59 36.74
N PHE J 55 48.70 8.84 36.09
CA PHE J 55 48.75 8.94 34.62
C PHE J 55 50.05 8.33 34.08
N CYS J 56 50.00 7.85 32.83
CA CYS J 56 51.11 7.15 32.24
C CYS J 56 50.93 7.02 30.74
N CYS J 57 51.89 7.56 29.97
CA CYS J 57 51.77 7.62 28.51
C CYS J 57 53.15 7.71 27.85
N ASP J 58 53.22 7.34 26.58
CA ASP J 58 54.41 7.57 25.78
C ASP J 58 54.24 8.79 24.90
N VAL J 59 55.11 9.78 25.07
CA VAL J 59 55.01 11.04 24.35
C VAL J 59 56.36 11.46 23.79
N ASP J 60 56.34 12.07 22.60
CA ASP J 60 57.57 12.46 21.92
C ASP J 60 57.98 13.88 22.32
N LYS J 61 57.05 14.80 22.22
CA LYS J 61 57.31 16.19 22.60
C LYS J 61 55.99 16.90 22.97
N GLY J 62 56.09 17.91 23.80
CA GLY J 62 54.97 18.77 24.08
C GLY J 62 54.63 18.82 25.55
N TRP J 63 53.35 19.04 25.86
CA TRP J 63 52.91 19.22 27.24
C TRP J 63 52.36 17.91 27.80
N VAL J 64 52.66 17.63 29.07
CA VAL J 64 51.96 16.60 29.81
C VAL J 64 51.49 17.14 31.16
N THR J 65 50.18 17.22 31.33
CA THR J 65 49.60 17.77 32.55
C THR J 65 48.65 16.75 33.20
N SER J 66 48.52 16.82 34.52
CA SER J 66 47.55 16.02 35.24
C SER J 66 46.17 16.59 35.06
N SER J 67 45.18 15.72 34.96
CA SER J 67 43.78 16.15 34.81
C SER J 67 43.27 16.78 36.11
N LYS J 68 43.81 16.33 37.24
CA LYS J 68 43.47 16.92 38.54
C LYS J 68 44.31 18.16 38.81
N LYS J 69 43.65 19.24 39.24
CA LYS J 69 44.30 20.55 39.39
C LYS J 69 44.42 20.92 40.86
N TYR J 70 43.53 20.38 41.69
CA TYR J 70 43.58 20.61 43.14
C TYR J 70 44.81 19.96 43.75
N PHE J 71 44.98 20.14 45.07
CA PHE J 71 46.24 19.76 45.74
C PHE J 71 46.42 18.27 45.75
N VAL J 72 47.45 17.81 45.07
CA VAL J 72 47.89 16.44 45.21
C VAL J 72 49.41 16.38 45.23
N ARG J 73 49.95 15.68 46.22
CA ARG J 73 51.38 15.53 46.33
C ARG J 73 51.92 14.71 45.17
N PHE J 74 52.05 15.36 44.01
CA PHE J 74 52.36 14.66 42.79
C PHE J 74 53.77 14.15 42.81
N ARG J 75 54.02 13.11 42.04
CA ARG J 75 55.36 12.64 41.80
C ARG J 75 55.59 12.42 40.33
N ILE J 76 56.46 13.25 39.75
CA ILE J 76 56.66 13.23 38.31
C ILE J 76 57.88 12.37 37.94
N GLN J 77 57.67 11.42 37.04
CA GLN J 77 58.77 10.57 36.56
C GLN J 77 58.88 10.64 35.07
N VAL J 78 60.06 10.98 34.57
CA VAL J 78 60.33 11.00 33.14
C VAL J 78 61.29 9.88 32.75
N PHE J 79 60.81 8.96 31.91
CA PHE J 79 61.62 7.84 31.45
C PHE J 79 62.17 8.11 30.04
N ARG J 80 63.34 7.54 29.75
CA ARG J 80 63.68 7.16 28.39
C ARG J 80 62.94 5.86 27.98
N GLN J 81 62.55 5.78 26.72
CA GLN J 81 61.56 4.76 26.27
C GLN J 81 62.19 3.35 26.25
N GLY J 82 62.47 2.82 27.42
CA GLY J 82 63.11 1.52 27.54
C GLY J 82 64.03 1.45 28.74
N GLU J 83 64.19 2.59 29.42
CA GLU J 83 65.10 2.69 30.53
C GLU J 83 64.50 2.07 31.77
N GLU J 84 65.35 1.57 32.65
CA GLU J 84 64.91 1.01 33.91
C GLU J 84 64.66 2.12 34.93
N THR J 85 65.66 2.95 35.15
CA THR J 85 65.55 4.04 36.10
C THR J 85 65.06 5.34 35.41
N PRO J 86 64.45 6.24 36.20
CA PRO J 86 63.95 7.55 35.69
C PRO J 86 65.06 8.51 35.39
N LEU J 87 64.96 9.22 34.28
CA LEU J 87 65.80 10.39 34.03
C LEU J 87 65.44 11.53 35.02
N LEU J 88 64.14 11.76 35.21
CA LEU J 88 63.67 12.73 36.21
C LEU J 88 62.71 12.06 37.20
N ASP J 89 62.88 12.35 38.48
CA ASP J 89 62.01 11.81 39.51
C ASP J 89 61.86 12.81 40.66
N GLU J 90 60.91 13.71 40.53
CA GLU J 90 60.75 14.80 41.50
C GLU J 90 59.37 14.74 42.14
N THR J 91 59.33 14.84 43.47
CA THR J 91 58.10 14.84 44.21
C THR J 91 57.80 16.23 44.76
N LEU J 92 56.52 16.60 44.76
CA LEU J 92 56.10 17.94 45.24
C LEU J 92 56.57 18.17 46.69
N LYS J 93 57.28 19.27 46.91
CA LYS J 93 57.75 19.62 48.25
C LYS J 93 57.78 21.14 48.41
N LEU J 94 56.94 21.64 49.30
CA LEU J 94 56.46 23.01 49.20
C LEU J 94 57.17 23.92 50.20
N LYS J 95 57.93 23.31 51.14
CA LYS J 95 58.53 24.06 52.25
C LYS J 95 59.49 25.11 51.72
N ASP J 96 59.30 26.36 52.17
CA ASP J 96 60.18 27.47 51.79
C ASP J 96 60.18 27.67 50.26
N ARG J 97 59.05 27.36 49.63
CA ARG J 97 58.91 27.50 48.18
C ARG J 97 57.82 28.51 47.86
N PRO J 98 57.96 29.20 46.71
CA PRO J 98 56.96 30.17 46.23
C PRO J 98 55.66 29.51 45.80
N VAL J 99 54.62 29.68 46.60
CA VAL J 99 53.33 29.13 46.29
C VAL J 99 52.31 30.26 46.07
N LEU J 100 51.49 30.11 45.04
CA LEU J 100 50.51 31.13 44.67
C LEU J 100 49.09 30.57 44.74
N ILE J 101 48.27 31.14 45.63
CA ILE J 101 46.84 30.77 45.73
C ILE J 101 45.97 31.86 45.11
N SER J 102 45.25 31.49 44.06
CA SER J 102 44.49 32.47 43.29
C SER J 102 43.00 32.32 43.55
N PHE J 103 42.44 33.32 44.21
CA PHE J 103 41.00 33.43 44.38
C PHE J 103 40.36 33.93 43.09
N PRO J 104 39.01 33.59 42.91
CA PRO J 104 38.42 34.16 41.69
C PRO J 104 38.22 35.65 41.90
N THR J 105 37.96 36.40 40.83
CA THR J 105 37.84 37.85 40.98
C THR J 105 36.74 38.08 42.01
N GLY J 106 36.99 39.02 42.91
CA GLY J 106 36.43 38.96 44.24
C GLY J 106 34.93 38.92 44.39
N THR J 107 34.50 37.97 45.21
CA THR J 107 33.16 37.90 45.75
C THR J 107 33.39 37.87 47.25
N LEU J 108 32.69 38.72 47.98
CA LEU J 108 33.02 38.97 49.34
C LEU J 108 33.01 37.68 50.16
N GLY J 109 31.82 37.15 50.39
CA GLY J 109 31.63 36.12 51.39
C GLY J 109 32.33 34.85 51.03
N ALA J 110 32.50 34.63 49.74
CA ALA J 110 33.22 33.50 49.25
C ALA J 110 34.67 33.57 49.71
N LEU J 111 35.22 34.77 49.73
CA LEU J 111 36.58 34.98 50.15
C LEU J 111 36.71 34.83 51.67
N LEU J 112 35.76 35.42 52.39
CA LEU J 112 35.75 35.35 53.85
C LEU J 112 35.58 33.92 54.32
N GLY J 113 34.88 33.12 53.53
CA GLY J 113 34.70 31.72 53.83
C GLY J 113 35.92 30.90 53.51
N TRP J 114 36.56 31.20 52.37
CA TRP J 114 37.59 30.34 51.80
C TRP J 114 38.93 30.54 52.54
N PHE J 115 39.19 31.77 52.99
CA PHE J 115 40.58 32.28 53.13
C PHE J 115 41.26 31.65 54.38
N PRO J 116 40.46 31.27 55.40
CA PRO J 116 41.00 30.60 56.59
C PRO J 116 41.62 29.25 56.27
N TYR J 117 41.27 28.70 55.10
CA TYR J 117 41.88 27.46 54.61
C TYR J 117 43.25 27.74 53.96
N ALA J 118 43.39 28.94 53.42
CA ALA J 118 44.66 29.36 52.83
C ALA J 118 45.75 29.50 53.89
N GLU J 119 45.35 29.97 55.08
CA GLU J 119 46.29 30.13 56.20
C GLU J 119 46.72 28.79 56.75
N ARG J 120 45.76 27.86 56.83
CA ARG J 120 46.05 26.50 57.28
C ARG J 120 47.04 25.82 56.30
N PHE J 121 46.88 26.11 55.02
CA PHE J 121 47.74 25.51 53.98
C PHE J 121 49.18 25.98 54.16
N GLN J 122 49.35 27.21 54.61
CA GLN J 122 50.67 27.78 54.82
C GLN J 122 51.29 27.25 56.12
N SER J 123 50.47 27.11 57.16
CA SER J 123 50.94 26.67 58.46
C SER J 123 51.33 25.20 58.42
N LEU J 124 50.69 24.46 57.52
CA LEU J 124 50.92 23.03 57.40
C LEU J 124 52.25 22.77 56.64
N HIS J 125 52.44 23.49 55.54
CA HIS J 125 53.51 23.17 54.58
C HIS J 125 54.71 24.10 54.79
N LYS J 126 54.52 25.16 55.57
CA LYS J 126 55.59 26.11 55.87
C LYS J 126 56.18 26.70 54.56
N CYS J 127 55.29 27.15 53.68
CA CYS J 127 55.71 27.66 52.38
C CYS J 127 55.64 29.18 52.37
N ARG J 128 56.19 29.77 51.31
CA ARG J 128 56.07 31.21 51.10
C ARG J 128 54.86 31.53 50.21
N LEU J 129 53.77 31.96 50.83
CA LEU J 129 52.47 31.97 50.18
C LEU J 129 52.12 33.39 49.72
N GLU J 130 51.62 33.51 48.52
CA GLU J 130 51.04 34.77 48.04
C GLU J 130 49.62 34.55 47.52
N CYS J 131 48.70 35.42 47.95
CA CYS J 131 47.28 35.30 47.57
C CYS J 131 46.85 36.45 46.71
N THR J 132 46.13 36.15 45.62
CA THR J 132 45.67 37.19 44.69
C THR J 132 44.16 37.40 44.82
N MET J 133 43.76 38.63 45.07
CA MET J 133 42.33 38.98 45.19
C MET J 133 42.12 40.48 44.96
N SER J 134 40.87 40.92 45.08
CA SER J 134 40.53 42.33 44.90
C SER J 134 41.06 43.17 46.07
N GLN J 135 41.23 44.47 45.83
CA GLN J 135 42.02 45.32 46.72
C GLN J 135 41.31 45.48 48.09
N ASP J 136 39.99 45.65 48.06
CA ASP J 136 39.21 45.95 49.29
C ASP J 136 39.37 44.85 50.31
N ILE J 137 39.35 43.61 49.85
CA ILE J 137 39.50 42.45 50.73
C ILE J 137 40.92 42.40 51.29
N ILE J 138 41.88 42.84 50.48
CA ILE J 138 43.27 42.94 50.93
C ILE J 138 43.39 43.95 52.06
N ASP J 139 42.67 45.07 51.93
CA ASP J 139 42.71 46.13 52.93
C ASP J 139 42.01 45.68 54.22
N LEU J 140 41.17 44.67 54.11
CA LEU J 140 40.39 44.18 55.25
C LEU J 140 41.22 43.15 56.07
N LEU J 141 42.02 42.36 55.37
CA LEU J 141 42.56 41.08 55.92
C LEU J 141 44.08 41.19 56.21
N ALA J 142 44.76 42.02 55.40
CA ALA J 142 46.24 41.90 55.24
C ALA J 142 46.97 42.14 56.58
N PRO J 143 46.53 43.17 57.34
CA PRO J 143 47.19 43.56 58.60
C PRO J 143 47.19 42.41 59.62
N GLN J 144 46.17 41.58 59.59
CA GLN J 144 46.01 40.50 60.60
C GLN J 144 46.82 39.25 60.19
N TYR J 145 47.08 39.12 58.87
CA TYR J 145 47.84 37.96 58.34
C TYR J 145 49.17 38.42 57.74
N PRO J 146 50.15 38.73 58.62
CA PRO J 146 51.45 39.22 58.18
C PRO J 146 52.27 38.16 57.43
N GLN J 147 51.99 36.89 57.72
CA GLN J 147 52.80 35.80 57.21
C GLN J 147 52.48 35.52 55.75
N ILE J 148 51.33 36.00 55.30
CA ILE J 148 50.92 35.83 53.93
C ILE J 148 51.00 37.13 53.17
N GLN J 149 51.53 37.07 51.96
CA GLN J 149 51.65 38.25 51.11
C GLN J 149 50.41 38.40 50.23
N PHE J 150 49.83 39.59 50.24
CA PHE J 150 48.63 39.85 49.47
C PHE J 150 48.95 40.64 48.21
N SER J 151 48.21 40.38 47.14
CA SER J 151 48.43 41.07 45.87
C SER J 151 47.18 41.01 45.02
N THR J 152 47.15 41.82 43.98
CA THR J 152 46.05 41.79 43.02
C THR J 152 46.40 40.88 41.84
N PRO J 153 45.36 40.38 41.13
CA PRO J 153 45.54 39.43 40.03
C PRO J 153 46.48 39.98 38.92
N ASP J 154 46.40 41.27 38.66
CA ASP J 154 47.13 41.89 37.55
C ASP J 154 48.60 42.23 37.97
N LYS J 155 48.85 42.23 39.28
CA LYS J 155 50.19 42.58 39.81
C LYS J 155 50.65 41.53 40.86
N PRO J 156 50.96 40.31 40.41
CA PRO J 156 51.58 39.29 41.24
C PRO J 156 53.09 39.47 41.36
N ARG J 157 53.63 39.25 42.55
CA ARG J 157 54.98 39.69 42.88
C ARG J 157 56.00 38.49 42.78
N THR J 158 55.45 37.27 42.67
CA THR J 158 56.30 36.04 42.57
C THR J 158 56.72 35.78 41.12
N VAL J 159 55.88 36.21 40.18
CA VAL J 159 56.14 35.99 38.72
C VAL J 159 56.37 34.43 38.41
N ALA J 160 57.44 33.85 39.01
CA ALA J 160 57.81 32.41 38.76
C ALA J 160 57.58 31.55 40.04
N PRO J 161 56.35 31.01 40.20
CA PRO J 161 55.97 30.28 41.38
C PRO J 161 56.19 28.76 41.22
N TYR J 162 56.40 28.07 42.32
CA TYR J 162 56.67 26.64 42.31
C TYR J 162 55.38 25.85 42.12
N ALA J 163 54.33 26.27 42.83
CA ALA J 163 53.02 25.62 42.72
C ALA J 163 51.89 26.66 42.80
N THR J 164 50.85 26.45 42.00
CA THR J 164 49.69 27.34 42.00
C THR J 164 48.41 26.54 42.24
N TYR J 165 47.51 27.11 43.04
CA TYR J 165 46.20 26.49 43.29
C TYR J 165 45.10 27.51 43.18
N ARG J 166 44.04 27.14 42.47
CA ARG J 166 43.01 28.09 42.09
C ARG J 166 41.70 27.76 42.79
N VAL J 167 41.47 28.37 43.95
CA VAL J 167 40.26 28.14 44.70
C VAL J 167 39.10 28.88 44.08
N GLY J 168 38.00 28.17 43.86
CA GLY J 168 36.82 28.76 43.25
C GLY J 168 35.63 27.81 43.27
N LEU J 169 34.48 28.33 42.88
CA LEU J 169 33.32 27.49 42.67
C LEU J 169 33.30 26.95 41.24
N TYR J 170 33.14 25.63 41.12
CA TYR J 170 33.09 24.98 39.81
C TYR J 170 31.81 24.16 39.67
N PHE J 171 30.95 24.58 38.75
CA PHE J 171 29.62 24.01 38.65
C PHE J 171 29.61 22.85 37.67
N GLY J 172 28.42 22.34 37.38
CA GLY J 172 28.26 21.24 36.44
C GLY J 172 28.88 19.96 36.95
N GLY J 173 29.23 19.94 38.24
CA GLY J 173 29.73 18.73 38.89
C GLY J 173 31.18 18.46 38.56
N ASP J 174 31.95 19.53 38.40
CA ASP J 174 33.37 19.41 38.06
C ASP J 174 34.11 18.65 39.14
N THR J 175 35.01 17.76 38.72
CA THR J 175 35.74 16.90 39.66
C THR J 175 37.23 16.87 39.30
N ASN J 176 37.66 17.84 38.48
CA ASN J 176 39.06 17.91 38.06
C ASN J 176 39.78 19.07 38.73
N ASN J 177 39.08 20.18 38.93
CA ASN J 177 39.65 21.35 39.63
C ASN J 177 39.25 21.35 41.11
N GLN J 178 38.27 20.51 41.47
CA GLN J 178 37.91 20.30 42.88
C GLN J 178 37.63 18.83 43.14
N PRO J 179 38.12 18.32 44.28
CA PRO J 179 37.96 16.90 44.64
C PRO J 179 36.51 16.49 44.65
N VAL J 180 35.69 17.24 45.37
CA VAL J 180 34.24 16.96 45.41
C VAL J 180 33.45 18.17 44.93
N ASP J 181 32.30 17.91 44.32
CA ASP J 181 31.32 18.97 44.06
C ASP J 181 30.99 19.72 45.35
N PHE J 182 31.03 21.05 45.27
CA PHE J 182 30.93 21.88 46.45
C PHE J 182 29.53 21.86 47.02
N ARG J 183 28.60 21.29 46.25
CA ARG J 183 27.20 21.20 46.68
C ARG J 183 27.00 20.09 47.69
N LYS J 184 28.04 19.26 47.85
CA LYS J 184 27.95 18.07 48.72
C LYS J 184 28.59 18.36 50.08
N VAL J 185 29.52 19.30 50.11
CA VAL J 185 30.31 19.57 51.32
C VAL J 185 30.11 21.03 51.79
N GLY J 186 29.51 21.85 50.94
CA GLY J 186 29.35 23.29 51.23
C GLY J 186 30.39 24.13 50.49
N PHE J 187 29.95 25.26 49.93
CA PHE J 187 30.73 25.99 48.93
C PHE J 187 32.07 26.44 49.52
N HIS J 188 32.07 26.71 50.81
CA HIS J 188 33.21 27.37 51.44
C HIS J 188 34.20 26.34 51.99
N ARG J 189 33.68 25.17 52.38
CA ARG J 189 34.53 24.08 52.83
C ARG J 189 35.25 23.44 51.64
N SER J 190 34.70 23.61 50.45
CA SER J 190 35.32 23.11 49.22
C SER J 190 36.77 23.56 49.13
N ALA J 191 37.02 24.80 49.53
CA ALA J 191 38.38 25.36 49.52
C ALA J 191 39.32 24.49 50.33
N GLY J 192 38.86 24.08 51.50
CA GLY J 192 39.64 23.19 52.34
C GLY J 192 39.91 21.85 51.66
N TYR J 193 38.94 21.37 50.88
CA TYR J 193 39.10 20.11 50.16
C TYR J 193 40.07 20.27 49.00
N ILE J 194 40.06 21.45 48.38
CA ILE J 194 40.93 21.73 47.25
C ILE J 194 42.38 21.81 47.69
N LEU J 195 42.59 22.37 48.88
CA LEU J 195 43.95 22.58 49.40
C LEU J 195 44.40 21.40 50.28
N GLY J 196 43.48 20.45 50.51
CA GLY J 196 43.79 19.24 51.26
C GLY J 196 44.16 19.55 52.70
N VAL J 197 43.39 20.43 53.33
CA VAL J 197 43.59 20.74 54.75
C VAL J 197 42.33 20.47 55.53
N ASP J 198 42.36 20.75 56.82
CA ASP J 198 41.19 20.64 57.66
C ASP J 198 40.02 21.43 57.07
N PRO J 199 38.96 20.72 56.67
CA PRO J 199 37.85 21.31 55.92
C PRO J 199 36.88 22.09 56.81
N ARG J 200 37.05 21.97 58.13
CA ARG J 200 36.09 22.54 59.09
C ARG J 200 36.12 24.06 59.04
N GLU J 201 34.94 24.67 59.04
CA GLU J 201 34.81 26.11 58.75
C GLU J 201 35.48 26.92 59.84
N ALA J 202 35.87 28.15 59.50
CA ALA J 202 36.40 29.08 60.48
C ALA J 202 36.22 30.53 60.00
N PRO J 203 36.10 31.48 60.95
CA PRO J 203 36.00 32.88 60.65
C PRO J 203 37.35 33.52 60.47
N VAL J 204 37.45 34.44 59.51
CA VAL J 204 38.67 35.23 59.34
C VAL J 204 38.88 36.15 60.54
N ARG J 205 40.13 36.58 60.73
CA ARG J 205 40.46 37.48 61.84
C ARG J 205 40.47 38.93 61.37
N LEU J 206 39.68 39.76 62.03
CA LEU J 206 39.49 41.15 61.60
C LEU J 206 40.01 42.12 62.65
N ASP J 207 40.01 43.42 62.31
CA ASP J 207 40.36 44.45 63.27
C ASP J 207 39.16 44.82 64.14
N LEU J 208 39.11 44.24 65.34
CA LEU J 208 37.98 44.43 66.22
C LEU J 208 38.36 45.37 67.36
N SER J 209 39.18 46.37 67.05
CA SER J 209 39.68 47.28 68.07
C SER J 209 38.86 48.57 68.09
N ALA J 210 38.02 48.74 67.07
CA ALA J 210 37.29 50.00 66.88
C ALA J 210 36.35 50.25 68.07
N PRO J 211 36.37 51.51 68.61
CA PRO J 211 35.51 51.90 69.74
C PRO J 211 34.06 52.07 69.34
N ARG J 212 33.14 51.89 70.30
CA ARG J 212 31.71 52.01 70.04
C ARG J 212 31.34 53.45 69.74
N VAL J 213 30.58 53.65 68.66
CA VAL J 213 30.16 54.99 68.27
C VAL J 213 28.72 55.25 68.74
N ILE J 214 27.82 54.32 68.45
CA ILE J 214 26.42 54.48 68.77
C ILE J 214 26.11 53.84 70.13
N GLN J 215 25.57 54.65 71.04
CA GLN J 215 25.44 54.24 72.46
C GLN J 215 24.27 53.26 72.63
N GLU J 216 23.12 53.61 72.05
CA GLU J 216 21.91 52.79 72.18
C GLU J 216 22.10 51.43 71.52
N PRO J 217 21.53 50.37 72.13
CA PRO J 217 21.47 49.02 71.50
C PRO J 217 20.81 49.05 70.12
N TYR J 218 21.47 48.44 69.12
CA TYR J 218 21.02 48.52 67.75
C TYR J 218 21.26 47.21 67.01
N VAL J 219 20.56 47.02 65.89
CA VAL J 219 20.66 45.80 65.11
C VAL J 219 21.00 46.13 63.65
N CYS J 220 21.88 45.33 63.06
CA CYS J 220 22.26 45.51 61.66
C CYS J 220 21.59 44.47 60.78
N ILE J 221 21.06 44.92 59.63
CA ILE J 221 20.33 44.03 58.73
C ILE J 221 20.84 44.18 57.29
N ALA J 222 20.77 43.10 56.51
CA ALA J 222 21.15 43.14 55.11
C ALA J 222 20.06 42.51 54.25
N THR J 223 19.51 43.30 53.33
CA THR J 223 18.29 42.91 52.62
C THR J 223 18.58 42.64 51.14
N GLN J 224 19.81 42.95 50.72
CA GLN J 224 20.18 42.89 49.29
C GLN J 224 21.06 41.66 49.01
N SER J 225 20.92 41.11 47.81
CA SER J 225 21.81 40.03 47.34
C SER J 225 22.00 40.11 45.81
N THR J 226 22.68 39.11 45.25
CA THR J 226 23.09 39.14 43.81
C THR J 226 22.01 38.52 42.91
N CYS J 227 21.24 37.60 43.48
CA CYS J 227 20.12 36.98 42.75
C CYS J 227 18.87 36.95 43.63
N GLN J 228 17.71 36.90 42.99
CA GLN J 228 16.44 37.22 43.67
C GLN J 228 16.01 36.06 44.59
N ALA J 229 16.54 34.88 44.33
CA ALA J 229 16.22 33.70 45.13
C ALA J 229 16.69 33.90 46.60
N LYS J 230 17.78 34.63 46.77
CA LYS J 230 18.42 34.77 48.08
C LYS J 230 17.70 35.81 48.92
N TYR J 231 16.90 36.65 48.26
CA TYR J 231 16.11 37.68 48.95
C TYR J 231 15.02 37.03 49.80
N TRP J 232 14.54 37.78 50.80
CA TRP J 232 13.38 37.35 51.57
C TRP J 232 12.08 37.80 50.90
N ASN J 233 11.49 36.91 50.13
CA ASN J 233 10.45 37.29 49.19
C ASN J 233 9.09 37.20 49.80
N ASN J 234 9.04 37.06 51.12
CA ASN J 234 7.82 37.23 51.86
C ASN J 234 7.34 38.68 51.81
N GLY J 235 6.04 38.86 51.70
CA GLY J 235 5.48 40.18 51.43
C GLY J 235 5.72 41.14 52.57
N THR J 236 5.49 40.66 53.80
CA THR J 236 5.43 41.54 54.96
C THR J 236 6.52 41.19 55.97
N GLY J 237 7.49 40.40 55.53
CA GLY J 237 8.53 39.89 56.42
C GLY J 237 9.32 41.02 57.07
N TRP J 238 10.09 41.73 56.27
CA TRP J 238 11.08 42.67 56.79
C TRP J 238 10.40 43.77 57.61
N SER J 239 9.19 44.15 57.18
CA SER J 239 8.44 45.20 57.87
C SER J 239 8.05 44.75 59.28
N GLU J 240 7.54 43.51 59.39
CA GLU J 240 7.14 42.95 60.70
C GLU J 240 8.35 42.77 61.59
N VAL J 241 9.47 42.37 60.99
CA VAL J 241 10.69 42.13 61.74
C VAL J 241 11.26 43.43 62.30
N ILE J 242 11.32 44.45 61.44
CA ILE J 242 11.84 45.75 61.85
C ILE J 242 10.96 46.38 62.94
N ALA J 243 9.65 46.26 62.77
CA ALA J 243 8.69 46.79 63.76
C ALA J 243 8.86 46.09 65.10
N HIS J 244 9.06 44.77 65.05
CA HIS J 244 9.25 43.97 66.28
C HIS J 244 10.57 44.31 66.94
N LEU J 245 11.59 44.59 66.13
CA LEU J 245 12.90 44.98 66.64
C LEU J 245 12.83 46.32 67.37
N LYS J 246 12.09 47.27 66.79
CA LYS J 246 11.90 48.57 67.40
C LYS J 246 11.11 48.46 68.70
N SER J 247 10.16 47.52 68.74
CA SER J 247 9.32 47.32 69.91
C SER J 247 10.12 46.67 71.06
N LEU J 248 11.28 46.13 70.72
CA LEU J 248 12.16 45.52 71.73
C LEU J 248 13.22 46.51 72.19
N GLY J 249 13.23 47.70 71.57
CA GLY J 249 14.14 48.78 71.99
C GLY J 249 15.44 48.75 71.21
N TYR J 250 15.39 48.24 69.98
CA TYR J 250 16.55 48.25 69.10
C TYR J 250 16.40 49.31 68.02
N ARG J 251 17.51 49.96 67.69
CA ARG J 251 17.61 50.74 66.44
C ARG J 251 18.02 49.83 65.28
N VAL J 252 17.38 50.02 64.13
CA VAL J 252 17.57 49.12 62.99
C VAL J 252 18.25 49.84 61.84
N MET J 253 19.32 49.22 61.30
CA MET J 253 20.18 49.88 60.29
C MET J 253 20.47 48.94 59.15
N CYS J 254 20.18 49.38 57.93
CA CYS J 254 20.51 48.62 56.75
C CYS J 254 21.89 48.99 56.25
N ILE J 255 22.74 47.99 56.05
CA ILE J 255 24.14 48.21 55.72
C ILE J 255 24.49 47.59 54.38
N ASP J 256 23.47 47.40 53.55
CA ASP J 256 23.69 46.92 52.16
C ASP J 256 24.47 47.94 51.36
N ARG J 257 25.19 47.47 50.36
CA ARG J 257 25.96 48.35 49.49
C ARG J 257 25.04 49.23 48.66
N ASP J 258 23.94 48.64 48.20
CA ASP J 258 22.96 49.38 47.39
C ASP J 258 21.66 49.57 48.17
N ALA J 259 21.05 50.73 48.01
CA ALA J 259 19.72 50.98 48.57
C ALA J 259 18.65 50.41 47.65
N HIS J 260 18.95 50.36 46.35
CA HIS J 260 18.04 49.74 45.37
C HIS J 260 18.81 48.81 44.45
N TYR J 261 18.28 47.59 44.27
CA TYR J 261 18.91 46.60 43.41
C TYR J 261 17.90 45.65 42.85
N GLY J 262 18.09 45.26 41.60
CA GLY J 262 17.18 44.33 40.92
C GLY J 262 17.31 44.38 39.41
N GLN J 263 16.46 43.65 38.73
CA GLN J 263 16.48 43.62 37.26
C GLN J 263 15.07 43.73 36.72
N GLY J 264 14.97 44.07 35.43
CA GLY J 264 13.68 44.18 34.77
C GLY J 264 12.68 45.02 35.57
N PHE J 265 11.59 44.40 36.00
CA PHE J 265 10.55 45.09 36.78
C PHE J 265 10.63 44.69 38.26
N VAL J 266 11.37 43.63 38.54
CA VAL J 266 11.59 43.21 39.92
C VAL J 266 12.69 44.03 40.55
N TRP J 267 12.34 44.84 41.53
CA TRP J 267 13.30 45.72 42.17
C TRP J 267 13.12 45.69 43.67
N ASN J 268 14.24 45.57 44.40
CA ASN J 268 14.22 45.53 45.85
C ASN J 268 14.80 46.82 46.45
N HIS J 269 14.08 47.41 47.41
CA HIS J 269 14.50 48.68 48.03
C HIS J 269 14.70 48.51 49.53
N ILE J 270 15.63 49.28 50.09
CA ILE J 270 15.81 49.33 51.53
C ILE J 270 14.48 49.56 52.23
N PRO J 271 14.10 48.65 53.12
CA PRO J 271 12.77 48.64 53.75
C PRO J 271 12.49 49.94 54.52
N TRP J 272 11.24 50.40 54.47
CA TRP J 272 10.84 51.57 55.22
C TRP J 272 10.98 51.34 56.71
N GLY J 273 11.54 52.32 57.40
CA GLY J 273 11.68 52.25 58.86
C GLY J 273 13.12 51.93 59.27
N ALA J 274 13.88 51.36 58.36
CA ALA J 274 15.30 51.06 58.60
C ALA J 274 16.15 52.28 58.31
N GLU J 275 17.16 52.51 59.13
CA GLU J 275 18.07 53.62 58.93
C GLU J 275 18.97 53.38 57.72
N ASP J 276 19.29 54.46 57.01
CA ASP J 276 20.06 54.35 55.78
C ASP J 276 21.55 54.42 56.06
N PHE J 277 22.17 53.26 56.21
CA PHE J 277 23.60 53.17 56.29
C PHE J 277 24.17 52.49 55.05
N THR J 278 23.52 52.71 53.91
CA THR J 278 23.90 52.03 52.67
C THR J 278 25.00 52.80 51.93
N GLY J 279 25.36 52.33 50.74
CA GLY J 279 26.51 52.88 50.00
C GLY J 279 27.68 51.88 49.92
N LYS J 280 28.60 52.10 48.96
CA LYS J 280 29.91 51.36 48.94
C LYS J 280 30.91 52.06 49.80
N LEU J 281 30.99 51.65 51.05
CA LEU J 281 32.05 52.07 51.92
C LEU J 281 33.11 50.99 52.04
N PRO J 282 34.30 51.37 52.56
CA PRO J 282 35.34 50.40 52.90
C PRO J 282 34.90 49.41 53.98
N LEU J 283 35.22 48.14 53.79
CA LEU J 283 34.61 47.08 54.59
C LEU J 283 34.92 47.27 56.07
N GLN J 284 36.06 47.90 56.36
CA GLN J 284 36.52 48.08 57.73
C GLN J 284 35.48 48.87 58.54
N GLU J 285 34.88 49.88 57.90
CA GLU J 285 33.85 50.71 58.54
C GLU J 285 32.62 49.86 58.87
N ARG J 286 32.29 48.94 57.97
CA ARG J 286 31.17 48.02 58.20
C ARG J 286 31.48 47.08 59.35
N VAL J 287 32.74 46.66 59.44
CA VAL J 287 33.20 45.86 60.58
C VAL J 287 33.05 46.63 61.88
N ASN J 288 33.42 47.90 61.85
CA ASN J 288 33.35 48.76 63.02
C ASN J 288 31.88 48.98 63.46
N LEU J 289 30.99 49.15 62.49
CA LEU J 289 29.57 49.34 62.77
C LEU J 289 28.96 48.03 63.30
N LEU J 290 29.43 46.90 62.79
CA LEU J 290 28.81 45.61 63.06
C LEU J 290 29.20 45.10 64.43
N ARG J 291 30.45 45.37 64.82
CA ARG J 291 31.02 44.75 66.04
C ARG J 291 30.13 45.03 67.25
N HIS J 292 29.75 46.29 67.42
CA HIS J 292 29.08 46.72 68.65
C HIS J 292 27.55 46.58 68.51
N ALA J 293 27.11 46.00 67.40
CA ALA J 293 25.71 45.69 67.20
C ALA J 293 25.28 44.55 68.09
N SER J 294 24.02 44.56 68.50
CA SER J 294 23.49 43.55 69.43
C SER J 294 23.35 42.19 68.72
N PHE J 295 22.91 42.24 67.46
CA PHE J 295 23.10 41.12 66.55
C PHE J 295 22.79 41.54 65.12
N PHE J 296 22.91 40.58 64.19
CA PHE J 296 22.77 40.87 62.77
C PHE J 296 21.72 39.95 62.13
N ILE J 297 20.90 40.51 61.26
CA ILE J 297 19.91 39.73 60.52
C ILE J 297 20.11 39.90 59.02
N GLY J 298 20.41 38.79 58.33
CA GLY J 298 21.01 38.86 57.00
C GLY J 298 20.46 37.82 56.07
N LEU J 299 20.68 38.00 54.78
CA LEU J 299 20.52 36.93 53.81
C LEU J 299 21.80 36.08 53.74
N PRO J 300 21.82 35.08 52.82
CA PRO J 300 23.02 34.30 52.56
C PRO J 300 24.07 35.10 51.80
N SER J 301 23.79 36.38 51.54
CA SER J 301 24.80 37.30 50.99
C SER J 301 25.98 37.45 51.95
N GLY J 302 27.08 37.99 51.43
CA GLY J 302 28.38 37.87 52.11
C GLY J 302 28.39 38.60 53.44
N LEU J 303 27.57 39.64 53.56
CA LEU J 303 27.56 40.48 54.75
C LEU J 303 27.29 39.63 56.01
N SER J 304 26.62 38.50 55.82
CA SER J 304 26.38 37.57 56.92
C SER J 304 27.69 36.93 57.37
N TRP J 305 28.59 36.69 56.42
CA TRP J 305 29.90 36.12 56.72
C TRP J 305 30.76 37.13 57.46
N LEU J 306 30.68 38.39 57.05
CA LEU J 306 31.42 39.46 57.71
C LEU J 306 30.91 39.65 59.13
N ALA J 307 29.60 39.56 59.31
CA ALA J 307 29.00 39.70 60.63
C ALA J 307 29.40 38.51 61.53
N TRP J 308 29.51 37.34 60.92
CA TRP J 308 29.93 36.16 61.64
C TRP J 308 31.37 36.33 62.17
N ALA J 309 32.21 37.00 61.39
CA ALA J 309 33.63 37.16 61.74
C ALA J 309 33.80 38.22 62.85
N THR J 310 32.79 39.06 63.01
CA THR J 310 32.83 40.10 64.02
C THR J 310 32.34 39.57 65.35
N ARG J 311 32.05 38.27 65.40
CA ARG J 311 31.74 37.59 66.67
C ARG J 311 30.44 38.13 67.29
N ILE J 312 29.46 38.40 66.44
CA ILE J 312 28.13 38.74 66.90
C ILE J 312 27.12 37.73 66.40
N PRO J 313 26.05 37.51 67.17
CA PRO J 313 24.97 36.59 66.77
C PRO J 313 24.40 36.91 65.40
N VAL J 314 24.26 35.90 64.57
CA VAL J 314 23.81 36.08 63.21
C VAL J 314 22.54 35.29 62.95
N VAL J 315 21.44 36.00 62.76
CA VAL J 315 20.23 35.39 62.24
C VAL J 315 20.27 35.36 60.72
N LEU J 316 20.34 34.16 60.15
CA LEU J 316 20.48 33.99 58.71
C LEU J 316 19.17 33.45 58.10
N ILE J 317 18.55 34.25 57.22
CA ILE J 317 17.28 33.86 56.60
C ILE J 317 17.49 33.42 55.17
N SER J 318 17.28 32.14 54.91
CA SER J 318 17.42 31.59 53.56
C SER J 318 16.66 30.30 53.43
N GLY J 319 16.00 30.12 52.29
CA GLY J 319 15.36 28.87 51.97
C GLY J 319 15.93 28.22 50.74
N PHE J 320 16.66 29.00 49.94
CA PHE J 320 17.21 28.52 48.67
C PHE J 320 18.52 27.75 48.91
N SER J 321 18.94 27.67 50.16
CA SER J 321 20.06 26.85 50.54
C SER J 321 19.76 26.09 51.81
N LEU J 322 20.37 24.90 51.95
CA LEU J 322 20.19 24.08 53.15
C LEU J 322 20.98 24.66 54.32
N PRO J 323 20.55 24.35 55.55
CA PRO J 323 21.14 24.92 56.77
C PRO J 323 22.66 24.64 56.88
N ASN J 324 23.11 23.56 56.23
CA ASN J 324 24.51 23.13 56.35
C ASN J 324 25.38 23.67 55.20
N SER J 325 24.77 24.50 54.35
CA SER J 325 25.47 25.06 53.20
C SER J 325 26.36 26.23 53.63
N GLU J 326 25.93 26.96 54.67
CA GLU J 326 26.72 28.07 55.22
C GLU J 326 27.29 27.70 56.56
N PHE J 327 27.90 28.68 57.24
CA PHE J 327 28.40 28.49 58.60
C PHE J 327 27.26 28.22 59.56
N TYR J 328 27.56 27.51 60.65
CA TYR J 328 26.56 27.16 61.62
C TYR J 328 26.14 28.37 62.41
N THR J 329 24.84 28.49 62.66
CA THR J 329 24.35 29.43 63.63
C THR J 329 22.98 28.98 64.15
N PRO J 330 22.83 28.98 65.49
CA PRO J 330 21.59 28.49 66.13
C PRO J 330 20.37 29.34 65.79
N TRP J 331 20.62 30.50 65.19
CA TRP J 331 19.56 31.41 64.84
C TRP J 331 19.25 31.32 63.35
N ARG J 332 19.53 30.16 62.76
CA ARG J 332 19.25 29.93 61.36
C ARG J 332 17.75 29.77 61.13
N VAL J 333 17.22 30.53 60.18
CA VAL J 333 15.81 30.44 59.84
C VAL J 333 15.62 29.70 58.53
N PHE J 334 14.71 28.75 58.52
CA PHE J 334 14.59 27.79 57.43
C PHE J 334 13.25 27.07 57.48
N ASN J 335 12.63 26.91 56.31
CA ASN J 335 11.34 26.23 56.21
C ASN J 335 11.40 25.05 55.24
N SER J 336 10.80 23.92 55.64
CA SER J 336 11.07 22.62 54.97
C SER J 336 9.74 22.00 54.46
N HIS J 337 8.70 22.83 54.37
CA HIS J 337 7.41 22.40 53.84
C HIS J 337 7.19 23.00 52.45
N GLY J 338 8.22 23.66 51.94
CA GLY J 338 8.16 24.39 50.70
C GLY J 338 9.41 24.11 49.89
N CYS J 339 9.38 24.42 48.60
CA CYS J 339 10.54 24.13 47.78
C CYS J 339 11.71 24.84 48.41
N TYR J 340 12.83 24.13 48.52
CA TYR J 340 13.97 24.57 49.36
C TYR J 340 15.27 23.92 48.87
N GLY J 341 16.38 24.59 49.13
CA GLY J 341 17.67 24.10 48.70
C GLY J 341 17.77 23.96 47.17
N CYS J 342 17.19 24.94 46.45
CA CYS J 342 17.33 25.01 44.98
C CYS J 342 18.84 24.81 44.56
N TRP J 343 19.76 25.19 45.46
CA TRP J 343 21.15 25.51 45.06
C TRP J 343 22.09 24.39 45.47
N ASP J 344 21.66 23.57 46.42
CA ASP J 344 22.45 22.44 46.89
C ASP J 344 22.19 21.21 46.05
N ASP J 345 21.11 21.24 45.27
CA ASP J 345 20.68 20.08 44.46
C ASP J 345 21.67 19.84 43.32
N THR J 346 22.21 18.62 43.25
CA THR J 346 23.26 18.29 42.28
C THR J 346 22.65 17.96 40.92
N SER J 347 21.34 17.80 40.89
CA SER J 347 20.63 17.52 39.63
C SER J 347 20.31 18.81 38.90
N LEU J 348 20.39 19.94 39.61
CA LEU J 348 20.10 21.27 39.02
C LEU J 348 21.40 22.07 38.82
N ASN J 349 21.31 23.16 38.05
CA ASN J 349 22.48 23.95 37.71
C ASN J 349 22.20 25.44 37.79
N PHE J 350 23.10 26.16 38.47
CA PHE J 350 22.88 27.59 38.74
C PHE J 350 23.12 28.43 37.47
N ASP J 351 22.19 29.33 37.17
CA ASP J 351 22.34 30.24 36.04
C ASP J 351 22.88 31.60 36.52
N HIS J 352 24.06 31.95 36.05
CA HIS J 352 24.73 33.17 36.47
C HIS J 352 24.09 34.40 35.79
N HIS J 353 23.38 34.16 34.69
CA HIS J 353 22.88 35.25 33.83
C HIS J 353 21.38 35.46 34.07
N ASP J 354 20.79 34.61 34.90
CA ASP J 354 19.38 34.73 35.23
C ASP J 354 19.21 35.22 36.67
N PHE J 355 18.72 36.43 36.81
CA PHE J 355 18.53 37.03 38.10
C PHE J 355 17.28 36.42 38.81
N LEU J 356 16.28 36.06 38.02
CA LEU J 356 15.04 35.49 38.56
C LEU J 356 15.09 33.97 38.51
N TRP J 357 16.17 33.41 39.02
CA TRP J 357 16.41 31.98 38.91
C TRP J 357 15.69 31.22 40.04
N CYS J 358 14.65 30.45 39.66
CA CYS J 358 14.27 29.22 40.43
C CYS J 358 13.89 28.10 39.48
N PRO J 359 14.72 27.05 39.41
CA PRO J 359 14.71 26.11 38.30
C PRO J 359 13.42 25.30 38.23
N ARG J 360 12.81 25.05 39.38
CA ARG J 360 11.78 24.03 39.49
C ARG J 360 10.37 24.65 39.36
N HIS J 361 10.30 26.00 39.48
CA HIS J 361 9.00 26.69 39.72
C HIS J 361 9.00 28.09 39.10
N LYS J 362 9.88 28.32 38.13
CA LYS J 362 9.97 29.63 37.47
C LYS J 362 8.69 29.92 36.65
N ASN J 363 8.26 31.18 36.67
CA ASN J 363 7.07 31.59 35.96
C ASN J 363 5.87 30.70 36.33
N THR J 364 5.71 30.41 37.62
CA THR J 364 4.48 29.79 38.14
C THR J 364 3.98 30.51 39.39
N ASP J 365 2.90 30.01 39.97
CA ASP J 365 2.30 30.64 41.17
C ASP J 365 3.19 30.45 42.37
N ARG J 366 4.01 29.39 42.34
CA ARG J 366 4.81 28.99 43.50
C ARG J 366 6.22 29.52 43.37
N GLN J 367 6.38 30.62 42.68
CA GLN J 367 7.67 31.16 42.42
C GLN J 367 8.30 31.69 43.70
N PHE J 368 9.59 31.45 43.89
CA PHE J 368 10.24 31.90 45.10
C PHE J 368 9.44 31.34 46.27
N GLU J 369 8.99 30.11 46.10
CA GLU J 369 8.16 29.42 47.09
C GLU J 369 8.94 29.26 48.38
N CYS J 370 10.23 29.01 48.23
CA CYS J 370 11.09 28.67 49.37
C CYS J 370 11.16 29.76 50.43
N THR J 371 11.23 31.04 50.03
CA THR J 371 11.41 32.07 51.06
C THR J 371 10.06 32.60 51.54
N ARG J 372 9.04 32.44 50.71
CA ARG J 372 7.72 33.02 50.98
C ARG J 372 7.09 32.36 52.19
N LEU J 373 7.45 31.11 52.43
CA LEU J 373 6.89 30.35 53.54
C LEU J 373 7.53 30.79 54.86
N ILE J 374 8.66 31.48 54.77
CA ILE J 374 9.31 32.05 55.94
C ILE J 374 8.64 33.34 56.36
N THR J 375 7.71 33.24 57.33
CA THR J 375 6.89 34.39 57.72
C THR J 375 7.60 35.24 58.73
N GLY J 376 7.13 36.46 58.90
CA GLY J 376 7.70 37.36 59.89
C GLY J 376 7.62 36.79 61.28
N ALA J 377 6.56 36.04 61.55
CA ALA J 377 6.32 35.49 62.88
C ALA J 377 7.39 34.46 63.24
N GLN J 378 7.81 33.71 62.24
CA GLN J 378 8.86 32.74 62.42
C GLN J 378 10.15 33.42 62.81
N VAL J 379 10.54 34.42 62.03
CA VAL J 379 11.81 35.13 62.24
C VAL J 379 11.78 35.90 63.55
N ASN J 380 10.61 36.44 63.89
CA ASN J 380 10.43 37.15 65.15
C ASN J 380 10.50 36.20 66.36
N GLY J 381 10.07 34.95 66.15
CA GLY J 381 10.19 33.91 67.17
C GLY J 381 11.64 33.57 67.47
N VAL J 382 12.44 33.43 66.41
CA VAL J 382 13.88 33.26 66.55
C VAL J 382 14.50 34.48 67.25
N ILE J 383 14.08 35.68 66.82
CA ILE J 383 14.61 36.91 67.39
C ILE J 383 14.26 37.02 68.89
N ASN J 384 13.09 36.48 69.26
CA ASN J 384 12.66 36.46 70.68
C ASN J 384 13.54 35.54 71.53
N LYS J 385 13.87 34.37 70.97
CA LYS J 385 14.78 33.44 71.64
C LYS J 385 16.15 34.07 71.82
N LEU J 386 16.65 34.71 70.76
CA LEU J 386 17.98 35.28 70.78
C LEU J 386 18.05 36.50 71.68
N HIS J 387 16.94 37.22 71.76
CA HIS J 387 16.85 38.40 72.63
C HIS J 387 16.87 37.98 74.11
N ARG J 388 16.09 36.95 74.43
CA ARG J 388 16.00 36.45 75.80
C ARG J 388 17.32 35.81 76.22
N SER J 389 18.03 35.24 75.25
CA SER J 389 19.34 34.65 75.49
C SER J 389 20.38 35.73 75.76
N LEU J 390 20.16 36.92 75.16
CA LEU J 390 21.12 38.04 75.28
C LEU J 390 20.90 38.80 76.60
N THR J 391 19.64 38.88 77.03
CA THR J 391 19.29 39.61 78.25
C THR J 391 19.59 38.76 79.51
N GLU J 392 19.15 37.50 79.49
CA GLU J 392 19.29 36.61 80.65
C GLU J 392 20.73 36.21 80.85
N GLN J 393 21.29 35.52 79.85
CA GLN J 393 22.75 35.29 79.78
C GLN J 393 23.42 36.42 79.01
N GLY J 394 24.74 36.48 79.10
CA GLY J 394 25.49 37.56 78.48
C GLY J 394 25.85 37.25 77.05
N VAL J 395 26.77 38.04 76.49
CA VAL J 395 27.30 37.79 75.14
C VAL J 395 28.20 36.53 75.14
N GLU J 396 28.54 36.05 76.33
CA GLU J 396 29.29 34.80 76.47
C GLU J 396 28.48 33.63 75.96
N ALA J 397 27.15 33.77 76.01
CA ALA J 397 26.24 32.70 75.58
C ALA J 397 26.18 32.62 74.04
N THR J 398 27.31 32.22 73.43
CA THR J 398 27.39 32.09 71.97
C THR J 398 26.84 33.35 71.28
N PHE K 9 12.05 -54.47 35.01
CA PHE K 9 12.76 -53.69 35.97
C PHE K 9 12.41 -54.10 37.35
N ILE K 10 11.58 -53.29 38.03
CA ILE K 10 11.55 -53.30 39.45
C ILE K 10 10.70 -52.13 39.99
N THR K 11 9.72 -52.47 40.85
CA THR K 11 8.89 -51.45 41.52
C THR K 11 9.23 -51.37 43.01
N PRO K 12 9.39 -50.15 43.52
CA PRO K 12 9.47 -49.90 44.96
C PRO K 12 8.15 -50.13 45.67
N PRO K 13 8.18 -50.54 46.95
CA PRO K 13 6.99 -50.73 47.76
C PRO K 13 6.09 -49.51 47.74
N ASP K 14 4.79 -49.74 47.55
CA ASP K 14 3.82 -48.65 47.48
C ASP K 14 3.71 -47.92 48.84
N THR K 15 4.12 -48.61 49.91
CA THR K 15 4.19 -48.00 51.23
C THR K 15 5.60 -48.18 51.82
N PRO K 16 6.21 -47.06 52.23
CA PRO K 16 7.54 -47.07 52.85
C PRO K 16 7.68 -48.14 53.92
N THR K 17 8.89 -48.67 54.07
CA THR K 17 9.09 -49.94 54.79
C THR K 17 9.35 -49.68 56.29
N GLN K 18 9.74 -48.46 56.63
CA GLN K 18 10.15 -48.12 58.00
C GLN K 18 9.05 -47.33 58.70
N ALA K 19 8.78 -47.67 59.97
CA ALA K 19 7.73 -47.03 60.72
C ALA K 19 8.27 -45.86 61.53
N GLY K 20 7.64 -44.71 61.38
CA GLY K 20 7.94 -43.56 62.22
C GLY K 20 6.81 -43.27 63.18
N PRO K 21 7.08 -42.44 64.19
CA PRO K 21 6.23 -42.34 65.37
C PRO K 21 4.74 -42.10 65.00
N GLU K 22 4.40 -40.89 64.67
CA GLU K 22 3.01 -40.49 64.53
C GLU K 22 2.45 -40.91 63.13
N ASN K 23 2.46 -42.23 62.87
CA ASN K 23 1.98 -42.78 61.56
C ASN K 23 2.66 -42.10 60.39
N ILE K 24 3.95 -41.87 60.53
CA ILE K 24 4.76 -41.42 59.43
C ILE K 24 5.64 -42.56 58.93
N PHE K 25 5.68 -42.72 57.61
CA PHE K 25 6.41 -43.82 57.03
C PHE K 25 7.55 -43.29 56.14
N TYR K 26 8.78 -43.69 56.47
CA TYR K 26 9.95 -43.24 55.72
C TYR K 26 10.71 -44.43 55.16
N ASP K 27 11.61 -44.15 54.22
CA ASP K 27 12.04 -45.15 53.26
C ASP K 27 13.24 -44.64 52.47
N PHE K 28 14.06 -45.56 51.98
CA PHE K 28 15.25 -45.20 51.18
C PHE K 28 15.33 -46.04 49.90
N ASN K 29 14.19 -46.58 49.49
CA ASN K 29 14.03 -47.09 48.14
C ASN K 29 13.61 -45.97 47.18
N ASP K 30 14.22 -45.95 46.00
CA ASP K 30 13.99 -44.86 45.03
C ASP K 30 14.27 -43.51 45.66
N GLY K 31 15.49 -43.30 46.10
CA GLY K 31 15.84 -42.13 46.86
C GLY K 31 15.20 -42.13 48.22
N ALA K 32 15.34 -41.03 48.94
CA ALA K 32 14.75 -40.89 50.27
C ALA K 32 13.29 -40.50 50.15
N ARG K 33 12.40 -41.42 50.55
CA ARG K 33 10.96 -41.15 50.51
C ARG K 33 10.40 -41.02 51.91
N VAL K 34 9.39 -40.19 52.06
CA VAL K 34 8.63 -40.14 53.28
C VAL K 34 7.14 -39.86 52.99
N LEU K 35 6.27 -40.64 53.62
CA LEU K 35 4.82 -40.50 53.43
C LEU K 35 4.16 -40.02 54.69
N LEU K 36 3.54 -38.83 54.61
CA LEU K 36 2.91 -38.21 55.79
C LEU K 36 1.41 -38.45 55.76
N PRO K 37 0.81 -38.71 56.94
CA PRO K 37 -0.64 -38.69 57.10
C PRO K 37 -1.22 -37.28 57.00
N GLU K 38 -2.40 -37.09 57.55
CA GLU K 38 -3.03 -35.79 57.57
C GLU K 38 -2.38 -34.89 58.58
N GLY K 39 -2.22 -33.62 58.24
CA GLY K 39 -1.76 -32.61 59.19
C GLY K 39 -1.05 -31.46 58.51
N LYS K 40 -0.18 -30.77 59.26
CA LYS K 40 0.56 -29.62 58.72
C LYS K 40 2.08 -29.76 59.04
N TRP K 41 2.84 -30.19 58.03
CA TRP K 41 4.20 -30.66 58.26
C TRP K 41 5.21 -29.74 57.57
N HIS K 42 6.43 -29.70 58.10
CA HIS K 42 7.54 -29.07 57.40
C HIS K 42 8.73 -30.04 57.31
N VAL K 43 8.97 -30.56 56.12
CA VAL K 43 9.90 -31.69 55.94
C VAL K 43 11.22 -31.22 55.32
N ARG K 44 12.33 -31.71 55.86
CA ARG K 44 13.65 -31.38 55.34
C ARG K 44 14.43 -32.63 55.01
N LEU K 45 15.12 -32.61 53.87
CA LEU K 45 16.08 -33.66 53.53
C LEU K 45 17.49 -33.10 53.48
N LEU K 46 18.40 -33.72 54.24
CA LEU K 46 19.79 -33.19 54.37
C LEU K 46 20.80 -34.23 53.89
N ASP K 47 21.98 -33.77 53.51
CA ASP K 47 23.11 -34.66 53.28
C ASP K 47 23.97 -34.76 54.53
N ALA K 48 23.94 -35.92 55.17
CA ALA K 48 24.50 -36.07 56.52
C ALA K 48 26.02 -35.80 56.51
N ASP K 49 26.66 -36.06 55.37
CA ASP K 49 28.11 -35.92 55.25
C ASP K 49 28.51 -34.44 55.16
N SER K 50 27.72 -33.66 54.43
CA SER K 50 28.04 -32.25 54.18
C SER K 50 27.15 -31.32 55.04
N GLU K 51 26.07 -31.88 55.60
CA GLU K 51 25.13 -31.10 56.44
C GLU K 51 24.44 -30.02 55.61
N ASN K 52 24.46 -30.18 54.29
CA ASN K 52 23.69 -29.31 53.40
C ASN K 52 22.21 -29.66 53.41
N ILE K 53 21.36 -28.65 53.37
CA ILE K 53 19.93 -28.85 53.26
C ILE K 53 19.53 -29.07 51.79
N LEU K 54 19.33 -30.33 51.43
CA LEU K 54 19.07 -30.69 50.03
C LEU K 54 17.68 -30.22 49.59
N PHE K 55 16.68 -30.50 50.42
CA PHE K 55 15.30 -30.12 50.12
C PHE K 55 14.57 -29.68 51.36
N CYS K 56 13.60 -28.80 51.19
CA CYS K 56 12.91 -28.17 52.32
C CYS K 56 11.61 -27.52 51.86
N CYS K 57 10.49 -27.94 52.46
CA CYS K 57 9.16 -27.51 52.01
C CYS K 57 8.13 -27.65 53.13
N ASP K 58 6.96 -27.04 52.93
CA ASP K 58 5.83 -27.26 53.82
C ASP K 58 4.72 -28.00 53.09
N VAL K 59 4.33 -29.16 53.62
CA VAL K 59 3.44 -30.07 52.92
C VAL K 59 2.33 -30.57 53.84
N ASP K 60 1.13 -30.68 53.30
CA ASP K 60 0.05 -31.39 53.96
C ASP K 60 -0.17 -32.76 53.29
N LYS K 61 0.06 -33.81 54.02
CA LYS K 61 -0.28 -35.19 53.55
C LYS K 61 0.18 -35.42 52.06
N GLY K 62 1.02 -36.40 51.87
CA GLY K 62 1.39 -36.83 50.54
C GLY K 62 2.78 -37.40 50.50
N TRP K 63 3.34 -37.50 49.30
CA TRP K 63 4.70 -38.03 49.11
C TRP K 63 5.73 -36.90 49.11
N VAL K 64 6.85 -37.12 49.77
CA VAL K 64 8.01 -36.27 49.61
C VAL K 64 9.25 -37.11 49.32
N THR K 65 9.79 -36.97 48.13
CA THR K 65 10.95 -37.73 47.73
C THR K 65 12.08 -36.80 47.30
N SER K 66 13.31 -37.25 47.50
CA SER K 66 14.47 -36.53 46.98
C SER K 66 14.57 -36.69 45.48
N SER K 67 15.01 -35.62 44.81
CA SER K 67 15.18 -35.64 43.34
C SER K 67 16.36 -36.54 42.95
N LYS K 68 17.35 -36.64 43.86
CA LYS K 68 18.49 -37.53 43.66
C LYS K 68 18.14 -38.95 44.10
N LYS K 69 18.47 -39.93 43.27
CA LYS K 69 18.07 -41.30 43.51
C LYS K 69 19.30 -42.18 43.83
N TYR K 70 20.47 -41.74 43.41
CA TYR K 70 21.72 -42.46 43.68
C TYR K 70 22.08 -42.35 45.14
N PHE K 71 23.16 -43.03 45.53
CA PHE K 71 23.49 -43.18 46.94
C PHE K 71 23.82 -41.85 47.56
N VAL K 72 23.03 -41.45 48.53
CA VAL K 72 23.38 -40.35 49.39
C VAL K 72 22.97 -40.65 50.81
N ARG K 73 23.89 -40.45 51.75
CA ARG K 73 23.61 -40.66 53.16
C ARG K 73 22.59 -39.65 53.65
N PHE K 74 21.32 -39.88 53.32
CA PHE K 74 20.28 -38.89 53.52
C PHE K 74 19.99 -38.71 54.99
N ARG K 75 19.46 -37.56 55.35
CA ARG K 75 18.94 -37.34 56.68
C ARG K 75 17.58 -36.71 56.63
N ILE K 76 16.58 -37.46 57.07
CA ILE K 76 15.20 -37.02 56.95
C ILE K 76 14.73 -36.39 58.25
N GLN K 77 14.18 -35.18 58.14
CA GLN K 77 13.62 -34.49 59.30
C GLN K 77 12.19 -34.09 59.05
N VAL K 78 11.30 -34.47 59.96
CA VAL K 78 9.90 -34.08 59.87
C VAL K 78 9.53 -33.14 61.01
N PHE K 79 9.13 -31.91 60.65
CA PHE K 79 8.78 -30.90 61.64
C PHE K 79 7.24 -30.77 61.77
N ARG K 80 6.78 -30.45 62.97
CA ARG K 80 5.58 -29.65 63.14
C ARG K 80 5.83 -28.21 62.68
N GLN K 81 4.80 -27.57 62.15
CA GLN K 81 4.97 -26.36 61.35
C GLN K 81 5.26 -25.15 62.25
N GLY K 82 5.72 -25.41 63.42
CA GLY K 82 6.06 -24.36 64.35
C GLY K 82 6.97 -24.85 65.41
N GLU K 83 7.40 -26.09 65.27
CA GLU K 83 8.17 -26.73 66.28
C GLU K 83 9.61 -26.37 66.15
N GLU K 84 10.35 -26.46 67.24
CA GLU K 84 11.76 -26.24 67.22
C GLU K 84 12.50 -27.52 66.90
N THR K 85 12.16 -28.60 67.60
CA THR K 85 12.81 -29.88 67.42
C THR K 85 12.01 -30.77 66.43
N PRO K 86 12.70 -31.71 65.78
CA PRO K 86 12.07 -32.64 64.84
C PRO K 86 11.24 -33.69 65.53
N LEU K 87 10.06 -33.97 64.99
CA LEU K 87 9.30 -35.16 65.37
C LEU K 87 10.04 -36.44 64.94
N LEU K 88 10.53 -36.44 63.68
CA LEU K 88 11.32 -37.57 63.17
C LEU K 88 12.67 -37.08 62.63
N ASP K 89 13.74 -37.72 63.06
CA ASP K 89 15.09 -37.35 62.62
C ASP K 89 15.95 -38.60 62.41
N GLU K 90 15.89 -39.15 61.21
CA GLU K 90 16.49 -40.44 60.94
C GLU K 90 17.51 -40.33 59.82
N THR K 91 18.73 -40.79 60.08
CA THR K 91 19.78 -40.75 59.09
C THR K 91 20.03 -42.16 58.53
N LEU K 92 20.36 -42.23 57.24
CA LEU K 92 20.56 -43.51 56.57
C LEU K 92 21.68 -44.30 57.24
N LYS K 93 21.41 -45.55 57.58
CA LYS K 93 22.41 -46.43 58.21
C LYS K 93 22.18 -47.88 57.81
N LEU K 94 23.13 -48.45 57.07
CA LEU K 94 22.84 -49.56 56.18
C LEU K 94 23.35 -50.87 56.75
N LYS K 95 24.10 -50.79 57.86
CA LYS K 95 24.72 -51.98 58.45
C LYS K 95 23.67 -52.98 58.92
N ASP K 96 23.81 -54.23 58.48
CA ASP K 96 22.90 -55.30 58.89
C ASP K 96 21.45 -54.96 58.50
N ARG K 97 21.29 -54.28 57.37
CA ARG K 97 19.97 -53.92 56.87
C ARG K 97 19.74 -54.51 55.48
N PRO K 98 18.48 -54.76 55.13
CA PRO K 98 18.11 -55.26 53.81
C PRO K 98 18.28 -54.22 52.73
N VAL K 99 19.26 -54.42 51.86
CA VAL K 99 19.51 -53.51 50.76
C VAL K 99 19.35 -54.21 49.42
N LEU K 100 18.63 -53.58 48.50
CA LEU K 100 18.34 -54.18 47.21
C LEU K 100 19.00 -53.36 46.06
N ILE K 101 19.89 -54.00 45.31
CA ILE K 101 20.48 -53.39 44.10
C ILE K 101 19.88 -54.02 42.82
N SER K 102 19.24 -53.20 42.00
CA SER K 102 18.51 -53.69 40.83
C SER K 102 19.24 -53.32 39.56
N PHE K 103 19.79 -54.33 38.89
CA PHE K 103 20.23 -54.18 37.53
C PHE K 103 19.08 -54.48 36.56
N PRO K 104 19.18 -53.99 35.34
CA PRO K 104 18.11 -54.17 34.36
C PRO K 104 18.10 -55.64 33.95
N THR K 105 17.12 -56.07 33.17
CA THR K 105 17.08 -57.47 32.78
C THR K 105 18.18 -57.40 31.75
N GLY K 106 19.36 -57.25 32.32
CA GLY K 106 20.52 -56.63 31.75
C GLY K 106 21.32 -57.32 30.67
N THR K 107 22.02 -56.50 29.89
CA THR K 107 23.00 -56.95 28.90
C THR K 107 24.30 -57.48 29.52
N LEU K 108 25.00 -58.35 28.80
CA LEU K 108 26.16 -59.10 29.30
C LEU K 108 27.42 -58.33 29.76
N GLY K 109 27.87 -57.34 29.01
CA GLY K 109 29.05 -56.64 29.39
C GLY K 109 28.78 -55.58 30.39
N ALA K 110 27.55 -55.10 30.41
CA ALA K 110 27.15 -54.06 31.31
C ALA K 110 27.12 -54.59 32.73
N LEU K 111 26.64 -55.80 32.89
CA LEU K 111 26.51 -56.40 34.20
C LEU K 111 27.89 -56.83 34.74
N LEU K 112 28.72 -57.37 33.84
CA LEU K 112 30.09 -57.80 34.22
C LEU K 112 30.94 -56.61 34.62
N GLY K 113 30.67 -55.47 34.00
CA GLY K 113 31.39 -54.26 34.32
C GLY K 113 30.92 -53.66 35.62
N TRP K 114 29.61 -53.73 35.87
CA TRP K 114 29.00 -53.00 36.98
C TRP K 114 29.22 -53.75 38.32
N PHE K 115 29.19 -55.08 38.27
CA PHE K 115 28.80 -55.89 39.43
C PHE K 115 29.86 -55.80 40.56
N PRO K 116 31.12 -55.63 40.17
CA PRO K 116 32.21 -55.53 41.15
C PRO K 116 32.03 -54.35 42.10
N TYR K 117 31.31 -53.33 41.65
CA TYR K 117 31.02 -52.19 42.47
C TYR K 117 29.96 -52.54 43.50
N ALA K 118 29.14 -53.54 43.20
CA ALA K 118 28.08 -53.99 44.12
C ALA K 118 28.69 -54.71 45.32
N GLU K 119 29.77 -55.44 45.08
CA GLU K 119 30.46 -56.13 46.13
C GLU K 119 31.18 -55.14 47.06
N ARG K 120 31.78 -54.11 46.46
CA ARG K 120 32.44 -53.05 47.22
C ARG K 120 31.43 -52.33 48.12
N PHE K 121 30.23 -52.14 47.60
CA PHE K 121 29.17 -51.46 48.36
C PHE K 121 28.79 -52.27 49.59
N GLN K 122 28.84 -53.59 49.47
CA GLN K 122 28.48 -54.49 50.56
C GLN K 122 29.60 -54.57 51.60
N SER K 123 30.84 -54.62 51.11
CA SER K 123 32.01 -54.76 51.99
C SER K 123 32.23 -53.47 52.78
N LEU K 124 31.77 -52.36 52.23
CA LEU K 124 31.97 -51.05 52.85
C LEU K 124 30.96 -50.83 53.98
N HIS K 125 29.69 -51.16 53.70
CA HIS K 125 28.59 -50.80 54.60
C HIS K 125 28.17 -52.00 55.46
N LYS K 126 28.70 -53.17 55.12
CA LYS K 126 28.41 -54.39 55.89
C LYS K 126 26.92 -54.65 55.97
N CYS K 127 26.25 -54.55 54.82
CA CYS K 127 24.80 -54.71 54.76
C CYS K 127 24.43 -56.07 54.25
N ARG K 128 23.14 -56.39 54.31
CA ARG K 128 22.63 -57.64 53.74
C ARG K 128 22.05 -57.39 52.34
N LEU K 129 22.82 -57.76 51.32
CA LEU K 129 22.61 -57.23 49.98
C LEU K 129 21.96 -58.27 49.10
N GLU K 130 20.95 -57.85 48.33
CA GLU K 130 20.36 -58.71 47.32
C GLU K 130 20.36 -58.01 45.96
N CYS K 131 20.82 -58.72 44.93
CA CYS K 131 20.93 -58.15 43.60
C CYS K 131 19.98 -58.84 42.65
N THR K 132 19.28 -58.06 41.83
CA THR K 132 18.32 -58.60 40.88
C THR K 132 18.84 -58.50 39.45
N MET K 133 18.89 -59.64 38.76
CA MET K 133 19.37 -59.68 37.37
C MET K 133 18.84 -60.92 36.67
N SER K 134 19.20 -61.07 35.41
CA SER K 134 18.76 -62.21 34.62
C SER K 134 19.47 -63.50 35.09
N GLN K 135 18.85 -64.65 34.79
CA GLN K 135 19.21 -65.92 35.47
C GLN K 135 20.62 -66.38 35.05
N ASP K 136 20.95 -66.21 33.77
CA ASP K 136 22.22 -66.72 33.21
C ASP K 136 23.41 -66.07 33.90
N ILE K 137 23.29 -64.76 34.17
CA ILE K 137 24.35 -64.02 34.88
C ILE K 137 24.46 -64.50 36.32
N ILE K 138 23.32 -64.84 36.92
CA ILE K 138 23.29 -65.40 38.27
C ILE K 138 24.03 -66.73 38.32
N ASP K 139 23.78 -67.57 37.33
CA ASP K 139 24.44 -68.86 37.23
C ASP K 139 25.94 -68.68 37.08
N LEU K 140 26.34 -67.56 36.50
CA LEU K 140 27.74 -67.32 36.17
C LEU K 140 28.51 -66.84 37.40
N LEU K 141 27.84 -66.05 38.24
CA LEU K 141 28.55 -65.22 39.25
C LEU K 141 28.31 -65.79 40.69
N ALA K 142 27.14 -66.41 40.90
CA ALA K 142 26.58 -66.57 42.26
C ALA K 142 27.55 -67.39 43.15
N PRO K 143 28.12 -68.47 42.60
CA PRO K 143 28.97 -69.37 43.37
C PRO K 143 30.19 -68.67 43.97
N GLN K 144 30.69 -67.64 43.28
CA GLN K 144 31.94 -66.93 43.69
C GLN K 144 31.62 -65.77 44.66
N TYR K 145 30.34 -65.40 44.72
CA TYR K 145 29.90 -64.31 45.61
C TYR K 145 28.83 -64.80 46.58
N PRO K 146 29.26 -65.58 47.59
CA PRO K 146 28.34 -66.19 48.54
C PRO K 146 27.69 -65.16 49.48
N GLN K 147 28.40 -64.05 49.71
CA GLN K 147 27.95 -63.05 50.69
C GLN K 147 26.77 -62.27 50.15
N ILE K 148 26.60 -62.30 48.84
CA ILE K 148 25.52 -61.60 48.20
C ILE K 148 24.45 -62.58 47.72
N GLN K 149 23.19 -62.25 47.96
CA GLN K 149 22.08 -63.07 47.51
C GLN K 149 21.61 -62.64 46.12
N PHE K 150 21.49 -63.60 45.22
CA PHE K 150 21.07 -63.31 43.85
C PHE K 150 19.62 -63.69 43.64
N SER K 151 18.93 -62.93 42.80
CA SER K 151 17.54 -63.20 42.50
C SER K 151 17.16 -62.61 41.14
N THR K 152 16.00 -63.02 40.63
CA THR K 152 15.46 -62.43 39.42
C THR K 152 14.49 -61.30 39.76
N PRO K 153 14.30 -60.35 38.82
CA PRO K 153 13.48 -59.17 39.06
C PRO K 153 12.05 -59.51 39.52
N ASP K 154 11.51 -60.62 39.01
CA ASP K 154 10.09 -60.97 39.23
C ASP K 154 9.94 -61.75 40.56
N LYS K 155 11.05 -62.25 41.09
CA LYS K 155 11.03 -63.04 42.34
C LYS K 155 12.11 -62.55 43.31
N PRO K 156 11.92 -61.35 43.85
CA PRO K 156 12.77 -60.82 44.90
C PRO K 156 12.41 -61.37 46.29
N ARG K 157 13.43 -61.71 47.08
CA ARG K 157 13.23 -62.44 48.33
C ARG K 157 13.14 -61.47 49.51
N THR K 158 13.58 -60.22 49.30
CA THR K 158 13.40 -59.13 50.31
C THR K 158 12.17 -58.26 49.97
N VAL K 159 11.02 -58.70 50.40
CA VAL K 159 9.75 -58.02 50.06
C VAL K 159 9.75 -56.55 50.59
N ALA K 160 10.37 -56.33 51.75
CA ALA K 160 10.42 -54.97 52.38
C ALA K 160 11.89 -54.57 52.67
N PRO K 161 12.53 -53.90 51.70
CA PRO K 161 13.89 -53.52 51.81
C PRO K 161 14.06 -52.13 52.44
N TYR K 162 15.19 -51.91 53.08
CA TYR K 162 15.46 -50.64 53.77
C TYR K 162 15.89 -49.57 52.76
N ALA K 163 16.73 -49.96 51.80
CA ALA K 163 17.19 -49.04 50.76
C ALA K 163 17.33 -49.77 49.44
N THR K 164 16.98 -49.09 48.35
CA THR K 164 17.09 -49.67 47.00
C THR K 164 17.89 -48.74 46.08
N TYR K 165 18.77 -49.33 45.27
CA TYR K 165 19.55 -48.57 44.32
C TYR K 165 19.52 -49.23 42.96
N ARG K 166 19.33 -48.42 41.91
CA ARG K 166 19.03 -48.93 40.59
C ARG K 166 20.13 -48.56 39.61
N VAL K 167 21.08 -49.48 39.42
CA VAL K 167 22.23 -49.22 38.57
C VAL K 167 21.87 -49.43 37.09
N GLY K 168 22.23 -48.43 36.24
CA GLY K 168 21.94 -48.52 34.81
C GLY K 168 22.59 -47.36 34.02
N LEU K 169 22.43 -47.38 32.70
CA LEU K 169 22.73 -46.22 31.86
C LEU K 169 21.52 -45.32 31.77
N TYR K 170 21.74 -44.04 32.03
CA TYR K 170 20.69 -43.06 31.93
C TYR K 170 21.07 -41.95 30.96
N PHE K 171 20.39 -41.92 29.81
CA PHE K 171 20.80 -41.06 28.69
C PHE K 171 20.20 -39.67 28.84
N GLY K 172 20.51 -38.79 27.90
CA GLY K 172 19.95 -37.45 27.88
C GLY K 172 20.59 -36.56 28.93
N GLY K 173 21.73 -36.99 29.47
CA GLY K 173 22.47 -36.20 30.46
C GLY K 173 21.77 -36.17 31.82
N ASP K 174 21.10 -37.28 32.16
CA ASP K 174 20.39 -37.39 33.42
C ASP K 174 21.37 -37.25 34.59
N THR K 175 20.98 -36.46 35.59
CA THR K 175 21.87 -36.19 36.74
C THR K 175 21.12 -36.41 38.06
N ASN K 176 19.97 -37.08 37.98
CA ASN K 176 19.14 -37.32 39.16
C ASN K 176 19.25 -38.77 39.63
N ASN K 177 19.41 -39.69 38.68
CA ASN K 177 19.60 -41.10 38.99
C ASN K 177 21.05 -41.50 38.92
N GLN K 178 21.87 -40.59 38.41
CA GLN K 178 23.31 -40.79 38.43
C GLN K 178 24.02 -39.47 38.67
N PRO K 179 25.03 -39.47 39.53
CA PRO K 179 25.76 -38.26 39.91
C PRO K 179 26.32 -37.55 38.72
N VAL K 180 26.99 -38.30 37.85
CA VAL K 180 27.53 -37.75 36.61
C VAL K 180 27.02 -38.51 35.41
N ASP K 181 26.84 -37.82 34.31
CA ASP K 181 26.62 -38.45 33.04
C ASP K 181 27.66 -39.53 32.80
N PHE K 182 27.21 -40.70 32.39
CA PHE K 182 28.08 -41.88 32.32
C PHE K 182 29.05 -41.79 31.14
N ARG K 183 28.81 -40.82 30.26
CA ARG K 183 29.68 -40.61 29.10
C ARG K 183 30.96 -39.89 29.50
N LYS K 184 30.97 -39.34 30.72
CA LYS K 184 32.06 -38.50 31.17
C LYS K 184 33.06 -39.31 31.97
N VAL K 185 32.60 -40.42 32.54
CA VAL K 185 33.42 -41.23 33.44
C VAL K 185 33.55 -42.68 32.92
N GLY K 186 32.77 -43.02 31.90
CA GLY K 186 32.72 -44.39 31.38
C GLY K 186 31.55 -45.19 31.95
N PHE K 187 30.86 -45.93 31.08
CA PHE K 187 29.51 -46.42 31.38
C PHE K 187 29.53 -47.36 32.59
N HIS K 188 30.67 -47.99 32.83
CA HIS K 188 30.76 -49.07 33.80
C HIS K 188 31.24 -48.55 35.15
N ARG K 189 32.05 -47.50 35.11
CA ARG K 189 32.46 -46.82 36.32
C ARG K 189 31.27 -46.07 36.94
N SER K 190 30.31 -45.69 36.10
CA SER K 190 29.13 -44.94 36.57
C SER K 190 28.47 -45.63 37.73
N ALA K 191 28.44 -46.95 37.67
CA ALA K 191 27.89 -47.75 38.74
C ALA K 191 28.56 -47.40 40.06
N GLY K 192 29.88 -47.37 40.05
CA GLY K 192 30.65 -47.00 41.23
C GLY K 192 30.27 -45.62 41.76
N TYR K 193 30.06 -44.68 40.85
CA TYR K 193 29.66 -43.34 41.21
C TYR K 193 28.26 -43.35 41.84
N ILE K 194 27.38 -44.20 41.29
CA ILE K 194 25.98 -44.28 41.77
C ILE K 194 25.93 -44.84 43.19
N LEU K 195 26.82 -45.77 43.49
CA LEU K 195 26.83 -46.43 44.78
C LEU K 195 27.81 -45.74 45.74
N GLY K 196 28.51 -44.74 45.24
CA GLY K 196 29.43 -43.96 46.06
C GLY K 196 30.55 -44.82 46.63
N VAL K 197 31.20 -45.58 45.76
CA VAL K 197 32.34 -46.38 46.16
C VAL K 197 33.51 -46.11 45.24
N ASP K 198 34.61 -46.82 45.47
CA ASP K 198 35.78 -46.73 44.62
C ASP K 198 35.41 -47.00 43.15
N PRO K 199 35.51 -45.97 42.29
CA PRO K 199 34.98 -46.02 40.93
C PRO K 199 35.90 -46.81 39.98
N ARG K 200 37.10 -47.15 40.46
CA ARG K 200 38.11 -47.78 39.61
C ARG K 200 37.66 -49.16 39.17
N GLU K 201 37.93 -49.49 37.91
CA GLU K 201 37.34 -50.68 37.28
C GLU K 201 37.93 -51.94 37.86
N ALA K 202 37.17 -53.02 37.81
CA ALA K 202 37.65 -54.32 38.24
C ALA K 202 36.89 -55.43 37.54
N PRO K 203 37.55 -56.60 37.36
CA PRO K 203 36.93 -57.76 36.77
C PRO K 203 36.21 -58.61 37.78
N VAL K 204 35.10 -59.19 37.38
CA VAL K 204 34.36 -60.12 38.25
C VAL K 204 35.16 -61.42 38.45
N ARG K 205 34.83 -62.15 39.50
CA ARG K 205 35.48 -63.43 39.78
C ARG K 205 34.67 -64.58 39.18
N LEU K 206 35.32 -65.38 38.36
CA LEU K 206 34.65 -66.46 37.64
C LEU K 206 35.20 -67.83 38.06
N ASP K 207 34.59 -68.90 37.56
CA ASP K 207 35.08 -70.26 37.81
C ASP K 207 36.14 -70.64 36.77
N LEU K 208 37.40 -70.46 37.14
CA LEU K 208 38.50 -70.67 36.21
C LEU K 208 39.17 -72.01 36.45
N SER K 209 38.39 -72.98 36.95
CA SER K 209 38.93 -74.27 37.34
C SER K 209 38.88 -75.26 36.18
N ALA K 210 38.14 -74.90 35.13
CA ALA K 210 37.86 -75.82 34.04
C ALA K 210 39.16 -76.22 33.33
N PRO K 211 39.32 -77.54 33.05
CA PRO K 211 40.52 -78.08 32.41
C PRO K 211 40.54 -77.81 30.91
N ARG K 212 41.74 -77.76 30.34
CA ARG K 212 41.90 -77.46 28.93
C ARG K 212 41.36 -78.59 28.07
N VAL K 213 40.60 -78.24 27.04
CA VAL K 213 40.01 -79.23 26.14
C VAL K 213 40.81 -79.31 24.84
N ILE K 214 41.07 -78.15 24.24
CA ILE K 214 41.76 -78.09 22.97
C ILE K 214 43.26 -77.89 23.18
N GLN K 215 44.05 -78.82 22.63
CA GLN K 215 45.49 -78.90 22.95
C GLN K 215 46.25 -77.78 22.23
N GLU K 216 46.04 -77.66 20.93
CA GLU K 216 46.74 -76.67 20.12
C GLU K 216 46.42 -75.26 20.60
N PRO K 217 47.38 -74.34 20.47
CA PRO K 217 47.16 -72.90 20.72
C PRO K 217 46.08 -72.32 19.79
N TYR K 218 45.13 -71.57 20.39
CA TYR K 218 43.95 -71.09 19.63
C TYR K 218 43.55 -69.69 20.09
N VAL K 219 42.77 -68.99 19.25
CA VAL K 219 42.34 -67.64 19.53
C VAL K 219 40.83 -67.53 19.44
N CYS K 220 40.24 -66.83 20.39
CA CYS K 220 38.79 -66.59 20.38
C CYS K 220 38.48 -65.22 19.83
N ILE K 221 37.45 -65.13 18.98
CA ILE K 221 37.04 -63.85 18.40
C ILE K 221 35.52 -63.67 18.52
N ALA K 222 35.08 -62.42 18.60
CA ALA K 222 33.63 -62.09 18.65
C ALA K 222 33.29 -60.98 17.68
N THR K 223 32.84 -61.41 16.50
CA THR K 223 32.54 -60.49 15.39
C THR K 223 31.31 -59.60 15.50
N GLN K 224 30.21 -60.20 15.95
CA GLN K 224 28.90 -59.55 15.92
C GLN K 224 28.70 -58.49 16.99
N SER K 225 27.85 -57.51 16.70
CA SER K 225 27.41 -56.61 17.76
C SER K 225 25.90 -56.35 17.66
N THR K 226 25.41 -55.62 18.67
CA THR K 226 24.04 -55.12 18.74
C THR K 226 23.72 -53.98 17.78
N CYS K 227 24.66 -53.05 17.70
CA CYS K 227 24.51 -51.82 16.94
C CYS K 227 25.59 -51.80 15.89
N GLN K 228 25.22 -51.51 14.65
CA GLN K 228 26.15 -51.72 13.53
C GLN K 228 27.42 -50.89 13.73
N ALA K 229 27.31 -49.84 14.52
CA ALA K 229 28.43 -48.96 14.76
C ALA K 229 29.58 -49.71 15.45
N LYS K 230 29.23 -50.65 16.29
CA LYS K 230 30.21 -51.33 17.13
C LYS K 230 30.95 -52.40 16.32
N TYR K 231 30.36 -52.81 15.20
CA TYR K 231 30.99 -53.79 14.30
C TYR K 231 32.26 -53.23 13.69
N TRP K 232 33.14 -54.10 13.26
CA TRP K 232 34.32 -53.70 12.50
C TRP K 232 34.00 -53.63 11.02
N ASN K 233 33.69 -52.42 10.55
CA ASN K 233 33.01 -52.26 9.26
C ASN K 233 34.03 -52.11 8.11
N ASN K 234 35.28 -52.42 8.39
CA ASN K 234 36.28 -52.55 7.36
C ASN K 234 36.03 -53.76 6.50
N GLY K 235 36.29 -53.63 5.22
CA GLY K 235 35.82 -54.61 4.24
C GLY K 235 36.57 -55.93 4.34
N THR K 236 37.87 -55.84 4.59
CA THR K 236 38.73 -57.01 4.54
C THR K 236 39.41 -57.25 5.88
N GLY K 237 38.91 -56.59 6.92
CA GLY K 237 39.54 -56.61 8.24
C GLY K 237 39.63 -58.03 8.80
N TRP K 238 38.48 -58.61 9.09
CA TRP K 238 38.43 -59.87 9.81
C TRP K 238 39.11 -60.99 9.01
N SER K 239 39.01 -60.91 7.69
CA SER K 239 39.58 -61.92 6.82
C SER K 239 41.10 -61.90 6.89
N GLU K 240 41.67 -60.70 6.85
CA GLU K 240 43.13 -60.54 6.94
C GLU K 240 43.63 -60.95 8.31
N VAL K 241 42.85 -60.63 9.34
CA VAL K 241 43.24 -60.92 10.72
C VAL K 241 43.25 -62.43 10.96
N ILE K 242 42.19 -63.11 10.50
CA ILE K 242 42.08 -64.55 10.69
C ILE K 242 43.18 -65.28 9.90
N ALA K 243 43.46 -64.80 8.69
CA ALA K 243 44.51 -65.40 7.85
C ALA K 243 45.89 -65.23 8.48
N HIS K 244 46.11 -64.07 9.07
CA HIS K 244 47.36 -63.78 9.75
C HIS K 244 47.50 -64.63 11.02
N LEU K 245 46.38 -64.82 11.72
CA LEU K 245 46.36 -65.66 12.94
C LEU K 245 46.72 -67.09 12.61
N LYS K 246 46.18 -67.59 11.50
CA LYS K 246 46.44 -68.95 11.07
C LYS K 246 47.90 -69.12 10.65
N SER K 247 48.46 -68.07 10.03
CA SER K 247 49.84 -68.11 9.57
C SER K 247 50.82 -68.09 10.78
N LEU K 248 50.32 -67.70 11.95
CA LEU K 248 51.13 -67.66 13.17
C LEU K 248 50.98 -68.96 13.96
N GLY K 249 50.10 -69.84 13.48
CA GLY K 249 49.95 -71.17 14.08
C GLY K 249 48.85 -71.21 15.12
N TYR K 250 47.86 -70.32 14.97
CA TYR K 250 46.71 -70.30 15.85
C TYR K 250 45.49 -70.91 15.17
N ARG K 251 44.65 -71.58 15.95
CA ARG K 251 43.29 -71.91 15.53
C ARG K 251 42.33 -70.78 15.89
N VAL K 252 41.46 -70.43 14.97
CA VAL K 252 40.58 -69.27 15.13
C VAL K 252 39.13 -69.70 15.28
N MET K 253 38.45 -69.16 16.28
CA MET K 253 37.16 -69.68 16.70
C MET K 253 36.23 -68.55 17.10
N CYS K 254 35.05 -68.53 16.48
CA CYS K 254 34.06 -67.50 16.77
C CYS K 254 33.08 -67.99 17.84
N ILE K 255 32.89 -67.16 18.87
CA ILE K 255 32.09 -67.57 20.05
C ILE K 255 30.92 -66.61 20.27
N ASP K 256 30.54 -65.90 19.21
CA ASP K 256 29.33 -65.06 19.24
C ASP K 256 28.10 -65.91 19.43
N ARG K 257 27.06 -65.32 19.99
CA ARG K 257 25.81 -66.03 20.25
C ARG K 257 25.10 -66.37 18.94
N ASP K 258 25.13 -65.43 18.00
CA ASP K 258 24.50 -65.62 16.71
C ASP K 258 25.54 -65.70 15.61
N ALA K 259 25.31 -66.59 14.65
CA ALA K 259 26.16 -66.68 13.48
C ALA K 259 25.79 -65.60 12.47
N HIS K 260 24.50 -65.25 12.42
CA HIS K 260 24.02 -64.17 11.53
C HIS K 260 23.17 -63.18 12.31
N TYR K 261 23.50 -61.91 12.19
CA TYR K 261 22.76 -60.87 12.89
C TYR K 261 22.80 -59.57 12.12
N GLY K 262 21.68 -58.85 12.13
CA GLY K 262 21.58 -57.59 11.41
C GLY K 262 20.14 -57.19 11.15
N GLN K 263 19.94 -56.06 10.51
CA GLN K 263 18.60 -55.56 10.23
C GLN K 263 18.46 -55.20 8.77
N GLY K 264 17.22 -55.06 8.32
CA GLY K 264 16.95 -54.65 6.95
C GLY K 264 17.75 -55.45 5.93
N PHE K 265 18.68 -54.79 5.26
CA PHE K 265 19.54 -55.45 4.25
C PHE K 265 20.97 -55.60 4.77
N VAL K 266 21.29 -54.87 5.82
CA VAL K 266 22.61 -54.96 6.45
C VAL K 266 22.68 -56.16 7.36
N TRP K 267 23.46 -57.16 6.96
CA TRP K 267 23.55 -58.40 7.71
C TRP K 267 25.01 -58.82 7.90
N ASN K 268 25.36 -59.21 9.13
CA ASN K 268 26.71 -59.64 9.44
C ASN K 268 26.77 -61.15 9.74
N HIS K 269 27.74 -61.84 9.12
CA HIS K 269 27.85 -63.29 9.26
C HIS K 269 29.19 -63.67 9.86
N ILE K 270 29.25 -64.84 10.49
CA ILE K 270 30.50 -65.38 10.99
C ILE K 270 31.51 -65.54 9.85
N PRO K 271 32.65 -64.87 9.97
CA PRO K 271 33.63 -64.77 8.88
C PRO K 271 34.10 -66.12 8.39
N TRP K 272 34.38 -66.22 7.10
CA TRP K 272 34.87 -67.47 6.52
C TRP K 272 36.25 -67.78 7.04
N GLY K 273 36.46 -69.02 7.45
CA GLY K 273 37.75 -69.45 7.94
C GLY K 273 37.77 -69.61 9.45
N ALA K 274 36.83 -68.95 10.11
CA ALA K 274 36.67 -69.06 11.56
C ALA K 274 35.81 -70.26 11.90
N GLU K 275 36.20 -70.98 12.94
CA GLU K 275 35.47 -72.17 13.36
C GLU K 275 34.17 -71.79 14.03
N ASP K 276 33.15 -72.62 13.84
CA ASP K 276 31.81 -72.31 14.32
C ASP K 276 31.61 -72.83 15.72
N PHE K 277 31.84 -71.96 16.69
CA PHE K 277 31.49 -72.25 18.07
C PHE K 277 30.39 -71.32 18.56
N THR K 278 29.51 -70.94 17.65
CA THR K 278 28.43 -70.00 17.97
C THR K 278 27.28 -70.72 18.65
N GLY K 279 26.24 -69.98 18.99
CA GLY K 279 25.01 -70.56 19.55
C GLY K 279 24.69 -70.01 20.93
N LYS K 280 23.50 -70.31 21.41
CA LYS K 280 23.06 -69.85 22.73
C LYS K 280 23.46 -70.86 23.81
N LEU K 281 24.72 -70.81 24.22
CA LEU K 281 25.21 -71.68 25.27
C LEU K 281 25.28 -70.94 26.58
N PRO K 282 25.29 -71.69 27.69
CA PRO K 282 25.54 -71.12 29.03
C PRO K 282 26.91 -70.49 29.14
N LEU K 283 26.99 -69.36 29.84
CA LEU K 283 28.16 -68.52 29.79
C LEU K 283 29.36 -69.26 30.35
N GLN K 284 29.11 -70.19 31.26
CA GLN K 284 30.17 -70.91 31.93
C GLN K 284 31.02 -71.67 30.92
N GLU K 285 30.37 -72.22 29.89
CA GLU K 285 31.08 -72.94 28.81
C GLU K 285 31.98 -71.99 28.03
N ARG K 286 31.48 -70.77 27.81
CA ARG K 286 32.24 -69.75 27.12
C ARG K 286 33.47 -69.38 27.93
N VAL K 287 33.30 -69.30 29.25
CA VAL K 287 34.41 -69.03 30.15
C VAL K 287 35.44 -70.14 30.07
N ASN K 288 34.95 -71.38 30.04
CA ASN K 288 35.83 -72.53 30.00
C ASN K 288 36.67 -72.55 28.73
N LEU K 289 36.07 -72.17 27.62
CA LEU K 289 36.76 -72.15 26.34
C LEU K 289 37.74 -70.97 26.28
N LEU K 290 37.33 -69.84 26.86
CA LEU K 290 38.07 -68.60 26.73
C LEU K 290 39.33 -68.64 27.56
N ARG K 291 39.27 -69.34 28.70
CA ARG K 291 40.36 -69.32 29.69
C ARG K 291 41.67 -69.78 29.05
N HIS K 292 41.62 -70.88 28.32
CA HIS K 292 42.82 -71.53 27.83
C HIS K 292 43.19 -71.01 26.44
N ALA K 293 42.45 -70.00 25.99
CA ALA K 293 42.79 -69.34 24.73
C ALA K 293 44.04 -68.49 24.89
N SER K 294 44.81 -68.36 23.81
CA SER K 294 46.05 -67.60 23.83
C SER K 294 45.77 -66.11 23.97
N PHE K 295 44.76 -65.62 23.23
CA PHE K 295 44.16 -64.33 23.53
C PHE K 295 42.82 -64.18 22.80
N PHE K 296 42.18 -63.01 22.99
CA PHE K 296 40.83 -62.79 22.48
C PHE K 296 40.77 -61.49 21.67
N ILE K 297 40.10 -61.54 20.53
CA ILE K 297 39.93 -60.35 19.69
C ILE K 297 38.47 -60.05 19.48
N GLY K 298 38.02 -58.91 20.00
CA GLY K 298 36.60 -58.67 20.24
C GLY K 298 36.20 -57.25 19.94
N LEU K 299 34.90 -57.00 19.94
CA LEU K 299 34.40 -55.66 19.89
C LEU K 299 34.09 -55.16 21.31
N PRO K 300 33.52 -53.95 21.42
CA PRO K 300 33.12 -53.39 22.71
C PRO K 300 31.93 -54.11 23.33
N SER K 301 31.42 -55.14 22.63
CA SER K 301 30.34 -55.99 23.17
C SER K 301 30.81 -56.74 24.43
N GLY K 302 29.92 -57.50 25.03
CA GLY K 302 30.12 -58.04 26.37
C GLY K 302 31.22 -59.09 26.40
N LEU K 303 31.27 -59.89 25.35
CA LEU K 303 32.19 -61.01 25.31
C LEU K 303 33.61 -60.55 25.55
N SER K 304 33.86 -59.26 25.31
CA SER K 304 35.17 -58.66 25.59
C SER K 304 35.37 -58.47 27.08
N TRP K 305 34.27 -58.24 27.79
CA TRP K 305 34.31 -58.13 29.25
C TRP K 305 34.45 -59.50 29.89
N LEU K 306 33.80 -60.49 29.31
CA LEU K 306 33.91 -61.86 29.77
C LEU K 306 35.31 -62.38 29.54
N ALA K 307 35.89 -62.02 28.40
CA ALA K 307 37.27 -62.43 28.08
C ALA K 307 38.27 -61.73 28.98
N TRP K 308 37.95 -60.51 29.38
CA TRP K 308 38.77 -59.77 30.32
C TRP K 308 38.82 -60.47 31.67
N ALA K 309 37.66 -61.01 32.09
CA ALA K 309 37.52 -61.56 33.45
C ALA K 309 38.17 -62.94 33.54
N THR K 310 38.46 -63.53 32.38
CA THR K 310 39.11 -64.83 32.33
C THR K 310 40.64 -64.67 32.29
N ARG K 311 41.10 -63.43 32.44
CA ARG K 311 42.53 -63.15 32.63
C ARG K 311 43.33 -63.59 31.38
N ILE K 312 42.81 -63.25 30.21
CA ILE K 312 43.55 -63.43 28.97
C ILE K 312 43.65 -62.12 28.22
N PRO K 313 44.74 -61.92 27.49
CA PRO K 313 44.96 -60.71 26.70
C PRO K 313 43.80 -60.42 25.78
N VAL K 314 43.33 -59.17 25.80
CA VAL K 314 42.16 -58.79 25.03
C VAL K 314 42.50 -57.70 24.05
N VAL K 315 42.47 -58.03 22.77
CA VAL K 315 42.51 -57.02 21.72
C VAL K 315 41.09 -56.52 21.42
N LEU K 316 40.84 -55.25 21.74
CA LEU K 316 39.50 -54.68 21.59
C LEU K 316 39.48 -53.68 20.42
N ILE K 317 38.70 -54.01 19.39
CA ILE K 317 38.61 -53.16 18.20
C ILE K 317 37.34 -52.33 18.24
N SER K 318 37.51 -51.01 18.41
CA SER K 318 36.38 -50.10 18.45
C SER K 318 36.81 -48.70 18.11
N GLY K 319 36.00 -48.01 17.31
CA GLY K 319 36.23 -46.62 17.00
C GLY K 319 35.09 -45.73 17.44
N PHE K 320 33.92 -46.33 17.65
CA PHE K 320 32.72 -45.58 18.01
C PHE K 320 32.71 -45.24 19.52
N SER K 321 33.73 -45.71 20.23
CA SER K 321 33.93 -45.32 21.61
C SER K 321 35.39 -45.02 21.87
N LEU K 322 35.65 -44.07 22.76
CA LEU K 322 37.03 -43.69 23.09
C LEU K 322 37.72 -44.80 23.87
N PRO K 323 39.07 -44.80 23.85
CA PRO K 323 39.85 -45.87 24.48
C PRO K 323 39.55 -46.02 25.99
N ASN K 324 39.16 -44.92 26.63
CA ASN K 324 38.95 -44.91 28.08
C ASN K 324 37.51 -45.23 28.45
N SER K 325 36.71 -45.56 27.45
CA SER K 325 35.28 -45.83 27.66
C SER K 325 35.09 -47.20 28.24
N GLU K 326 35.97 -48.12 27.87
CA GLU K 326 35.94 -49.49 28.41
C GLU K 326 37.11 -49.72 29.36
N PHE K 327 37.35 -50.99 29.72
CA PHE K 327 38.50 -51.36 30.52
C PHE K 327 39.79 -51.10 29.77
N TYR K 328 40.87 -50.93 30.50
CA TYR K 328 42.18 -50.71 29.90
C TYR K 328 42.72 -51.98 29.32
N THR K 329 43.31 -51.88 28.15
CA THR K 329 44.11 -52.95 27.61
C THR K 329 45.11 -52.41 26.60
N PRO K 330 46.39 -52.80 26.75
CA PRO K 330 47.46 -52.29 25.90
C PRO K 330 47.29 -52.69 24.45
N TRP K 331 46.34 -53.56 24.19
CA TRP K 331 46.09 -54.04 22.85
C TRP K 331 44.83 -53.42 22.29
N ARG K 332 44.53 -52.20 22.73
CA ARG K 332 43.37 -51.49 22.22
C ARG K 332 43.65 -50.91 20.84
N VAL K 333 42.75 -51.17 19.91
CA VAL K 333 42.88 -50.66 18.55
C VAL K 333 41.93 -49.52 18.31
N PHE K 334 42.45 -48.41 17.80
CA PHE K 334 41.69 -47.16 17.73
C PHE K 334 42.30 -46.23 16.69
N ASN K 335 41.45 -45.57 15.90
CA ASN K 335 41.91 -44.66 14.84
C ASN K 335 41.32 -43.29 15.00
N SER K 336 42.18 -42.27 14.95
CA SER K 336 41.84 -40.94 15.45
C SER K 336 41.88 -39.91 14.33
N HIS K 337 41.82 -40.39 13.09
CA HIS K 337 42.01 -39.53 11.91
C HIS K 337 40.65 -39.17 11.27
N GLY K 338 39.61 -39.94 11.62
CA GLY K 338 38.24 -39.68 11.11
C GLY K 338 37.24 -39.49 12.24
N CYS K 339 35.94 -39.65 11.92
CA CYS K 339 34.89 -39.75 12.97
C CYS K 339 35.28 -40.79 14.02
N TYR K 340 35.03 -40.46 15.30
CA TYR K 340 35.22 -41.42 16.39
C TYR K 340 34.53 -40.94 17.64
N GLY K 341 34.19 -41.88 18.51
CA GLY K 341 33.56 -41.55 19.77
C GLY K 341 32.17 -40.97 19.59
N CYS K 342 31.43 -41.51 18.62
CA CYS K 342 29.99 -41.26 18.51
C CYS K 342 29.29 -41.46 19.93
N TRP K 343 29.89 -42.32 20.76
CA TRP K 343 29.18 -42.88 21.94
C TRP K 343 29.43 -42.02 23.17
N ASP K 344 30.58 -41.35 23.19
CA ASP K 344 31.02 -40.64 24.37
C ASP K 344 30.63 -39.17 24.31
N ASP K 345 30.20 -38.72 23.13
CA ASP K 345 29.89 -37.30 22.90
C ASP K 345 28.61 -36.90 23.61
N THR K 346 28.70 -35.88 24.45
CA THR K 346 27.58 -35.50 25.32
C THR K 346 26.59 -34.62 24.56
N SER K 347 26.98 -34.17 23.37
CA SER K 347 26.13 -33.33 22.54
C SER K 347 25.22 -34.21 21.67
N LEU K 348 25.55 -35.50 21.58
CA LEU K 348 24.74 -36.44 20.80
C LEU K 348 23.95 -37.38 21.71
N ASN K 349 23.02 -38.14 21.12
CA ASN K 349 22.15 -39.03 21.89
C ASN K 349 21.96 -40.37 21.19
N PHE K 350 22.12 -41.46 21.94
CA PHE K 350 22.07 -42.80 21.38
C PHE K 350 20.62 -43.19 21.06
N ASP K 351 20.41 -43.75 19.87
CA ASP K 351 19.10 -44.22 19.46
C ASP K 351 19.00 -45.75 19.64
N HIS K 352 18.07 -46.19 20.50
CA HIS K 352 17.96 -47.62 20.85
C HIS K 352 17.18 -48.36 19.76
N HIS K 353 16.46 -47.62 18.93
CA HIS K 353 15.58 -48.21 17.95
C HIS K 353 16.22 -48.20 16.57
N ASP K 354 17.37 -47.54 16.46
CA ASP K 354 18.06 -47.43 15.19
C ASP K 354 19.31 -48.30 15.20
N PHE K 355 19.30 -49.33 14.38
CA PHE K 355 20.41 -50.26 14.31
C PHE K 355 21.58 -49.64 13.52
N LEU K 356 21.24 -48.84 12.50
CA LEU K 356 22.27 -48.20 11.64
C LEU K 356 22.59 -46.82 12.13
N TRP K 357 22.87 -46.70 13.40
CA TRP K 357 23.07 -45.41 14.03
C TRP K 357 24.53 -44.95 13.87
N CYS K 358 24.74 -43.89 13.05
CA CYS K 358 25.88 -42.91 13.28
C CYS K 358 25.43 -41.49 13.03
N PRO K 359 25.34 -40.70 14.11
CA PRO K 359 24.55 -39.46 14.12
C PRO K 359 25.07 -38.41 13.15
N ARG K 360 26.37 -38.46 12.87
CA ARG K 360 27.06 -37.35 12.21
C ARG K 360 27.26 -37.64 10.69
N HIS K 361 27.11 -38.91 10.30
CA HIS K 361 27.52 -39.37 8.96
C HIS K 361 26.66 -40.54 8.48
N LYS K 362 25.42 -40.59 8.94
CA LYS K 362 24.45 -41.59 8.47
C LYS K 362 23.99 -41.28 7.07
N ASN K 363 23.86 -42.32 6.25
CA ASN K 363 23.40 -42.16 4.87
C ASN K 363 24.31 -41.21 4.08
N THR K 364 25.60 -41.25 4.38
CA THR K 364 26.61 -40.56 3.57
C THR K 364 27.72 -41.51 3.19
N ASP K 365 28.73 -40.98 2.49
CA ASP K 365 29.86 -41.80 2.04
C ASP K 365 30.69 -42.25 3.23
N ARG K 366 30.63 -41.49 4.31
CA ARG K 366 31.57 -41.65 5.42
C ARG K 366 30.90 -42.35 6.60
N GLN K 367 29.78 -43.00 6.34
CA GLN K 367 29.05 -43.71 7.38
C GLN K 367 29.89 -44.81 7.97
N PHE K 368 29.88 -44.92 9.29
CA PHE K 368 30.72 -45.88 9.99
C PHE K 368 32.16 -45.77 9.53
N GLU K 369 32.59 -44.55 9.22
CA GLU K 369 34.01 -44.24 9.14
C GLU K 369 34.70 -44.49 10.47
N CYS K 370 33.91 -44.55 11.54
CA CYS K 370 34.44 -44.74 12.87
C CYS K 370 35.40 -45.99 12.90
N THR K 371 35.06 -47.02 12.12
CA THR K 371 35.73 -48.32 12.23
C THR K 371 36.43 -48.69 10.90
N ARG K 372 36.00 -48.04 9.82
CA ARG K 372 36.48 -48.38 8.47
C ARG K 372 37.95 -48.03 8.31
N LEU K 373 38.39 -47.03 9.08
CA LEU K 373 39.80 -46.58 9.01
C LEU K 373 40.71 -47.56 9.77
N ILE K 374 40.11 -48.42 10.57
CA ILE K 374 40.84 -49.48 11.25
C ILE K 374 41.09 -50.65 10.30
N THR K 375 42.27 -50.67 9.68
CA THR K 375 42.60 -51.66 8.66
C THR K 375 43.12 -52.92 9.28
N GLY K 376 43.13 -53.99 8.49
CA GLY K 376 43.63 -55.26 8.97
C GLY K 376 45.09 -55.20 9.35
N ALA K 377 45.85 -54.35 8.66
CA ALA K 377 47.28 -54.23 8.90
C ALA K 377 47.54 -53.64 10.29
N GLN K 378 46.69 -52.72 10.70
CA GLN K 378 46.79 -52.11 12.03
C GLN K 378 46.58 -53.15 13.11
N VAL K 379 45.47 -53.87 13.02
CA VAL K 379 45.14 -54.87 14.01
C VAL K 379 46.17 -55.98 14.03
N ASN K 380 46.71 -56.31 12.85
CA ASN K 380 47.73 -57.37 12.72
C ASN K 380 49.07 -56.92 13.30
N GLY K 381 49.31 -55.62 13.29
CA GLY K 381 50.46 -55.05 13.97
C GLY K 381 50.36 -55.20 15.47
N VAL K 382 49.20 -54.86 16.02
CA VAL K 382 48.92 -55.08 17.44
C VAL K 382 49.07 -56.56 17.79
N ILE K 383 48.52 -57.42 16.95
CA ILE K 383 48.57 -58.88 17.17
C ILE K 383 50.03 -59.36 17.14
N ASN K 384 50.85 -58.73 16.28
CA ASN K 384 52.28 -59.08 16.18
C ASN K 384 53.05 -58.72 17.44
N LYS K 385 52.72 -57.57 18.01
CA LYS K 385 53.31 -57.15 19.28
C LYS K 385 52.89 -58.10 20.40
N LEU K 386 51.61 -58.42 20.45
CA LEU K 386 51.07 -59.27 21.50
C LEU K 386 51.61 -60.69 21.38
N HIS K 387 51.85 -61.12 20.15
CA HIS K 387 52.35 -62.48 19.89
C HIS K 387 53.80 -62.60 20.34
N ARG K 388 54.60 -61.60 20.01
CA ARG K 388 56.00 -61.58 20.43
C ARG K 388 56.11 -61.47 21.94
N SER K 389 55.18 -60.74 22.55
CA SER K 389 55.15 -60.56 23.99
C SER K 389 54.81 -61.88 24.70
N LEU K 390 54.01 -62.71 24.03
CA LEU K 390 53.57 -63.99 24.60
C LEU K 390 54.66 -65.05 24.46
N THR K 391 55.30 -65.08 23.29
CA THR K 391 56.32 -66.06 23.02
C THR K 391 57.57 -65.80 23.86
N GLU K 392 57.87 -64.51 24.07
CA GLU K 392 59.09 -64.12 24.82
C GLU K 392 58.84 -64.13 26.35
N GLN K 393 58.03 -63.16 26.82
CA GLN K 393 57.68 -63.06 28.28
C GLN K 393 56.33 -63.71 28.57
N ILE L 10 -59.33 35.18 -10.45
CA ILE L 10 -58.33 34.56 -11.36
C ILE L 10 -58.40 33.06 -11.29
N THR L 11 -59.02 32.55 -10.25
CA THR L 11 -59.26 31.14 -10.11
C THR L 11 -60.37 30.68 -11.07
N PRO L 12 -60.09 29.67 -11.90
CA PRO L 12 -61.11 29.04 -12.72
C PRO L 12 -62.16 28.32 -11.87
N PRO L 13 -63.40 28.21 -12.40
CA PRO L 13 -64.49 27.49 -11.72
C PRO L 13 -64.10 26.06 -11.35
N ASP L 14 -64.45 25.65 -10.12
CA ASP L 14 -64.13 24.29 -9.64
C ASP L 14 -64.84 23.24 -10.47
N THR L 15 -65.98 23.62 -11.07
CA THR L 15 -66.71 22.74 -11.97
C THR L 15 -66.87 23.40 -13.38
N PRO L 16 -66.50 22.65 -14.45
CA PRO L 16 -66.60 23.13 -15.83
C PRO L 16 -68.00 23.69 -16.15
N THR L 17 -68.04 24.74 -16.97
CA THR L 17 -69.23 25.59 -17.08
C THR L 17 -70.22 25.01 -18.09
N GLN L 18 -69.73 24.18 -19.00
CA GLN L 18 -70.54 23.63 -20.08
C GLN L 18 -70.99 22.20 -19.75
N ALA L 19 -72.27 21.92 -19.97
CA ALA L 19 -72.83 20.60 -19.69
C ALA L 19 -72.76 19.73 -20.94
N GLY L 20 -72.15 18.56 -20.79
CA GLY L 20 -72.18 17.55 -21.85
C GLY L 20 -73.10 16.39 -21.49
N PRO L 21 -73.47 15.59 -22.51
CA PRO L 21 -74.33 14.43 -22.29
C PRO L 21 -73.76 13.46 -21.23
N GLU L 22 -74.64 12.72 -20.58
CA GLU L 22 -74.22 11.70 -19.59
C GLU L 22 -73.29 12.31 -18.51
N ASN L 23 -73.69 13.48 -18.01
CA ASN L 23 -73.05 14.06 -16.82
C ASN L 23 -71.55 14.26 -17.02
N ILE L 24 -71.17 14.68 -18.22
CA ILE L 24 -69.79 15.11 -18.49
C ILE L 24 -69.72 16.63 -18.62
N PHE L 25 -68.74 17.23 -17.97
CA PHE L 25 -68.62 18.69 -17.94
C PHE L 25 -67.31 19.12 -18.61
N TYR L 26 -67.44 19.96 -19.65
CA TYR L 26 -66.27 20.44 -20.39
C TYR L 26 -66.19 21.98 -20.35
N ASP L 27 -65.02 22.52 -20.69
CA ASP L 27 -64.63 23.86 -20.26
C ASP L 27 -63.38 24.33 -21.00
N PHE L 28 -63.25 25.64 -21.19
CA PHE L 28 -62.11 26.21 -21.91
C PHE L 28 -61.46 27.35 -21.10
N ASN L 29 -61.76 27.38 -19.80
CA ASN L 29 -60.98 28.16 -18.84
C ASN L 29 -59.73 27.41 -18.41
N ASP L 30 -58.61 28.11 -18.36
CA ASP L 30 -57.30 27.46 -18.07
C ASP L 30 -57.04 26.30 -19.05
N GLY L 31 -57.00 26.62 -20.33
CA GLY L 31 -56.90 25.60 -21.36
C GLY L 31 -58.18 24.82 -21.51
N ALA L 32 -58.13 23.77 -22.32
CA ALA L 32 -59.27 22.89 -22.49
C ALA L 32 -59.34 21.88 -21.38
N ARG L 33 -60.37 22.01 -20.53
CA ARG L 33 -60.60 21.05 -19.43
C ARG L 33 -61.84 20.20 -19.70
N VAL L 34 -61.81 18.96 -19.24
CA VAL L 34 -62.99 18.12 -19.22
C VAL L 34 -63.03 17.25 -17.94
N LEU L 35 -64.18 17.27 -17.26
CA LEU L 35 -64.35 16.48 -16.05
C LEU L 35 -65.30 15.31 -16.29
N LEU L 36 -64.79 14.09 -16.14
CA LEU L 36 -65.59 12.88 -16.35
C LEU L 36 -66.09 12.32 -15.02
N PRO L 37 -67.34 11.80 -15.01
CA PRO L 37 -67.84 11.01 -13.89
C PRO L 37 -67.16 9.62 -13.80
N GLU L 38 -67.92 8.62 -13.36
CA GLU L 38 -67.42 7.27 -13.27
C GLU L 38 -67.61 6.53 -14.62
N GLY L 39 -66.66 5.67 -14.96
CA GLY L 39 -66.77 4.82 -16.14
C GLY L 39 -65.41 4.51 -16.75
N LYS L 40 -65.41 4.16 -18.02
CA LYS L 40 -64.17 3.87 -18.74
C LYS L 40 -64.11 4.66 -20.07
N TRP L 41 -63.28 5.71 -20.09
CA TRP L 41 -63.33 6.69 -21.15
C TRP L 41 -62.01 6.71 -21.94
N HIS L 42 -62.09 7.15 -23.19
CA HIS L 42 -60.90 7.48 -23.97
C HIS L 42 -61.01 8.90 -24.55
N VAL L 43 -60.23 9.83 -23.98
CA VAL L 43 -60.42 11.26 -24.25
C VAL L 43 -59.32 11.79 -25.19
N ARG L 44 -59.73 12.56 -26.20
CA ARG L 44 -58.80 13.15 -27.16
C ARG L 44 -58.95 14.66 -27.21
N LEU L 45 -57.83 15.36 -27.21
CA LEU L 45 -57.82 16.79 -27.50
C LEU L 45 -57.10 17.07 -28.83
N LEU L 46 -57.77 17.78 -29.73
CA LEU L 46 -57.24 18.04 -31.06
C LEU L 46 -57.14 19.52 -31.32
N ASP L 47 -56.27 19.89 -32.25
CA ASP L 47 -56.26 21.24 -32.79
C ASP L 47 -57.12 21.31 -34.06
N ALA L 48 -58.25 21.99 -33.96
CA ALA L 48 -59.27 21.95 -35.01
C ALA L 48 -58.72 22.50 -36.33
N ASP L 49 -57.79 23.45 -36.22
CA ASP L 49 -57.23 24.11 -37.42
C ASP L 49 -56.29 23.17 -38.16
N SER L 50 -55.46 22.45 -37.40
CA SER L 50 -54.43 21.59 -38.00
C SER L 50 -54.84 20.11 -37.94
N GLU L 51 -55.89 19.81 -37.18
CA GLU L 51 -56.42 18.43 -37.08
C GLU L 51 -55.39 17.50 -36.42
N ASN L 52 -54.37 18.09 -35.81
CA ASN L 52 -53.39 17.33 -35.03
C ASN L 52 -53.99 16.84 -33.72
N ILE L 53 -53.66 15.60 -33.36
CA ILE L 53 -54.05 15.06 -32.06
C ILE L 53 -53.08 15.53 -30.97
N LEU L 54 -53.47 16.55 -30.22
CA LEU L 54 -52.60 17.17 -29.23
C LEU L 54 -52.38 16.22 -28.05
N PHE L 55 -53.47 15.64 -27.54
CA PHE L 55 -53.40 14.74 -26.38
C PHE L 55 -54.39 13.58 -26.53
N CYS L 56 -54.03 12.44 -25.94
CA CYS L 56 -54.84 11.24 -26.08
C CYS L 56 -54.48 10.23 -24.99
N CYS L 57 -55.47 9.83 -24.21
CA CYS L 57 -55.24 8.94 -23.06
C CYS L 57 -56.51 8.16 -22.72
N ASP L 58 -56.34 7.04 -22.00
CA ASP L 58 -57.45 6.32 -21.43
C ASP L 58 -57.56 6.62 -19.94
N VAL L 59 -58.69 7.21 -19.54
CA VAL L 59 -58.89 7.63 -18.15
C VAL L 59 -60.24 7.17 -17.64
N ASP L 60 -60.28 6.75 -16.39
CA ASP L 60 -61.49 6.24 -15.78
C ASP L 60 -62.29 7.38 -15.17
N LYS L 61 -61.62 8.25 -14.44
CA LYS L 61 -62.29 9.30 -13.69
C LYS L 61 -61.30 10.43 -13.35
N GLY L 62 -61.78 11.65 -13.39
CA GLY L 62 -61.00 12.79 -12.90
C GLY L 62 -60.88 13.88 -13.94
N TRP L 63 -59.83 14.69 -13.82
CA TRP L 63 -59.64 15.83 -14.70
C TRP L 63 -58.77 15.46 -15.89
N VAL L 64 -59.09 16.01 -17.06
CA VAL L 64 -58.19 15.99 -18.20
C VAL L 64 -58.05 17.39 -18.81
N THR L 65 -56.84 17.96 -18.71
CA THR L 65 -56.60 19.30 -19.21
C THR L 65 -55.47 19.28 -20.24
N SER L 66 -55.53 20.22 -21.18
CA SER L 66 -54.43 20.43 -22.13
C SER L 66 -53.26 21.11 -21.45
N SER L 67 -52.04 20.69 -21.81
CA SER L 67 -50.82 21.30 -21.24
C SER L 67 -50.66 22.74 -21.74
N LYS L 68 -51.23 23.03 -22.92
CA LYS L 68 -51.22 24.38 -23.48
C LYS L 68 -52.41 25.20 -22.95
N LYS L 69 -52.13 26.42 -22.48
CA LYS L 69 -53.15 27.24 -21.82
C LYS L 69 -53.52 28.46 -22.67
N TYR L 70 -52.62 28.82 -23.60
CA TYR L 70 -52.89 29.94 -24.52
C TYR L 70 -53.91 29.54 -25.57
N PHE L 71 -54.29 30.50 -26.42
CA PHE L 71 -55.42 30.31 -27.32
C PHE L 71 -55.13 29.21 -28.33
N VAL L 72 -55.91 28.15 -28.26
CA VAL L 72 -55.94 27.16 -29.33
C VAL L 72 -57.35 26.69 -29.58
N ARG L 73 -57.78 26.74 -30.84
CA ARG L 73 -59.11 26.29 -31.20
C ARG L 73 -59.25 24.80 -30.94
N PHE L 74 -59.48 24.45 -29.67
CA PHE L 74 -59.43 23.06 -29.25
C PHE L 74 -60.62 22.30 -29.78
N ARG L 75 -60.45 20.99 -29.93
CA ARG L 75 -61.56 20.11 -30.23
C ARG L 75 -61.57 18.92 -29.29
N ILE L 76 -62.54 18.89 -28.38
CA ILE L 76 -62.58 17.88 -27.34
C ILE L 76 -63.43 16.69 -27.79
N GLN L 77 -62.86 15.49 -27.70
CA GLN L 77 -63.58 14.26 -28.03
C GLN L 77 -63.55 13.29 -26.86
N VAL L 78 -64.73 12.90 -26.39
CA VAL L 78 -64.85 11.89 -25.36
C VAL L 78 -65.40 10.58 -25.93
N PHE L 79 -64.58 9.54 -25.89
CA PHE L 79 -64.99 8.23 -26.34
C PHE L 79 -65.45 7.36 -25.14
N ARG L 80 -66.38 6.44 -25.39
CA ARG L 80 -66.33 5.10 -24.79
C ARG L 80 -65.21 4.27 -25.42
N GLN L 81 -64.64 3.39 -24.64
CA GLN L 81 -63.45 2.65 -25.06
C GLN L 81 -63.79 1.70 -26.33
N GLY L 82 -64.38 2.31 -27.40
CA GLY L 82 -64.63 1.56 -28.72
C GLY L 82 -65.60 2.39 -29.73
N GLU L 83 -65.24 2.40 -31.07
CA GLU L 83 -65.68 3.55 -32.05
C GLU L 83 -65.97 4.82 -31.30
N THR L 85 -69.82 5.50 -32.25
CA THR L 85 -69.49 6.91 -32.44
C THR L 85 -69.07 7.56 -31.13
N PRO L 86 -68.36 8.68 -31.23
CA PRO L 86 -67.89 9.40 -30.05
C PRO L 86 -69.06 9.96 -29.24
N LEU L 87 -68.94 9.92 -27.91
CA LEU L 87 -69.98 10.43 -27.03
C LEU L 87 -70.07 11.95 -27.10
N LEU L 88 -68.93 12.62 -26.94
CA LEU L 88 -68.88 14.06 -26.98
C LEU L 88 -67.85 14.53 -28.03
N ASP L 89 -68.24 15.53 -28.83
CA ASP L 89 -67.35 16.10 -29.86
C ASP L 89 -67.61 17.59 -30.05
N GLU L 90 -66.94 18.40 -29.23
CA GLU L 90 -67.22 19.83 -29.19
C GLU L 90 -65.97 20.63 -29.56
N THR L 91 -66.10 21.54 -30.51
CA THR L 91 -65.02 22.40 -30.91
C THR L 91 -65.23 23.84 -30.38
N LEU L 92 -64.13 24.48 -29.96
CA LEU L 92 -64.20 25.83 -29.39
C LEU L 92 -64.88 26.81 -30.37
N LYS L 93 -65.88 27.54 -29.89
CA LYS L 93 -66.59 28.53 -30.72
C LYS L 93 -67.09 29.70 -29.87
N LEU L 94 -66.52 30.88 -30.10
CA LEU L 94 -66.44 31.90 -29.07
C LEU L 94 -67.47 33.02 -29.33
N LYS L 95 -68.15 32.95 -30.47
CA LYS L 95 -69.06 34.02 -30.90
C LYS L 95 -70.24 34.14 -29.94
N ASP L 96 -70.46 35.35 -29.41
CA ASP L 96 -71.60 35.62 -28.51
C ASP L 96 -71.50 34.77 -27.23
N ARG L 97 -70.26 34.45 -26.85
CA ARG L 97 -70.03 33.67 -25.64
C ARG L 97 -69.28 34.50 -24.59
N PRO L 98 -69.46 34.15 -23.30
CA PRO L 98 -68.74 34.80 -22.20
C PRO L 98 -67.26 34.43 -22.16
N VAL L 99 -66.40 35.37 -22.55
CA VAL L 99 -64.96 35.14 -22.53
C VAL L 99 -64.29 36.07 -21.50
N LEU L 100 -63.40 35.52 -20.70
CA LEU L 100 -62.76 36.25 -19.64
C LEU L 100 -61.25 36.34 -19.86
N ILE L 101 -60.75 37.56 -20.07
CA ILE L 101 -59.30 37.80 -20.18
C ILE L 101 -58.76 38.41 -18.90
N SER L 102 -57.80 37.74 -18.28
CA SER L 102 -57.32 38.11 -16.96
C SER L 102 -55.90 38.65 -17.03
N PHE L 103 -55.76 39.94 -16.78
CA PHE L 103 -54.46 40.52 -16.54
C PHE L 103 -54.14 40.52 -15.06
N PRO L 104 -52.85 40.51 -14.75
CA PRO L 104 -52.34 40.57 -13.40
C PRO L 104 -52.49 41.98 -12.84
N THR L 105 -51.51 42.44 -12.08
CA THR L 105 -51.54 43.79 -11.54
C THR L 105 -50.28 44.04 -10.74
N GLY L 106 -49.79 45.27 -10.74
CA GLY L 106 -50.32 46.36 -11.52
C GLY L 106 -49.20 46.96 -12.31
N THR L 107 -49.36 47.03 -13.63
CA THR L 107 -48.30 47.62 -14.44
C THR L 107 -48.85 48.10 -15.79
N GLY L 109 -47.67 49.86 -17.81
CA GLY L 109 -47.20 49.89 -19.18
C GLY L 109 -47.44 48.56 -19.87
N ALA L 110 -47.24 47.47 -19.15
CA ALA L 110 -47.49 46.15 -19.71
C ALA L 110 -48.96 46.05 -20.05
N LEU L 111 -49.80 46.58 -19.16
CA LEU L 111 -51.23 46.62 -19.40
C LEU L 111 -51.53 47.50 -20.60
N LEU L 112 -50.84 48.63 -20.70
CA LEU L 112 -51.01 49.52 -21.85
C LEU L 112 -50.51 48.85 -23.13
N GLY L 113 -49.47 48.05 -23.00
CA GLY L 113 -48.89 47.35 -24.13
C GLY L 113 -49.74 46.18 -24.57
N TRP L 114 -50.35 45.51 -23.60
CA TRP L 114 -51.03 44.24 -23.85
C TRP L 114 -52.43 44.49 -24.44
N PHE L 115 -53.11 45.53 -23.94
CA PHE L 115 -54.56 45.55 -23.91
C PHE L 115 -55.14 45.64 -25.34
N PRO L 116 -54.42 46.32 -26.24
CA PRO L 116 -54.88 46.47 -27.63
C PRO L 116 -55.05 45.13 -28.34
N TYR L 117 -54.36 44.11 -27.84
CA TYR L 117 -54.52 42.77 -28.37
C TYR L 117 -55.83 42.15 -27.89
N ALA L 118 -56.31 42.61 -26.74
CA ALA L 118 -57.57 42.09 -26.16
C ALA L 118 -58.77 42.59 -26.96
N GLU L 119 -58.66 43.79 -27.51
CA GLU L 119 -59.70 44.34 -28.36
C GLU L 119 -59.74 43.62 -29.69
N ARG L 120 -58.56 43.32 -30.23
CA ARG L 120 -58.46 42.57 -31.50
C ARG L 120 -59.07 41.18 -31.34
N PHE L 121 -58.87 40.58 -30.18
CA PHE L 121 -59.42 39.26 -29.89
C PHE L 121 -60.94 39.30 -29.89
N GLN L 122 -61.50 40.42 -29.46
CA GLN L 122 -62.96 40.59 -29.39
C GLN L 122 -63.53 40.89 -30.79
N SER L 123 -62.81 41.71 -31.56
CA SER L 123 -63.25 42.09 -32.90
C SER L 123 -63.20 40.92 -33.83
N LEU L 124 -62.30 39.98 -33.55
CA LEU L 124 -62.06 38.86 -34.44
C LEU L 124 -63.10 37.76 -34.23
N HIS L 125 -63.43 37.51 -32.97
CA HIS L 125 -64.28 36.35 -32.61
C HIS L 125 -65.70 36.81 -32.28
N LYS L 126 -65.90 38.12 -32.18
CA LYS L 126 -67.23 38.69 -31.90
C LYS L 126 -67.83 38.10 -30.61
N CYS L 127 -67.01 38.01 -29.58
CA CYS L 127 -67.42 37.42 -28.33
C CYS L 127 -67.84 38.48 -27.35
N ARG L 128 -68.41 38.05 -26.22
CA ARG L 128 -68.71 38.95 -25.13
C ARG L 128 -67.60 38.93 -24.08
N LEU L 129 -66.78 39.97 -24.07
CA LEU L 129 -65.48 39.92 -23.43
C LEU L 129 -65.49 40.69 -22.12
N GLU L 130 -64.94 40.09 -21.07
CA GLU L 130 -64.71 40.80 -19.82
C GLU L 130 -63.24 40.72 -19.41
N CYS L 131 -62.65 41.87 -19.08
CA CYS L 131 -61.24 41.95 -18.70
C CYS L 131 -61.11 42.30 -17.23
N THR L 132 -60.18 41.62 -16.55
CA THR L 132 -59.94 41.88 -15.13
C THR L 132 -58.58 42.55 -14.93
N MET L 133 -58.58 43.69 -14.25
CA MET L 133 -57.35 44.41 -13.97
C MET L 133 -57.57 45.36 -12.79
N SER L 134 -56.52 46.09 -12.45
CA SER L 134 -56.59 47.05 -11.34
C SER L 134 -57.48 48.28 -11.72
N GLN L 135 -58.01 48.95 -10.70
CA GLN L 135 -59.13 49.90 -10.90
C GLN L 135 -58.67 51.12 -11.70
N ASP L 136 -57.47 51.60 -11.41
CA ASP L 136 -56.95 52.84 -12.02
C ASP L 136 -56.85 52.69 -13.55
N ILE L 137 -56.41 51.52 -14.00
CA ILE L 137 -56.32 51.24 -15.43
C ILE L 137 -57.71 51.15 -16.06
N ILE L 138 -58.68 50.66 -15.29
CA ILE L 138 -60.07 50.65 -15.73
C ILE L 138 -60.59 52.07 -15.91
N ASP L 139 -60.22 52.96 -14.98
CA ASP L 139 -60.67 54.34 -15.03
C ASP L 139 -60.03 55.07 -16.20
N LEU L 140 -58.93 54.54 -16.69
CA LEU L 140 -58.16 55.18 -17.76
C LEU L 140 -58.72 54.76 -19.16
N LEU L 141 -59.18 53.50 -19.25
CA LEU L 141 -59.37 52.84 -20.56
C LEU L 141 -60.90 52.66 -20.87
N ALA L 142 -61.70 52.53 -19.82
CA ALA L 142 -63.05 51.90 -19.94
C ALA L 142 -63.98 52.74 -20.86
N PRO L 143 -63.90 54.11 -20.74
CA PRO L 143 -64.78 55.02 -21.50
C PRO L 143 -64.56 54.89 -23.03
N GLN L 144 -63.33 54.54 -23.44
CA GLN L 144 -62.98 54.49 -24.88
C GLN L 144 -63.26 53.09 -25.46
N TYR L 145 -63.42 52.10 -24.56
CA TYR L 145 -63.67 50.69 -24.99
C TYR L 145 -65.02 50.19 -24.44
N PRO L 146 -66.15 50.74 -24.97
CA PRO L 146 -67.48 50.41 -24.48
C PRO L 146 -67.87 48.96 -24.75
N GLN L 147 -67.29 48.38 -25.80
CA GLN L 147 -67.68 47.03 -26.25
C GLN L 147 -67.13 45.98 -25.32
N ILE L 148 -66.13 46.35 -24.52
CA ILE L 148 -65.54 45.44 -23.55
C ILE L 148 -65.93 45.84 -22.14
N GLN L 149 -66.28 44.86 -21.33
CA GLN L 149 -66.64 45.09 -19.94
C GLN L 149 -65.41 44.98 -19.05
N PHE L 150 -65.23 45.96 -18.18
CA PHE L 150 -64.11 45.98 -17.28
C PHE L 150 -64.53 45.61 -15.88
N SER L 151 -63.63 44.94 -15.16
CA SER L 151 -63.90 44.53 -13.80
C SER L 151 -62.60 44.32 -13.04
N THR L 152 -62.70 44.20 -11.72
CA THR L 152 -61.55 43.87 -10.89
C THR L 152 -61.47 42.35 -10.65
N PRO L 153 -60.27 41.86 -10.34
CA PRO L 153 -60.03 40.41 -10.15
C PRO L 153 -60.96 39.80 -9.06
N ASP L 154 -61.28 40.59 -8.04
CA ASP L 154 -62.01 40.09 -6.86
C ASP L 154 -63.56 40.16 -7.09
N LYS L 155 -63.97 40.92 -8.12
CA LYS L 155 -65.40 41.10 -8.41
C LYS L 155 -65.67 40.94 -9.90
N PRO L 156 -65.50 39.67 -10.41
CA PRO L 156 -65.84 39.34 -11.78
C PRO L 156 -67.33 39.15 -11.97
N ARG L 157 -67.86 39.70 -13.05
CA ARG L 157 -69.29 39.72 -13.28
C ARG L 157 -69.76 38.40 -13.97
N THR L 158 -68.85 37.78 -14.77
CA THR L 158 -69.17 36.50 -15.49
C THR L 158 -68.82 35.28 -14.65
N VAL L 159 -69.62 35.03 -13.64
CA VAL L 159 -69.33 33.95 -12.68
C VAL L 159 -68.99 32.58 -13.43
N ALA L 160 -69.71 32.32 -14.53
CA ALA L 160 -69.49 31.08 -15.34
C ALA L 160 -69.12 31.45 -16.80
N PRO L 161 -67.79 31.49 -17.11
CA PRO L 161 -67.31 31.88 -18.41
C PRO L 161 -67.01 30.68 -19.31
N TYR L 162 -67.16 30.89 -20.61
CA TYR L 162 -67.01 29.79 -21.57
C TYR L 162 -65.53 29.51 -21.83
N ALA L 163 -64.74 30.58 -21.89
CA ALA L 163 -63.29 30.45 -22.08
C ALA L 163 -62.55 31.54 -21.33
N THR L 164 -61.41 31.19 -20.74
CA THR L 164 -60.58 32.15 -20.01
C THR L 164 -59.14 32.13 -20.52
N TYR L 165 -58.55 33.30 -20.66
CA TYR L 165 -57.20 33.43 -21.14
C TYR L 165 -56.44 34.29 -20.15
N ARG L 166 -55.25 33.84 -19.76
CA ARG L 166 -54.44 34.64 -18.87
C ARG L 166 -53.30 35.22 -19.66
N VAL L 167 -53.25 36.54 -19.73
CA VAL L 167 -52.11 37.22 -20.32
C VAL L 167 -51.15 37.68 -19.24
N GLY L 168 -49.86 37.41 -19.43
CA GLY L 168 -48.84 37.80 -18.46
C GLY L 168 -47.43 37.50 -18.96
N LEU L 169 -46.44 37.85 -18.12
CA LEU L 169 -45.05 37.48 -18.40
C LEU L 169 -44.70 36.18 -17.69
N TYR L 170 -44.25 35.19 -18.45
CA TYR L 170 -43.91 33.86 -17.91
C TYR L 170 -42.44 33.55 -18.14
N PHE L 171 -41.66 33.54 -17.06
CA PHE L 171 -40.20 33.47 -17.16
C PHE L 171 -39.73 32.02 -17.19
N GLY L 172 -38.41 31.83 -17.30
CA GLY L 172 -37.82 30.49 -17.26
C GLY L 172 -38.01 29.75 -18.58
N GLY L 173 -38.44 30.48 -19.61
CA GLY L 173 -38.68 29.89 -20.92
C GLY L 173 -39.94 29.03 -20.94
N ASP L 174 -40.97 29.48 -20.23
CA ASP L 174 -42.26 28.80 -20.22
C ASP L 174 -42.86 28.76 -21.64
N THR L 175 -43.36 27.57 -22.04
CA THR L 175 -43.93 27.39 -23.39
C THR L 175 -45.30 26.69 -23.31
N ASN L 176 -45.91 26.73 -22.12
CA ASN L 176 -47.23 26.09 -21.92
C ASN L 176 -48.33 27.13 -21.74
N ASN L 177 -47.98 28.27 -21.15
CA ASN L 177 -48.93 29.37 -21.00
C ASN L 177 -48.69 30.46 -22.02
N GLN L 178 -47.58 30.36 -22.73
CA GLN L 178 -47.32 31.21 -23.87
C GLN L 178 -46.64 30.43 -25.00
N PRO L 179 -47.06 30.68 -26.24
CA PRO L 179 -46.55 29.96 -27.40
C PRO L 179 -45.05 30.11 -27.55
N VAL L 180 -44.56 31.34 -27.45
CA VAL L 180 -43.12 31.60 -27.53
C VAL L 180 -42.67 32.34 -26.30
N ASP L 181 -41.41 32.13 -25.92
CA ASP L 181 -40.77 32.93 -24.88
C ASP L 181 -40.83 34.42 -25.22
N PHE L 182 -41.27 35.22 -24.26
CA PHE L 182 -41.60 36.62 -24.54
C PHE L 182 -40.33 37.43 -24.81
N ARG L 183 -39.18 36.84 -24.53
CA ARG L 183 -37.89 37.50 -24.74
C ARG L 183 -37.51 37.46 -26.19
N LYS L 184 -38.25 36.69 -26.98
CA LYS L 184 -37.90 36.45 -28.37
C LYS L 184 -38.75 37.34 -29.30
N VAL L 185 -39.92 37.74 -28.81
CA VAL L 185 -40.88 38.49 -29.63
C VAL L 185 -41.19 39.85 -29.01
N GLY L 186 -40.75 40.04 -27.77
CA GLY L 186 -41.04 41.28 -27.04
C GLY L 186 -42.22 41.11 -26.08
N PHE L 187 -42.07 41.63 -24.88
CA PHE L 187 -42.93 41.24 -23.76
C PHE L 187 -44.39 41.54 -24.07
N HIS L 188 -44.62 42.58 -24.87
CA HIS L 188 -45.96 43.11 -25.05
C HIS L 188 -46.64 42.45 -26.25
N ARG L 189 -45.84 42.05 -27.24
CA ARG L 189 -46.36 41.33 -28.40
C ARG L 189 -46.68 39.91 -28.05
N SER L 190 -46.12 39.45 -26.94
CA SER L 190 -46.41 38.12 -26.44
C SER L 190 -47.92 37.94 -26.20
N ALA L 191 -48.55 39.00 -25.70
CA ALA L 191 -50.01 38.99 -25.46
C ALA L 191 -50.75 38.63 -26.75
N GLY L 192 -50.35 39.24 -27.85
CA GLY L 192 -50.90 38.93 -29.16
C GLY L 192 -50.73 37.45 -29.51
N TYR L 193 -49.53 36.92 -29.26
CA TYR L 193 -49.24 35.53 -29.55
C TYR L 193 -50.12 34.61 -28.69
N ILE L 194 -50.35 35.02 -27.44
CA ILE L 194 -51.14 34.22 -26.51
C ILE L 194 -52.59 34.14 -26.95
N LEU L 195 -53.09 35.25 -27.48
CA LEU L 195 -54.49 35.33 -27.89
C LEU L 195 -54.65 34.95 -29.38
N GLY L 196 -53.52 34.75 -30.06
CA GLY L 196 -53.52 34.29 -31.46
C GLY L 196 -54.10 35.33 -32.39
N VAL L 197 -53.70 36.58 -32.19
CA VAL L 197 -54.13 37.67 -33.06
C VAL L 197 -52.94 38.37 -33.68
N ASP L 198 -53.20 39.41 -34.46
CA ASP L 198 -52.15 40.21 -35.04
C ASP L 198 -51.21 40.73 -33.95
N PRO L 199 -49.94 40.27 -33.99
CA PRO L 199 -48.99 40.52 -32.90
C PRO L 199 -48.38 41.92 -32.95
N ARG L 200 -48.65 42.64 -34.04
CA ARG L 200 -48.02 43.94 -34.26
C ARG L 200 -48.50 44.97 -33.24
N GLU L 201 -47.57 45.78 -32.75
CA GLU L 201 -47.84 46.63 -31.58
C GLU L 201 -48.82 47.73 -31.93
N ALA L 202 -49.57 48.18 -30.93
CA ALA L 202 -50.46 49.32 -31.10
C ALA L 202 -50.67 50.03 -29.77
N PRO L 203 -50.97 51.35 -29.83
CA PRO L 203 -51.25 52.14 -28.65
C PRO L 203 -52.72 52.09 -28.27
N VAL L 204 -52.99 52.16 -26.97
CA VAL L 204 -54.37 52.22 -26.48
C VAL L 204 -54.99 53.57 -26.77
N ARG L 205 -56.30 53.62 -26.78
CA ARG L 205 -57.00 54.86 -27.03
C ARG L 205 -57.35 55.56 -25.71
N LEU L 206 -56.92 56.82 -25.58
CA LEU L 206 -57.09 57.56 -24.33
C LEU L 206 -58.00 58.74 -24.55
N ASP L 207 -58.34 59.42 -23.45
CA ASP L 207 -59.07 60.69 -23.55
C ASP L 207 -58.12 61.83 -23.80
N LEU L 208 -58.05 62.27 -25.05
CA LEU L 208 -57.14 63.33 -25.46
C LEU L 208 -57.90 64.63 -25.71
N SER L 209 -58.94 64.87 -24.90
CA SER L 209 -59.84 66.02 -25.12
C SER L 209 -59.47 67.17 -24.18
N ALA L 210 -58.63 66.87 -23.19
CA ALA L 210 -58.30 67.85 -22.16
C ALA L 210 -57.59 69.06 -22.78
N PRO L 211 -58.02 70.28 -22.38
CA PRO L 211 -57.44 71.54 -22.88
C PRO L 211 -56.05 71.82 -22.27
N ARG L 212 -55.22 72.57 -23.00
CA ARG L 212 -53.87 72.90 -22.55
C ARG L 212 -53.91 73.81 -21.32
N VAL L 213 -53.10 73.49 -20.33
CA VAL L 213 -53.05 74.29 -19.11
C VAL L 213 -51.82 75.18 -19.09
N ILE L 214 -50.66 74.60 -19.41
CA ILE L 214 -49.41 75.33 -19.38
C ILE L 214 -49.06 75.89 -20.75
N GLN L 215 -48.87 77.20 -20.82
CA GLN L 215 -48.79 77.92 -22.12
C GLN L 215 -47.42 77.69 -22.77
N GLU L 216 -46.36 77.88 -21.99
CA GLU L 216 -44.99 77.76 -22.51
C GLU L 216 -44.70 76.29 -22.91
N PRO L 217 -43.90 76.11 -24.00
CA PRO L 217 -43.41 74.77 -24.42
C PRO L 217 -42.64 74.06 -23.31
N TYR L 218 -43.00 72.80 -23.04
CA TYR L 218 -42.44 72.09 -21.89
C TYR L 218 -42.21 70.62 -22.23
N VAL L 219 -41.32 69.97 -21.47
CA VAL L 219 -40.99 68.56 -21.69
C VAL L 219 -41.26 67.76 -20.42
N CYS L 220 -41.75 66.54 -20.59
CA CYS L 220 -42.01 65.65 -19.47
C CYS L 220 -40.98 64.54 -19.42
N ILE L 221 -40.53 64.22 -18.20
CA ILE L 221 -39.48 63.21 -18.01
C ILE L 221 -39.88 62.25 -16.91
N ALA L 222 -39.38 61.01 -17.01
CA ALA L 222 -39.60 60.03 -15.97
C ALA L 222 -38.29 59.33 -15.62
N THR L 223 -37.89 59.45 -14.37
CA THR L 223 -36.54 59.05 -13.95
C THR L 223 -36.58 57.78 -13.08
N GLN L 224 -37.79 57.40 -12.66
CA GLN L 224 -37.96 56.31 -11.69
C GLN L 224 -38.39 55.03 -12.39
N SER L 225 -38.01 53.90 -11.81
CA SER L 225 -38.52 52.59 -12.27
C SER L 225 -38.52 51.60 -11.12
N THR L 226 -38.77 50.32 -11.44
CA THR L 226 -39.00 49.29 -10.40
C THR L 226 -37.68 48.60 -10.00
N CYS L 227 -36.74 48.53 -10.94
CA CYS L 227 -35.44 47.92 -10.67
C CYS L 227 -34.30 48.79 -11.26
N GLN L 228 -33.12 48.71 -10.64
CA GLN L 228 -32.09 49.74 -10.81
C GLN L 228 -31.49 49.66 -12.19
N ALA L 229 -31.62 48.51 -12.83
CA ALA L 229 -31.05 48.29 -14.15
C ALA L 229 -31.71 49.21 -15.19
N LYS L 230 -32.98 49.53 -14.97
CA LYS L 230 -33.75 50.28 -15.93
C LYS L 230 -33.45 51.77 -15.81
N TYR L 231 -32.91 52.19 -14.66
CA TYR L 231 -32.55 53.58 -14.42
C TYR L 231 -31.42 54.01 -15.36
N TRP L 232 -31.31 55.32 -15.59
CA TRP L 232 -30.16 55.88 -16.30
C TRP L 232 -29.01 56.14 -15.34
N ASN L 233 -28.07 55.20 -15.27
CA ASN L 233 -27.10 55.16 -14.16
C ASN L 233 -25.84 55.98 -14.48
N ASN L 234 -25.90 56.74 -15.56
CA ASN L 234 -24.87 57.74 -15.85
C ASN L 234 -24.88 58.86 -14.84
N GLY L 235 -23.71 59.40 -14.55
CA GLY L 235 -23.53 60.25 -13.37
C GLY L 235 -24.10 61.65 -13.58
N THR L 236 -23.89 62.19 -14.75
CA THR L 236 -24.25 63.57 -15.04
C THR L 236 -25.28 63.63 -16.17
N GLY L 237 -25.89 62.49 -16.47
CA GLY L 237 -26.82 62.39 -17.61
C GLY L 237 -28.00 63.33 -17.48
N TRP L 238 -28.82 63.10 -16.47
CA TRP L 238 -30.08 63.81 -16.33
C TRP L 238 -29.84 65.29 -16.12
N SER L 239 -28.76 65.63 -15.44
CA SER L 239 -28.42 67.00 -15.16
C SER L 239 -28.08 67.75 -16.45
N GLU L 240 -27.24 67.13 -17.29
CA GLU L 240 -26.84 67.73 -18.59
C GLU L 240 -28.05 67.85 -19.52
N VAL L 241 -28.91 66.84 -19.48
CA VAL L 241 -30.07 66.80 -20.36
C VAL L 241 -31.06 67.91 -19.98
N ILE L 242 -31.34 68.04 -18.68
CA ILE L 242 -32.28 69.06 -18.18
C ILE L 242 -31.75 70.46 -18.45
N ALA L 243 -30.46 70.65 -18.22
CA ALA L 243 -29.82 71.93 -18.50
C ALA L 243 -29.93 72.27 -19.99
N HIS L 244 -29.68 71.28 -20.84
CA HIS L 244 -29.74 71.48 -22.29
C HIS L 244 -31.18 71.76 -22.75
N LEU L 245 -32.15 71.11 -22.12
CA LEU L 245 -33.57 71.35 -22.40
C LEU L 245 -33.97 72.78 -22.05
N LYS L 246 -33.45 73.26 -20.91
CA LYS L 246 -33.74 74.63 -20.46
C LYS L 246 -33.09 75.66 -21.40
N SER L 247 -31.91 75.33 -21.91
CA SER L 247 -31.18 76.21 -22.83
C SER L 247 -31.93 76.33 -24.16
N LEU L 248 -32.78 75.34 -24.46
CA LEU L 248 -33.53 75.32 -25.72
C LEU L 248 -34.89 76.02 -25.55
N GLY L 249 -35.22 76.39 -24.30
CA GLY L 249 -36.45 77.14 -24.01
C GLY L 249 -37.60 76.21 -23.60
N TYR L 250 -37.26 75.06 -23.01
CA TYR L 250 -38.27 74.13 -22.50
C TYR L 250 -38.34 74.17 -20.97
N ARG L 251 -39.54 74.00 -20.44
CA ARG L 251 -39.76 73.80 -19.02
C ARG L 251 -39.82 72.30 -18.73
N VAL L 252 -39.05 71.84 -17.75
CA VAL L 252 -38.84 70.42 -17.53
C VAL L 252 -39.58 69.96 -16.27
N MET L 253 -40.30 68.85 -16.38
CA MET L 253 -41.19 68.39 -15.30
C MET L 253 -41.07 66.89 -15.11
N CYS L 254 -40.82 66.48 -13.87
CA CYS L 254 -40.78 65.06 -13.52
C CYS L 254 -42.17 64.58 -13.06
N ILE L 255 -42.66 63.50 -13.69
CA ILE L 255 -44.04 63.05 -13.47
C ILE L 255 -44.08 61.61 -12.92
N ASP L 256 -42.97 61.19 -12.31
CA ASP L 256 -42.91 59.89 -11.64
C ASP L 256 -43.87 59.84 -10.47
N ARG L 257 -44.20 58.64 -10.03
CA ARG L 257 -45.10 58.46 -8.90
C ARG L 257 -44.38 58.82 -7.60
N ASP L 258 -43.12 58.42 -7.49
CA ASP L 258 -42.33 58.71 -6.30
C ASP L 258 -41.21 59.70 -6.63
N ALA L 259 -40.98 60.63 -5.71
CA ALA L 259 -39.84 61.57 -5.82
C ALA L 259 -38.55 60.87 -5.38
N HIS L 260 -38.68 59.92 -4.47
CA HIS L 260 -37.54 59.11 -4.03
C HIS L 260 -37.89 57.63 -4.06
N TYR L 261 -37.01 56.83 -4.66
CA TYR L 261 -37.24 55.39 -4.75
C TYR L 261 -35.92 54.64 -4.83
N GLY L 262 -35.85 53.50 -4.16
CA GLY L 262 -34.64 52.69 -4.17
C GLY L 262 -34.63 51.67 -3.03
N GLN L 263 -33.51 50.97 -2.87
CA GLN L 263 -33.36 49.99 -1.82
C GLN L 263 -32.00 50.09 -1.17
N GLY L 264 -31.88 49.53 0.04
CA GLY L 264 -30.62 49.58 0.79
C GLY L 264 -30.03 50.99 0.84
N PHE L 265 -28.84 51.16 0.25
CA PHE L 265 -28.15 52.47 0.25
C PHE L 265 -28.28 53.15 -1.12
N VAL L 266 -28.65 52.38 -2.13
CA VAL L 266 -28.89 52.91 -3.46
C VAL L 266 -30.25 53.55 -3.54
N TRP L 267 -30.27 54.87 -3.69
CA TRP L 267 -31.52 55.63 -3.72
C TRP L 267 -31.51 56.65 -4.84
N ASN L 268 -32.63 56.71 -5.58
CA ASN L 268 -32.76 57.65 -6.69
C ASN L 268 -33.77 58.75 -6.38
N HIS L 269 -33.39 59.99 -6.66
CA HIS L 269 -34.25 61.15 -6.33
C HIS L 269 -34.56 61.95 -7.58
N ILE L 270 -35.71 62.62 -7.58
CA ILE L 270 -36.05 63.54 -8.64
C ILE L 270 -34.94 64.58 -8.84
N PRO L 271 -34.38 64.62 -10.05
CA PRO L 271 -33.20 65.44 -10.34
C PRO L 271 -33.43 66.92 -10.03
N TRP L 272 -32.39 67.57 -9.50
CA TRP L 272 -32.45 69.00 -9.22
C TRP L 272 -32.64 69.78 -10.51
N GLY L 273 -33.54 70.77 -10.48
CA GLY L 273 -33.79 71.61 -11.64
C GLY L 273 -35.08 71.22 -12.34
N ALA L 274 -35.54 70.01 -12.11
CA ALA L 274 -36.80 69.54 -12.65
C ALA L 274 -37.96 69.95 -11.75
N GLU L 275 -39.06 70.37 -12.35
CA GLU L 275 -40.25 70.76 -11.59
C GLU L 275 -40.92 69.54 -10.98
N ASP L 276 -41.39 69.69 -9.74
CA ASP L 276 -41.95 68.56 -9.00
C ASP L 276 -43.42 68.37 -9.36
N PHE L 277 -43.67 67.51 -10.34
CA PHE L 277 -45.02 67.08 -10.65
C PHE L 277 -45.20 65.62 -10.30
N THR L 278 -44.59 65.19 -9.21
CA THR L 278 -44.64 63.79 -8.81
C THR L 278 -45.88 63.53 -7.94
N GLY L 279 -46.04 62.26 -7.52
CA GLY L 279 -47.10 61.91 -6.58
C GLY L 279 -48.06 60.87 -7.15
N LYS L 280 -48.88 60.28 -6.28
CA LYS L 280 -49.86 59.27 -6.70
C LYS L 280 -51.12 59.93 -7.20
N LEU L 281 -51.09 60.34 -8.46
CA LEU L 281 -52.26 60.96 -9.08
C LEU L 281 -52.95 59.97 -10.02
N PRO L 282 -54.25 60.21 -10.31
CA PRO L 282 -54.99 59.42 -11.32
C PRO L 282 -54.43 59.60 -12.71
N LEU L 283 -54.40 58.51 -13.47
CA LEU L 283 -53.61 58.45 -14.67
C LEU L 283 -54.10 59.47 -15.68
N GLN L 284 -55.37 59.84 -15.58
CA GLN L 284 -55.98 60.74 -16.54
C GLN L 284 -55.30 62.11 -16.49
N GLU L 285 -54.92 62.54 -15.28
CA GLU L 285 -54.24 63.84 -15.10
C GLU L 285 -52.87 63.83 -15.75
N ARG L 286 -52.19 62.69 -15.67
CA ARG L 286 -50.89 62.52 -16.31
C ARG L 286 -51.03 62.55 -17.84
N VAL L 287 -52.10 61.94 -18.35
CA VAL L 287 -52.41 61.99 -19.78
C VAL L 287 -52.64 63.43 -20.22
N ASN L 288 -53.42 64.16 -19.44
CA ASN L 288 -53.74 65.54 -19.76
C ASN L 288 -52.48 66.40 -19.84
N LEU L 289 -51.58 66.21 -18.88
CA LEU L 289 -50.33 66.95 -18.84
C LEU L 289 -49.42 66.55 -20.00
N LEU L 290 -49.42 65.25 -20.32
CA LEU L 290 -48.46 64.70 -21.26
C LEU L 290 -48.82 65.09 -22.69
N ARG L 291 -50.13 65.21 -22.95
CA ARG L 291 -50.62 65.43 -24.32
C ARG L 291 -50.01 66.70 -24.92
N HIS L 292 -50.05 67.78 -24.17
CA HIS L 292 -49.68 69.09 -24.68
C HIS L 292 -48.17 69.34 -24.51
N ALA L 293 -47.46 68.32 -24.03
CA ALA L 293 -46.01 68.38 -23.90
C ALA L 293 -45.36 68.31 -25.26
N SER L 294 -44.25 69.03 -25.42
CA SER L 294 -43.53 69.05 -26.69
C SER L 294 -42.97 67.67 -27.01
N PHE L 295 -42.41 67.02 -25.99
CA PHE L 295 -42.10 65.59 -26.09
C PHE L 295 -41.73 65.02 -24.70
N PHE L 296 -41.44 63.72 -24.66
CA PHE L 296 -41.26 63.01 -23.41
C PHE L 296 -39.94 62.25 -23.41
N ILE L 297 -39.23 62.30 -22.29
CA ILE L 297 -37.98 61.56 -22.13
C ILE L 297 -38.06 60.62 -20.93
N GLY L 298 -37.98 59.32 -21.20
CA GLY L 298 -38.43 58.32 -20.25
C GLY L 298 -37.52 57.13 -20.19
N LEU L 299 -37.74 56.27 -19.22
CA LEU L 299 -37.12 54.95 -19.19
C LEU L 299 -38.02 53.92 -19.87
N PRO L 300 -37.63 52.63 -19.79
CA PRO L 300 -38.50 51.54 -20.25
C PRO L 300 -39.68 51.27 -19.28
N SER L 301 -39.77 52.08 -18.23
CA SER L 301 -40.93 52.05 -17.32
C SER L 301 -42.22 52.42 -18.07
N GLY L 302 -43.36 52.27 -17.39
CA GLY L 302 -44.66 52.33 -18.05
C GLY L 302 -44.96 53.72 -18.59
N LEU L 303 -44.54 54.74 -17.86
CA LEU L 303 -44.87 56.11 -18.20
C LEU L 303 -44.47 56.42 -19.63
N SER L 304 -43.50 55.67 -20.15
CA SER L 304 -43.09 55.80 -21.56
C SER L 304 -44.18 55.28 -22.49
N TRP L 305 -44.86 54.22 -22.07
CA TRP L 305 -45.97 53.66 -22.86
C TRP L 305 -47.16 54.60 -22.84
N LEU L 306 -47.39 55.26 -21.69
CA LEU L 306 -48.48 56.23 -21.56
C LEU L 306 -48.20 57.47 -22.41
N ALA L 307 -46.94 57.86 -22.48
CA ALA L 307 -46.53 59.00 -23.30
C ALA L 307 -46.62 58.64 -24.80
N TRP L 308 -46.43 57.37 -25.10
CA TRP L 308 -46.54 56.90 -26.48
C TRP L 308 -48.00 56.93 -26.94
N ALA L 309 -48.92 56.66 -26.02
CA ALA L 309 -50.36 56.58 -26.35
C ALA L 309 -50.96 57.99 -26.47
N THR L 310 -50.26 58.98 -25.95
CA THR L 310 -50.71 60.37 -26.01
C THR L 310 -50.20 61.04 -27.30
N ARG L 311 -49.56 60.25 -28.16
CA ARG L 311 -49.21 60.71 -29.52
C ARG L 311 -48.20 61.86 -29.46
N ILE L 312 -47.26 61.79 -28.52
CA ILE L 312 -46.14 62.72 -28.48
C ILE L 312 -44.83 61.97 -28.64
N PRO L 313 -43.84 62.63 -29.25
CA PRO L 313 -42.50 62.05 -29.44
C PRO L 313 -41.90 61.54 -28.14
N VAL L 314 -41.39 60.32 -28.17
CA VAL L 314 -40.87 59.67 -26.96
C VAL L 314 -39.40 59.33 -27.14
N VAL L 315 -38.54 60.02 -26.40
CA VAL L 315 -37.14 59.62 -26.26
C VAL L 315 -36.98 58.58 -25.13
N LEU L 316 -36.69 57.34 -25.51
CA LEU L 316 -36.64 56.24 -24.54
C LEU L 316 -35.18 55.83 -24.28
N ILE L 317 -34.74 56.01 -23.04
CA ILE L 317 -33.36 55.70 -22.66
C ILE L 317 -33.29 54.39 -21.92
N SER L 318 -32.67 53.39 -22.56
CA SER L 318 -32.48 52.09 -21.94
C SER L 318 -31.38 51.31 -22.62
N GLY L 319 -30.57 50.63 -21.83
CA GLY L 319 -29.56 49.74 -22.36
C GLY L 319 -29.76 48.32 -21.93
N PHE L 320 -30.57 48.14 -20.88
CA PHE L 320 -30.78 46.80 -20.29
C PHE L 320 -31.81 46.00 -21.12
N SER L 321 -32.36 46.65 -22.13
CA SER L 321 -33.22 45.96 -23.09
C SER L 321 -32.89 46.40 -24.51
N LEU L 322 -33.11 45.51 -25.47
CA LEU L 322 -32.82 45.80 -26.87
C LEU L 322 -33.84 46.75 -27.46
N PRO L 323 -33.48 47.44 -28.55
CA PRO L 323 -34.34 48.46 -29.17
C PRO L 323 -35.71 47.89 -29.59
N ASN L 324 -35.76 46.59 -29.89
CA ASN L 324 -36.98 45.97 -30.42
C ASN L 324 -37.83 45.31 -29.29
N SER L 325 -37.41 45.52 -28.04
CA SER L 325 -38.11 44.95 -26.89
C SER L 325 -39.35 45.77 -26.55
N GLU L 326 -39.30 47.06 -26.84
CA GLU L 326 -40.45 47.94 -26.61
C GLU L 326 -41.05 48.39 -27.94
N PHE L 327 -41.95 49.37 -27.88
CA PHE L 327 -42.48 50.00 -29.10
C PHE L 327 -41.38 50.73 -29.84
N TYR L 328 -41.57 50.93 -31.14
CA TYR L 328 -40.60 51.62 -31.97
C TYR L 328 -40.65 53.08 -31.73
N THR L 329 -39.49 53.71 -31.68
CA THR L 329 -39.40 55.14 -31.75
C THR L 329 -38.03 55.57 -32.28
N PRO L 330 -38.02 56.48 -33.27
CA PRO L 330 -36.79 56.96 -33.89
C PRO L 330 -35.85 57.70 -32.89
N TRP L 331 -36.40 58.05 -31.71
CA TRP L 331 -35.62 58.74 -30.68
C TRP L 331 -35.22 57.78 -29.58
N ARG L 332 -35.12 56.51 -29.92
CA ARG L 332 -34.63 55.52 -29.03
C ARG L 332 -33.12 55.71 -28.78
N VAL L 333 -32.71 55.70 -27.52
CA VAL L 333 -31.30 55.83 -27.16
C VAL L 333 -30.75 54.51 -26.66
N PHE L 334 -29.61 54.11 -27.20
CA PHE L 334 -29.07 52.76 -26.94
C PHE L 334 -27.58 52.72 -27.28
N ASN L 335 -26.81 52.05 -26.42
CA ASN L 335 -25.37 51.89 -26.64
C ASN L 335 -24.98 50.42 -26.71
N SER L 336 -24.11 50.08 -27.68
CA SER L 336 -23.89 48.67 -28.06
C SER L 336 -22.41 48.30 -27.88
N HIS L 337 -21.70 49.07 -27.06
CA HIS L 337 -20.24 48.91 -26.91
C HIS L 337 -19.90 48.14 -25.63
N GLY L 338 -20.87 48.06 -24.73
CA GLY L 338 -20.68 47.33 -23.47
C GLY L 338 -21.79 46.33 -23.21
N CYS L 339 -21.92 45.89 -21.95
CA CYS L 339 -23.09 45.08 -21.53
C CYS L 339 -24.39 45.73 -21.99
N TYR L 340 -25.29 44.89 -22.53
CA TYR L 340 -26.62 45.36 -22.92
C TYR L 340 -27.56 44.19 -23.10
N GLY L 341 -28.85 44.45 -22.99
CA GLY L 341 -29.86 43.42 -23.17
C GLY L 341 -29.73 42.31 -22.16
N CYS L 342 -29.43 42.68 -20.90
CA CYS L 342 -29.63 41.77 -19.75
C CYS L 342 -31.08 41.11 -19.82
N TRP L 343 -32.03 41.84 -20.44
CA TRP L 343 -33.46 41.55 -20.27
C TRP L 343 -33.92 40.54 -21.28
N ASP L 344 -33.32 40.59 -22.46
CA ASP L 344 -33.83 39.83 -23.60
C ASP L 344 -33.09 38.49 -23.73
N ASP L 345 -32.00 38.34 -22.97
CA ASP L 345 -31.15 37.14 -23.06
C ASP L 345 -31.88 35.92 -22.49
N THR L 346 -32.01 34.88 -23.31
CA THR L 346 -32.79 33.69 -22.94
C THR L 346 -31.94 32.74 -22.09
N SER L 347 -30.66 33.05 -21.96
CA SER L 347 -29.76 32.24 -21.15
C SER L 347 -29.74 32.75 -19.70
N LEU L 348 -30.27 33.96 -19.49
CA LEU L 348 -30.34 34.55 -18.13
C LEU L 348 -31.78 34.56 -17.62
N ASN L 349 -31.94 34.90 -16.34
CA ASN L 349 -33.26 34.90 -15.71
C ASN L 349 -33.43 36.09 -14.79
N PHE L 350 -34.53 36.80 -14.96
CA PHE L 350 -34.80 38.00 -14.18
C PHE L 350 -35.14 37.64 -12.72
N ASP L 351 -34.52 38.37 -11.78
CA ASP L 351 -34.84 38.21 -10.37
C ASP L 351 -35.80 39.30 -9.91
N HIS L 352 -36.96 38.89 -9.39
CA HIS L 352 -38.01 39.82 -8.98
C HIS L 352 -37.71 40.39 -7.59
N HIS L 353 -36.84 39.70 -6.85
CA HIS L 353 -36.59 40.03 -5.43
C HIS L 353 -35.25 40.79 -5.30
N ASP L 354 -34.54 40.92 -6.40
CA ASP L 354 -33.28 41.64 -6.41
C ASP L 354 -33.43 42.98 -7.14
N PHE L 355 -33.33 44.07 -6.40
CA PHE L 355 -33.45 45.39 -6.97
C PHE L 355 -32.17 45.76 -7.73
N LEU L 356 -31.02 45.30 -7.22
CA LEU L 356 -29.73 45.59 -7.85
C LEU L 356 -29.34 44.47 -8.78
N TRP L 357 -30.23 44.14 -9.69
CA TRP L 357 -30.03 43.01 -10.58
C TRP L 357 -29.26 43.45 -11.83
N CYS L 358 -28.00 42.99 -11.94
CA CYS L 358 -27.34 42.80 -13.28
C CYS L 358 -26.54 41.51 -13.29
N PRO L 359 -27.06 40.47 -13.97
CA PRO L 359 -26.63 39.09 -13.76
C PRO L 359 -25.15 38.88 -14.10
N ARG L 360 -24.63 39.67 -15.02
CA ARG L 360 -23.33 39.38 -15.66
C ARG L 360 -22.20 40.19 -15.00
N HIS L 361 -22.58 41.28 -14.32
CA HIS L 361 -21.61 42.31 -13.87
C HIS L 361 -22.02 42.92 -12.52
N LYS L 362 -22.75 42.15 -11.71
CA LYS L 362 -23.15 42.59 -10.36
C LYS L 362 -21.95 42.59 -9.43
N ASN L 363 -21.89 43.57 -8.55
CA ASN L 363 -20.82 43.69 -7.62
C ASN L 363 -19.47 43.63 -8.33
N THR L 364 -19.37 44.30 -9.46
CA THR L 364 -18.08 44.54 -10.11
C THR L 364 -17.94 46.00 -10.51
N ASP L 365 -16.82 46.32 -11.16
CA ASP L 365 -16.56 47.68 -11.61
C ASP L 365 -17.52 48.06 -12.70
N ARG L 366 -18.03 47.06 -13.42
CA ARG L 366 -18.78 47.29 -14.67
C ARG L 366 -20.29 47.09 -14.45
N GLN L 367 -20.72 47.14 -13.19
CA GLN L 367 -22.14 47.00 -12.86
C GLN L 367 -22.93 48.14 -13.46
N PHE L 368 -24.09 47.80 -14.02
CA PHE L 368 -24.94 48.80 -14.70
C PHE L 368 -24.12 49.60 -15.73
N GLU L 369 -23.14 48.94 -16.35
CA GLU L 369 -22.50 49.46 -17.57
C GLU L 369 -23.54 49.58 -18.71
N CYS L 370 -24.63 48.80 -18.60
CA CYS L 370 -25.66 48.80 -19.62
C CYS L 370 -26.08 50.26 -19.98
N THR L 371 -26.11 51.14 -18.96
CA THR L 371 -26.73 52.45 -19.10
C THR L 371 -25.67 53.56 -18.91
N ARG L 372 -24.53 53.20 -18.32
CA ARG L 372 -23.50 54.18 -17.97
C ARG L 372 -22.83 54.71 -19.20
N LEU L 373 -22.79 53.90 -20.24
CA LEU L 373 -22.15 54.29 -21.49
C LEU L 373 -23.03 55.28 -22.27
N ILE L 374 -24.29 55.38 -21.88
CA ILE L 374 -25.20 56.34 -22.47
C ILE L 374 -25.01 57.72 -21.85
N THR L 375 -24.17 58.53 -22.47
CA THR L 375 -23.79 59.81 -21.90
C THR L 375 -24.84 60.85 -22.16
N GLY L 376 -24.77 61.96 -21.45
CA GLY L 376 -25.68 63.08 -21.67
C GLY L 376 -25.55 63.63 -23.07
N ALA L 377 -24.33 63.59 -23.62
CA ALA L 377 -24.06 64.14 -24.94
C ALA L 377 -24.79 63.36 -26.01
N GLN L 378 -24.89 62.06 -25.82
CA GLN L 378 -25.62 61.20 -26.73
C GLN L 378 -27.09 61.56 -26.73
N VAL L 379 -27.67 61.65 -25.53
CA VAL L 379 -29.12 61.92 -25.40
C VAL L 379 -29.45 63.33 -25.85
N ASN L 380 -28.52 64.26 -25.64
CA ASN L 380 -28.70 65.63 -26.08
C ASN L 380 -28.59 65.75 -27.61
N GLY L 381 -27.79 64.87 -28.22
CA GLY L 381 -27.72 64.76 -29.67
C GLY L 381 -29.05 64.35 -30.26
N VAL L 382 -29.64 63.29 -29.70
CA VAL L 382 -30.97 62.86 -30.10
C VAL L 382 -31.99 63.98 -29.90
N ILE L 383 -31.93 64.62 -28.73
CA ILE L 383 -32.85 65.70 -28.42
C ILE L 383 -32.71 66.84 -29.41
N ASN L 384 -31.48 67.04 -29.92
CA ASN L 384 -31.21 68.11 -30.91
C ASN L 384 -31.85 67.79 -32.26
N LYS L 385 -31.75 66.53 -32.67
CA LYS L 385 -32.42 66.07 -33.90
C LYS L 385 -33.93 66.24 -33.79
N LEU L 386 -34.49 65.85 -32.64
CA LEU L 386 -35.94 65.88 -32.45
C LEU L 386 -36.44 67.31 -32.34
N HIS L 387 -35.59 68.19 -31.83
CA HIS L 387 -35.93 69.62 -31.68
C HIS L 387 -35.94 70.31 -33.03
N ARG L 388 -34.96 69.96 -33.87
CA ARG L 388 -34.87 70.53 -35.20
C ARG L 388 -35.96 69.96 -36.10
N SER L 389 -36.39 68.73 -35.80
CA SER L 389 -37.50 68.11 -36.51
C SER L 389 -38.82 68.81 -36.17
N LEU L 390 -38.96 69.24 -34.91
CA LEU L 390 -40.22 69.85 -34.44
C LEU L 390 -40.34 71.30 -34.95
N THR L 391 -39.20 71.90 -35.28
CA THR L 391 -39.19 73.21 -35.94
C THR L 391 -38.66 73.09 -37.37
FE FE M . 30.74 -23.64 37.85
PA AQH N . 49.20 -24.27 38.60
PB AQH N . 46.94 -23.00 37.53
C7' AQH N . 43.48 -29.62 37.06
O7' AQH N . 42.09 -29.80 37.30
C6' AQH N . 43.90 -28.29 36.38
O6' AQH N . 42.83 -27.36 36.49
C5' AQH N . 45.20 -27.62 36.94
O5' AQH N . 45.01 -26.14 36.88
C4' AQH N . 46.51 -27.99 36.18
O4' AQH N . 46.64 -29.40 36.26
C3' AQH N . 47.71 -27.27 36.83
O3' AQH N . 48.92 -27.65 36.18
C2' AQH N . 47.46 -25.75 36.65
O2' AQH N . 51.01 -20.07 43.93
C1' AQH N . 46.16 -25.39 37.38
C1D AQH N . 51.70 -22.28 42.97
N1 AQH N . 56.53 -22.41 45.01
O1A AQH N . 49.04 -25.48 39.31
O3A AQH N . 47.72 -22.54 36.34
C2 AQH N . 55.34 -22.73 45.64
C2D AQH N . 50.87 -20.99 42.85
O2A AQH N . 49.81 -24.59 37.30
O1B AQH N . 46.30 -21.88 38.17
C3D AQH N . 49.48 -21.54 42.66
N3 AQH N . 54.17 -22.62 44.89
O2B AQH N . 47.82 -23.61 38.56
O3B AQH N . 45.83 -24.15 37.26
O3D AQH N . 48.86 -21.98 43.88
C4 AQH N . 54.13 -22.21 43.56
C4D AQH N . 49.76 -22.70 41.80
O4D AQH N . 51.09 -23.17 42.05
C5 AQH N . 55.36 -21.88 42.88
C5D AQH N . 49.48 -22.24 40.38
O5D AQH N . 50.02 -23.24 39.44
C6 AQH N . 56.56 -21.99 43.65
N6 AQH N . 57.73 -21.69 43.06
N7 AQH N . 55.04 -21.52 41.65
C8 AQH N . 53.73 -21.61 41.51
N9 AQH N . 53.16 -22.03 42.67
O AQH N . 46.74 -25.33 35.35
FE FE O . -27.05 -1.08 -47.48
PA AQH P . -46.15 -6.52 -50.32
PB AQH P . -43.66 -5.33 -50.89
C7' AQH P . -38.49 -9.75 -52.19
O7' AQH P . -39.12 -10.85 -51.57
C6' AQH P . -38.89 -8.33 -51.68
O6' AQH P . -39.37 -7.55 -52.79
C5' AQH P . -39.97 -8.30 -50.54
O5' AQH P . -41.26 -7.89 -51.17
C4' AQH P . -39.61 -7.37 -49.33
O4' AQH P . -38.42 -7.91 -48.76
C3' AQH P . -40.74 -7.25 -48.26
O3' AQH P . -40.84 -5.89 -47.83
C2' AQH P . -42.13 -7.72 -48.78
O2' AQH P . -46.01 -0.42 -53.26
C1' AQH P . -42.30 -7.34 -50.26
C1D AQH P . -47.62 -2.34 -53.12
N1 AQH P . -52.56 -1.73 -54.76
O1A AQH P . -46.14 -7.37 -51.46
O3A AQH P . -43.98 -5.29 -52.34
C2 AQH P . -51.40 -1.44 -55.46
C2D AQH P . -47.00 -1.09 -52.48
O2A AQH P . -46.78 -7.25 -49.22
O1B AQH P . -43.65 -3.99 -50.34
C3D AQH P . -46.54 -1.61 -51.15
N3 AQH P . -50.19 -1.69 -54.81
O2B AQH P . -44.70 -6.07 -50.11
O3B AQH P . -42.29 -6.07 -50.46
O3D AQH P . -45.41 -0.89 -50.61
C4 AQH P . -50.09 -2.21 -53.52
C4D AQH P . -46.14 -2.98 -51.47
O4D AQH P . -46.80 -3.41 -52.67
C5 AQH P . -51.28 -2.52 -52.78
C5D AQH P . -46.43 -3.82 -50.23
O5D AQH P . -46.85 -5.17 -50.65
C6 AQH P . -52.53 -2.27 -53.45
N6 AQH P . -53.66 -2.55 -52.79
N7 AQH P . -50.90 -2.99 -51.61
C8 AQH P . -49.58 -3.00 -51.56
N9 AQH P . -49.07 -2.52 -52.73
O AQH P . -43.33 -6.79 -48.50
FE FE Q . 14.41 -52.36 -5.63
C1 EDO R . 13.75 -64.69 -27.04
O1 EDO R . 14.62 -64.38 -25.96
C2 EDO R . 13.13 -66.06 -26.82
O2 EDO R . 13.98 -66.84 -25.97
PA AQH S . 30.18 -58.19 -14.67
PB AQH S . 27.64 -57.16 -14.04
C7' AQH S . 21.27 -57.13 -15.43
O7' AQH S . 20.41 -57.99 -14.68
C6' AQH S . 22.73 -57.01 -14.93
O6' AQH S . 22.74 -57.03 -13.49
C5' AQH S . 23.73 -58.09 -15.44
O5' AQH S . 25.04 -57.87 -14.77
C4' AQH S . 23.92 -58.13 -16.99
O4' AQH S . 22.65 -58.41 -17.55
C3' AQH S . 24.97 -59.20 -17.40
O3' AQH S . 25.11 -59.22 -18.81
C2' AQH S . 26.30 -58.79 -16.73
O2' AQH S . 33.35 -60.41 -9.60
C1' AQH S . 26.07 -58.82 -15.21
C1D AQH S . 32.45 -61.56 -11.63
N1 AQH S . 36.47 -64.48 -13.29
O1A AQH S . 31.29 -57.36 -14.91
O3A AQH S . 27.24 -56.02 -14.91
C2 AQH S . 35.49 -64.84 -12.38
C2D AQH S . 32.45 -60.34 -10.70
O2A AQH S . 29.81 -58.81 -15.94
O1B AQH S . 27.23 -56.94 -12.68
C3D AQH S . 30.99 -60.21 -10.34
N3 AQH S . 34.52 -63.90 -12.09
O2B AQH S . 29.12 -57.32 -13.99
O3B AQH S . 27.13 -58.64 -14.50
O3D AQH S . 30.60 -61.05 -9.24
C4 AQH S . 34.46 -62.61 -12.65
C4D AQH S . 30.32 -60.65 -11.57
O4D AQH S . 31.23 -61.45 -12.34
C5 AQH S . 35.48 -62.22 -13.61
C5D AQH S . 29.81 -59.38 -12.25
O5D AQH S . 30.50 -59.23 -13.54
C6 AQH S . 36.49 -63.21 -13.90
N6 AQH S . 37.44 -62.88 -14.79
N7 AQH S . 35.20 -61.00 -13.99
C8 AQH S . 34.11 -60.59 -13.36
N9 AQH S . 33.66 -61.57 -12.54
O AQH S . 26.55 -57.28 -16.60
FE FE T . -18.88 -29.82 -42.10
PA AQH U . -11.98 -31.59 -58.99
PB AQH U . -11.42 -31.43 -56.24
C7' AQH U . -17.28 -27.66 -55.36
O7' AQH U . -16.30 -27.30 -54.39
C6' AQH U . -17.13 -29.06 -56.04
O6' AQH U . -18.26 -29.29 -56.88
C5' AQH U . -15.82 -29.27 -56.87
O5' AQH U . -14.80 -29.89 -55.98
C4' AQH U . -15.25 -28.00 -57.54
O4' AQH U . -16.26 -27.49 -58.39
C3' AQH U . -13.96 -28.32 -58.32
O3' AQH U . -13.44 -27.15 -58.93
C2' AQH U . -12.93 -28.86 -57.28
O2' AQH U . -11.20 -38.15 -58.60
C1' AQH U . -13.53 -30.13 -56.66
C1D AQH U . -11.31 -36.69 -60.62
N1 AQH U . -9.95 -38.76 -65.25
O1A AQH U . -13.36 -31.60 -59.27
O3A AQH U . -10.88 -32.46 -55.30
C2 AQH U . -10.82 -39.29 -64.31
C2D AQH U . -10.49 -37.28 -59.48
O2A AQH U . -11.46 -30.27 -59.33
O1B AQH U . -10.42 -30.46 -56.56
C3D AQH U . -9.91 -36.05 -58.83
N3 AQH U . -11.03 -38.56 -63.15
O2B AQH U . -11.82 -32.04 -57.53
O3B AQH U . -12.76 -30.66 -55.77
O3D AQH U . -9.65 -36.21 -57.42
C4 AQH U . -10.42 -37.33 -62.87
C4D AQH U . -10.98 -35.06 -59.01
O4D AQH U . -11.83 -35.48 -60.11
C5 AQH U . -9.51 -36.76 -63.83
C5D AQH U . -10.29 -33.72 -59.19
O5D AQH U . -11.25 -32.75 -59.75
C6 AQH U . -9.30 -37.52 -65.04
N6 AQH U . -8.46 -37.02 -65.96
N7 AQH U . -9.08 -35.62 -63.34
C8 AQH U . -9.65 -35.43 -62.16
N9 AQH U . -10.47 -36.48 -61.87
O AQH U . -12.98 -28.24 -55.87
FE FE V . -35.84 21.87 -35.23
PA AQH W . -30.39 31.41 -51.21
PB AQH W . -31.57 30.47 -48.83
C7' AQH W . -33.48 32.15 -43.18
O7' AQH W . -34.35 31.87 -42.08
C6' AQH W . -33.89 31.56 -44.55
O6' AQH W . -35.26 31.13 -44.50
C5' AQH W . -33.73 32.51 -45.79
O5' AQH W . -33.16 31.72 -46.91
C4' AQH W . -32.85 33.78 -45.54
O4' AQH W . -33.49 34.51 -44.50
C3' AQH W . -32.70 34.62 -46.82
O3' AQH W . -31.91 35.77 -46.56
C2' AQH W . -32.00 33.72 -47.86
O2' AQH W . -33.63 27.18 -55.65
C1' AQH W . -32.93 32.52 -48.11
C1D AQH W . -33.80 29.59 -55.01
N1 AQH W . -34.67 31.10 -59.96
O1A AQH W . -30.64 32.77 -50.93
O3A AQH W . -30.96 30.35 -47.48
C2 AQH W . -35.55 30.44 -59.11
C2D AQH W . -33.19 28.22 -54.76
O2A AQH W . -29.10 31.32 -51.89
O1B AQH W . -32.28 29.27 -49.18
C3D AQH W . -33.49 27.98 -53.30
N3 AQH W . -35.09 30.14 -57.83
O2B AQH W . -30.53 30.65 -49.89
O3B AQH W . -32.56 31.74 -49.08
O3D AQH W . -34.81 27.45 -53.06
C4 AQH W . -33.83 30.46 -57.35
C4D AQH W . -33.39 29.34 -52.75
O4D AQH W . -33.59 30.30 -53.80
C5 AQH W . -32.89 31.15 -58.22
C5D AQH W . -32.06 29.41 -52.03
O5D AQH W . -31.58 30.80 -52.04
C6 AQH W . -33.36 31.46 -59.54
N6 AQH W . -32.54 32.10 -60.37
N7 AQH W . -31.78 31.33 -57.54
C8 AQH W . -31.94 30.82 -56.33
N9 AQH W . -33.19 30.28 -56.20
O AQH W . -30.97 32.72 -47.31
FE FE X . 1.23 -44.52 -31.94
PA AQH Y . -10.09 -59.54 -30.95
PB AQH Y . -8.17 -57.48 -30.94
C7' AQH Y . -2.01 -56.49 -29.05
O7' AQH Y . -1.46 -55.21 -28.71
C6' AQH Y . -3.49 -56.51 -29.52
O6' AQH Y . -3.63 -55.65 -30.65
C5' AQH Y . -4.07 -57.91 -29.89
O5' AQH Y . -5.43 -57.71 -30.45
C4' AQH Y . -4.12 -58.94 -28.71
O4' AQH Y . -2.78 -59.12 -28.28
C3' AQH Y . -4.75 -60.28 -29.16
O3' AQH Y . -4.78 -61.20 -28.08
C2' AQH Y . -6.19 -59.94 -29.62
O2' AQH Y . -11.93 -58.72 -37.21
C1' AQH Y . -6.09 -58.98 -30.81
C1D AQH Y . -12.06 -61.09 -36.42
N1 AQH Y . -14.60 -65.61 -37.14
O1A AQH Y . -11.21 -59.58 -30.11
O3A AQH Y . -7.80 -56.78 -29.67
C2 AQH Y . -13.62 -65.06 -37.93
C2D AQH Y . -12.38 -59.61 -36.19
O2A AQH Y . -9.21 -60.65 -30.58
O1B AQH Y . -8.27 -56.55 -32.02
C3D AQH Y . -11.82 -59.36 -34.82
N3 AQH Y . -13.07 -63.85 -37.54
O2B AQH Y . -9.50 -58.13 -30.83
O3B AQH Y . -7.21 -58.71 -31.39
O3D AQH Y . -11.40 -58.00 -34.60
C4 AQH Y . -13.48 -63.14 -36.41
C4D AQH Y . -10.63 -60.24 -34.80
O4D AQH Y . -10.80 -61.27 -35.80
C5 AQH Y . -14.51 -63.68 -35.56
C5D AQH Y . -10.50 -60.74 -33.36
O5D AQH Y . -10.52 -59.58 -32.45
C6 AQH Y . -15.07 -64.95 -35.97
N6 AQH Y . -16.03 -65.49 -35.22
N7 AQH Y . -14.70 -62.84 -34.58
C8 AQH Y . -13.87 -61.82 -34.73
N9 AQH Y . -13.11 -62.00 -35.85
O AQH Y . -6.90 -58.81 -28.84
FE FE Z . -19.74 50.52 7.87
PA AQH AA . -12.62 66.62 3.33
PB AQH AA . -11.38 64.10 3.28
C7' AQH AA . -13.18 62.12 9.88
O7' AQH AA . -14.21 61.24 10.33
C6' AQH AA . -12.94 62.19 8.34
O6' AQH AA . -14.11 61.71 7.68
C5' AQH AA . -12.57 63.59 7.76
O5' AQH AA . -11.94 63.38 6.43
C4' AQH AA . -11.67 64.47 8.69
O4' AQH AA . -12.51 65.45 9.26
C3' AQH AA . -10.49 65.12 7.92
O3' AQH AA . -9.53 64.12 7.56
C2' AQH AA . -11.09 65.75 6.63
O2' AQH AA . -16.23 69.10 -2.40
C1' AQH AA . -11.64 64.63 5.72
C1D AQH AA . -15.48 70.07 -0.21
N1 AQH AA . -15.33 75.13 -1.58
O1A AQH AA . -12.77 66.90 4.70
O3A AQH AA . -10.39 64.28 2.17
C2 AQH AA . -16.44 74.39 -1.20
C2D AQH AA . -15.49 68.90 -1.19
O2A AQH AA . -11.52 67.43 2.82
O1B AQH AA . -12.02 62.81 3.19
C3D AQH AA . -15.95 67.75 -0.34
N3 AQH AA . -16.24 73.06 -0.88
O2B AQH AA . -12.47 65.11 3.19
O3B AQH AA . -10.82 64.30 4.79
O3D AQH AA . -17.37 67.66 -0.21
C4 AQH AA . -14.99 72.41 -0.91
C4D AQH AA . -15.36 68.09 0.97
O4D AQH AA . -15.08 69.50 1.03
C5 AQH AA . -13.83 73.16 -1.30
C5D AQH AA . -14.15 67.17 1.14
O5D AQH AA . -13.96 66.88 2.57
C6 AQH AA . -14.04 74.55 -1.64
N6 AQH AA . -12.98 75.28 -2.00
N7 AQH AA . -12.80 72.35 -1.26
C8 AQH AA . -13.22 71.15 -0.87
N9 AQH AA . -14.58 71.19 -0.66
O AQH AA . -10.10 66.06 5.49
FE FE BA . 2.48 46.52 28.71
PA AQH CA . -9.71 50.45 42.78
PB AQH CA . -8.06 50.09 40.53
C7' AQH CA . -8.65 53.54 34.85
O7' AQH CA . -7.80 53.82 33.74
C6' AQH CA . -7.99 52.83 36.07
O6' AQH CA . -6.57 52.93 35.95
C5' AQH CA . -8.41 53.36 37.48
O5' AQH CA . -7.70 52.51 38.50
C4' AQH CA . -9.95 53.38 37.74
O4' AQH CA . -10.51 54.28 36.79
C3' AQH CA . -10.35 53.79 39.20
O3' AQH CA . -11.41 52.95 39.65
C2' AQH CA . -9.17 53.70 40.20
O2' AQH CA . -4.32 52.35 46.69
C1' AQH CA . -8.26 52.50 39.87
C1D AQH CA . -6.76 52.89 46.94
N1 AQH CA . -8.85 55.03 51.24
O1A AQH CA . -10.36 51.46 42.04
O3A AQH CA . -6.56 50.14 40.42
C2 AQH CA . -7.82 55.52 50.47
C2D AQH CA . -5.61 51.88 47.09
O2A AQH CA . -10.70 49.42 43.10
O1B AQH CA . -8.57 48.90 39.91
C3D AQH CA . -6.14 50.69 46.33
N3 AQH CA . -7.42 54.78 49.37
O2B AQH CA . -8.50 50.01 41.95
O3B AQH CA . -8.87 51.37 39.97
O3D AQH CA . -5.09 49.87 45.77
C4 AQH CA . -8.01 53.57 48.99
C4D AQH CA . -6.90 51.32 45.24
O4D AQH CA . -7.26 52.66 45.63
C5 AQH CA . -9.11 53.03 49.77
C5D AQH CA . -8.07 50.39 44.96
O5D AQH CA . -9.02 51.06 44.05
C6 AQH CA . -9.50 53.81 50.92
N6 AQH CA . -10.51 53.35 51.67
N7 AQH CA . -9.47 51.90 49.20
C8 AQH CA . -8.72 51.70 48.14
N9 AQH CA . -7.82 52.71 48.00
O AQH CA . -9.45 53.00 41.55
FE FE DA . 31.44 2.78 44.41
PA AQH EA . 26.08 -1.60 61.84
PB AQH EA . 25.41 -0.53 59.34
C7' AQH EA . 25.74 4.54 56.03
O7' AQH EA . 25.56 5.20 54.77
C6' AQH EA . 27.17 4.06 56.37
O6' AQH EA . 28.09 5.14 56.13
C5' AQH EA . 27.40 3.54 57.83
O5' AQH EA . 27.28 2.04 57.80
C4' AQH EA . 26.45 4.15 58.90
O4' AQH EA . 26.80 5.51 59.01
C3' AQH EA . 26.50 3.47 60.32
O3' AQH EA . 25.18 3.12 60.71
C2' AQH EA . 27.38 2.19 60.33
O2' AQH EA . 31.67 -5.77 62.55
C1' AQH EA . 27.03 1.36 59.08
C1D AQH EA . 30.17 -4.89 64.35
N1 AQH EA . 29.80 -7.03 69.12
O1A AQH EA . 25.00 -2.49 61.67
O3A AQH EA . 23.96 -0.80 59.61
C2 AQH EA . 30.96 -6.62 68.47
C2D AQH EA . 30.39 -5.86 63.19
O2A AQH EA . 25.78 -0.76 63.00
O1B AQH EA . 25.88 -1.34 58.25
C3D AQH EA . 29.21 -5.56 62.32
N3 AQH EA . 30.81 -6.08 67.20
O2B AQH EA . 26.26 -0.88 60.50
O3B AQH EA . 25.80 1.02 59.05
O3D AQH EA . 29.42 -5.88 60.93
C4 AQH EA . 29.58 -5.91 66.55
C4D AQH EA . 29.08 -4.10 62.47
O4D AQH EA . 29.67 -3.71 63.73
C5 AQH EA . 28.37 -6.33 67.21
C5D AQH EA . 27.60 -3.79 62.34
O5D AQH EA . 27.43 -2.38 61.96
C6 AQH EA . 28.52 -6.89 68.52
N6 AQH EA . 27.43 -7.29 69.18
N7 AQH EA . 27.36 -6.08 66.39
C8 AQH EA . 27.84 -5.54 65.29
N9 AQH EA . 29.21 -5.44 65.38
O AQH EA . 26.86 0.99 61.16
FE FE FA . 13.39 27.53 44.82
C1 EDO GA . 32.07 21.66 59.04
O1 EDO GA . 32.50 20.42 59.60
C2 EDO GA . 32.34 22.77 60.01
O2 EDO GA . 31.71 22.49 61.25
PA AQH HA . 28.84 38.95 46.87
PB AQH HA . 26.71 37.15 46.58
C7' AQH HA . 25.20 31.19 48.75
O7' AQH HA . 23.84 30.77 48.67
C6' AQH HA . 25.57 32.51 48.00
O6' AQH HA . 24.37 33.14 47.57
C5' AQH HA . 26.42 33.54 48.81
O5' AQH HA . 26.33 34.86 48.12
C4' AQH HA . 27.90 33.15 49.03
O4' AQH HA . 27.90 31.93 49.75
C3' AQH HA . 28.67 34.25 49.79
O3' AQH HA . 30.03 33.87 50.00
C2' AQH HA . 28.61 35.52 48.91
O2' AQH HA . 24.25 43.54 49.54
C1' AQH HA . 27.11 35.90 48.78
C1D AQH HA . 26.71 43.10 49.71
N1 AQH HA . 29.72 47.09 51.32
O1A AQH HA . 29.38 38.08 47.85
O3A AQH HA . 25.33 37.47 46.09
C2 AQH HA . 28.55 46.65 51.89
C2D AQH HA . 25.53 43.62 48.90
O2A AQH HA . 29.95 39.37 46.00
O1B AQH HA . 27.21 35.95 45.95
C3D AQH HA . 25.66 42.84 47.61
N3 AQH HA . 27.91 45.56 51.30
O2B AQH HA . 27.68 38.22 46.21
O3B AQH HA . 26.90 37.02 48.18
O3D AQH HA . 24.41 42.64 46.94
C4 AQH HA . 28.40 44.90 50.15
C4D AQH HA . 26.19 41.55 48.08
O4D AQH HA . 26.82 41.74 49.36
C5 AQH HA . 29.64 45.35 49.55
C5D AQH HA . 27.10 41.03 46.97
O5D AQH HA . 28.12 40.15 47.57
C6 AQH HA . 30.28 46.47 50.18
N6 AQH HA . 31.42 46.91 49.65
N7 AQH HA . 29.86 44.57 48.52
C8 AQH HA . 28.89 43.69 48.43
N9 AQH HA . 27.98 43.88 49.43
O AQH HA . 28.62 35.29 47.40
FE FE IA . 30.42 -42.47 13.87
C1 EDO JA . 41.55 -46.71 36.00
O1 EDO JA . 41.86 -48.10 35.85
C2 EDO JA . 40.09 -46.48 35.72
O2 EDO JA . 39.30 -47.29 36.58
PA AQH KA . 26.09 -56.58 24.83
PB AQH KA . 25.18 -54.07 23.96
C7' AQH KA . 29.96 -49.55 25.37
O7' AQH KA . 30.33 -48.29 24.79
C6' AQH KA . 30.27 -50.80 24.51
O6' AQH KA . 31.68 -51.02 24.48
C5' AQH KA . 29.57 -52.13 24.95
O5' AQH KA . 28.13 -52.04 24.57
C4' AQH KA . 29.67 -52.47 26.47
O4' AQH KA . 31.05 -52.52 26.78
C3' AQH KA . 28.97 -53.82 26.75
O3' AQH KA . 29.08 -54.16 28.13
C2' AQH KA . 27.47 -53.62 26.39
O2' AQH KA . 28.18 -61.33 21.31
C1' AQH KA . 27.35 -53.23 24.92
C1D AQH KA . 27.13 -62.00 23.47
N1 AQH KA . 26.06 -66.83 25.17
O1A AQH KA . 27.46 -56.83 25.01
O3A AQH KA . 23.90 -54.28 24.72
C2 AQH KA . 27.29 -66.31 24.86
C2D AQH KA . 26.97 -61.54 22.03
O2A AQH KA . 25.44 -56.53 26.14
O1B AQH KA . 24.89 -53.78 22.58
C3D AQH KA . 26.09 -60.32 22.16
N3 AQH KA . 27.34 -64.99 24.42
O2B AQH KA . 25.99 -55.31 23.97
O3B AQH KA . 26.16 -52.93 24.56
O3D AQH KA . 26.26 -59.36 21.12
C4 AQH KA . 26.22 -64.18 24.29
C4D AQH KA . 26.55 -59.75 23.44
O4D AQH KA . 27.15 -60.80 24.23
C5 AQH KA . 24.91 -64.70 24.61
C5D AQH KA . 25.32 -59.08 24.04
O5D AQH KA . 25.43 -57.63 23.86
C6 AQH KA . 24.87 -66.07 25.06
N6 AQH KA . 23.68 -66.59 25.36
N7 AQH KA . 24.03 -63.74 24.39
C8 AQH KA . 24.67 -62.67 23.97
N9 AQH KA . 26.02 -62.93 23.91
O AQH KA . 26.87 -52.23 26.70
FE FE LA . -26.65 44.80 -17.57
PA AQH MA . -43.79 49.56 -13.50
PB AQH MA . -41.46 48.79 -14.86
C7' AQH MA . -39.78 46.20 -20.61
O7' AQH MA . -38.48 46.44 -21.15
C6' AQH MA . -40.03 46.69 -19.15
O6' AQH MA . -38.85 47.36 -18.68
C5' AQH MA . -41.25 47.64 -18.95
O5' AQH MA . -41.18 48.19 -17.57
C4' AQH MA . -42.64 47.00 -19.21
O4' AQH MA . -42.65 46.55 -20.55
C3' AQH MA . -43.78 48.01 -18.93
O3' AQH MA . -45.05 47.39 -19.17
C2' AQH MA . -43.66 48.40 -17.44
O2' AQH MA . -44.09 53.64 -10.11
C1' AQH MA . -42.30 49.09 -17.26
C1D AQH MA . -45.32 54.60 -12.07
N1 AQH MA . -49.22 58.11 -11.89
O1A AQH MA . -44.57 48.59 -14.17
O3A AQH MA . -41.38 47.30 -15.02
C2 AQH MA . -48.04 58.19 -12.61
C2D AQH MA . -44.65 53.40 -11.41
O2A AQH MA . -44.26 49.64 -12.11
O1B AQH MA . -40.16 49.35 -14.57
C3D AQH MA . -43.67 52.95 -12.46
N3 AQH MA . -47.14 57.13 -12.51
O2B AQH MA . -42.33 49.17 -13.72
O3B AQH MA . -42.11 49.62 -16.11
O3D AQH MA . -42.43 53.67 -12.45
C4 AQH MA . -47.36 56.00 -11.72
C4D AQH MA . -44.40 53.25 -13.70
O4D AQH MA . -45.39 54.26 -13.45
C5 AQH MA . -48.59 55.88 -10.96
C5D AQH MA . -44.96 51.92 -14.20
O5D AQH MA . -43.86 50.92 -14.25
C6 AQH MA . -49.51 56.98 -11.08
N6 AQH MA . -50.65 56.91 -10.40
N7 AQH MA . -48.55 54.73 -10.33
C8 AQH MA . -47.41 54.13 -10.62
N9 AQH MA . -46.68 54.90 -11.47
O AQH MA . -43.17 47.31 -16.47
#